data_9IYP
#
_entry.id   9IYP
#
_cell.length_a   1.00
_cell.length_b   1.00
_cell.length_c   1.00
_cell.angle_alpha   90.00
_cell.angle_beta   90.00
_cell.angle_gamma   90.00
#
_symmetry.space_group_name_H-M   'P 1'
#
loop_
_entity.id
_entity.type
_entity.pdbx_description
1 polymer 'Glutamate receptor ionotropic, NMDA 1'
2 polymer 'Glutamate receptor ionotropic, NMDA 2B'
3 non-polymer GLYCINE
4 non-polymer 2-acetamido-2-deoxy-beta-D-glucopyranose
5 non-polymer '(2R)-4-(3-phosphonopropyl)piperazine-2-carboxylic acid'
6 non-polymer 'MAGNESIUM ION'
#
loop_
_entity_poly.entity_id
_entity_poly.type
_entity_poly.pdbx_seq_one_letter_code
_entity_poly.pdbx_strand_id
1 'polypeptide(L)'
;VNIGAVLSTRKHEQMFREAVNQANKRHGSWKIQLNATSVTHKPNAIQMALSVCEDLISSQVYAILVSHPPTPNDHFTPTP
VSYTAGFYRIPVLGLTTRMSIYSDKSIHLSFLRTVPPYSHQSSVWFEMMRVYSWNHIILLVSDDHEGRAAQKRLETLLEE
RESKAEKVLQFDPGTKNVTALLMEAKELEARVIILSASEDDAATVYRAAAMLNMTGSGYVWLVGEREISGNALRYAPDGI
LGLQLINGKNESAHISDAVGVVAQAVHELLEKENITDPPRGCVGNTNIWKTGPLFKRVLMSSKYADGVTGRVEFNEDGDR
KFANYSIMNLQNRKLVQVGIYNGTHVIPNDRKIIWPGGETEKPRGYQMSTRLKIVTIHQEPFVYVKPTLSDGTCKEEFTV
NGDPVKKVICTGPNDTSPGSPRHTVPQCCYGFCIDLLIKLARTMNFTYEVHLVADGKFGTQERVNNSNKKEWNGMMGELL
SGQADMIVAPLTINNERAQYIEFSKPFKYQGLTILVKKEIPRSTLDSFMQPFQSTLWLLVGLSVHVVAVMLYLLDRFSPF
GRFKVNSEEEEEDALTLSSAMWFSWGVLLNSGIGEGAPRSFSARILGMVWAGFAMIIVASYTANLAAFLVLDRPEERITG
INDPRLRNPSDKFIYATVKQSSVDIYFRRQVELSTMYRHMEKHNYESAAEAIQAVRDNKLHAFIWDSAVLEFEASQKCDL
VTTGELFFRSGFGIGMRKDSPWKQNVSLSILKSHENGFMEDLDKTWVRYQECDSRSNAPATLTFENMAGVFMLVAGGIVA
GIFLIFIEIAYKRH
;
A,C
2 'polypeptide(L)'
;IGIAVILVGTSDEVAIKDAHEKDDFHHLSVVPRVELVAMNETDPKSIITRICDLMSDRKIQGVVFADDTDQEAIAQILDF
ISAQTLTPILGIHGGSSMIMADKDESSMFFQFGPSIEQQASVMLNIMEEYDWYIFSIVTTYFPGYQDFVNKIRSTIENSF
VGWELEEVLLLDMSLDDGDSKIQNQLKKLQSPIILLYCTKEEATYIFEVANSVGLTGYGYTWIVPSLVAGDTDTVPAEFP
TGLISVSYDEWDYGLPARVRDGIAIITTAASDMLSEHSFIPEPKSSCYNTHEKRIYQSNMLNRYLINVTFEGRNLSFSED
GYQMHPKLVIILLNKERKWERVGKWKDKSLQMKYYVWPRMCPETEEQEDDHLSIVTLEEAPFVIVESVDPLSGTCMRNTV
PCQKRIVTENKTDEEPGYIKKCCKGFCIDILKKISKSVKFTYDLYLVTNGKHGKKINGTWNGMIGEVVMKRAYMAVGSLT
INEERSEVVDFSVPFIETGISVMVSRSNGTVSPSAFLEPFSADVWVMMFVMLLIVSAVAVFVFEYFSPVGYNRCLADGRE
PGGPSFTIGKAIWLLWGLVFNNSVPVQNPKGTTSKIMVSVWAFFAVIFLASYTANLAAFMIQEEYVDQVSGLSDKKFQRP
NDFSPPFRFGTVPNGSTERNIRNNYAEMHAYMGKFNQRGVDDALLSLKTGKLDAFIYDAAVLNYMAGRDEGCKLVTIGSG
KVFASTGYGIAIQKDSGWKRQVDLAILQLFGDGEMEELEALWLTGICHNEKNEVMSSQLDIDNMAGVFYMLGAAMALSLI
TFICEHLF
;
B,D
#
loop_
_chem_comp.id
_chem_comp.type
_chem_comp.name
_chem_comp.formula
7RC non-polymer '(2R)-4-(3-phosphonopropyl)piperazine-2-carboxylic acid' 'C8 H17 N2 O5 P'
MG non-polymer 'MAGNESIUM ION' 'Mg 2'
NAG D-saccharide, beta linking 2-acetamido-2-deoxy-beta-D-glucopyranose 'C8 H15 N O6'
#
# COMPACT_ATOMS: atom_id res chain seq x y z
N VAL A 1 1.17 -60.82 40.74
CA VAL A 1 0.15 -60.14 39.96
C VAL A 1 -0.92 -61.14 39.51
N ASN A 2 -2.15 -60.66 39.36
CA ASN A 2 -3.27 -61.49 38.94
C ASN A 2 -3.78 -61.01 37.60
N ILE A 3 -4.01 -61.94 36.68
CA ILE A 3 -4.52 -61.65 35.35
C ILE A 3 -5.89 -62.30 35.21
N GLY A 4 -6.89 -61.49 34.90
CA GLY A 4 -8.25 -61.97 34.74
C GLY A 4 -8.63 -62.09 33.26
N ALA A 5 -9.49 -63.06 32.98
CA ALA A 5 -9.92 -63.31 31.61
C ALA A 5 -11.37 -63.78 31.61
N VAL A 6 -12.11 -63.34 30.60
CA VAL A 6 -13.50 -63.76 30.39
C VAL A 6 -13.54 -64.51 29.06
N LEU A 7 -13.74 -65.82 29.12
CA LEU A 7 -13.73 -66.68 27.94
C LEU A 7 -15.05 -67.42 27.80
N SER A 8 -15.38 -67.77 26.56
CA SER A 8 -16.66 -68.42 26.30
C SER A 8 -16.66 -69.88 26.76
N THR A 9 -15.54 -70.58 26.56
CA THR A 9 -15.46 -72.00 26.85
C THR A 9 -14.39 -72.28 27.90
N ARG A 10 -14.60 -73.37 28.65
CA ARG A 10 -13.64 -73.74 29.68
C ARG A 10 -12.28 -74.09 29.08
N LYS A 11 -12.27 -74.80 27.94
CA LYS A 11 -11.01 -75.18 27.32
C LYS A 11 -10.16 -73.96 27.03
N HIS A 12 -10.78 -72.86 26.59
CA HIS A 12 -10.04 -71.62 26.39
C HIS A 12 -9.41 -71.14 27.69
N GLU A 13 -10.06 -71.38 28.82
CA GLU A 13 -9.45 -71.07 30.11
C GLU A 13 -8.20 -71.91 30.34
N GLN A 14 -8.25 -73.19 29.96
CA GLN A 14 -7.07 -74.03 30.07
C GLN A 14 -5.94 -73.51 29.20
N MET A 15 -6.25 -73.09 27.97
CA MET A 15 -5.23 -72.53 27.11
C MET A 15 -4.66 -71.25 27.71
N PHE A 16 -5.50 -70.40 28.29
CA PHE A 16 -5.02 -69.18 28.92
C PHE A 16 -4.09 -69.49 30.09
N ARG A 17 -4.45 -70.47 30.92
CA ARG A 17 -3.59 -70.84 32.03
C ARG A 17 -2.26 -71.41 31.54
N GLU A 18 -2.29 -72.22 30.48
CA GLU A 18 -1.06 -72.73 29.90
C GLU A 18 -0.18 -71.59 29.38
N ALA A 19 -0.80 -70.60 28.73
CA ALA A 19 -0.05 -69.46 28.23
C ALA A 19 0.56 -68.66 29.38
N VAL A 20 -0.18 -68.50 30.47
CA VAL A 20 0.35 -67.77 31.62
C VAL A 20 1.53 -68.53 32.22
N ASN A 21 1.43 -69.86 32.31
CA ASN A 21 2.55 -70.66 32.80
C ASN A 21 3.76 -70.51 31.88
N GLN A 22 3.54 -70.54 30.56
CA GLN A 22 4.64 -70.36 29.63
C GLN A 22 5.30 -69.00 29.79
N ALA A 23 4.49 -67.95 29.98
CA ALA A 23 5.05 -66.61 30.20
C ALA A 23 5.85 -66.58 31.49
N ASN A 24 5.36 -67.23 32.54
CA ASN A 24 6.10 -67.29 33.80
C ASN A 24 7.44 -67.99 33.60
N LYS A 25 7.46 -69.11 32.87
CA LYS A 25 8.71 -69.81 32.63
C LYS A 25 9.66 -68.96 31.80
N ARG A 26 9.15 -68.28 30.78
CA ARG A 26 10.00 -67.43 29.95
C ARG A 26 10.58 -66.28 30.74
N HIS A 27 9.77 -65.65 31.61
CA HIS A 27 10.20 -64.53 32.44
C HIS A 27 10.42 -64.95 33.89
N GLY A 28 10.91 -66.16 34.11
CA GLY A 28 11.15 -66.65 35.45
C GLY A 28 12.37 -66.05 36.14
N SER A 29 13.21 -65.32 35.40
CA SER A 29 14.39 -64.73 36.01
C SER A 29 14.00 -63.70 37.07
N TRP A 30 12.98 -62.89 36.79
CA TRP A 30 12.53 -61.91 37.76
C TRP A 30 11.78 -62.58 38.90
N LYS A 31 11.61 -61.84 39.99
CA LYS A 31 10.91 -62.32 41.18
C LYS A 31 9.43 -61.97 41.17
N ILE A 32 8.82 -61.84 39.99
CA ILE A 32 7.41 -61.49 39.86
C ILE A 32 6.68 -62.69 39.28
N GLN A 33 5.60 -63.08 39.95
CA GLN A 33 4.77 -64.21 39.54
C GLN A 33 3.42 -63.72 39.08
N LEU A 34 2.90 -64.34 38.02
CA LEU A 34 1.61 -63.98 37.44
C LEU A 34 0.61 -65.10 37.69
N ASN A 35 -0.56 -64.74 38.19
CA ASN A 35 -1.63 -65.69 38.47
C ASN A 35 -2.78 -65.48 37.50
N ALA A 36 -3.41 -66.59 37.12
CA ALA A 36 -4.46 -66.59 36.11
C ALA A 36 -5.83 -66.77 36.77
N THR A 37 -6.76 -65.89 36.44
CA THR A 37 -8.15 -65.99 36.88
C THR A 37 -9.05 -65.92 35.65
N SER A 38 -9.91 -66.92 35.50
CA SER A 38 -10.77 -67.03 34.34
C SER A 38 -12.23 -67.11 34.76
N VAL A 39 -13.10 -66.46 33.99
CA VAL A 39 -14.54 -66.48 34.21
C VAL A 39 -15.22 -66.77 32.88
N THR A 40 -16.45 -67.28 32.97
CA THR A 40 -17.22 -67.64 31.80
C THR A 40 -18.25 -66.54 31.49
N HIS A 41 -18.40 -66.24 30.19
CA HIS A 41 -19.35 -65.22 29.78
C HIS A 41 -20.77 -65.66 30.09
N LYS A 42 -21.65 -64.69 30.29
CA LYS A 42 -23.04 -64.94 30.61
C LYS A 42 -23.94 -64.19 29.64
N PRO A 43 -25.13 -64.73 29.38
CA PRO A 43 -26.05 -64.04 28.45
C PRO A 43 -26.46 -62.66 28.91
N ASN A 44 -26.50 -62.42 30.23
CA ASN A 44 -26.99 -61.16 30.76
C ASN A 44 -25.83 -60.20 30.98
N ALA A 45 -25.96 -58.98 30.45
CA ALA A 45 -24.91 -57.98 30.64
C ALA A 45 -24.79 -57.59 32.12
N ILE A 46 -25.92 -57.43 32.81
CA ILE A 46 -25.88 -57.07 34.22
C ILE A 46 -25.20 -58.15 35.03
N GLN A 47 -25.52 -59.42 34.75
CA GLN A 47 -24.88 -60.53 35.45
C GLN A 47 -23.38 -60.54 35.18
N MET A 48 -22.98 -60.29 33.93
CA MET A 48 -21.56 -60.25 33.61
C MET A 48 -20.86 -59.13 34.37
N ALA A 49 -21.48 -57.94 34.43
CA ALA A 49 -20.88 -56.84 35.17
C ALA A 49 -20.75 -57.17 36.66
N LEU A 50 -21.79 -57.77 37.24
CA LEU A 50 -21.72 -58.15 38.64
C LEU A 50 -20.62 -59.17 38.87
N SER A 51 -20.50 -60.16 37.99
CA SER A 51 -19.46 -61.17 38.14
C SER A 51 -18.07 -60.55 38.04
N VAL A 52 -17.86 -59.67 37.07
CA VAL A 52 -16.54 -59.06 36.92
C VAL A 52 -16.22 -58.19 38.13
N CYS A 53 -17.22 -57.48 38.67
CA CYS A 53 -17.00 -56.69 39.87
C CYS A 53 -16.64 -57.57 41.06
N GLU A 54 -17.30 -58.73 41.18
CA GLU A 54 -17.14 -59.55 42.38
C GLU A 54 -15.86 -60.39 42.32
N ASP A 55 -15.77 -61.29 41.34
CA ASP A 55 -14.70 -62.29 41.32
C ASP A 55 -13.45 -61.82 40.58
N LEU A 56 -13.50 -60.69 39.88
CA LEU A 56 -12.37 -60.19 39.11
C LEU A 56 -11.69 -58.99 39.75
N ILE A 57 -12.46 -57.93 40.05
CA ILE A 57 -11.86 -56.74 40.64
C ILE A 57 -11.35 -57.04 42.05
N SER A 58 -12.06 -57.90 42.79
CA SER A 58 -11.65 -58.23 44.15
C SER A 58 -10.30 -58.92 44.20
N SER A 59 -9.83 -59.47 43.07
CA SER A 59 -8.55 -60.15 43.02
C SER A 59 -7.40 -59.22 42.65
N GLN A 60 -7.66 -57.92 42.50
CA GLN A 60 -6.62 -56.95 42.15
C GLN A 60 -5.97 -57.31 40.82
N VAL A 61 -6.80 -57.60 39.82
CA VAL A 61 -6.29 -57.95 38.50
C VAL A 61 -5.77 -56.71 37.81
N TYR A 62 -4.50 -56.76 37.39
CA TYR A 62 -3.89 -55.61 36.72
C TYR A 62 -4.53 -55.35 35.37
N ALA A 63 -4.78 -56.41 34.60
CA ALA A 63 -5.40 -56.29 33.28
C ALA A 63 -6.42 -57.40 33.11
N ILE A 64 -7.42 -57.14 32.27
CA ILE A 64 -8.50 -58.08 32.02
C ILE A 64 -8.60 -58.34 30.52
N LEU A 65 -8.61 -59.61 30.14
CA LEU A 65 -8.79 -60.02 28.75
C LEU A 65 -10.24 -60.41 28.51
N VAL A 66 -10.76 -60.02 27.34
CA VAL A 66 -12.14 -60.30 26.97
C VAL A 66 -12.18 -60.83 25.55
N SER A 67 -12.99 -61.86 25.33
CA SER A 67 -13.17 -62.44 24.00
C SER A 67 -14.67 -62.67 23.80
N HIS A 68 -15.29 -61.84 22.96
CA HIS A 68 -16.72 -61.94 22.73
C HIS A 68 -17.03 -63.14 21.84
N PRO A 69 -17.83 -64.10 22.30
CA PRO A 69 -18.18 -65.22 21.43
C PRO A 69 -19.13 -64.77 20.34
N PRO A 70 -19.09 -65.42 19.17
CA PRO A 70 -20.03 -65.04 18.10
C PRO A 70 -21.48 -65.16 18.50
N THR A 71 -21.83 -66.14 19.33
CA THR A 71 -23.20 -66.34 19.76
C THR A 71 -23.35 -66.07 21.26
N HIS A 75 -23.64 -58.39 27.61
CA HIS A 75 -24.00 -59.24 26.47
C HIS A 75 -22.76 -59.78 25.80
N PHE A 76 -22.90 -60.19 24.53
CA PHE A 76 -21.76 -60.71 23.80
C PHE A 76 -20.66 -59.67 23.65
N THR A 77 -21.04 -58.43 23.34
CA THR A 77 -20.06 -57.37 23.23
C THR A 77 -19.41 -57.11 24.58
N PRO A 78 -18.13 -56.74 24.59
CA PRO A 78 -17.42 -56.51 25.86
C PRO A 78 -17.74 -55.17 26.52
N THR A 79 -18.79 -54.48 26.08
CA THR A 79 -19.08 -53.16 26.65
C THR A 79 -19.25 -53.19 28.17
N PRO A 80 -19.95 -54.15 28.77
CA PRO A 80 -20.06 -54.12 30.24
C PRO A 80 -18.71 -54.21 30.94
N VAL A 81 -17.82 -55.08 30.46
CA VAL A 81 -16.51 -55.22 31.08
C VAL A 81 -15.71 -53.92 30.95
N SER A 82 -15.73 -53.32 29.76
CA SER A 82 -15.00 -52.08 29.55
C SER A 82 -15.55 -50.97 30.44
N TYR A 83 -16.87 -50.86 30.55
CA TYR A 83 -17.46 -49.83 31.40
C TYR A 83 -17.09 -50.05 32.86
N THR A 84 -17.16 -51.30 33.33
CA THR A 84 -16.83 -51.58 34.72
C THR A 84 -15.36 -51.30 35.02
N ALA A 85 -14.46 -51.67 34.11
CA ALA A 85 -13.04 -51.46 34.35
C ALA A 85 -12.64 -50.01 34.20
N GLY A 86 -13.36 -49.24 33.37
CA GLY A 86 -13.02 -47.85 33.16
C GLY A 86 -13.20 -46.98 34.38
N PHE A 87 -14.02 -47.41 35.34
CA PHE A 87 -14.19 -46.63 36.57
C PHE A 87 -12.88 -46.51 37.32
N TYR A 88 -12.12 -47.61 37.41
CA TYR A 88 -10.84 -47.63 38.10
C TYR A 88 -9.67 -47.47 37.16
N ARG A 89 -9.91 -47.28 35.86
CA ARG A 89 -8.86 -47.09 34.87
C ARG A 89 -7.90 -48.30 34.84
N ILE A 90 -8.49 -49.47 34.63
CA ILE A 90 -7.76 -50.72 34.50
C ILE A 90 -7.78 -51.13 33.04
N PRO A 91 -6.64 -51.30 32.39
CA PRO A 91 -6.65 -51.63 30.96
C PRO A 91 -7.39 -52.93 30.69
N VAL A 92 -8.11 -52.96 29.56
CA VAL A 92 -8.86 -54.13 29.14
C VAL A 92 -8.48 -54.44 27.69
N LEU A 93 -8.08 -55.68 27.45
CA LEU A 93 -7.64 -56.13 26.13
C LEU A 93 -8.71 -57.03 25.53
N GLY A 94 -9.24 -56.63 24.38
CA GLY A 94 -10.23 -57.42 23.66
C GLY A 94 -9.60 -58.14 22.49
N LEU A 95 -10.16 -59.32 22.17
CA LEU A 95 -9.65 -60.14 21.09
C LEU A 95 -10.63 -60.23 19.92
N THR A 96 -11.86 -60.66 20.17
CA THR A 96 -12.88 -60.78 19.12
C THR A 96 -13.82 -59.58 19.23
N THR A 97 -13.32 -58.43 18.75
CA THR A 97 -14.12 -57.20 18.77
C THR A 97 -13.56 -56.25 17.73
N ARG A 98 -14.39 -55.88 16.75
CA ARG A 98 -13.97 -54.99 15.68
C ARG A 98 -15.05 -53.97 15.33
N MET A 99 -15.91 -53.64 16.29
CA MET A 99 -17.02 -52.72 16.02
C MET A 99 -16.56 -51.29 15.78
N SER A 100 -15.31 -50.97 16.13
CA SER A 100 -14.74 -49.65 15.89
C SER A 100 -15.30 -48.60 16.83
N ILE A 101 -16.31 -48.97 17.63
CA ILE A 101 -16.80 -48.08 18.67
C ILE A 101 -15.79 -47.96 19.80
N TYR A 102 -15.14 -49.07 20.15
CA TYR A 102 -14.18 -49.09 21.24
C TYR A 102 -12.91 -48.30 20.94
N SER A 103 -12.69 -47.90 19.69
CA SER A 103 -11.52 -47.10 19.34
C SER A 103 -11.61 -45.67 19.87
N ASP A 104 -12.77 -45.26 20.37
CA ASP A 104 -12.94 -43.90 20.89
C ASP A 104 -12.31 -43.80 22.28
N LYS A 105 -11.36 -42.88 22.43
CA LYS A 105 -10.70 -42.71 23.72
C LYS A 105 -11.65 -42.14 24.77
N SER A 106 -12.50 -41.20 24.38
CA SER A 106 -13.38 -40.55 25.34
C SER A 106 -14.42 -41.53 25.89
N ILE A 107 -14.96 -42.39 25.05
CA ILE A 107 -16.03 -43.30 25.47
C ILE A 107 -15.46 -44.48 26.24
N HIS A 108 -14.60 -45.27 25.58
CA HIS A 108 -14.00 -46.45 26.20
C HIS A 108 -12.60 -46.08 26.66
N LEU A 109 -12.47 -45.88 27.98
CA LEU A 109 -11.20 -45.49 28.57
C LEU A 109 -10.36 -46.72 28.90
N SER A 110 -9.08 -46.66 28.58
CA SER A 110 -8.13 -47.75 28.86
C SER A 110 -8.61 -49.05 28.21
N PHE A 111 -8.69 -49.03 26.89
CA PHE A 111 -9.10 -50.19 26.10
C PHE A 111 -8.10 -50.42 24.98
N LEU A 112 -7.75 -51.68 24.77
CA LEU A 112 -6.86 -52.08 23.69
C LEU A 112 -7.45 -53.28 22.96
N ARG A 113 -7.09 -53.42 21.69
CA ARG A 113 -7.60 -54.50 20.86
C ARG A 113 -6.44 -55.17 20.13
N THR A 114 -6.50 -56.49 20.02
CA THR A 114 -5.49 -57.27 19.31
C THR A 114 -5.82 -57.44 17.83
N VAL A 115 -6.98 -56.96 17.38
CA VAL A 115 -7.38 -57.07 15.99
C VAL A 115 -7.81 -55.70 15.48
N PRO A 116 -7.47 -55.33 14.23
CA PRO A 116 -7.87 -54.03 13.74
C PRO A 116 -9.38 -53.94 13.59
N PRO A 117 -9.96 -52.75 13.73
CA PRO A 117 -11.39 -52.59 13.53
C PRO A 117 -11.75 -52.57 12.06
N TYR A 118 -13.06 -52.63 11.79
CA TYR A 118 -13.53 -52.64 10.41
C TYR A 118 -13.11 -51.38 9.67
N SER A 119 -12.96 -50.26 10.38
CA SER A 119 -12.62 -49.00 9.71
C SER A 119 -11.31 -49.12 8.96
N HIS A 120 -10.32 -49.78 9.54
CA HIS A 120 -9.03 -49.93 8.86
C HIS A 120 -9.16 -50.62 7.52
N GLN A 121 -10.23 -51.40 7.31
CA GLN A 121 -10.46 -52.02 6.02
C GLN A 121 -10.42 -50.99 4.90
N SER A 122 -10.92 -49.78 5.16
CA SER A 122 -10.90 -48.74 4.13
C SER A 122 -9.50 -48.56 3.55
N SER A 123 -8.48 -48.57 4.41
CA SER A 123 -7.11 -48.42 3.93
C SER A 123 -6.80 -49.45 2.85
N VAL A 124 -7.17 -50.71 3.08
CA VAL A 124 -6.94 -51.75 2.09
C VAL A 124 -7.56 -51.35 0.76
N TRP A 125 -8.79 -50.85 0.78
CA TRP A 125 -9.45 -50.43 -0.44
C TRP A 125 -8.60 -49.41 -1.19
N PHE A 126 -7.96 -48.50 -0.47
CA PHE A 126 -7.11 -47.51 -1.11
C PHE A 126 -6.04 -48.19 -1.96
N GLU A 127 -5.42 -49.25 -1.44
CA GLU A 127 -4.44 -49.98 -2.23
C GLU A 127 -5.07 -50.55 -3.49
N MET A 128 -6.27 -51.12 -3.37
CA MET A 128 -6.95 -51.63 -4.54
C MET A 128 -7.31 -50.53 -5.54
N MET A 129 -7.31 -49.27 -5.09
CA MET A 129 -7.54 -48.14 -5.98
C MET A 129 -6.25 -47.55 -6.52
N ARG A 130 -5.10 -48.08 -6.13
CA ARG A 130 -3.80 -47.60 -6.61
C ARG A 130 -3.15 -48.53 -7.61
N VAL A 131 -3.41 -49.83 -7.55
CA VAL A 131 -2.84 -50.80 -8.47
C VAL A 131 -3.84 -51.22 -9.55
N TYR A 132 -5.01 -50.58 -9.61
CA TYR A 132 -6.01 -50.90 -10.60
C TYR A 132 -6.52 -49.69 -11.38
N SER A 133 -6.04 -48.49 -11.06
CA SER A 133 -6.45 -47.27 -11.76
C SER A 133 -7.97 -47.08 -11.67
N TRP A 134 -8.45 -46.91 -10.44
CA TRP A 134 -9.86 -46.69 -10.15
C TRP A 134 -9.98 -45.36 -9.42
N ASN A 135 -10.24 -44.29 -10.17
CA ASN A 135 -10.34 -42.95 -9.63
C ASN A 135 -11.79 -42.47 -9.51
N HIS A 136 -12.77 -43.34 -9.76
CA HIS A 136 -14.18 -42.98 -9.68
C HIS A 136 -14.90 -44.06 -8.89
N ILE A 137 -15.29 -43.74 -7.65
CA ILE A 137 -15.95 -44.68 -6.76
C ILE A 137 -17.16 -44.01 -6.13
N ILE A 138 -18.07 -44.83 -5.62
CA ILE A 138 -19.26 -44.38 -4.91
C ILE A 138 -19.42 -45.20 -3.66
N LEU A 139 -19.73 -44.54 -2.55
CA LEU A 139 -19.86 -45.19 -1.25
C LEU A 139 -21.33 -45.41 -0.91
N LEU A 140 -21.63 -46.57 -0.34
CA LEU A 140 -22.98 -46.96 0.05
C LEU A 140 -22.99 -47.37 1.52
N VAL A 141 -22.35 -46.57 2.36
CA VAL A 141 -22.26 -46.86 3.79
C VAL A 141 -23.62 -46.67 4.45
N SER A 142 -23.79 -47.20 5.64
CA SER A 142 -25.03 -47.06 6.39
C SER A 142 -25.00 -45.77 7.20
N ASP A 143 -25.98 -45.59 8.08
CA ASP A 143 -26.09 -44.39 8.91
C ASP A 143 -25.62 -44.63 10.34
N ASP A 144 -25.01 -45.77 10.62
CA ASP A 144 -24.54 -46.09 11.95
C ASP A 144 -23.15 -45.51 12.18
N HIS A 145 -22.61 -45.73 13.38
CA HIS A 145 -21.28 -45.21 13.70
C HIS A 145 -20.22 -45.87 12.84
N GLU A 146 -20.33 -47.18 12.60
CA GLU A 146 -19.32 -47.88 11.82
C GLU A 146 -19.26 -47.35 10.39
N GLY A 147 -20.42 -47.13 9.77
CA GLY A 147 -20.43 -46.59 8.42
C GLY A 147 -19.83 -45.20 8.36
N ARG A 148 -20.18 -44.36 9.34
CA ARG A 148 -19.63 -43.00 9.36
C ARG A 148 -18.12 -43.03 9.53
N ALA A 149 -17.61 -43.90 10.41
CA ALA A 149 -16.17 -43.99 10.61
C ALA A 149 -15.47 -44.48 9.35
N ALA A 150 -16.03 -45.49 8.68
CA ALA A 150 -15.42 -45.97 7.44
C ALA A 150 -15.43 -44.89 6.37
N GLN A 151 -16.53 -44.16 6.25
CA GLN A 151 -16.60 -43.09 5.26
C GLN A 151 -15.59 -41.99 5.57
N LYS A 152 -15.44 -41.62 6.85
CA LYS A 152 -14.47 -40.61 7.21
C LYS A 152 -13.06 -41.07 6.89
N ARG A 153 -12.73 -42.31 7.20
CA ARG A 153 -11.40 -42.82 6.91
C ARG A 153 -11.13 -42.81 5.41
N LEU A 154 -12.09 -43.27 4.62
CA LEU A 154 -11.91 -43.29 3.16
C LEU A 154 -11.76 -41.87 2.62
N GLU A 155 -12.58 -40.93 3.13
CA GLU A 155 -12.49 -39.56 2.65
C GLU A 155 -11.14 -38.95 2.99
N THR A 156 -10.64 -39.19 4.20
CA THR A 156 -9.31 -38.69 4.56
C THR A 156 -8.23 -39.28 3.68
N LEU A 157 -8.30 -40.59 3.42
CA LEU A 157 -7.31 -41.23 2.56
C LEU A 157 -7.35 -40.64 1.15
N LEU A 158 -8.55 -40.43 0.60
CA LEU A 158 -8.67 -39.83 -0.72
C LEU A 158 -8.15 -38.40 -0.73
N GLU A 159 -8.44 -37.64 0.31
CA GLU A 159 -7.93 -36.26 0.40
C GLU A 159 -6.42 -36.25 0.42
N GLU A 160 -5.81 -37.22 1.11
CA GLU A 160 -4.35 -37.32 1.10
C GLU A 160 -3.81 -37.45 -0.32
N ARG A 161 -4.61 -38.01 -1.23
CA ARG A 161 -4.25 -38.12 -2.64
C ARG A 161 -4.78 -36.97 -3.47
N GLU A 162 -5.44 -35.99 -2.85
CA GLU A 162 -6.00 -34.84 -3.57
C GLU A 162 -7.01 -35.29 -4.62
N SER A 163 -7.80 -36.31 -4.28
CA SER A 163 -8.83 -36.81 -5.20
C SER A 163 -9.91 -37.48 -4.33
N LYS A 164 -11.03 -36.80 -4.15
CA LYS A 164 -12.12 -37.31 -3.33
C LYS A 164 -13.13 -38.05 -4.19
N ALA A 165 -14.14 -38.63 -3.54
CA ALA A 165 -15.17 -39.38 -4.23
C ALA A 165 -16.21 -38.40 -4.79
N GLU A 166 -17.30 -38.93 -5.34
CA GLU A 166 -18.35 -38.10 -5.93
C GLU A 166 -19.67 -38.19 -5.18
N LYS A 167 -20.10 -39.40 -4.78
CA LYS A 167 -21.35 -39.57 -4.06
C LYS A 167 -21.11 -40.45 -2.84
N VAL A 168 -21.66 -40.03 -1.71
CA VAL A 168 -21.51 -40.76 -0.45
C VAL A 168 -22.90 -41.10 0.09
N LEU A 169 -23.86 -41.31 -0.80
CA LEU A 169 -25.23 -41.56 -0.39
C LEU A 169 -25.30 -42.73 0.58
N GLN A 170 -26.06 -42.55 1.66
CA GLN A 170 -26.20 -43.54 2.71
C GLN A 170 -27.63 -44.06 2.77
N PHE A 171 -27.88 -44.98 3.69
CA PHE A 171 -29.21 -45.54 3.88
C PHE A 171 -29.42 -45.86 5.36
N ASP A 172 -30.67 -45.79 5.78
CA ASP A 172 -31.00 -46.04 7.18
C ASP A 172 -30.98 -47.55 7.45
N PRO A 173 -30.22 -48.01 8.44
CA PRO A 173 -30.19 -49.45 8.74
C PRO A 173 -31.58 -49.96 9.11
N GLY A 174 -31.86 -51.19 8.69
CA GLY A 174 -33.14 -51.83 8.96
C GLY A 174 -34.22 -51.52 7.95
N THR A 175 -33.87 -50.64 6.96
CA THR A 175 -34.77 -50.34 5.86
C THR A 175 -34.30 -51.14 4.64
N LYS A 176 -35.02 -52.22 4.34
CA LYS A 176 -34.65 -53.10 3.24
C LYS A 176 -34.66 -52.35 1.91
N ASN A 177 -35.68 -51.53 1.69
CA ASN A 177 -35.82 -50.80 0.44
C ASN A 177 -34.61 -49.91 0.20
N VAL A 178 -33.82 -50.25 -0.82
CA VAL A 178 -32.66 -49.45 -1.21
C VAL A 178 -32.71 -49.23 -2.72
N THR A 179 -33.82 -49.64 -3.33
CA THR A 179 -34.00 -49.51 -4.78
C THR A 179 -33.93 -48.06 -5.21
N ALA A 180 -34.52 -47.15 -4.42
CA ALA A 180 -34.50 -45.74 -4.75
C ALA A 180 -33.07 -45.22 -4.81
N LEU A 181 -32.27 -45.54 -3.79
CA LEU A 181 -30.88 -45.10 -3.77
C LEU A 181 -30.08 -45.73 -4.91
N LEU A 182 -30.34 -47.00 -5.20
CA LEU A 182 -29.64 -47.65 -6.30
C LEU A 182 -29.96 -46.99 -7.62
N MET A 183 -31.24 -46.66 -7.85
CA MET A 183 -31.61 -45.95 -9.07
C MET A 183 -30.97 -44.58 -9.13
N GLU A 184 -30.94 -43.82 -8.01
CA GLU A 184 -30.29 -42.52 -7.99
C GLU A 184 -28.80 -42.65 -8.33
N ALA A 185 -28.15 -43.67 -7.80
CA ALA A 185 -26.74 -43.89 -8.07
C ALA A 185 -26.48 -44.51 -9.44
N LYS A 186 -27.51 -45.05 -10.09
CA LYS A 186 -27.31 -45.69 -11.39
C LYS A 186 -26.80 -44.70 -12.43
N GLU A 187 -27.39 -43.50 -12.48
CA GLU A 187 -26.99 -42.48 -13.44
C GLU A 187 -25.97 -41.53 -12.82
N LEU A 188 -24.85 -42.11 -12.39
CA LEU A 188 -23.77 -41.35 -11.76
C LEU A 188 -22.47 -41.44 -12.51
N GLU A 189 -22.47 -42.02 -13.72
CA GLU A 189 -21.26 -42.16 -14.54
C GLU A 189 -20.12 -42.76 -13.73
N ALA A 190 -20.45 -43.74 -12.90
CA ALA A 190 -19.46 -44.45 -12.10
C ALA A 190 -19.82 -45.93 -12.05
N ARG A 191 -18.80 -46.78 -11.94
CA ARG A 191 -18.99 -48.22 -11.93
C ARG A 191 -18.48 -48.90 -10.68
N VAL A 192 -17.44 -48.37 -10.03
CA VAL A 192 -16.92 -48.95 -8.81
C VAL A 192 -17.85 -48.61 -7.65
N ILE A 193 -18.32 -49.63 -6.94
CA ILE A 193 -19.23 -49.44 -5.82
C ILE A 193 -18.61 -50.06 -4.58
N ILE A 194 -18.54 -49.28 -3.50
CA ILE A 194 -18.00 -49.72 -2.22
C ILE A 194 -19.15 -49.80 -1.23
N LEU A 195 -19.32 -50.97 -0.61
CA LEU A 195 -20.41 -51.23 0.31
C LEU A 195 -19.87 -51.58 1.68
N SER A 196 -20.58 -51.15 2.72
CA SER A 196 -20.20 -51.45 4.10
C SER A 196 -21.48 -51.40 4.94
N ALA A 197 -22.00 -52.57 5.29
CA ALA A 197 -23.23 -52.66 6.07
C ALA A 197 -23.29 -54.04 6.72
N SER A 198 -24.37 -54.28 7.46
CA SER A 198 -24.56 -55.55 8.14
C SER A 198 -24.94 -56.64 7.16
N GLU A 199 -25.03 -57.87 7.65
CA GLU A 199 -25.35 -59.00 6.79
C GLU A 199 -26.71 -58.82 6.13
N ASP A 200 -27.73 -58.45 6.90
CA ASP A 200 -29.06 -58.25 6.33
C ASP A 200 -29.07 -57.06 5.37
N ASP A 201 -28.39 -55.97 5.73
CA ASP A 201 -28.29 -54.83 4.84
C ASP A 201 -27.56 -55.20 3.55
N ALA A 202 -26.48 -55.98 3.67
CA ALA A 202 -25.76 -56.43 2.48
C ALA A 202 -26.66 -57.29 1.59
N ALA A 203 -27.43 -58.18 2.20
CA ALA A 203 -28.33 -59.03 1.41
C ALA A 203 -29.39 -58.20 0.69
N THR A 204 -29.99 -57.24 1.40
CA THR A 204 -31.01 -56.41 0.76
C THR A 204 -30.41 -55.56 -0.36
N VAL A 205 -29.21 -55.03 -0.16
CA VAL A 205 -28.56 -54.25 -1.20
C VAL A 205 -28.26 -55.13 -2.41
N TYR A 206 -27.79 -56.35 -2.18
CA TYR A 206 -27.53 -57.27 -3.28
C TYR A 206 -28.82 -57.59 -4.04
N ARG A 207 -29.92 -57.81 -3.31
CA ARG A 207 -31.19 -58.07 -3.97
C ARG A 207 -31.61 -56.88 -4.84
N ALA A 208 -31.50 -55.67 -4.29
CA ALA A 208 -31.87 -54.49 -5.06
C ALA A 208 -31.00 -54.33 -6.30
N ALA A 209 -29.70 -54.55 -6.16
CA ALA A 209 -28.79 -54.43 -7.30
C ALA A 209 -29.11 -55.47 -8.38
N ALA A 210 -29.37 -56.71 -7.97
CA ALA A 210 -29.70 -57.75 -8.93
C ALA A 210 -31.01 -57.45 -9.65
N MET A 211 -32.01 -56.95 -8.90
CA MET A 211 -33.30 -56.65 -9.53
C MET A 211 -33.18 -55.51 -10.53
N LEU A 212 -32.19 -54.64 -10.37
CA LEU A 212 -31.99 -53.50 -11.26
C LEU A 212 -30.92 -53.75 -12.31
N ASN A 213 -30.45 -54.99 -12.45
CA ASN A 213 -29.43 -55.33 -13.43
C ASN A 213 -28.14 -54.53 -13.20
N MET A 214 -27.83 -54.23 -11.95
CA MET A 214 -26.63 -53.47 -11.61
C MET A 214 -25.43 -54.36 -11.32
N THR A 215 -25.58 -55.68 -11.41
CA THR A 215 -24.51 -56.62 -11.15
C THR A 215 -23.95 -57.24 -12.43
N GLY A 216 -24.21 -56.61 -13.57
CA GLY A 216 -23.77 -57.12 -14.86
C GLY A 216 -22.36 -56.67 -15.21
N SER A 217 -22.03 -56.80 -16.49
CA SER A 217 -20.70 -56.43 -16.97
C SER A 217 -20.49 -54.93 -16.81
N GLY A 218 -19.23 -54.55 -16.56
CA GLY A 218 -18.87 -53.16 -16.37
C GLY A 218 -19.02 -52.64 -14.96
N TYR A 219 -19.47 -53.47 -14.02
CA TYR A 219 -19.65 -53.06 -12.64
C TYR A 219 -18.65 -53.80 -11.74
N VAL A 220 -18.05 -53.06 -10.81
CA VAL A 220 -17.09 -53.61 -9.85
C VAL A 220 -17.62 -53.36 -8.45
N TRP A 221 -17.66 -54.42 -7.64
CA TRP A 221 -18.18 -54.35 -6.29
C TRP A 221 -17.07 -54.67 -5.30
N LEU A 222 -16.93 -53.84 -4.28
CA LEU A 222 -15.97 -54.05 -3.20
C LEU A 222 -16.72 -54.05 -1.87
N VAL A 223 -16.42 -55.03 -1.03
CA VAL A 223 -17.05 -55.19 0.27
C VAL A 223 -15.97 -55.38 1.32
N GLY A 224 -16.41 -55.53 2.57
CA GLY A 224 -15.48 -55.73 3.67
C GLY A 224 -15.35 -57.18 4.07
N GLU A 225 -15.85 -57.54 5.25
CA GLU A 225 -15.77 -58.90 5.74
C GLU A 225 -17.15 -59.42 6.12
N ARG A 226 -18.00 -58.54 6.65
CA ARG A 226 -19.33 -58.93 7.08
C ARG A 226 -20.31 -59.06 5.93
N GLU A 227 -19.98 -58.55 4.75
CA GLU A 227 -20.88 -58.62 3.60
C GLU A 227 -20.74 -59.90 2.80
N ILE A 228 -19.74 -60.73 3.10
CA ILE A 228 -19.51 -61.99 2.40
C ILE A 228 -19.61 -63.18 3.35
N SER A 229 -20.34 -63.02 4.45
CA SER A 229 -20.51 -64.07 5.44
C SER A 229 -21.97 -64.16 5.84
N GLY A 230 -22.38 -65.36 6.27
CA GLY A 230 -23.75 -65.54 6.70
C GLY A 230 -24.73 -65.45 5.53
N ASN A 231 -25.97 -65.06 5.85
CA ASN A 231 -27.01 -64.99 4.83
C ASN A 231 -26.60 -64.09 3.68
N ALA A 232 -25.82 -63.04 3.96
CA ALA A 232 -25.37 -62.16 2.88
C ALA A 232 -24.58 -62.93 1.82
N LEU A 233 -23.70 -63.82 2.26
CA LEU A 233 -22.94 -64.63 1.30
C LEU A 233 -23.87 -65.46 0.42
N ARG A 234 -25.04 -65.85 0.95
CA ARG A 234 -26.00 -66.60 0.14
C ARG A 234 -26.59 -65.75 -0.96
N TYR A 235 -26.71 -64.43 -0.74
CA TYR A 235 -27.30 -63.53 -1.71
C TYR A 235 -26.25 -62.71 -2.47
N ALA A 236 -24.98 -63.01 -2.28
CA ALA A 236 -23.92 -62.23 -2.90
C ALA A 236 -23.83 -62.53 -4.39
N PRO A 237 -23.94 -61.53 -5.26
CA PRO A 237 -23.78 -61.79 -6.70
C PRO A 237 -22.36 -62.18 -7.04
N ASP A 238 -22.21 -62.95 -8.10
CA ASP A 238 -20.89 -63.41 -8.52
C ASP A 238 -20.03 -62.22 -8.95
N GLY A 239 -18.77 -62.25 -8.55
CA GLY A 239 -17.84 -61.19 -8.91
C GLY A 239 -17.70 -60.12 -7.86
N ILE A 240 -17.51 -60.54 -6.60
CA ILE A 240 -17.37 -59.62 -5.48
C ILE A 240 -15.99 -59.83 -4.86
N LEU A 241 -15.26 -58.73 -4.67
CA LEU A 241 -13.92 -58.77 -4.09
C LEU A 241 -14.05 -58.55 -2.59
N GLY A 242 -14.00 -59.64 -1.83
CA GLY A 242 -14.10 -59.58 -0.38
C GLY A 242 -12.74 -59.66 0.29
N LEU A 243 -12.72 -59.26 1.56
CA LEU A 243 -11.52 -59.29 2.38
C LEU A 243 -11.77 -60.13 3.63
N GLN A 244 -10.75 -60.85 4.06
CA GLN A 244 -10.84 -61.68 5.26
C GLN A 244 -9.58 -61.48 6.10
N LEU A 245 -9.71 -61.71 7.40
CA LEU A 245 -8.58 -61.58 8.31
C LEU A 245 -7.86 -62.93 8.42
N ILE A 246 -6.53 -62.88 8.30
CA ILE A 246 -5.75 -64.12 8.33
C ILE A 246 -5.95 -64.85 9.65
N ASN A 247 -5.85 -64.11 10.76
CA ASN A 247 -6.03 -64.68 12.10
C ASN A 247 -7.01 -63.77 12.86
N GLY A 248 -8.29 -64.07 12.73
CA GLY A 248 -9.32 -63.27 13.39
C GLY A 248 -10.34 -64.11 14.13
N LYS A 249 -10.30 -65.43 13.93
CA LYS A 249 -11.23 -66.34 14.58
C LYS A 249 -10.56 -67.35 15.50
N ASN A 250 -9.25 -67.57 15.37
CA ASN A 250 -8.52 -68.49 16.24
C ASN A 250 -8.09 -67.71 17.48
N GLU A 251 -8.86 -67.84 18.56
CA GLU A 251 -8.62 -67.06 19.76
C GLU A 251 -7.47 -67.60 20.62
N SER A 252 -7.00 -68.82 20.37
CA SER A 252 -5.90 -69.35 21.16
C SER A 252 -4.61 -68.58 20.90
N ALA A 253 -4.29 -68.33 19.63
CA ALA A 253 -3.09 -67.57 19.31
C ALA A 253 -3.18 -66.15 19.85
N HIS A 254 -4.35 -65.52 19.74
CA HIS A 254 -4.54 -64.18 20.27
C HIS A 254 -4.37 -64.17 21.79
N ILE A 255 -4.91 -65.18 22.47
CA ILE A 255 -4.77 -65.26 23.91
C ILE A 255 -3.30 -65.39 24.30
N SER A 256 -2.56 -66.26 23.58
CA SER A 256 -1.15 -66.43 23.87
C SER A 256 -0.38 -65.13 23.65
N ASP A 257 -0.65 -64.44 22.54
CA ASP A 257 0.03 -63.18 22.26
C ASP A 257 -0.28 -62.12 23.31
N ALA A 258 -1.54 -62.02 23.72
CA ALA A 258 -1.92 -61.05 24.73
C ALA A 258 -1.26 -61.36 26.07
N VAL A 259 -1.21 -62.63 26.44
CA VAL A 259 -0.55 -63.01 27.69
C VAL A 259 0.93 -62.66 27.63
N GLY A 260 1.59 -62.96 26.52
CA GLY A 260 2.99 -62.61 26.38
C GLY A 260 3.23 -61.12 26.47
N VAL A 261 2.41 -60.33 25.78
CA VAL A 261 2.59 -58.88 25.79
C VAL A 261 2.36 -58.31 27.19
N VAL A 262 1.32 -58.79 27.88
CA VAL A 262 1.04 -58.29 29.22
C VAL A 262 2.17 -58.67 30.18
N ALA A 263 2.67 -59.90 30.06
CA ALA A 263 3.79 -60.30 30.91
C ALA A 263 5.02 -59.45 30.64
N GLN A 264 5.32 -59.17 29.37
CA GLN A 264 6.46 -58.33 29.05
C GLN A 264 6.28 -56.92 29.61
N ALA A 265 5.07 -56.37 29.50
CA ALA A 265 4.84 -55.00 29.96
C ALA A 265 4.87 -54.90 31.48
N VAL A 266 4.40 -55.93 32.19
CA VAL A 266 4.33 -55.85 33.64
C VAL A 266 5.71 -55.71 34.24
N HIS A 267 6.69 -56.44 33.72
CA HIS A 267 8.05 -56.36 34.26
C HIS A 267 8.61 -54.95 34.13
N GLU A 268 8.38 -54.31 32.98
CA GLU A 268 8.83 -52.93 32.81
C GLU A 268 8.06 -51.99 33.74
N LEU A 269 6.77 -52.26 33.94
CA LEU A 269 5.97 -51.39 34.80
C LEU A 269 6.49 -51.39 36.24
N LEU A 270 6.89 -52.56 36.75
CA LEU A 270 7.33 -52.69 38.13
C LEU A 270 8.77 -52.25 38.34
N GLU A 271 9.48 -51.86 37.28
CA GLU A 271 10.85 -51.41 37.39
C GLU A 271 10.96 -49.93 37.77
N LYS A 272 9.88 -49.33 38.28
CA LYS A 272 9.86 -47.94 38.67
C LYS A 272 9.26 -47.83 40.07
N GLU A 273 9.19 -46.60 40.58
CA GLU A 273 8.67 -46.32 41.90
C GLU A 273 7.27 -45.74 41.82
N ASN A 274 6.70 -45.42 42.98
CA ASN A 274 5.35 -44.85 43.07
C ASN A 274 4.32 -45.76 42.41
N ILE A 275 4.43 -47.06 42.68
CA ILE A 275 3.51 -48.06 42.13
C ILE A 275 2.48 -48.40 43.20
N THR A 276 1.20 -48.34 42.83
CA THR A 276 0.11 -48.60 43.75
C THR A 276 -0.71 -49.79 43.24
N ASP A 277 -1.04 -50.69 44.16
CA ASP A 277 -1.81 -51.87 43.79
C ASP A 277 -3.25 -51.48 43.44
N PRO A 278 -3.90 -52.24 42.57
CA PRO A 278 -5.28 -51.93 42.19
C PRO A 278 -6.23 -52.20 43.35
N PRO A 279 -7.43 -51.61 43.31
CA PRO A 279 -8.39 -51.84 44.41
C PRO A 279 -8.71 -53.32 44.56
N ARG A 280 -8.89 -53.75 45.80
CA ARG A 280 -9.19 -55.13 46.11
C ARG A 280 -10.59 -55.35 46.69
N GLY A 281 -11.23 -54.30 47.18
CA GLY A 281 -12.55 -54.45 47.77
C GLY A 281 -13.68 -54.05 46.85
N CYS A 282 -13.50 -52.95 46.12
CA CYS A 282 -14.48 -52.43 45.17
C CYS A 282 -15.89 -52.49 45.76
N VAL A 283 -16.01 -52.04 47.00
CA VAL A 283 -17.28 -52.00 47.72
C VAL A 283 -17.65 -50.59 48.13
N GLY A 284 -16.69 -49.84 48.68
CA GLY A 284 -16.94 -48.47 49.08
C GLY A 284 -16.01 -47.47 48.40
N ASN A 285 -14.84 -47.95 47.96
CA ASN A 285 -13.88 -47.07 47.32
C ASN A 285 -14.42 -46.57 45.98
N THR A 286 -14.22 -45.28 45.72
CA THR A 286 -14.67 -44.64 44.49
C THR A 286 -13.59 -43.73 43.94
N ASN A 287 -12.35 -44.19 43.93
CA ASN A 287 -11.22 -43.41 43.47
C ASN A 287 -10.46 -44.18 42.38
N ILE A 288 -9.81 -43.42 41.51
CA ILE A 288 -9.04 -44.04 40.44
C ILE A 288 -7.91 -44.89 41.04
N TRP A 289 -7.61 -46.01 40.39
CA TRP A 289 -6.59 -46.91 40.89
C TRP A 289 -5.21 -46.28 40.90
N LYS A 290 -5.01 -45.20 40.14
CA LYS A 290 -3.74 -44.50 40.04
C LYS A 290 -2.65 -45.33 39.39
N THR A 291 -3.00 -46.48 38.83
CA THR A 291 -2.03 -47.37 38.19
C THR A 291 -2.25 -47.55 36.69
N GLY A 292 -3.46 -47.33 36.19
CA GLY A 292 -3.72 -47.47 34.78
C GLY A 292 -2.87 -46.52 33.94
N PRO A 293 -2.86 -45.25 34.33
CA PRO A 293 -1.93 -44.31 33.68
C PRO A 293 -0.50 -44.76 33.87
N LEU A 294 0.32 -44.54 32.84
CA LEU A 294 1.71 -44.96 32.84
C LEU A 294 1.82 -46.48 32.67
N PHE A 295 0.68 -47.15 32.67
CA PHE A 295 0.61 -48.59 32.39
C PHE A 295 0.04 -48.88 31.02
N LYS A 296 -1.06 -48.21 30.66
CA LYS A 296 -1.58 -48.33 29.29
C LYS A 296 -0.58 -47.80 28.29
N ARG A 297 0.09 -46.69 28.62
CA ARG A 297 1.12 -46.16 27.74
C ARG A 297 2.27 -47.16 27.57
N VAL A 298 2.68 -47.80 28.66
CA VAL A 298 3.73 -48.81 28.57
C VAL A 298 3.29 -49.97 27.70
N LEU A 299 2.04 -50.42 27.87
CA LEU A 299 1.52 -51.51 27.04
C LEU A 299 1.54 -51.12 25.56
N MET A 300 1.08 -49.91 25.25
CA MET A 300 1.07 -49.47 23.86
C MET A 300 2.48 -49.37 23.29
N SER A 301 3.42 -48.88 24.09
CA SER A 301 4.80 -48.73 23.63
C SER A 301 5.60 -50.02 23.67
N SER A 302 5.02 -51.10 24.20
CA SER A 302 5.71 -52.38 24.29
C SER A 302 5.57 -53.11 22.96
N LYS A 303 6.65 -53.14 22.19
CA LYS A 303 6.66 -53.82 20.89
C LYS A 303 7.17 -55.24 21.08
N TYR A 304 6.30 -56.23 20.93
CA TYR A 304 6.70 -57.62 21.09
C TYR A 304 7.69 -58.01 20.02
N ALA A 305 8.72 -58.76 20.42
CA ALA A 305 9.73 -59.19 19.46
C ALA A 305 9.13 -60.08 18.38
N ASP A 306 8.42 -61.12 18.78
CA ASP A 306 7.78 -62.02 17.83
C ASP A 306 6.72 -62.88 18.52
N GLY A 307 5.48 -62.80 18.02
CA GLY A 307 4.39 -63.58 18.56
C GLY A 307 4.03 -64.77 17.69
N VAL A 308 2.89 -65.38 18.00
CA VAL A 308 2.40 -66.53 17.25
C VAL A 308 1.55 -66.12 16.05
N THR A 309 1.28 -64.84 15.88
CA THR A 309 0.50 -64.35 14.74
C THR A 309 1.18 -63.19 14.03
N GLY A 310 2.40 -62.85 14.40
CA GLY A 310 3.14 -61.76 13.78
C GLY A 310 3.56 -60.73 14.79
N ARG A 311 4.18 -59.67 14.27
CA ARG A 311 4.63 -58.58 15.12
C ARG A 311 3.43 -57.91 15.79
N VAL A 312 3.61 -57.54 17.06
CA VAL A 312 2.56 -56.92 17.85
C VAL A 312 2.88 -55.43 17.99
N GLU A 313 1.95 -54.58 17.56
CA GLU A 313 2.12 -53.15 17.63
C GLU A 313 0.76 -52.49 17.85
N PHE A 314 0.79 -51.28 18.38
CA PHE A 314 -0.42 -50.52 18.66
C PHE A 314 -0.27 -49.09 18.16
N ASN A 315 -1.36 -48.55 17.63
CA ASN A 315 -1.36 -47.18 17.14
C ASN A 315 -1.59 -46.21 18.29
N GLU A 316 -1.71 -44.92 17.95
CA GLU A 316 -1.97 -43.91 18.97
C GLU A 316 -3.33 -44.10 19.63
N ASP A 317 -4.26 -44.76 18.96
CA ASP A 317 -5.59 -45.02 19.51
C ASP A 317 -5.69 -46.36 20.22
N GLY A 318 -4.61 -47.14 20.26
CA GLY A 318 -4.63 -48.42 20.94
C GLY A 318 -5.35 -49.50 20.17
N ASP A 319 -4.86 -49.82 18.97
CA ASP A 319 -5.46 -50.84 18.13
C ASP A 319 -4.36 -51.61 17.40
N ARG A 320 -4.72 -52.80 16.92
CA ARG A 320 -3.77 -53.63 16.21
C ARG A 320 -3.23 -52.90 14.98
N LYS A 321 -1.94 -53.06 14.73
CA LYS A 321 -1.27 -52.38 13.63
C LYS A 321 -0.56 -53.39 12.76
N PHE A 322 -0.49 -53.09 11.46
CA PHE A 322 0.22 -53.91 10.49
C PHE A 322 -0.34 -55.34 10.46
N ALA A 323 -1.61 -55.44 10.08
CA ALA A 323 -2.27 -56.72 9.96
C ALA A 323 -2.17 -57.25 8.52
N ASN A 324 -2.50 -58.53 8.37
CA ASN A 324 -2.46 -59.20 7.07
C ASN A 324 -3.87 -59.60 6.67
N TYR A 325 -4.25 -59.29 5.43
CA TYR A 325 -5.58 -59.57 4.91
C TYR A 325 -5.48 -60.49 3.70
N SER A 326 -6.55 -61.26 3.47
CA SER A 326 -6.67 -62.11 2.30
C SER A 326 -7.79 -61.57 1.42
N ILE A 327 -7.46 -61.23 0.18
CA ILE A 327 -8.41 -60.72 -0.79
C ILE A 327 -8.88 -61.89 -1.64
N MET A 328 -10.19 -62.15 -1.61
CA MET A 328 -10.78 -63.27 -2.31
C MET A 328 -11.85 -62.79 -3.28
N ASN A 329 -12.09 -63.61 -4.31
CA ASN A 329 -13.09 -63.32 -5.33
C ASN A 329 -14.10 -64.46 -5.38
N LEU A 330 -15.38 -64.11 -5.37
CA LEU A 330 -16.44 -65.12 -5.40
C LEU A 330 -16.68 -65.54 -6.84
N GLN A 331 -16.34 -66.79 -7.16
CA GLN A 331 -16.54 -67.34 -8.49
C GLN A 331 -17.21 -68.70 -8.37
N ASN A 332 -18.29 -68.91 -9.12
CA ASN A 332 -19.03 -70.16 -9.09
C ASN A 332 -19.47 -70.53 -7.67
N ARG A 333 -19.90 -69.52 -6.92
CA ARG A 333 -20.36 -69.71 -5.54
C ARG A 333 -19.29 -70.39 -4.69
N LYS A 334 -18.03 -69.99 -4.91
CA LYS A 334 -16.91 -70.56 -4.15
C LYS A 334 -15.86 -69.47 -3.98
N LEU A 335 -15.63 -69.07 -2.74
CA LEU A 335 -14.64 -68.03 -2.47
C LEU A 335 -13.23 -68.59 -2.60
N VAL A 336 -12.41 -67.92 -3.39
CA VAL A 336 -11.02 -68.33 -3.63
C VAL A 336 -10.12 -67.12 -3.40
N GLN A 337 -9.08 -67.31 -2.58
CA GLN A 337 -8.13 -66.23 -2.34
C GLN A 337 -7.43 -65.84 -3.64
N VAL A 338 -7.25 -64.53 -3.83
CA VAL A 338 -6.66 -64.03 -5.06
C VAL A 338 -5.52 -63.08 -4.76
N GLY A 339 -5.40 -62.64 -3.50
CA GLY A 339 -4.33 -61.72 -3.15
C GLY A 339 -4.07 -61.69 -1.66
N ILE A 340 -2.89 -61.20 -1.31
CA ILE A 340 -2.45 -61.08 0.07
C ILE A 340 -2.03 -59.64 0.33
N TYR A 341 -2.60 -59.02 1.33
CA TYR A 341 -2.22 -57.68 1.76
C TYR A 341 -1.29 -57.81 2.96
N ASN A 342 -0.02 -57.49 2.77
CA ASN A 342 1.01 -57.64 3.79
C ASN A 342 1.17 -56.41 4.67
N GLY A 343 0.14 -55.57 4.75
CA GLY A 343 0.16 -54.41 5.61
C GLY A 343 0.59 -53.11 4.96
N THR A 344 1.27 -53.16 3.82
CA THR A 344 1.69 -51.95 3.14
C THR A 344 1.38 -52.02 1.65
N HIS A 345 1.26 -53.19 1.12
CA HIS A 345 1.03 -53.41 -0.30
C HIS A 345 0.16 -54.64 -0.49
N VAL A 346 -0.37 -54.79 -1.70
CA VAL A 346 -1.20 -55.93 -2.07
C VAL A 346 -0.49 -56.70 -3.18
N ILE A 347 -0.31 -58.00 -2.96
CA ILE A 347 0.36 -58.87 -3.91
C ILE A 347 -0.64 -59.91 -4.40
N PRO A 348 -0.98 -59.93 -5.68
CA PRO A 348 -1.87 -60.98 -6.20
C PRO A 348 -1.12 -62.29 -6.42
N ASN A 349 -1.89 -63.37 -6.45
CA ASN A 349 -1.35 -64.70 -6.69
C ASN A 349 -1.52 -65.06 -8.17
N ASP A 350 -1.22 -66.31 -8.51
CA ASP A 350 -1.33 -66.77 -9.89
C ASP A 350 -2.77 -66.98 -10.34
N ARG A 351 -3.74 -66.93 -9.42
CA ARG A 351 -5.13 -67.15 -9.80
C ARG A 351 -5.66 -65.97 -10.61
N LYS A 352 -6.68 -66.25 -11.42
CA LYS A 352 -7.32 -65.26 -12.27
C LYS A 352 -8.60 -64.77 -11.61
N ILE A 353 -8.76 -63.44 -11.58
CA ILE A 353 -9.94 -62.84 -10.96
C ILE A 353 -11.08 -62.84 -11.96
N ILE A 354 -12.23 -63.38 -11.56
CA ILE A 354 -13.40 -63.48 -12.41
C ILE A 354 -14.32 -62.30 -12.09
N TRP A 355 -14.41 -61.34 -13.00
CA TRP A 355 -15.27 -60.19 -12.83
C TRP A 355 -16.73 -60.57 -13.04
N PRO A 356 -17.66 -59.73 -12.60
CA PRO A 356 -19.09 -60.08 -12.77
C PRO A 356 -19.46 -60.39 -14.21
N GLY A 357 -18.89 -59.68 -15.17
CA GLY A 357 -19.12 -59.95 -16.57
C GLY A 357 -18.28 -61.04 -17.17
N GLY A 358 -17.36 -61.62 -16.40
CA GLY A 358 -16.50 -62.66 -16.92
C GLY A 358 -15.62 -62.19 -18.07
N GLU A 359 -15.16 -60.95 -18.02
CA GLU A 359 -14.33 -60.40 -19.09
C GLU A 359 -12.87 -60.83 -18.97
N THR A 360 -12.45 -61.30 -17.80
CA THR A 360 -11.06 -61.70 -17.56
C THR A 360 -10.11 -60.51 -17.61
N GLU A 361 -10.65 -59.30 -17.65
CA GLU A 361 -9.85 -58.08 -17.67
C GLU A 361 -10.54 -57.04 -16.81
N LYS A 362 -9.76 -56.24 -16.10
CA LYS A 362 -10.32 -55.25 -15.19
C LYS A 362 -11.06 -54.18 -15.98
N PRO A 363 -12.36 -53.97 -15.75
CA PRO A 363 -13.07 -52.91 -16.47
C PRO A 363 -12.56 -51.54 -16.06
N ARG A 364 -12.72 -50.58 -16.98
CA ARG A 364 -12.29 -49.22 -16.69
C ARG A 364 -12.99 -48.65 -15.46
N GLY A 365 -14.22 -49.08 -15.20
CA GLY A 365 -14.95 -48.66 -14.02
C GLY A 365 -15.49 -47.26 -14.05
N TYR A 366 -15.43 -46.58 -15.21
CA TYR A 366 -15.92 -45.21 -15.31
C TYR A 366 -16.23 -44.91 -16.77
N GLN A 367 -17.47 -44.52 -17.05
CA GLN A 367 -17.90 -44.17 -18.39
C GLN A 367 -18.31 -42.70 -18.41
N MET A 368 -17.94 -42.00 -19.49
CA MET A 368 -18.22 -40.59 -19.64
C MET A 368 -19.49 -40.41 -20.46
N SER A 369 -20.45 -39.68 -19.91
CA SER A 369 -21.69 -39.40 -20.63
C SER A 369 -21.42 -38.48 -21.81
N THR A 370 -21.96 -38.84 -22.97
CA THR A 370 -21.79 -38.05 -24.18
C THR A 370 -22.90 -37.05 -24.40
N ARG A 371 -23.90 -36.99 -23.52
CA ARG A 371 -25.00 -36.05 -23.61
C ARG A 371 -24.85 -35.00 -22.53
N LEU A 372 -24.89 -33.73 -22.93
CA LEU A 372 -24.71 -32.61 -22.01
C LEU A 372 -25.94 -31.72 -22.02
N LYS A 373 -26.23 -31.13 -20.86
CA LYS A 373 -27.32 -30.18 -20.71
C LYS A 373 -26.75 -28.77 -20.63
N ILE A 374 -27.26 -27.88 -21.47
CA ILE A 374 -26.75 -26.52 -21.58
C ILE A 374 -27.84 -25.55 -21.17
N VAL A 375 -27.47 -24.56 -20.36
CA VAL A 375 -28.37 -23.51 -19.91
C VAL A 375 -27.94 -22.20 -20.54
N THR A 376 -28.88 -21.51 -21.18
CA THR A 376 -28.59 -20.27 -21.89
C THR A 376 -29.55 -19.18 -21.45
N ILE A 377 -29.13 -17.94 -21.65
CA ILE A 377 -29.95 -16.77 -21.36
C ILE A 377 -30.25 -16.04 -22.65
N HIS A 378 -31.26 -15.17 -22.61
CA HIS A 378 -31.72 -14.44 -23.79
C HIS A 378 -30.91 -13.14 -23.89
N GLN A 379 -29.97 -13.11 -24.83
CA GLN A 379 -29.22 -11.91 -25.17
C GLN A 379 -29.33 -11.69 -26.67
N GLU A 380 -29.84 -10.53 -27.07
CA GLU A 380 -30.14 -10.31 -28.48
C GLU A 380 -28.93 -10.46 -29.38
N PRO A 381 -27.80 -9.80 -29.13
CA PRO A 381 -26.66 -9.96 -30.04
C PRO A 381 -26.14 -11.38 -30.11
N PHE A 382 -26.25 -12.15 -29.02
CA PHE A 382 -25.67 -13.48 -28.96
C PHE A 382 -26.69 -14.61 -29.00
N VAL A 383 -27.91 -14.37 -28.50
CA VAL A 383 -28.92 -15.42 -28.47
C VAL A 383 -30.28 -14.87 -28.86
N TYR A 384 -30.69 -15.10 -30.10
CA TYR A 384 -32.05 -14.79 -30.54
C TYR A 384 -32.95 -15.99 -30.29
N VAL A 385 -34.04 -15.77 -29.56
CA VAL A 385 -35.02 -16.81 -29.28
C VAL A 385 -36.36 -16.37 -29.86
N LYS A 386 -36.96 -17.24 -30.66
CA LYS A 386 -38.21 -16.91 -31.32
C LYS A 386 -39.20 -18.06 -31.20
N PRO A 387 -40.50 -17.75 -31.17
CA PRO A 387 -41.50 -18.82 -31.11
C PRO A 387 -41.42 -19.72 -32.33
N THR A 388 -41.68 -21.01 -32.11
CA THR A 388 -41.65 -21.99 -33.18
C THR A 388 -42.96 -21.96 -33.96
N LEU A 389 -43.03 -22.75 -35.02
CA LEU A 389 -44.24 -22.84 -35.84
C LEU A 389 -45.22 -23.83 -35.21
N SER A 390 -46.30 -24.13 -35.91
CA SER A 390 -47.31 -25.08 -35.44
C SER A 390 -47.01 -26.51 -35.84
N ASP A 391 -45.92 -26.74 -36.59
CA ASP A 391 -45.57 -28.09 -37.02
C ASP A 391 -44.57 -28.76 -36.09
N GLY A 392 -43.72 -27.98 -35.41
CA GLY A 392 -42.74 -28.55 -34.51
C GLY A 392 -41.36 -27.93 -34.67
N THR A 393 -41.24 -26.96 -35.58
CA THR A 393 -39.98 -26.27 -35.81
C THR A 393 -40.27 -24.87 -36.33
N CYS A 394 -39.41 -23.93 -35.94
CA CYS A 394 -39.59 -22.55 -36.34
C CYS A 394 -39.21 -22.36 -37.81
N LYS A 395 -39.62 -21.24 -38.37
CA LYS A 395 -39.44 -20.99 -39.79
C LYS A 395 -37.95 -20.98 -40.15
N GLU A 396 -37.64 -21.53 -41.32
CA GLU A 396 -36.28 -21.51 -41.83
C GLU A 396 -35.96 -20.15 -42.42
N GLU A 397 -34.77 -19.64 -42.13
CA GLU A 397 -34.36 -18.31 -42.57
C GLU A 397 -32.99 -18.38 -43.20
N PHE A 398 -32.74 -17.46 -44.13
CA PHE A 398 -31.46 -17.34 -44.82
C PHE A 398 -30.84 -15.98 -44.55
N THR A 399 -29.52 -15.94 -44.52
CA THR A 399 -28.80 -14.69 -44.30
C THR A 399 -28.76 -13.87 -45.59
N VAL A 400 -28.05 -12.75 -45.54
CA VAL A 400 -27.92 -11.90 -46.72
C VAL A 400 -27.22 -12.64 -47.85
N ASN A 401 -26.33 -13.57 -47.52
CA ASN A 401 -25.61 -14.37 -48.50
C ASN A 401 -26.34 -15.66 -48.84
N GLY A 402 -27.56 -15.85 -48.35
CA GLY A 402 -28.30 -17.08 -48.61
C GLY A 402 -27.70 -18.31 -47.98
N ASP A 403 -27.27 -18.21 -46.71
CA ASP A 403 -26.71 -19.36 -46.01
C ASP A 403 -27.72 -19.95 -45.04
N PRO A 404 -27.64 -21.25 -44.78
CA PRO A 404 -28.62 -21.90 -43.89
C PRO A 404 -28.41 -21.56 -42.43
N VAL A 405 -28.94 -20.42 -41.98
CA VAL A 405 -28.84 -20.04 -40.58
C VAL A 405 -29.35 -21.19 -39.71
N LYS A 406 -28.55 -21.57 -38.72
CA LYS A 406 -28.84 -22.72 -37.88
C LYS A 406 -29.54 -22.29 -36.61
N LYS A 407 -30.66 -22.96 -36.30
CA LYS A 407 -31.40 -22.74 -35.07
C LYS A 407 -31.62 -24.08 -34.39
N VAL A 408 -31.76 -24.05 -33.07
CA VAL A 408 -31.91 -25.27 -32.28
C VAL A 408 -33.11 -25.12 -31.35
N ILE A 409 -33.81 -26.23 -31.12
CA ILE A 409 -34.91 -26.27 -30.16
C ILE A 409 -34.41 -25.70 -28.85
N CYS A 410 -35.28 -25.00 -28.12
CA CYS A 410 -34.82 -24.16 -27.01
C CYS A 410 -35.96 -24.12 -26.01
N THR A 411 -35.87 -24.95 -24.96
CA THR A 411 -36.95 -25.10 -24.01
C THR A 411 -36.75 -24.17 -22.82
N GLY A 412 -37.78 -23.40 -22.48
CA GLY A 412 -37.73 -22.48 -21.38
C GLY A 412 -39.07 -21.82 -21.11
N PRO A 413 -39.15 -21.07 -20.02
CA PRO A 413 -40.41 -20.42 -19.67
C PRO A 413 -40.72 -19.24 -20.58
N ASN A 414 -41.97 -18.80 -20.55
CA ASN A 414 -42.44 -17.67 -21.33
C ASN A 414 -43.14 -16.67 -20.40
N ASP A 415 -43.03 -15.40 -20.76
CA ASP A 415 -43.65 -14.33 -19.97
C ASP A 415 -43.07 -14.30 -18.54
N PRO A 421 -48.83 -18.54 -15.76
CA PRO A 421 -48.40 -19.28 -16.94
C PRO A 421 -46.93 -19.68 -16.89
N ARG A 422 -46.60 -20.67 -16.07
CA ARG A 422 -45.24 -21.16 -15.92
C ARG A 422 -44.91 -22.29 -16.89
N HIS A 423 -45.67 -22.42 -17.97
CA HIS A 423 -45.43 -23.47 -18.93
C HIS A 423 -44.09 -23.26 -19.64
N THR A 424 -43.41 -24.37 -19.95
CA THR A 424 -42.13 -24.32 -20.64
C THR A 424 -42.35 -24.54 -22.12
N VAL A 425 -42.83 -23.49 -22.79
CA VAL A 425 -43.09 -23.55 -24.22
C VAL A 425 -41.75 -23.60 -24.96
N PRO A 426 -41.51 -24.60 -25.80
CA PRO A 426 -40.22 -24.72 -26.51
C PRO A 426 -40.18 -23.82 -27.74
N GLN A 427 -39.33 -22.80 -27.70
CA GLN A 427 -39.08 -21.94 -28.85
C GLN A 427 -37.89 -22.48 -29.63
N CYS A 428 -37.34 -21.68 -30.53
CA CYS A 428 -36.10 -22.02 -31.22
C CYS A 428 -35.14 -20.85 -31.07
N CYS A 429 -33.90 -21.15 -30.69
CA CYS A 429 -32.91 -20.11 -30.46
C CYS A 429 -31.66 -20.37 -31.30
N TYR A 430 -30.94 -19.29 -31.58
CA TYR A 430 -29.78 -19.32 -32.46
C TYR A 430 -28.92 -18.10 -32.16
N GLY A 431 -27.81 -17.97 -32.88
CA GLY A 431 -26.97 -16.80 -32.77
C GLY A 431 -25.51 -17.18 -32.58
N PHE A 432 -24.74 -16.24 -32.04
CA PHE A 432 -23.32 -16.44 -31.84
C PHE A 432 -23.05 -17.62 -30.91
N CYS A 433 -23.71 -17.64 -29.75
CA CYS A 433 -23.48 -18.70 -28.79
C CYS A 433 -23.91 -20.05 -29.35
N ILE A 434 -25.02 -20.09 -30.07
CA ILE A 434 -25.48 -21.34 -30.66
C ILE A 434 -24.48 -21.86 -31.68
N ASP A 435 -23.95 -20.96 -32.52
CA ASP A 435 -22.96 -21.38 -33.50
C ASP A 435 -21.70 -21.90 -32.81
N LEU A 436 -21.25 -21.22 -31.76
CA LEU A 436 -20.07 -21.70 -31.04
C LEU A 436 -20.32 -23.06 -30.42
N LEU A 437 -21.50 -23.26 -29.83
CA LEU A 437 -21.84 -24.55 -29.25
C LEU A 437 -21.87 -25.65 -30.30
N ILE A 438 -22.44 -25.35 -31.47
CA ILE A 438 -22.47 -26.34 -32.55
C ILE A 438 -21.06 -26.69 -32.99
N LYS A 439 -20.20 -25.69 -33.14
CA LYS A 439 -18.83 -25.96 -33.53
C LYS A 439 -18.11 -26.81 -32.49
N LEU A 440 -18.30 -26.50 -31.21
CA LEU A 440 -17.67 -27.29 -30.16
C LEU A 440 -18.17 -28.73 -30.17
N ALA A 441 -19.48 -28.92 -30.36
CA ALA A 441 -20.03 -30.26 -30.42
C ALA A 441 -19.46 -31.03 -31.61
N ARG A 442 -19.32 -30.37 -32.76
CA ARG A 442 -18.70 -31.03 -33.91
C ARG A 442 -17.26 -31.41 -33.61
N THR A 443 -16.50 -30.52 -32.98
CA THR A 443 -15.10 -30.80 -32.71
C THR A 443 -14.93 -32.00 -31.80
N MET A 444 -15.67 -32.03 -30.69
CA MET A 444 -15.64 -33.14 -29.74
C MET A 444 -17.01 -33.81 -29.73
N ASN A 445 -17.02 -35.12 -30.00
CA ASN A 445 -18.28 -35.85 -30.13
C ASN A 445 -19.09 -35.80 -28.84
N PHE A 446 -20.23 -35.11 -28.87
CA PHE A 446 -21.15 -35.11 -27.74
C PHE A 446 -22.44 -34.42 -28.16
N THR A 447 -23.56 -34.93 -27.68
CA THR A 447 -24.86 -34.34 -27.95
C THR A 447 -25.17 -33.27 -26.90
N TYR A 448 -26.18 -32.45 -27.21
CA TYR A 448 -26.54 -31.33 -26.35
C TYR A 448 -28.05 -31.18 -26.29
N GLU A 449 -28.51 -30.51 -25.24
CA GLU A 449 -29.94 -30.21 -25.07
C GLU A 449 -30.03 -28.84 -24.41
N VAL A 450 -30.21 -27.80 -25.24
CA VAL A 450 -30.20 -26.43 -24.75
C VAL A 450 -31.54 -26.09 -24.10
N HIS A 451 -31.49 -25.32 -23.03
CA HIS A 451 -32.70 -24.82 -22.39
C HIS A 451 -32.40 -23.49 -21.72
N LEU A 452 -33.45 -22.70 -21.51
CA LEU A 452 -33.30 -21.37 -20.93
C LEU A 452 -33.38 -21.43 -19.41
N VAL A 453 -32.77 -20.44 -18.77
CA VAL A 453 -32.76 -20.36 -17.32
C VAL A 453 -34.12 -19.90 -16.84
N ALA A 454 -34.71 -20.64 -15.90
CA ALA A 454 -36.04 -20.31 -15.40
C ALA A 454 -36.04 -18.95 -14.71
N ASP A 455 -35.02 -18.68 -13.89
CA ASP A 455 -34.97 -17.40 -13.18
C ASP A 455 -34.83 -16.24 -14.15
N GLY A 456 -34.00 -16.39 -15.18
CA GLY A 456 -33.77 -15.33 -16.13
C GLY A 456 -32.69 -14.34 -15.75
N LYS A 457 -31.79 -14.71 -14.85
CA LYS A 457 -30.73 -13.82 -14.39
C LYS A 457 -29.38 -14.52 -14.54
N PHE A 458 -28.33 -13.71 -14.77
CA PHE A 458 -27.01 -14.27 -15.00
C PHE A 458 -26.50 -15.02 -13.78
N GLY A 459 -26.71 -14.48 -12.59
CA GLY A 459 -26.28 -15.16 -11.38
C GLY A 459 -25.53 -14.28 -10.40
N THR A 460 -25.84 -14.44 -9.12
CA THR A 460 -25.18 -13.68 -8.07
C THR A 460 -25.40 -14.40 -6.74
N GLN A 461 -24.64 -13.99 -5.73
CA GLN A 461 -24.73 -14.58 -4.40
C GLN A 461 -25.60 -13.67 -3.53
N GLU A 462 -26.69 -14.24 -3.01
CA GLU A 462 -27.65 -13.49 -2.21
C GLU A 462 -27.99 -14.28 -0.96
N ARG A 463 -28.71 -13.63 -0.04
CA ARG A 463 -29.11 -14.23 1.21
C ARG A 463 -30.56 -14.71 1.11
N VAL A 464 -31.06 -15.25 2.22
CA VAL A 464 -32.43 -15.76 2.29
C VAL A 464 -33.09 -15.24 3.57
N ASN A 465 -34.42 -15.20 3.55
CA ASN A 465 -35.17 -14.79 4.72
C ASN A 465 -34.92 -15.70 5.91
N ASN A 466 -34.55 -16.95 5.67
CA ASN A 466 -34.21 -17.88 6.72
C ASN A 466 -32.79 -17.61 7.20
N SER A 467 -32.21 -18.55 7.96
CA SER A 467 -30.86 -18.40 8.46
C SER A 467 -29.89 -18.09 7.33
N ASN A 468 -28.76 -17.47 7.66
CA ASN A 468 -27.80 -17.01 6.66
C ASN A 468 -27.14 -18.21 6.00
N LYS A 469 -27.62 -18.58 4.82
CA LYS A 469 -27.05 -19.67 4.04
C LYS A 469 -26.74 -19.16 2.64
N LYS A 470 -25.47 -19.29 2.24
CA LYS A 470 -25.06 -18.83 0.93
C LYS A 470 -25.73 -19.65 -0.16
N GLU A 471 -26.13 -18.98 -1.24
CA GLU A 471 -26.76 -19.66 -2.36
C GLU A 471 -26.71 -18.76 -3.58
N TRP A 472 -26.51 -19.37 -4.75
CA TRP A 472 -26.47 -18.65 -6.00
C TRP A 472 -27.85 -18.63 -6.66
N ASN A 473 -27.93 -17.98 -7.82
CA ASN A 473 -29.19 -17.91 -8.56
C ASN A 473 -28.87 -17.79 -10.04
N GLY A 474 -29.88 -18.04 -10.87
CA GLY A 474 -29.69 -17.93 -12.30
C GLY A 474 -28.86 -19.08 -12.86
N MET A 475 -28.07 -18.76 -13.89
CA MET A 475 -27.26 -19.79 -14.55
C MET A 475 -26.24 -20.38 -13.59
N MET A 476 -25.62 -19.55 -12.77
CA MET A 476 -24.63 -20.07 -11.81
C MET A 476 -25.29 -21.05 -10.84
N GLY A 477 -26.45 -20.68 -10.31
CA GLY A 477 -27.15 -21.58 -9.40
C GLY A 477 -27.57 -22.88 -10.07
N GLU A 478 -28.07 -22.79 -11.32
CA GLU A 478 -28.45 -23.99 -12.04
C GLU A 478 -27.26 -24.91 -12.27
N LEU A 479 -26.13 -24.33 -12.67
CA LEU A 479 -24.93 -25.14 -12.89
C LEU A 479 -24.44 -25.78 -11.60
N LEU A 480 -24.44 -25.02 -10.50
CA LEU A 480 -23.96 -25.57 -9.23
C LEU A 480 -24.88 -26.67 -8.72
N SER A 481 -26.19 -26.49 -8.87
CA SER A 481 -27.13 -27.50 -8.39
C SER A 481 -26.97 -28.82 -9.14
N GLY A 482 -26.70 -28.73 -10.44
CA GLY A 482 -26.53 -29.92 -11.27
C GLY A 482 -27.54 -30.07 -12.39
N GLN A 483 -28.47 -29.12 -12.56
CA GLN A 483 -29.44 -29.22 -13.65
C GLN A 483 -28.81 -28.99 -15.01
N ALA A 484 -27.60 -28.44 -15.06
CA ALA A 484 -26.91 -28.18 -16.30
C ALA A 484 -25.45 -28.63 -16.18
N ASP A 485 -24.85 -28.99 -17.31
CA ASP A 485 -23.47 -29.43 -17.35
C ASP A 485 -22.52 -28.38 -17.90
N MET A 486 -23.03 -27.39 -18.63
CA MET A 486 -22.19 -26.36 -19.23
C MET A 486 -23.03 -25.11 -19.43
N ILE A 487 -22.36 -23.95 -19.40
CA ILE A 487 -23.01 -22.66 -19.61
C ILE A 487 -22.44 -22.05 -20.88
N VAL A 488 -23.31 -21.76 -21.84
CA VAL A 488 -22.93 -21.14 -23.11
C VAL A 488 -23.71 -19.84 -23.22
N ALA A 489 -23.09 -18.74 -22.80
CA ALA A 489 -23.75 -17.44 -22.84
C ALA A 489 -22.73 -16.34 -22.55
N PRO A 490 -23.11 -15.07 -22.72
CA PRO A 490 -22.17 -13.98 -22.42
C PRO A 490 -21.95 -13.83 -20.92
N LEU A 491 -21.15 -14.74 -20.33
CA LEU A 491 -20.88 -14.73 -18.90
C LEU A 491 -19.46 -14.18 -18.68
N THR A 492 -19.37 -13.12 -17.89
CA THR A 492 -18.08 -12.51 -17.59
C THR A 492 -17.31 -13.36 -16.59
N ILE A 493 -15.98 -13.23 -16.64
CA ILE A 493 -15.08 -13.96 -15.76
C ILE A 493 -14.61 -13.00 -14.67
N ASN A 494 -14.94 -13.32 -13.42
CA ASN A 494 -14.58 -12.48 -12.29
C ASN A 494 -14.14 -13.38 -11.13
N ASN A 495 -13.53 -12.74 -10.13
CA ASN A 495 -13.00 -13.50 -8.99
C ASN A 495 -14.12 -14.18 -8.22
N GLU A 496 -15.25 -13.50 -8.04
CA GLU A 496 -16.33 -14.06 -7.23
C GLU A 496 -16.84 -15.38 -7.80
N ARG A 497 -17.04 -15.43 -9.13
CA ARG A 497 -17.55 -16.64 -9.76
C ARG A 497 -16.46 -17.65 -10.06
N ALA A 498 -15.19 -17.26 -10.02
CA ALA A 498 -14.10 -18.18 -10.34
C ALA A 498 -13.75 -19.11 -9.18
N GLN A 499 -14.25 -18.84 -7.98
CA GLN A 499 -13.94 -19.68 -6.82
C GLN A 499 -14.80 -20.93 -6.75
N TYR A 500 -15.86 -21.02 -7.54
CA TYR A 500 -16.77 -22.17 -7.51
C TYR A 500 -16.80 -22.95 -8.81
N ILE A 501 -16.76 -22.28 -9.95
CA ILE A 501 -16.79 -22.92 -11.26
C ILE A 501 -15.49 -22.62 -11.99
N GLU A 502 -15.30 -23.27 -13.12
CA GLU A 502 -14.12 -23.12 -13.94
C GLU A 502 -14.48 -22.49 -15.27
N PHE A 503 -13.73 -21.47 -15.67
CA PHE A 503 -13.94 -20.77 -16.94
C PHE A 503 -12.88 -21.20 -17.95
N SER A 504 -13.28 -21.25 -19.21
CA SER A 504 -12.35 -21.54 -20.29
C SER A 504 -11.68 -20.25 -20.75
N LYS A 505 -10.79 -20.38 -21.73
CA LYS A 505 -10.15 -19.19 -22.28
C LYS A 505 -11.21 -18.30 -22.93
N PRO A 506 -11.12 -16.98 -22.74
CA PRO A 506 -12.17 -16.11 -23.27
C PRO A 506 -12.30 -16.25 -24.78
N PHE A 507 -13.55 -16.29 -25.26
CA PHE A 507 -13.83 -16.30 -26.68
C PHE A 507 -14.23 -14.92 -27.20
N LYS A 508 -14.28 -13.92 -26.32
CA LYS A 508 -14.57 -12.55 -26.74
C LYS A 508 -14.14 -11.61 -25.63
N TYR A 509 -13.17 -10.74 -25.93
CA TYR A 509 -12.70 -9.74 -24.98
C TYR A 509 -13.51 -8.46 -25.14
N GLN A 510 -13.90 -7.87 -24.02
CA GLN A 510 -14.70 -6.66 -24.03
C GLN A 510 -14.50 -5.92 -22.71
N GLY A 511 -15.34 -4.93 -22.46
CA GLY A 511 -15.28 -4.16 -21.22
C GLY A 511 -16.65 -3.70 -20.81
N LEU A 512 -16.70 -2.53 -20.17
CA LEU A 512 -17.96 -1.94 -19.71
C LEU A 512 -18.10 -0.55 -20.30
N THR A 513 -19.27 -0.26 -20.87
CA THR A 513 -19.55 1.01 -21.50
C THR A 513 -20.89 1.56 -21.01
N ILE A 514 -21.16 2.80 -21.40
CA ILE A 514 -22.38 3.51 -21.04
C ILE A 514 -23.09 3.92 -22.31
N LEU A 515 -24.39 3.61 -22.38
CA LEU A 515 -25.23 3.95 -23.52
C LEU A 515 -26.18 5.07 -23.12
N VAL A 516 -26.28 6.08 -23.98
CA VAL A 516 -27.14 7.23 -23.76
C VAL A 516 -27.85 7.55 -25.07
N LYS A 517 -28.75 8.54 -25.02
CA LYS A 517 -29.55 8.95 -26.16
C LYS A 517 -29.07 10.31 -26.66
N LYS A 518 -28.91 10.43 -27.97
CA LYS A 518 -28.50 11.67 -28.60
C LYS A 518 -29.70 12.37 -29.23
N GLU A 519 -29.70 13.69 -29.15
CA GLU A 519 -30.82 14.50 -29.62
C GLU A 519 -30.27 15.48 -30.66
N ILE A 520 -31.03 15.70 -31.72
CA ILE A 520 -30.56 16.44 -32.89
C ILE A 520 -30.06 17.82 -32.48
N PRO A 521 -29.02 18.35 -33.14
CA PRO A 521 -28.50 19.69 -32.79
C PRO A 521 -29.37 20.83 -33.32
N ARG A 522 -30.47 21.10 -32.61
CA ARG A 522 -31.34 22.22 -32.94
C ARG A 522 -30.82 23.51 -32.32
N SER A 523 -31.31 24.63 -32.84
CA SER A 523 -30.88 25.95 -32.40
C SER A 523 -31.94 26.56 -31.50
N THR A 524 -31.54 26.96 -30.30
CA THR A 524 -32.45 27.62 -29.34
C THR A 524 -32.36 29.14 -29.50
N LEU A 525 -32.65 29.60 -30.71
CA LEU A 525 -32.58 31.02 -31.04
C LEU A 525 -33.96 31.63 -30.99
N ASP A 526 -34.09 32.77 -30.32
CA ASP A 526 -35.33 33.51 -30.26
C ASP A 526 -35.50 34.31 -31.55
N SER A 527 -36.41 35.29 -31.55
CA SER A 527 -36.64 36.11 -32.73
C SER A 527 -35.41 36.91 -33.09
N PHE A 528 -35.46 37.65 -34.21
CA PHE A 528 -34.31 38.39 -34.68
C PHE A 528 -33.91 39.53 -33.75
N MET A 529 -34.75 39.90 -32.79
CA MET A 529 -34.47 40.98 -31.87
C MET A 529 -33.66 40.52 -30.66
N GLN A 530 -32.98 39.37 -30.77
CA GLN A 530 -32.20 38.85 -29.66
C GLN A 530 -30.86 39.56 -29.51
N PRO A 531 -30.10 39.74 -30.59
CA PRO A 531 -28.79 40.39 -30.46
C PRO A 531 -28.87 41.79 -29.88
N PHE A 532 -29.94 42.53 -30.16
CA PHE A 532 -30.10 43.90 -29.68
C PHE A 532 -31.31 43.97 -28.77
N GLN A 533 -31.14 44.62 -27.61
CA GLN A 533 -32.24 44.83 -26.70
C GLN A 533 -33.21 45.88 -27.27
N SER A 534 -34.46 45.82 -26.80
CA SER A 534 -35.47 46.75 -27.29
C SER A 534 -35.05 48.19 -27.08
N THR A 535 -34.34 48.46 -25.97
CA THR A 535 -33.84 49.82 -25.72
C THR A 535 -32.89 50.25 -26.82
N LEU A 536 -32.02 49.35 -27.28
CA LEU A 536 -31.10 49.69 -28.36
C LEU A 536 -31.86 50.01 -29.65
N TRP A 537 -32.90 49.23 -29.96
CA TRP A 537 -33.68 49.50 -31.15
C TRP A 537 -34.37 50.86 -31.07
N LEU A 538 -34.97 51.17 -29.91
CA LEU A 538 -35.62 52.45 -29.73
C LEU A 538 -34.61 53.60 -29.85
N LEU A 539 -33.43 53.44 -29.26
CA LEU A 539 -32.40 54.46 -29.36
C LEU A 539 -31.96 54.67 -30.80
N VAL A 540 -31.80 53.57 -31.55
CA VAL A 540 -31.41 53.70 -32.95
C VAL A 540 -32.46 54.44 -33.74
N GLY A 541 -33.74 54.09 -33.53
CA GLY A 541 -34.80 54.78 -34.24
C GLY A 541 -34.85 56.26 -33.91
N LEU A 542 -34.74 56.59 -32.62
CA LEU A 542 -34.76 57.99 -32.23
C LEU A 542 -33.56 58.74 -32.82
N SER A 543 -32.39 58.11 -32.81
CA SER A 543 -31.20 58.76 -33.35
C SER A 543 -31.34 59.01 -34.84
N VAL A 544 -31.85 58.03 -35.59
CA VAL A 544 -32.01 58.22 -37.03
C VAL A 544 -33.01 59.34 -37.30
N HIS A 545 -34.14 59.34 -36.58
CA HIS A 545 -35.14 60.39 -36.78
C HIS A 545 -34.55 61.76 -36.47
N VAL A 546 -33.82 61.89 -35.36
CA VAL A 546 -33.26 63.17 -34.97
C VAL A 546 -32.23 63.65 -35.99
N VAL A 547 -31.37 62.74 -36.44
CA VAL A 547 -30.35 63.11 -37.41
C VAL A 547 -30.99 63.57 -38.72
N ALA A 548 -32.02 62.85 -39.17
CA ALA A 548 -32.68 63.23 -40.41
C ALA A 548 -33.36 64.58 -40.28
N VAL A 549 -34.02 64.83 -39.13
CA VAL A 549 -34.69 66.11 -38.94
C VAL A 549 -33.68 67.24 -38.89
N MET A 550 -32.55 67.01 -38.22
CA MET A 550 -31.50 68.03 -38.17
C MET A 550 -30.95 68.32 -39.55
N LEU A 551 -30.74 67.26 -40.36
CA LEU A 551 -30.25 67.47 -41.71
C LEU A 551 -31.25 68.27 -42.54
N TYR A 552 -32.54 67.96 -42.40
CA TYR A 552 -33.56 68.71 -43.13
C TYR A 552 -33.58 70.17 -42.70
N LEU A 553 -33.44 70.43 -41.40
CA LEU A 553 -33.51 71.80 -40.91
C LEU A 553 -32.25 72.59 -41.27
N LEU A 554 -31.10 71.92 -41.39
CA LEU A 554 -29.86 72.64 -41.64
C LEU A 554 -29.87 73.35 -42.98
N ASP A 555 -30.64 72.84 -43.95
CA ASP A 555 -30.67 73.47 -45.26
C ASP A 555 -31.19 74.90 -45.19
N ARG A 556 -32.27 75.12 -44.43
CA ARG A 556 -32.84 76.45 -44.32
C ARG A 556 -31.86 77.42 -43.66
N PHE A 557 -31.18 76.98 -42.60
CA PHE A 557 -30.27 77.85 -41.87
C PHE A 557 -29.01 78.19 -42.65
N SER A 558 -28.75 77.50 -43.76
CA SER A 558 -27.57 77.78 -44.57
C SER A 558 -27.88 78.79 -45.67
N LEU A 577 -37.94 68.14 -44.94
CA LEU A 577 -38.71 67.59 -46.05
C LEU A 577 -38.58 66.06 -46.09
N SER A 578 -39.40 65.43 -46.93
CA SER A 578 -39.35 63.98 -47.07
C SER A 578 -38.03 63.51 -47.66
N SER A 579 -37.28 64.39 -48.32
CA SER A 579 -35.98 64.00 -48.86
C SER A 579 -35.04 63.57 -47.76
N ALA A 580 -35.00 64.31 -46.65
CA ALA A 580 -34.17 63.92 -45.52
C ALA A 580 -34.62 62.60 -44.94
N MET A 581 -35.94 62.40 -44.82
CA MET A 581 -36.46 61.12 -44.35
C MET A 581 -35.94 59.98 -45.20
N TRP A 582 -36.09 60.10 -46.52
CA TRP A 582 -35.67 59.02 -47.41
C TRP A 582 -34.17 58.80 -47.35
N PHE A 583 -33.39 59.89 -47.32
CA PHE A 583 -31.93 59.75 -47.27
C PHE A 583 -31.50 59.02 -46.01
N SER A 584 -32.05 59.42 -44.86
CA SER A 584 -31.69 58.77 -43.60
C SER A 584 -32.10 57.31 -43.60
N TRP A 585 -33.30 57.01 -44.08
CA TRP A 585 -33.76 55.62 -44.08
C TRP A 585 -32.90 54.77 -45.01
N GLY A 586 -32.54 55.30 -46.17
CA GLY A 586 -31.69 54.55 -47.09
C GLY A 586 -30.29 54.33 -46.55
N VAL A 587 -29.73 55.31 -45.90
CA VAL A 587 -28.39 55.15 -45.36
C VAL A 587 -28.40 54.15 -44.20
N LEU A 588 -29.43 54.20 -43.37
CA LEU A 588 -29.51 53.27 -42.24
C LEU A 588 -29.56 51.83 -42.73
N LEU A 589 -30.59 51.49 -43.50
CA LEU A 589 -30.72 50.16 -44.09
C LEU A 589 -30.40 50.24 -45.58
N ASN A 590 -29.51 49.38 -46.03
CA ASN A 590 -29.02 49.44 -47.41
C ASN A 590 -30.16 49.28 -48.40
N SER A 591 -30.48 50.37 -49.11
CA SER A 591 -31.53 50.36 -50.12
C SER A 591 -31.47 51.67 -50.89
N GLY A 592 -31.58 51.59 -52.21
CA GLY A 592 -31.53 52.78 -53.03
C GLY A 592 -32.87 53.43 -53.22
N ILE A 593 -33.16 54.45 -52.43
CA ILE A 593 -34.43 55.18 -52.50
C ILE A 593 -34.15 56.67 -52.34
N GLY A 594 -34.75 57.48 -53.21
CA GLY A 594 -34.62 58.91 -53.10
C GLY A 594 -33.22 59.41 -53.40
N GLU A 595 -32.78 59.29 -54.64
CA GLU A 595 -31.45 59.76 -55.03
C GLU A 595 -31.33 61.25 -54.75
N GLY A 596 -30.21 61.64 -54.12
CA GLY A 596 -29.97 63.03 -53.79
C GLY A 596 -29.19 63.19 -52.51
N ALA A 597 -28.26 64.14 -52.48
CA ALA A 597 -27.41 64.36 -51.32
C ALA A 597 -27.42 65.84 -50.93
N PRO A 598 -27.21 66.13 -49.64
CA PRO A 598 -27.16 67.53 -49.22
C PRO A 598 -25.99 68.27 -49.87
N ARG A 599 -26.20 69.55 -50.14
CA ARG A 599 -25.19 70.40 -50.75
C ARG A 599 -24.33 71.14 -49.72
N SER A 600 -24.65 71.02 -48.43
CA SER A 600 -23.90 71.73 -47.41
C SER A 600 -22.64 70.96 -47.03
N PHE A 601 -21.66 71.70 -46.50
CA PHE A 601 -20.42 71.08 -46.04
C PHE A 601 -20.65 70.31 -44.75
N SER A 602 -21.19 70.98 -43.73
CA SER A 602 -21.49 70.29 -42.47
C SER A 602 -22.53 69.20 -42.69
N ALA A 603 -23.50 69.44 -43.55
CA ALA A 603 -24.49 68.42 -43.86
C ALA A 603 -23.83 67.18 -44.47
N ARG A 604 -22.91 67.39 -45.40
CA ARG A 604 -22.21 66.25 -46.00
C ARG A 604 -21.38 65.50 -44.96
N ILE A 605 -20.69 66.24 -44.10
CA ILE A 605 -19.87 65.60 -43.07
C ILE A 605 -20.74 64.76 -42.15
N LEU A 606 -21.88 65.31 -41.72
CA LEU A 606 -22.77 64.58 -40.84
C LEU A 606 -23.41 63.39 -41.53
N GLY A 607 -23.72 63.51 -42.83
CA GLY A 607 -24.21 62.36 -43.56
C GLY A 607 -23.19 61.24 -43.66
N MET A 608 -21.93 61.60 -43.89
CA MET A 608 -20.86 60.59 -43.90
C MET A 608 -20.73 59.92 -42.54
N VAL A 609 -20.81 60.71 -41.46
CA VAL A 609 -20.75 60.14 -40.12
C VAL A 609 -21.92 59.20 -39.88
N TRP A 610 -23.12 59.58 -40.35
CA TRP A 610 -24.28 58.72 -40.20
C TRP A 610 -24.11 57.41 -40.96
N ALA A 611 -23.56 57.48 -42.17
CA ALA A 611 -23.30 56.27 -42.94
C ALA A 611 -22.32 55.36 -42.20
N GLY A 612 -21.25 55.94 -41.65
CA GLY A 612 -20.33 55.15 -40.86
C GLY A 612 -20.99 54.52 -39.65
N PHE A 613 -21.85 55.27 -38.97
CA PHE A 613 -22.56 54.73 -37.82
C PHE A 613 -23.46 53.56 -38.21
N ALA A 614 -24.17 53.69 -39.33
CA ALA A 614 -25.03 52.60 -39.79
C ALA A 614 -24.21 51.37 -40.12
N MET A 615 -23.07 51.56 -40.80
CA MET A 615 -22.20 50.42 -41.10
C MET A 615 -21.72 49.76 -39.82
N ILE A 616 -21.34 50.56 -38.83
CA ILE A 616 -20.87 50.01 -37.56
C ILE A 616 -21.97 49.20 -36.89
N ILE A 617 -23.19 49.74 -36.88
CA ILE A 617 -24.30 49.03 -36.25
C ILE A 617 -24.56 47.70 -36.94
N VAL A 618 -24.59 47.70 -38.27
CA VAL A 618 -24.85 46.47 -39.00
C VAL A 618 -23.74 45.44 -38.73
N ALA A 619 -22.48 45.88 -38.75
CA ALA A 619 -21.38 44.96 -38.50
C ALA A 619 -21.45 44.39 -37.09
N SER A 620 -21.77 45.23 -36.11
CA SER A 620 -21.88 44.75 -34.73
C SER A 620 -23.00 43.73 -34.60
N TYR A 621 -24.15 43.99 -35.24
CA TYR A 621 -25.25 43.03 -35.18
C TYR A 621 -24.84 41.70 -35.78
N THR A 622 -24.19 41.74 -36.96
CA THR A 622 -23.77 40.49 -37.60
C THR A 622 -22.78 39.74 -36.72
N ALA A 623 -21.80 40.45 -36.15
CA ALA A 623 -20.80 39.79 -35.32
C ALA A 623 -21.44 39.17 -34.08
N ASN A 624 -22.36 39.90 -33.44
CA ASN A 624 -23.03 39.35 -32.25
C ASN A 624 -23.85 38.12 -32.60
N LEU A 625 -24.56 38.16 -33.72
CA LEU A 625 -25.34 36.99 -34.13
C LEU A 625 -24.44 35.80 -34.40
N ALA A 626 -23.31 36.03 -35.09
CA ALA A 626 -22.38 34.93 -35.36
C ALA A 626 -21.82 34.36 -34.07
N ALA A 627 -21.45 35.23 -33.12
CA ALA A 627 -20.91 34.76 -31.85
C ALA A 627 -21.93 33.94 -31.09
N PHE A 628 -23.18 34.40 -31.07
CA PHE A 628 -24.22 33.62 -30.39
C PHE A 628 -24.43 32.27 -31.07
N LEU A 629 -24.45 32.26 -32.40
CA LEU A 629 -24.68 31.00 -33.11
C LEU A 629 -23.55 30.01 -32.87
N VAL A 630 -22.30 30.49 -32.87
CA VAL A 630 -21.17 29.60 -32.68
C VAL A 630 -21.22 28.94 -31.30
N LEU A 631 -21.53 29.72 -30.27
CA LEU A 631 -21.62 29.19 -28.90
C LEU A 631 -23.04 28.73 -28.60
N ASP A 632 -23.48 27.73 -29.35
CA ASP A 632 -24.82 27.19 -29.16
C ASP A 632 -24.82 25.65 -29.17
N ARG A 633 -23.69 25.02 -28.85
CA ARG A 633 -23.64 23.57 -28.83
C ARG A 633 -24.46 23.02 -27.68
N PRO A 634 -24.99 21.81 -27.82
CA PRO A 634 -25.78 21.20 -26.75
C PRO A 634 -24.90 20.87 -25.55
N GLU A 635 -25.56 20.43 -24.48
CA GLU A 635 -24.85 20.07 -23.26
C GLU A 635 -23.91 18.90 -23.52
N GLU A 636 -22.73 18.95 -22.90
CA GLU A 636 -21.75 17.89 -23.07
C GLU A 636 -22.24 16.59 -22.44
N ARG A 637 -21.93 15.48 -23.09
CA ARG A 637 -22.32 14.17 -22.59
C ARG A 637 -21.38 13.72 -21.48
N ILE A 638 -21.72 12.58 -20.86
CA ILE A 638 -20.92 12.05 -19.77
C ILE A 638 -19.51 11.72 -20.25
N THR A 639 -19.42 10.84 -21.25
CA THR A 639 -18.15 10.46 -21.86
C THR A 639 -17.15 9.97 -20.81
N GLY A 640 -17.52 8.87 -20.16
CA GLY A 640 -16.63 8.25 -19.19
C GLY A 640 -17.28 7.97 -17.85
N ILE A 641 -16.65 7.14 -17.02
CA ILE A 641 -17.16 6.83 -15.69
C ILE A 641 -16.61 7.78 -14.63
N ASN A 642 -15.71 8.68 -14.99
CA ASN A 642 -15.15 9.65 -14.06
C ASN A 642 -15.86 11.00 -14.12
N ASP A 643 -16.96 11.08 -14.85
CA ASP A 643 -17.68 12.34 -14.96
C ASP A 643 -18.18 12.79 -13.60
N PRO A 644 -18.02 14.06 -13.23
CA PRO A 644 -18.52 14.52 -11.93
C PRO A 644 -19.99 14.24 -11.72
N ARG A 645 -20.81 14.31 -12.79
CA ARG A 645 -22.24 14.07 -12.63
C ARG A 645 -22.52 12.69 -12.08
N LEU A 646 -21.82 11.67 -12.59
CA LEU A 646 -22.01 10.31 -12.10
C LEU A 646 -21.55 10.17 -10.65
N ARG A 647 -20.45 10.85 -10.30
CA ARG A 647 -19.91 10.72 -8.95
C ARG A 647 -20.91 11.22 -7.91
N ASN A 648 -21.56 12.34 -8.18
CA ASN A 648 -22.53 12.94 -7.27
C ASN A 648 -23.94 12.74 -7.83
N PRO A 649 -24.58 11.61 -7.53
CA PRO A 649 -25.92 11.36 -8.09
C PRO A 649 -26.92 12.39 -7.60
N SER A 650 -27.88 12.70 -8.46
CA SER A 650 -28.97 13.61 -8.12
C SER A 650 -30.31 13.04 -8.58
N ASP A 651 -31.37 13.80 -8.41
CA ASP A 651 -32.70 13.37 -8.84
C ASP A 651 -32.98 13.66 -10.30
N LYS A 652 -32.08 14.35 -10.99
CA LYS A 652 -32.26 14.68 -12.40
C LYS A 652 -31.77 13.57 -13.32
N PHE A 653 -30.56 13.07 -13.09
CA PHE A 653 -29.96 12.03 -13.92
C PHE A 653 -30.19 10.67 -13.26
N ILE A 654 -30.70 9.72 -14.03
CA ILE A 654 -31.00 8.38 -13.55
C ILE A 654 -30.23 7.38 -14.41
N TYR A 655 -29.44 6.53 -13.75
CA TYR A 655 -28.73 5.45 -14.42
C TYR A 655 -28.88 4.18 -13.59
N ALA A 656 -28.93 3.04 -14.28
CA ALA A 656 -29.15 1.77 -13.62
C ALA A 656 -28.43 0.67 -14.39
N THR A 657 -28.65 -0.57 -13.96
CA THR A 657 -28.04 -1.73 -14.58
C THR A 657 -28.92 -2.95 -14.30
N VAL A 658 -28.67 -4.02 -15.05
CA VAL A 658 -29.44 -5.25 -14.87
C VAL A 658 -29.23 -5.77 -13.45
N LYS A 659 -30.32 -6.16 -12.80
CA LYS A 659 -30.25 -6.67 -11.44
C LYS A 659 -29.56 -8.02 -11.41
N GLN A 660 -28.74 -8.24 -10.38
CA GLN A 660 -28.06 -9.51 -10.17
C GLN A 660 -27.20 -9.89 -11.38
N SER A 661 -26.22 -9.04 -11.67
CA SER A 661 -25.31 -9.25 -12.79
C SER A 661 -23.89 -8.95 -12.32
N SER A 662 -22.93 -9.12 -13.23
CA SER A 662 -21.54 -8.84 -12.89
C SER A 662 -21.32 -7.36 -12.62
N VAL A 663 -22.04 -6.48 -13.31
CA VAL A 663 -21.89 -5.05 -13.07
C VAL A 663 -22.30 -4.69 -11.65
N ASP A 664 -23.40 -5.28 -11.17
CA ASP A 664 -23.84 -5.00 -9.81
C ASP A 664 -22.79 -5.44 -8.80
N ILE A 665 -22.20 -6.62 -8.99
CA ILE A 665 -21.15 -7.08 -8.07
C ILE A 665 -19.96 -6.16 -8.12
N TYR A 666 -19.54 -5.75 -9.33
CA TYR A 666 -18.40 -4.86 -9.46
C TYR A 666 -18.64 -3.54 -8.75
N PHE A 667 -19.84 -2.98 -8.88
CA PHE A 667 -20.12 -1.69 -8.26
C PHE A 667 -20.25 -1.83 -6.75
N ARG A 668 -20.84 -2.92 -6.26
CA ARG A 668 -20.97 -3.11 -4.83
C ARG A 668 -19.63 -3.40 -4.17
N ARG A 669 -18.69 -4.00 -4.91
CA ARG A 669 -17.40 -4.33 -4.32
C ARG A 669 -16.53 -3.10 -4.15
N GLN A 670 -16.71 -2.08 -4.97
CA GLN A 670 -15.88 -0.89 -4.90
C GLN A 670 -16.10 -0.14 -3.58
N VAL A 671 -15.01 0.46 -3.08
CA VAL A 671 -15.07 1.20 -1.83
C VAL A 671 -15.42 2.67 -2.05
N GLU A 672 -14.85 3.29 -3.08
CA GLU A 672 -15.07 4.70 -3.35
C GLU A 672 -16.30 4.95 -4.22
N LEU A 673 -17.03 3.91 -4.61
CA LEU A 673 -18.22 4.05 -5.43
C LEU A 673 -19.49 3.71 -4.66
N SER A 674 -19.46 3.89 -3.34
CA SER A 674 -20.61 3.54 -2.51
C SER A 674 -21.83 4.38 -2.88
N THR A 675 -21.63 5.69 -3.11
CA THR A 675 -22.76 6.54 -3.44
C THR A 675 -23.42 6.12 -4.74
N MET A 676 -22.62 5.82 -5.77
CA MET A 676 -23.18 5.37 -7.04
C MET A 676 -23.95 4.07 -6.88
N TYR A 677 -23.39 3.12 -6.13
CA TYR A 677 -24.08 1.85 -5.92
C TYR A 677 -25.39 2.06 -5.19
N ARG A 678 -25.40 2.92 -4.17
CA ARG A 678 -26.65 3.21 -3.46
C ARG A 678 -27.67 3.85 -4.39
N HIS A 679 -27.22 4.76 -5.25
CA HIS A 679 -28.14 5.40 -6.18
C HIS A 679 -28.75 4.39 -7.15
N MET A 680 -27.92 3.48 -7.68
CA MET A 680 -28.42 2.51 -8.64
C MET A 680 -29.21 1.38 -7.98
N GLU A 681 -29.06 1.18 -6.68
CA GLU A 681 -29.80 0.11 -6.02
C GLU A 681 -31.31 0.30 -6.14
N LYS A 682 -31.77 1.54 -6.24
CA LYS A 682 -33.20 1.84 -6.28
C LYS A 682 -33.72 2.06 -7.69
N HIS A 683 -32.91 1.80 -8.71
CA HIS A 683 -33.34 2.01 -10.09
C HIS A 683 -32.93 0.88 -11.04
N ASN A 684 -32.32 -0.19 -10.55
CA ASN A 684 -31.86 -1.26 -11.42
C ASN A 684 -33.04 -1.92 -12.13
N TYR A 685 -32.82 -2.33 -13.38
CA TYR A 685 -33.82 -3.02 -14.17
C TYR A 685 -33.60 -4.54 -14.09
N GLU A 686 -34.56 -5.27 -14.63
CA GLU A 686 -34.53 -6.73 -14.58
C GLU A 686 -33.96 -7.38 -15.84
N SER A 687 -34.01 -6.69 -16.98
CA SER A 687 -33.51 -7.25 -18.23
C SER A 687 -32.79 -6.16 -19.01
N ALA A 688 -31.83 -6.58 -19.83
CA ALA A 688 -31.11 -5.64 -20.67
C ALA A 688 -32.03 -4.98 -21.68
N ALA A 689 -32.95 -5.75 -22.28
CA ALA A 689 -33.88 -5.18 -23.25
C ALA A 689 -34.78 -4.14 -22.60
N GLU A 690 -35.23 -4.40 -21.37
CA GLU A 690 -36.06 -3.42 -20.68
C GLU A 690 -35.31 -2.12 -20.44
N ALA A 691 -34.04 -2.22 -20.03
CA ALA A 691 -33.25 -1.01 -19.80
C ALA A 691 -33.02 -0.26 -21.11
N ILE A 692 -32.75 -0.99 -22.19
CA ILE A 692 -32.55 -0.34 -23.49
C ILE A 692 -33.81 0.39 -23.91
N GLN A 693 -34.97 -0.25 -23.76
CA GLN A 693 -36.23 0.39 -24.12
C GLN A 693 -36.48 1.62 -23.25
N ALA A 694 -36.21 1.52 -21.95
CA ALA A 694 -36.41 2.67 -21.07
C ALA A 694 -35.53 3.84 -21.48
N VAL A 695 -34.26 3.56 -21.81
CA VAL A 695 -33.37 4.61 -22.28
C VAL A 695 -33.89 5.22 -23.57
N ARG A 696 -34.36 4.36 -24.49
CA ARG A 696 -34.84 4.85 -25.78
C ARG A 696 -36.03 5.78 -25.62
N ASP A 697 -36.98 5.42 -24.76
CA ASP A 697 -38.22 6.19 -24.60
C ASP A 697 -38.10 7.23 -23.49
N ASN A 698 -37.03 8.04 -23.54
CA ASN A 698 -36.84 9.16 -22.63
C ASN A 698 -37.15 8.81 -21.19
N LYS A 699 -36.86 7.59 -20.77
CA LYS A 699 -37.10 7.14 -19.41
C LYS A 699 -35.83 6.99 -18.60
N LEU A 700 -34.81 6.34 -19.16
CA LEU A 700 -33.52 6.19 -18.50
C LEU A 700 -32.48 7.03 -19.23
N HIS A 701 -31.74 7.84 -18.48
CA HIS A 701 -30.77 8.74 -19.10
C HIS A 701 -29.49 8.02 -19.51
N ALA A 702 -29.06 7.02 -18.75
CA ALA A 702 -27.84 6.29 -19.07
C ALA A 702 -27.99 4.84 -18.65
N PHE A 703 -27.30 3.95 -19.36
CA PHE A 703 -27.34 2.52 -19.06
C PHE A 703 -25.94 1.95 -19.15
N ILE A 704 -25.43 1.43 -18.02
CA ILE A 704 -24.11 0.82 -17.99
C ILE A 704 -24.25 -0.67 -18.27
N TRP A 705 -23.52 -1.15 -19.28
CA TRP A 705 -23.61 -2.56 -19.66
C TRP A 705 -22.36 -2.94 -20.43
N ASP A 706 -22.32 -4.20 -20.87
CA ASP A 706 -21.16 -4.70 -21.60
C ASP A 706 -20.96 -3.96 -22.90
N SER A 707 -19.70 -3.76 -23.28
CA SER A 707 -19.40 -3.04 -24.51
C SER A 707 -19.88 -3.82 -25.74
N ALA A 708 -19.73 -5.14 -25.72
CA ALA A 708 -20.07 -5.93 -26.90
C ALA A 708 -21.54 -5.80 -27.25
N VAL A 709 -22.42 -5.89 -26.26
CA VAL A 709 -23.86 -5.78 -26.53
C VAL A 709 -24.22 -4.35 -26.88
N LEU A 710 -23.67 -3.37 -26.16
CA LEU A 710 -24.04 -1.98 -26.39
C LEU A 710 -23.63 -1.52 -27.79
N GLU A 711 -22.45 -1.92 -28.26
CA GLU A 711 -22.00 -1.51 -29.58
C GLU A 711 -22.96 -2.03 -30.65
N PHE A 712 -23.39 -3.29 -30.53
CA PHE A 712 -24.37 -3.82 -31.47
C PHE A 712 -25.69 -3.07 -31.37
N GLU A 713 -26.14 -2.79 -30.15
CA GLU A 713 -27.41 -2.09 -29.97
C GLU A 713 -27.36 -0.65 -30.47
N ALA A 714 -26.16 -0.09 -30.67
CA ALA A 714 -26.00 1.27 -31.13
C ALA A 714 -25.72 1.36 -32.62
N SER A 715 -25.86 0.25 -33.35
CA SER A 715 -25.59 0.23 -34.78
C SER A 715 -26.84 0.16 -35.65
N GLN A 716 -27.99 -0.20 -35.08
CA GLN A 716 -29.23 -0.31 -35.83
C GLN A 716 -30.34 0.57 -35.25
N LYS A 717 -29.97 1.58 -34.47
CA LYS A 717 -30.95 2.48 -33.87
C LYS A 717 -30.81 3.92 -34.34
N CYS A 718 -29.58 4.41 -34.55
CA CYS A 718 -29.30 5.76 -35.03
C CYS A 718 -29.63 6.84 -34.00
N ASP A 719 -30.13 6.48 -32.82
CA ASP A 719 -30.43 7.45 -31.79
C ASP A 719 -29.78 7.13 -30.45
N LEU A 720 -28.98 6.07 -30.38
CA LEU A 720 -28.28 5.68 -29.16
C LEU A 720 -26.78 5.70 -29.41
N VAL A 721 -26.03 6.21 -28.44
CA VAL A 721 -24.58 6.35 -28.56
C VAL A 721 -23.92 5.80 -27.30
N THR A 722 -22.85 5.05 -27.49
CA THR A 722 -22.04 4.51 -26.39
C THR A 722 -20.87 5.46 -26.19
N THR A 723 -21.06 6.45 -25.32
CA THR A 723 -20.06 7.48 -25.07
C THR A 723 -19.29 7.15 -23.80
N GLY A 724 -17.96 7.21 -23.89
CA GLY A 724 -17.09 6.96 -22.76
C GLY A 724 -16.00 5.95 -23.12
N GLU A 725 -15.11 5.76 -22.15
CA GLU A 725 -14.01 4.82 -22.26
C GLU A 725 -14.37 3.49 -21.61
N LEU A 726 -13.61 2.45 -21.97
CA LEU A 726 -13.84 1.12 -21.44
C LEU A 726 -13.18 0.98 -20.07
N PHE A 727 -13.92 0.42 -19.12
CA PHE A 727 -13.40 0.15 -17.78
C PHE A 727 -13.82 -1.26 -17.36
N PHE A 728 -13.01 -1.86 -16.50
CA PHE A 728 -13.22 -3.24 -16.05
C PHE A 728 -13.21 -4.20 -17.23
N ARG A 729 -12.08 -4.20 -17.94
CA ARG A 729 -11.93 -5.09 -19.09
C ARG A 729 -12.00 -6.54 -18.64
N SER A 730 -12.77 -7.34 -19.37
CA SER A 730 -12.94 -8.75 -19.07
C SER A 730 -13.22 -9.49 -20.36
N GLY A 731 -13.68 -10.73 -20.24
CA GLY A 731 -13.98 -11.53 -21.41
C GLY A 731 -15.07 -12.55 -21.11
N PHE A 732 -15.66 -13.06 -22.17
CA PHE A 732 -16.70 -14.07 -22.07
C PHE A 732 -16.07 -15.45 -22.15
N GLY A 733 -16.49 -16.34 -21.24
CA GLY A 733 -15.94 -17.69 -21.20
C GLY A 733 -17.05 -18.71 -20.98
N ILE A 734 -16.67 -19.98 -21.15
CA ILE A 734 -17.58 -21.09 -20.96
C ILE A 734 -17.41 -21.61 -19.53
N GLY A 735 -18.50 -21.60 -18.77
CA GLY A 735 -18.45 -22.04 -17.38
C GLY A 735 -18.78 -23.52 -17.25
N MET A 736 -18.02 -24.20 -16.40
CA MET A 736 -18.23 -25.61 -16.13
C MET A 736 -17.96 -25.89 -14.66
N ARG A 737 -18.37 -27.08 -14.21
CA ARG A 737 -18.11 -27.48 -12.84
C ARG A 737 -16.65 -27.91 -12.68
N LYS A 738 -16.14 -27.75 -11.46
CA LYS A 738 -14.78 -28.15 -11.17
C LYS A 738 -14.61 -29.64 -11.37
N ASP A 739 -13.43 -30.03 -11.85
CA ASP A 739 -13.12 -31.45 -12.10
C ASP A 739 -14.02 -32.03 -13.18
N SER A 740 -14.07 -31.35 -14.33
CA SER A 740 -14.82 -31.81 -15.48
C SER A 740 -13.87 -32.17 -16.62
N PRO A 741 -14.07 -33.32 -17.27
CA PRO A 741 -13.16 -33.73 -18.34
C PRO A 741 -13.44 -33.01 -19.66
N TRP A 742 -13.59 -31.69 -19.60
CA TRP A 742 -13.81 -30.88 -20.78
C TRP A 742 -13.06 -29.56 -20.78
N LYS A 743 -12.50 -29.13 -19.66
CA LYS A 743 -11.89 -27.80 -19.58
C LYS A 743 -10.72 -27.67 -20.55
N GLN A 744 -9.77 -28.61 -20.50
CA GLN A 744 -8.59 -28.51 -21.34
C GLN A 744 -8.97 -28.56 -22.82
N ASN A 745 -9.82 -29.52 -23.19
CA ASN A 745 -10.22 -29.64 -24.59
C ASN A 745 -11.00 -28.42 -25.06
N VAL A 746 -11.89 -27.90 -24.21
CA VAL A 746 -12.66 -26.73 -24.59
C VAL A 746 -11.76 -25.52 -24.79
N SER A 747 -10.79 -25.32 -23.88
CA SER A 747 -9.88 -24.20 -24.02
C SER A 747 -9.02 -24.35 -25.28
N LEU A 748 -8.55 -25.56 -25.56
CA LEU A 748 -7.77 -25.78 -26.77
C LEU A 748 -8.59 -25.50 -28.01
N SER A 749 -9.86 -25.93 -28.01
CA SER A 749 -10.74 -25.64 -29.15
C SER A 749 -10.95 -24.14 -29.32
N ILE A 750 -11.12 -23.42 -28.20
CA ILE A 750 -11.30 -21.97 -28.28
C ILE A 750 -10.06 -21.31 -28.87
N LEU A 751 -8.87 -21.73 -28.41
CA LEU A 751 -7.65 -21.16 -28.95
C LEU A 751 -7.47 -21.48 -30.43
N LYS A 752 -7.80 -22.72 -30.83
CA LYS A 752 -7.70 -23.09 -32.23
C LYS A 752 -8.65 -22.27 -33.09
N SER A 753 -9.88 -22.05 -32.60
CA SER A 753 -10.83 -21.23 -33.34
C SER A 753 -10.33 -19.79 -33.46
N HIS A 754 -9.76 -19.26 -32.39
CA HIS A 754 -9.20 -17.90 -32.44
C HIS A 754 -8.09 -17.81 -33.48
N GLU A 755 -7.21 -18.80 -33.51
CA GLU A 755 -6.06 -18.74 -34.42
C GLU A 755 -6.49 -18.95 -35.87
N ASN A 756 -7.37 -19.92 -36.12
CA ASN A 756 -7.75 -20.24 -37.50
C ASN A 756 -8.47 -19.08 -38.17
N GLY A 757 -9.38 -18.43 -37.45
CA GLY A 757 -10.21 -17.38 -38.02
C GLY A 757 -11.70 -17.64 -37.93
N PHE A 758 -12.13 -18.72 -37.26
CA PHE A 758 -13.56 -18.99 -37.13
C PHE A 758 -14.24 -17.87 -36.33
N MET A 759 -13.56 -17.36 -35.30
CA MET A 759 -14.12 -16.28 -34.51
C MET A 759 -14.35 -15.04 -35.35
N GLU A 760 -13.40 -14.72 -36.25
CA GLU A 760 -13.58 -13.56 -37.10
C GLU A 760 -14.79 -13.72 -38.01
N ASP A 761 -14.97 -14.91 -38.59
CA ASP A 761 -16.13 -15.16 -39.42
C ASP A 761 -17.42 -15.04 -38.63
N LEU A 762 -17.44 -15.58 -37.41
CA LEU A 762 -18.64 -15.47 -36.57
C LEU A 762 -18.94 -14.01 -36.25
N ASP A 763 -17.92 -13.23 -35.91
CA ASP A 763 -18.14 -11.82 -35.61
C ASP A 763 -18.67 -11.08 -36.82
N LYS A 764 -18.11 -11.36 -38.00
CA LYS A 764 -18.60 -10.70 -39.21
C LYS A 764 -20.05 -11.07 -39.49
N THR A 765 -20.39 -12.35 -39.31
CA THR A 765 -21.75 -12.80 -39.61
C THR A 765 -22.77 -12.22 -38.64
N TRP A 766 -22.45 -12.22 -37.35
CA TRP A 766 -23.41 -11.81 -36.33
C TRP A 766 -23.14 -10.43 -35.75
N VAL A 767 -21.97 -9.86 -35.99
CA VAL A 767 -21.61 -8.53 -35.50
C VAL A 767 -21.03 -7.74 -36.66
N ARG A 768 -20.59 -6.52 -36.36
CA ARG A 768 -20.03 -5.61 -37.37
C ARG A 768 -21.08 -5.23 -38.40
N TYR A 769 -22.18 -4.66 -37.89
CA TYR A 769 -23.27 -4.15 -38.71
C TYR A 769 -23.41 -2.64 -38.54
N GLN A 770 -22.28 -1.94 -38.51
CA GLN A 770 -22.28 -0.50 -38.26
C GLN A 770 -22.82 0.24 -39.48
N GLU A 771 -24.00 0.83 -39.33
CA GLU A 771 -24.61 1.62 -40.40
C GLU A 771 -24.88 3.06 -40.01
N CYS A 772 -24.94 3.39 -38.73
CA CYS A 772 -25.19 4.77 -38.32
C CYS A 772 -24.04 5.68 -38.75
N ASP A 773 -22.81 5.23 -38.58
CA ASP A 773 -21.61 6.02 -38.90
C ASP A 773 -21.78 7.47 -38.46
N SER A 774 -22.11 7.65 -37.19
CA SER A 774 -22.38 8.97 -36.62
C SER A 774 -21.07 9.74 -36.52
N ARG A 775 -20.83 10.62 -37.49
CA ARG A 775 -19.65 11.48 -37.48
C ARG A 775 -19.98 12.80 -36.79
N SER A 776 -19.08 13.77 -36.89
CA SER A 776 -19.31 15.07 -36.29
C SER A 776 -20.62 15.67 -36.83
N ASN A 777 -21.58 15.86 -35.92
CA ASN A 777 -22.87 16.40 -36.32
C ASN A 777 -22.77 17.89 -36.62
N ALA A 778 -23.69 18.36 -37.47
CA ALA A 778 -23.72 19.78 -37.79
C ALA A 778 -24.12 20.60 -36.58
N PRO A 779 -23.69 21.86 -36.50
CA PRO A 779 -23.99 22.67 -35.31
C PRO A 779 -25.48 22.81 -35.07
N ALA A 780 -26.19 23.38 -36.03
CA ALA A 780 -27.64 23.57 -35.95
C ALA A 780 -28.13 24.06 -37.30
N THR A 781 -29.43 24.36 -37.39
CA THR A 781 -30.01 24.91 -38.60
C THR A 781 -31.18 25.82 -38.20
N LEU A 782 -31.36 26.90 -38.95
CA LEU A 782 -32.42 27.87 -38.67
C LEU A 782 -33.66 27.46 -39.46
N THR A 783 -34.54 26.70 -38.81
CA THR A 783 -35.74 26.23 -39.48
C THR A 783 -36.85 27.29 -39.45
N PHE A 784 -37.34 27.62 -38.26
CA PHE A 784 -38.42 28.59 -38.12
C PHE A 784 -38.20 29.61 -37.01
N GLU A 785 -37.09 29.52 -36.27
CA GLU A 785 -36.87 30.48 -35.19
C GLU A 785 -36.76 31.90 -35.73
N ASN A 786 -36.01 32.09 -36.80
CA ASN A 786 -35.85 33.42 -37.39
C ASN A 786 -36.94 33.77 -38.39
N MET A 787 -37.72 32.78 -38.85
CA MET A 787 -38.77 33.06 -39.82
C MET A 787 -39.95 33.76 -39.17
N ALA A 788 -40.33 33.34 -37.97
CA ALA A 788 -41.53 33.84 -37.33
C ALA A 788 -41.49 35.35 -37.13
N GLY A 789 -40.30 35.95 -37.07
CA GLY A 789 -40.21 37.38 -36.86
C GLY A 789 -40.18 38.17 -38.16
N VAL A 790 -39.26 37.83 -39.05
CA VAL A 790 -39.12 38.57 -40.30
C VAL A 790 -40.36 38.39 -41.16
N PHE A 791 -40.87 37.15 -41.28
CA PHE A 791 -42.04 36.92 -42.10
C PHE A 791 -43.29 37.57 -41.49
N MET A 792 -43.40 37.54 -40.16
CA MET A 792 -44.51 38.23 -39.51
C MET A 792 -44.45 39.73 -39.77
N LEU A 793 -43.27 40.32 -39.69
CA LEU A 793 -43.13 41.75 -39.97
C LEU A 793 -43.48 42.06 -41.41
N VAL A 794 -43.06 41.22 -42.35
CA VAL A 794 -43.38 41.44 -43.76
C VAL A 794 -44.89 41.36 -43.97
N ALA A 795 -45.54 40.36 -43.36
CA ALA A 795 -46.98 40.22 -43.49
C ALA A 795 -47.70 41.43 -42.91
N GLY A 796 -47.25 41.91 -41.76
CA GLY A 796 -47.84 43.10 -41.18
C GLY A 796 -47.69 44.32 -42.07
N GLY A 797 -46.50 44.47 -42.67
CA GLY A 797 -46.32 45.57 -43.60
C GLY A 797 -47.25 45.48 -44.79
N ILE A 798 -47.39 44.29 -45.36
CA ILE A 798 -48.30 44.12 -46.49
C ILE A 798 -49.72 44.44 -46.09
N VAL A 799 -50.17 43.95 -44.93
CA VAL A 799 -51.54 44.19 -44.50
C VAL A 799 -51.78 45.68 -44.25
N ALA A 800 -50.78 46.38 -43.72
CA ALA A 800 -50.92 47.82 -43.49
C ALA A 800 -50.84 48.61 -44.79
N GLY A 801 -50.21 48.06 -45.82
CA GLY A 801 -50.04 48.81 -47.06
C GLY A 801 -51.33 49.36 -47.61
N ILE A 802 -52.43 48.61 -47.46
CA ILE A 802 -53.72 49.12 -47.93
C ILE A 802 -54.13 50.34 -47.14
N PHE A 803 -53.90 50.32 -45.83
CA PHE A 803 -54.21 51.50 -45.01
C PHE A 803 -53.38 52.69 -45.43
N LEU A 804 -52.07 52.49 -45.65
CA LEU A 804 -51.23 53.60 -46.09
C LEU A 804 -51.68 54.14 -47.44
N ILE A 805 -52.02 53.26 -48.38
CA ILE A 805 -52.46 53.71 -49.70
C ILE A 805 -53.76 54.50 -49.59
N PHE A 806 -54.70 54.02 -48.78
CA PHE A 806 -55.95 54.74 -48.61
C PHE A 806 -55.73 56.10 -47.98
N ILE A 807 -54.87 56.18 -46.97
CA ILE A 807 -54.59 57.45 -46.32
C ILE A 807 -53.93 58.42 -47.30
N GLU A 808 -52.98 57.93 -48.10
CA GLU A 808 -52.32 58.78 -49.07
C GLU A 808 -53.31 59.28 -50.11
N ILE A 809 -54.21 58.41 -50.58
CA ILE A 809 -55.21 58.82 -51.56
C ILE A 809 -56.13 59.89 -50.96
N ALA A 810 -56.56 59.69 -49.72
CA ALA A 810 -57.43 60.68 -49.08
C ALA A 810 -56.71 62.02 -48.93
N TYR A 811 -55.44 61.99 -48.52
CA TYR A 811 -54.69 63.23 -48.38
C TYR A 811 -54.53 63.93 -49.73
N LYS A 812 -54.23 63.17 -50.78
CA LYS A 812 -54.08 63.77 -52.10
C LYS A 812 -55.38 64.39 -52.58
N ARG A 813 -56.50 63.69 -52.37
CA ARG A 813 -57.79 64.22 -52.80
C ARG A 813 -58.12 65.52 -52.08
N HIS A 814 -57.86 65.57 -50.78
CA HIS A 814 -58.15 66.77 -49.98
C HIS A 814 -57.07 67.83 -50.18
N ILE B 1 -47.37 -41.78 38.26
CA ILE B 1 -46.28 -42.52 37.64
C ILE B 1 -45.06 -42.52 38.54
N GLY B 2 -44.56 -43.71 38.87
CA GLY B 2 -43.42 -43.84 39.75
C GLY B 2 -42.17 -43.20 39.19
N ILE B 3 -41.58 -42.28 39.94
CA ILE B 3 -40.35 -41.59 39.55
C ILE B 3 -39.41 -41.60 40.75
N ALA B 4 -38.21 -42.14 40.56
CA ALA B 4 -37.22 -42.24 41.61
C ALA B 4 -36.16 -41.18 41.43
N VAL B 5 -35.92 -40.39 42.48
CA VAL B 5 -34.89 -39.35 42.49
C VAL B 5 -33.77 -39.84 43.39
N ILE B 6 -32.61 -40.10 42.79
CA ILE B 6 -31.46 -40.66 43.49
C ILE B 6 -30.41 -39.57 43.67
N LEU B 7 -29.94 -39.40 44.89
CA LEU B 7 -28.90 -38.44 45.22
C LEU B 7 -27.67 -39.20 45.70
N VAL B 8 -26.49 -38.77 45.23
CA VAL B 8 -25.23 -39.39 45.60
C VAL B 8 -24.33 -38.32 46.22
N GLY B 9 -23.81 -38.60 47.40
CA GLY B 9 -22.95 -37.66 48.09
C GLY B 9 -23.68 -36.86 49.15
N THR B 10 -23.36 -35.56 49.25
CA THR B 10 -23.96 -34.67 50.22
C THR B 10 -24.91 -33.72 49.50
N SER B 11 -26.17 -33.68 49.93
CA SER B 11 -27.16 -32.81 49.32
C SER B 11 -28.27 -32.57 50.32
N ASP B 12 -29.06 -31.53 50.04
CA ASP B 12 -30.18 -31.15 50.91
C ASP B 12 -31.41 -31.93 50.47
N GLU B 13 -31.65 -33.06 51.13
CA GLU B 13 -32.80 -33.89 50.78
C GLU B 13 -34.11 -33.21 51.16
N VAL B 14 -34.11 -32.47 52.28
CA VAL B 14 -35.34 -31.80 52.72
C VAL B 14 -35.79 -30.78 51.69
N ALA B 15 -34.86 -30.00 51.14
CA ALA B 15 -35.22 -29.00 50.14
C ALA B 15 -35.80 -29.65 48.90
N ILE B 16 -35.18 -30.74 48.43
CA ILE B 16 -35.68 -31.43 47.25
C ILE B 16 -37.07 -31.98 47.51
N LYS B 17 -37.27 -32.60 48.67
CA LYS B 17 -38.58 -33.15 49.00
C LYS B 17 -39.64 -32.05 49.04
N ASP B 18 -39.31 -30.90 49.65
CA ASP B 18 -40.26 -29.80 49.70
C ASP B 18 -40.58 -29.27 48.30
N ALA B 19 -39.56 -29.14 47.45
CA ALA B 19 -39.78 -28.63 46.11
C ALA B 19 -40.58 -29.62 45.25
N HIS B 20 -40.48 -30.91 45.55
CA HIS B 20 -41.21 -31.90 44.75
C HIS B 20 -42.71 -31.66 44.82
N GLU B 21 -43.24 -31.37 46.01
CA GLU B 21 -44.67 -31.13 46.18
C GLU B 21 -44.98 -29.63 46.07
N LYS B 22 -44.53 -29.04 44.96
CA LYS B 22 -44.75 -27.62 44.71
C LYS B 22 -45.14 -27.32 43.27
N ASP B 23 -45.44 -28.34 42.46
CA ASP B 23 -45.80 -28.15 41.06
C ASP B 23 -47.27 -28.44 40.85
N ASP B 24 -47.93 -27.60 40.04
CA ASP B 24 -49.35 -27.73 39.74
C ASP B 24 -49.51 -28.65 38.54
N PHE B 25 -50.02 -29.86 38.79
CA PHE B 25 -50.24 -30.85 37.73
C PHE B 25 -51.71 -30.93 37.32
N HIS B 26 -52.50 -29.90 37.64
CA HIS B 26 -53.91 -29.93 37.28
C HIS B 26 -54.11 -29.97 35.76
N HIS B 27 -53.30 -29.22 35.03
CA HIS B 27 -53.43 -29.19 33.57
C HIS B 27 -53.17 -30.54 32.95
N LEU B 28 -52.44 -31.42 33.63
CA LEU B 28 -52.10 -32.74 33.12
C LEU B 28 -52.71 -33.82 34.02
N SER B 29 -52.55 -35.07 33.59
CA SER B 29 -53.01 -36.24 34.35
C SER B 29 -51.85 -37.22 34.41
N VAL B 30 -50.99 -37.07 35.42
CA VAL B 30 -49.79 -37.88 35.57
C VAL B 30 -49.76 -38.60 36.91
N VAL B 31 -50.06 -37.89 37.99
CA VAL B 31 -49.93 -38.44 39.34
C VAL B 31 -48.48 -38.86 39.55
N PRO B 32 -47.56 -37.91 39.63
CA PRO B 32 -46.12 -38.24 39.74
C PRO B 32 -45.70 -38.67 41.14
N ARG B 33 -45.90 -39.96 41.43
CA ARG B 33 -45.47 -40.53 42.70
C ARG B 33 -43.94 -40.53 42.75
N VAL B 34 -43.38 -39.62 43.54
CA VAL B 34 -41.94 -39.41 43.60
C VAL B 34 -41.39 -40.09 44.85
N GLU B 35 -40.32 -40.88 44.66
CA GLU B 35 -39.63 -41.54 45.76
C GLU B 35 -38.19 -41.04 45.78
N LEU B 36 -37.77 -40.47 46.90
CA LEU B 36 -36.45 -39.88 47.04
C LEU B 36 -35.54 -40.84 47.81
N VAL B 37 -34.37 -41.13 47.23
CA VAL B 37 -33.37 -41.99 47.85
C VAL B 37 -32.04 -41.27 47.83
N ALA B 38 -31.28 -41.39 48.92
CA ALA B 38 -29.99 -40.74 49.05
C ALA B 38 -28.95 -41.76 49.51
N MET B 39 -27.73 -41.64 48.96
CA MET B 39 -26.64 -42.55 49.29
C MET B 39 -25.34 -41.75 49.33
N ASN B 40 -24.25 -42.46 49.56
CA ASN B 40 -22.91 -41.89 49.57
C ASN B 40 -21.95 -42.64 48.65
N GLU B 41 -22.08 -43.96 48.55
CA GLU B 41 -21.20 -44.73 47.68
C GLU B 41 -21.57 -44.52 46.22
N THR B 42 -20.56 -44.56 45.35
CA THR B 42 -20.76 -44.38 43.92
C THR B 42 -20.20 -45.55 43.12
N ASP B 43 -19.96 -46.68 43.77
CA ASP B 43 -19.42 -47.83 43.07
C ASP B 43 -20.43 -48.39 42.06
N PRO B 44 -19.93 -48.75 40.87
CA PRO B 44 -20.82 -49.29 39.83
C PRO B 44 -21.72 -50.38 40.38
N LYS B 45 -21.16 -51.27 41.19
CA LYS B 45 -21.95 -52.40 41.67
C LYS B 45 -23.13 -51.93 42.51
N SER B 46 -22.87 -51.00 43.43
CA SER B 46 -23.93 -50.47 44.28
C SER B 46 -25.01 -49.78 43.44
N ILE B 47 -24.59 -49.01 42.43
CA ILE B 47 -25.54 -48.30 41.59
C ILE B 47 -26.44 -49.28 40.85
N ILE B 48 -25.83 -50.30 40.24
CA ILE B 48 -26.63 -51.28 39.49
C ILE B 48 -27.57 -52.02 40.43
N THR B 49 -27.08 -52.42 41.60
CA THR B 49 -27.92 -53.14 42.54
C THR B 49 -29.10 -52.28 42.98
N ARG B 50 -28.85 -51.02 43.31
CA ARG B 50 -29.92 -50.14 43.76
C ARG B 50 -30.95 -49.91 42.66
N ILE B 51 -30.48 -49.72 41.42
CA ILE B 51 -31.38 -49.51 40.30
C ILE B 51 -32.23 -50.76 40.11
N CYS B 52 -31.61 -51.94 40.22
CA CYS B 52 -32.32 -53.19 40.04
C CYS B 52 -33.42 -53.36 41.08
N ASP B 53 -33.06 -53.22 42.36
CA ASP B 53 -34.03 -53.46 43.42
C ASP B 53 -35.16 -52.45 43.38
N LEU B 54 -34.85 -51.17 43.14
CA LEU B 54 -35.87 -50.14 43.14
C LEU B 54 -36.90 -50.40 42.04
N MET B 55 -36.43 -50.78 40.85
CA MET B 55 -37.35 -51.04 39.75
C MET B 55 -38.21 -52.28 40.03
N SER B 56 -37.62 -53.26 40.70
CA SER B 56 -38.36 -54.46 41.04
C SER B 56 -39.52 -54.16 41.96
N ASP B 57 -39.21 -53.55 43.09
CA ASP B 57 -40.25 -53.31 44.09
C ASP B 57 -40.99 -51.99 43.90
N ARG B 58 -41.00 -51.45 42.68
CA ARG B 58 -41.62 -50.15 42.53
C ARG B 58 -41.98 -49.91 41.07
N LYS B 59 -43.21 -49.46 40.83
CA LYS B 59 -43.63 -49.18 39.46
C LYS B 59 -43.10 -47.84 39.01
N ILE B 60 -41.78 -47.71 38.91
CA ILE B 60 -41.18 -46.45 38.53
C ILE B 60 -40.85 -46.42 37.03
N GLN B 61 -41.48 -45.51 36.30
CA GLN B 61 -41.17 -45.37 34.88
C GLN B 61 -39.83 -44.67 34.67
N GLY B 62 -39.72 -43.43 35.13
CA GLY B 62 -38.53 -42.64 34.92
C GLY B 62 -37.60 -42.63 36.11
N VAL B 63 -36.34 -42.26 35.85
CA VAL B 63 -35.31 -42.18 36.88
C VAL B 63 -34.56 -40.87 36.69
N VAL B 64 -34.33 -40.16 37.80
CA VAL B 64 -33.53 -38.93 37.81
C VAL B 64 -32.31 -39.17 38.70
N PHE B 65 -31.13 -38.94 38.15
CA PHE B 65 -29.88 -39.21 38.84
C PHE B 65 -29.13 -37.91 39.09
N ALA B 66 -28.56 -37.80 40.29
CA ALA B 66 -27.75 -36.65 40.67
C ALA B 66 -26.46 -37.13 41.31
N ASP B 67 -25.41 -36.34 41.17
CA ASP B 67 -24.11 -36.71 41.70
C ASP B 67 -23.30 -35.44 41.95
N ASP B 68 -22.26 -35.57 42.77
CA ASP B 68 -21.36 -34.48 43.09
C ASP B 68 -19.93 -34.74 42.67
N THR B 69 -19.64 -35.91 42.09
CA THR B 69 -18.29 -36.24 41.66
C THR B 69 -18.06 -35.75 40.23
N ASP B 70 -16.91 -36.11 39.66
CA ASP B 70 -16.53 -35.70 38.31
C ASP B 70 -15.99 -36.88 37.52
N GLN B 71 -16.71 -38.00 37.57
CA GLN B 71 -16.34 -39.22 36.87
C GLN B 71 -17.34 -39.47 35.74
N GLU B 72 -16.84 -39.56 34.51
CA GLU B 72 -17.69 -39.88 33.37
C GLU B 72 -18.08 -41.35 33.32
N ALA B 73 -17.36 -42.21 34.04
CA ALA B 73 -17.76 -43.61 34.12
C ALA B 73 -19.17 -43.75 34.66
N ILE B 74 -19.58 -42.86 35.55
CA ILE B 74 -20.95 -42.88 36.05
C ILE B 74 -21.94 -42.66 34.92
N ALA B 75 -21.66 -41.67 34.06
CA ALA B 75 -22.55 -41.41 32.93
C ALA B 75 -22.58 -42.59 31.98
N GLN B 76 -21.41 -43.19 31.70
CA GLN B 76 -21.38 -44.35 30.81
C GLN B 76 -22.17 -45.52 31.39
N ILE B 77 -22.01 -45.78 32.68
CA ILE B 77 -22.75 -46.86 33.32
C ILE B 77 -24.25 -46.60 33.27
N LEU B 78 -24.65 -45.34 33.52
CA LEU B 78 -26.07 -45.01 33.47
C LEU B 78 -26.62 -45.22 32.06
N ASP B 79 -25.87 -44.81 31.03
CA ASP B 79 -26.31 -45.02 29.66
C ASP B 79 -26.45 -46.50 29.35
N PHE B 80 -25.46 -47.31 29.77
CA PHE B 80 -25.53 -48.74 29.52
C PHE B 80 -26.74 -49.37 30.22
N ILE B 81 -26.98 -48.97 31.47
CA ILE B 81 -28.12 -49.51 32.21
C ILE B 81 -29.42 -49.13 31.53
N SER B 82 -29.55 -47.87 31.10
CA SER B 82 -30.76 -47.44 30.42
C SER B 82 -30.97 -48.22 29.13
N ALA B 83 -29.90 -48.42 28.35
CA ALA B 83 -30.02 -49.17 27.11
C ALA B 83 -30.45 -50.61 27.37
N GLN B 84 -29.87 -51.24 28.40
CA GLN B 84 -30.18 -52.65 28.67
C GLN B 84 -31.60 -52.80 29.19
N THR B 85 -32.00 -51.97 30.15
CA THR B 85 -33.31 -52.10 30.79
C THR B 85 -34.41 -51.32 30.07
N LEU B 86 -34.07 -50.51 29.06
CA LEU B 86 -35.05 -49.74 28.31
C LEU B 86 -35.91 -48.88 29.25
N THR B 87 -35.23 -48.20 30.17
CA THR B 87 -35.88 -47.33 31.13
C THR B 87 -35.28 -45.93 31.03
N PRO B 88 -36.10 -44.89 30.89
CA PRO B 88 -35.55 -43.54 30.76
C PRO B 88 -34.74 -43.14 31.98
N ILE B 89 -33.66 -42.40 31.74
CA ILE B 89 -32.80 -41.88 32.80
C ILE B 89 -32.42 -40.45 32.45
N LEU B 90 -32.43 -39.58 33.45
CA LEU B 90 -32.10 -38.17 33.28
C LEU B 90 -30.99 -37.79 34.25
N GLY B 91 -29.84 -37.42 33.71
CA GLY B 91 -28.73 -36.95 34.52
C GLY B 91 -28.74 -35.42 34.58
N ILE B 92 -28.63 -34.90 35.80
CA ILE B 92 -28.77 -33.47 36.02
C ILE B 92 -27.46 -32.88 36.54
N HIS B 93 -26.98 -33.39 37.67
CA HIS B 93 -25.81 -32.84 38.34
C HIS B 93 -24.69 -33.87 38.41
N GLY B 94 -23.48 -33.36 38.60
CA GLY B 94 -22.33 -34.22 38.77
C GLY B 94 -21.84 -34.84 37.48
N GLY B 95 -21.13 -35.95 37.64
CA GLY B 95 -20.55 -36.67 36.51
C GLY B 95 -21.58 -37.11 35.50
N SER B 96 -22.75 -37.52 35.97
CA SER B 96 -23.81 -37.93 35.06
C SER B 96 -24.19 -36.81 34.10
N SER B 97 -23.96 -35.56 34.48
CA SER B 97 -24.28 -34.43 33.63
C SER B 97 -23.28 -34.24 32.49
N MET B 98 -22.10 -34.84 32.58
CA MET B 98 -21.11 -34.70 31.52
C MET B 98 -21.67 -35.24 30.20
N ILE B 99 -21.50 -34.47 29.14
CA ILE B 99 -22.05 -34.82 27.83
C ILE B 99 -21.12 -35.80 27.14
N MET B 100 -21.66 -36.96 26.77
CA MET B 100 -20.91 -37.97 26.03
C MET B 100 -21.62 -38.23 24.71
N ALA B 101 -20.86 -38.25 23.62
CA ALA B 101 -21.43 -38.47 22.31
C ALA B 101 -21.42 -39.95 21.95
N ASP B 102 -22.14 -40.29 20.89
CA ASP B 102 -22.25 -41.67 20.42
C ASP B 102 -22.83 -42.58 21.50
N LYS B 103 -24.07 -42.27 21.88
CA LYS B 103 -24.77 -43.07 22.87
C LYS B 103 -25.11 -44.45 22.29
N ASP B 104 -25.37 -45.40 23.19
CA ASP B 104 -25.72 -46.75 22.76
C ASP B 104 -27.04 -46.74 21.99
N GLU B 105 -27.12 -47.64 21.01
CA GLU B 105 -28.34 -47.74 20.21
C GLU B 105 -29.52 -48.13 21.09
N SER B 106 -30.69 -47.57 20.77
CA SER B 106 -31.91 -47.82 21.52
C SER B 106 -31.72 -47.49 23.00
N SER B 107 -31.13 -46.33 23.26
CA SER B 107 -30.86 -45.86 24.61
C SER B 107 -31.80 -44.71 24.95
N MET B 108 -32.23 -44.68 26.20
CA MET B 108 -33.15 -43.66 26.70
C MET B 108 -32.52 -42.85 27.84
N PHE B 109 -31.27 -42.46 27.65
CA PHE B 109 -30.53 -41.70 28.65
C PHE B 109 -30.30 -40.29 28.12
N PHE B 110 -30.66 -39.29 28.93
CA PHE B 110 -30.52 -37.89 28.54
C PHE B 110 -29.79 -37.14 29.63
N GLN B 111 -29.08 -36.08 29.24
CA GLN B 111 -28.25 -35.30 30.15
C GLN B 111 -28.51 -33.81 29.95
N PHE B 112 -28.22 -33.04 30.99
CA PHE B 112 -28.36 -31.59 30.97
C PHE B 112 -27.00 -30.99 30.66
N GLY B 113 -26.80 -30.60 29.40
CA GLY B 113 -25.54 -30.00 28.99
C GLY B 113 -25.51 -29.71 27.50
N PRO B 114 -24.56 -28.87 27.10
CA PRO B 114 -24.43 -28.51 25.68
C PRO B 114 -23.47 -29.44 24.95
N SER B 115 -23.40 -29.26 23.64
CA SER B 115 -22.51 -30.01 22.77
C SER B 115 -21.35 -29.11 22.34
N ILE B 116 -20.41 -29.69 21.60
CA ILE B 116 -19.25 -28.94 21.13
C ILE B 116 -19.68 -27.87 20.12
N GLU B 117 -20.65 -28.20 19.26
CA GLU B 117 -21.10 -27.25 18.25
C GLU B 117 -21.69 -26.01 18.89
N GLN B 118 -22.49 -26.19 19.95
CA GLN B 118 -23.07 -25.03 20.62
C GLN B 118 -21.99 -24.15 21.24
N GLN B 119 -20.97 -24.76 21.84
CA GLN B 119 -19.88 -23.98 22.40
C GLN B 119 -19.11 -23.23 21.32
N ALA B 120 -18.89 -23.87 20.18
CA ALA B 120 -18.23 -23.18 19.06
C ALA B 120 -19.05 -22.01 18.57
N SER B 121 -20.38 -22.18 18.48
CA SER B 121 -21.24 -21.09 18.06
C SER B 121 -21.19 -19.95 19.07
N VAL B 122 -21.17 -20.27 20.37
CA VAL B 122 -21.06 -19.24 21.39
C VAL B 122 -19.73 -18.49 21.25
N MET B 123 -18.65 -19.22 21.00
CA MET B 123 -17.35 -18.57 20.82
C MET B 123 -17.38 -17.62 19.62
N LEU B 124 -17.99 -18.07 18.52
CA LEU B 124 -18.07 -17.22 17.33
C LEU B 124 -18.91 -15.97 17.62
N ASN B 125 -20.02 -16.13 18.34
CA ASN B 125 -20.83 -14.98 18.71
C ASN B 125 -20.05 -14.00 19.56
N ILE B 126 -19.30 -14.51 20.53
CA ILE B 126 -18.48 -13.64 21.37
C ILE B 126 -17.46 -12.89 20.53
N MET B 127 -16.80 -13.60 19.61
CA MET B 127 -15.80 -12.95 18.77
C MET B 127 -16.42 -11.86 17.91
N GLU B 128 -17.59 -12.13 17.34
CA GLU B 128 -18.25 -11.14 16.49
C GLU B 128 -18.82 -9.98 17.31
N GLU B 129 -19.07 -10.17 18.60
CA GLU B 129 -19.62 -9.10 19.41
C GLU B 129 -18.67 -7.92 19.50
N TYR B 130 -17.37 -8.18 19.65
CA TYR B 130 -16.37 -7.13 19.81
C TYR B 130 -15.58 -6.89 18.53
N ASP B 131 -16.04 -7.40 17.39
CA ASP B 131 -15.36 -7.19 16.11
C ASP B 131 -13.98 -7.85 16.08
N TRP B 132 -13.95 -9.13 16.44
CA TRP B 132 -12.73 -9.94 16.38
C TRP B 132 -12.87 -10.89 15.20
N TYR B 133 -12.23 -10.53 14.07
CA TYR B 133 -12.35 -11.30 12.84
C TYR B 133 -11.12 -12.12 12.49
N ILE B 134 -9.95 -11.73 12.96
CA ILE B 134 -8.72 -12.48 12.71
C ILE B 134 -8.50 -13.44 13.86
N PHE B 135 -8.38 -14.72 13.56
CA PHE B 135 -8.23 -15.74 14.58
C PHE B 135 -7.60 -16.99 13.95
N SER B 136 -7.14 -17.88 14.81
CA SER B 136 -6.56 -19.16 14.40
C SER B 136 -7.22 -20.28 15.20
N ILE B 137 -6.85 -21.51 14.88
CA ILE B 137 -7.38 -22.70 15.54
C ILE B 137 -6.22 -23.60 15.93
N VAL B 138 -6.28 -24.12 17.16
CA VAL B 138 -5.25 -25.02 17.68
C VAL B 138 -5.96 -26.17 18.39
N THR B 139 -5.99 -27.34 17.76
CA THR B 139 -6.64 -28.52 18.32
C THR B 139 -5.67 -29.69 18.25
N THR B 140 -5.66 -30.49 19.32
CA THR B 140 -4.78 -31.66 19.39
C THR B 140 -5.51 -32.89 18.88
N TYR B 141 -4.91 -34.06 19.06
CA TYR B 141 -5.50 -35.32 18.62
C TYR B 141 -6.37 -35.90 19.74
N PHE B 142 -7.53 -35.29 19.92
CA PHE B 142 -8.50 -35.71 20.92
C PHE B 142 -9.85 -35.86 20.26
N PRO B 143 -10.66 -36.82 20.71
CA PRO B 143 -11.99 -37.02 20.11
C PRO B 143 -12.81 -35.75 20.16
N GLY B 144 -13.48 -35.44 19.05
CA GLY B 144 -14.31 -34.25 18.95
C GLY B 144 -13.64 -33.08 18.26
N TYR B 145 -12.32 -33.13 18.05
CA TYR B 145 -11.66 -32.01 17.38
C TYR B 145 -12.15 -31.86 15.95
N GLN B 146 -12.39 -32.98 15.27
CA GLN B 146 -12.90 -32.91 13.90
C GLN B 146 -14.25 -32.21 13.85
N ASP B 147 -15.15 -32.55 14.78
CA ASP B 147 -16.45 -31.89 14.83
C ASP B 147 -16.31 -30.40 15.11
N PHE B 148 -15.43 -30.04 16.04
CA PHE B 148 -15.19 -28.63 16.35
C PHE B 148 -14.73 -27.87 15.11
N VAL B 149 -13.73 -28.40 14.41
CA VAL B 149 -13.20 -27.73 13.24
C VAL B 149 -14.27 -27.63 12.15
N ASN B 150 -15.01 -28.72 11.93
CA ASN B 150 -16.04 -28.71 10.90
C ASN B 150 -17.12 -27.68 11.21
N LYS B 151 -17.55 -27.61 12.46
CA LYS B 151 -18.55 -26.62 12.83
C LYS B 151 -18.04 -25.20 12.64
N ILE B 152 -16.79 -24.95 13.03
CA ILE B 152 -16.23 -23.61 12.86
C ILE B 152 -16.18 -23.24 11.37
N ARG B 153 -15.73 -24.18 10.54
CA ARG B 153 -15.65 -23.90 9.10
C ARG B 153 -17.02 -23.67 8.51
N SER B 154 -17.98 -24.52 8.86
CA SER B 154 -19.31 -24.39 8.31
C SER B 154 -19.82 -22.98 8.55
N THR B 155 -19.65 -22.50 9.77
CA THR B 155 -20.14 -21.17 10.10
C THR B 155 -19.41 -20.08 9.35
N ILE B 156 -18.10 -19.98 9.57
CA ILE B 156 -17.34 -18.91 8.95
C ILE B 156 -17.75 -18.68 7.49
N GLU B 157 -17.93 -19.76 6.72
CA GLU B 157 -18.22 -19.57 5.31
C GLU B 157 -19.68 -19.14 5.07
N ASN B 158 -20.60 -19.69 5.85
CA ASN B 158 -22.01 -19.37 5.64
C ASN B 158 -22.35 -18.02 6.22
N SER B 159 -21.48 -17.03 6.04
CA SER B 159 -21.71 -15.72 6.63
C SER B 159 -21.37 -14.58 5.70
N PHE B 160 -22.03 -13.44 5.88
CA PHE B 160 -21.73 -12.27 5.06
C PHE B 160 -20.59 -11.48 5.68
N VAL B 161 -20.39 -11.65 6.98
CA VAL B 161 -19.30 -10.97 7.66
C VAL B 161 -17.98 -11.51 7.12
N GLY B 162 -16.88 -10.83 7.43
CA GLY B 162 -15.58 -11.23 6.92
C GLY B 162 -14.65 -11.79 7.98
N TRP B 163 -14.39 -13.09 7.91
CA TRP B 163 -13.45 -13.75 8.81
C TRP B 163 -12.15 -14.05 8.06
N GLU B 164 -11.12 -14.43 8.81
CA GLU B 164 -9.80 -14.69 8.25
C GLU B 164 -9.41 -16.16 8.37
N LEU B 165 -9.39 -16.72 9.58
CA LEU B 165 -8.98 -18.10 9.80
C LEU B 165 -7.61 -18.38 9.18
N GLU B 166 -6.61 -17.70 9.76
CA GLU B 166 -5.26 -17.71 9.20
C GLU B 166 -4.75 -19.13 9.00
N GLU B 167 -4.80 -19.96 10.04
CA GLU B 167 -4.27 -21.31 9.96
C GLU B 167 -4.87 -22.18 11.05
N VAL B 168 -4.74 -23.48 10.87
CA VAL B 168 -5.21 -24.47 11.83
C VAL B 168 -4.06 -25.43 12.13
N LEU B 169 -3.81 -25.67 13.40
CA LEU B 169 -2.72 -26.54 13.83
C LEU B 169 -3.27 -27.88 14.33
N LEU B 170 -2.36 -28.84 14.49
CA LEU B 170 -2.70 -30.16 15.00
C LEU B 170 -2.01 -30.46 16.33
N LEU B 171 -0.70 -30.26 16.42
CA LEU B 171 0.03 -30.40 17.68
C LEU B 171 -0.15 -31.79 18.27
N ASP B 172 0.33 -32.79 17.54
CA ASP B 172 0.28 -34.16 18.02
C ASP B 172 1.11 -34.31 19.28
N MET B 173 0.45 -34.53 20.41
CA MET B 173 1.14 -34.66 21.70
C MET B 173 1.47 -36.10 22.01
N SER B 174 2.16 -36.77 21.09
CA SER B 174 2.58 -38.15 21.27
C SER B 174 4.00 -38.45 20.80
N LEU B 175 4.56 -37.66 19.90
CA LEU B 175 5.89 -37.93 19.38
C LEU B 175 6.94 -37.57 20.42
N ASP B 176 7.88 -38.49 20.65
CA ASP B 176 8.98 -38.21 21.57
C ASP B 176 9.92 -37.17 20.97
N ASP B 177 10.39 -36.27 21.84
CA ASP B 177 11.27 -35.17 21.43
C ASP B 177 10.59 -34.23 20.45
N GLY B 178 9.26 -34.20 20.44
CA GLY B 178 8.50 -33.34 19.55
C GLY B 178 8.29 -31.92 20.05
N ASP B 179 8.86 -31.58 21.21
CA ASP B 179 8.69 -30.23 21.74
C ASP B 179 9.27 -29.19 20.78
N SER B 180 10.36 -29.53 20.10
CA SER B 180 10.96 -28.60 19.15
C SER B 180 9.99 -28.25 18.04
N LYS B 181 9.33 -29.25 17.47
CA LYS B 181 8.36 -28.99 16.41
C LYS B 181 7.19 -28.16 16.92
N ILE B 182 6.71 -28.46 18.13
CA ILE B 182 5.58 -27.73 18.68
C ILE B 182 5.95 -26.26 18.87
N GLN B 183 7.12 -25.99 19.44
CA GLN B 183 7.53 -24.61 19.65
C GLN B 183 7.76 -23.89 18.33
N ASN B 184 8.35 -24.58 17.35
CA ASN B 184 8.58 -23.95 16.06
C ASN B 184 7.28 -23.59 15.36
N GLN B 185 6.31 -24.50 15.38
CA GLN B 185 5.04 -24.23 14.71
C GLN B 185 4.13 -23.29 15.49
N LEU B 186 4.33 -23.17 16.81
CA LEU B 186 3.55 -22.23 17.59
C LEU B 186 4.01 -20.79 17.41
N LYS B 187 5.24 -20.58 16.93
CA LYS B 187 5.74 -19.23 16.72
C LYS B 187 5.10 -18.56 15.51
N LYS B 188 4.58 -19.35 14.56
CA LYS B 188 3.97 -18.78 13.36
C LYS B 188 2.66 -18.08 13.66
N LEU B 189 2.02 -18.41 14.79
CA LEU B 189 0.74 -17.80 15.12
C LEU B 189 0.89 -16.30 15.32
N GLN B 190 -0.03 -15.53 14.74
CA GLN B 190 -0.05 -14.08 14.89
C GLN B 190 -1.42 -13.50 15.18
N SER B 191 -2.49 -14.27 15.01
CA SER B 191 -3.82 -13.76 15.26
C SER B 191 -4.03 -13.50 16.76
N PRO B 192 -4.79 -12.46 17.10
CA PRO B 192 -5.09 -12.23 18.53
C PRO B 192 -5.83 -13.37 19.20
N ILE B 193 -6.67 -14.10 18.45
CA ILE B 193 -7.49 -15.18 19.00
C ILE B 193 -6.93 -16.50 18.51
N ILE B 194 -6.88 -17.49 19.41
CA ILE B 194 -6.26 -18.76 19.09
C ILE B 194 -7.27 -19.91 19.11
N LEU B 195 -8.29 -19.79 19.95
CA LEU B 195 -9.36 -20.79 20.02
C LEU B 195 -8.81 -22.20 20.23
N LEU B 196 -8.18 -22.39 21.39
CA LEU B 196 -7.58 -23.67 21.71
C LEU B 196 -8.65 -24.72 22.00
N TYR B 197 -8.27 -25.99 21.84
CA TYR B 197 -9.15 -27.11 22.15
C TYR B 197 -8.30 -28.32 22.47
N CYS B 198 -8.30 -28.74 23.73
CA CYS B 198 -7.54 -29.90 24.18
C CYS B 198 -8.02 -30.27 25.57
N THR B 199 -7.33 -31.22 26.21
CA THR B 199 -7.65 -31.63 27.56
C THR B 199 -7.03 -30.65 28.55
N LYS B 200 -7.04 -31.02 29.85
CA LYS B 200 -6.51 -30.12 30.87
C LYS B 200 -4.99 -30.19 30.95
N GLU B 201 -4.42 -31.39 31.03
CA GLU B 201 -2.96 -31.52 31.07
C GLU B 201 -2.34 -31.02 29.78
N GLU B 202 -2.93 -31.38 28.63
CA GLU B 202 -2.44 -30.86 27.36
C GLU B 202 -2.56 -29.35 27.31
N ALA B 203 -3.66 -28.80 27.83
CA ALA B 203 -3.83 -27.35 27.85
C ALA B 203 -2.74 -26.69 28.69
N THR B 204 -2.43 -27.25 29.85
CA THR B 204 -1.39 -26.67 30.70
C THR B 204 -0.03 -26.72 30.00
N TYR B 205 0.30 -27.86 29.40
CA TYR B 205 1.59 -27.97 28.71
C TYR B 205 1.67 -26.99 27.55
N ILE B 206 0.59 -26.87 26.78
CA ILE B 206 0.59 -25.95 25.64
C ILE B 206 0.70 -24.51 26.13
N PHE B 207 0.04 -24.18 27.23
CA PHE B 207 0.13 -22.83 27.77
C PHE B 207 1.55 -22.51 28.22
N GLU B 208 2.20 -23.47 28.88
CA GLU B 208 3.59 -23.25 29.29
C GLU B 208 4.49 -23.05 28.07
N VAL B 209 4.32 -23.89 27.05
CA VAL B 209 5.14 -23.77 25.84
C VAL B 209 4.89 -22.42 25.17
N ALA B 210 3.63 -21.99 25.09
CA ALA B 210 3.32 -20.72 24.46
C ALA B 210 3.90 -19.55 25.25
N ASN B 211 3.81 -19.61 26.58
CA ASN B 211 4.41 -18.55 27.39
C ASN B 211 5.92 -18.49 27.16
N SER B 212 6.57 -19.64 27.06
CA SER B 212 8.00 -19.64 26.74
C SER B 212 8.25 -19.04 25.36
N VAL B 213 7.40 -19.38 24.39
CA VAL B 213 7.61 -18.91 23.02
C VAL B 213 7.48 -17.40 22.93
N GLY B 214 6.45 -16.84 23.56
CA GLY B 214 6.26 -15.40 23.52
C GLY B 214 4.80 -14.99 23.43
N LEU B 215 3.91 -15.96 23.26
CA LEU B 215 2.48 -15.68 23.17
C LEU B 215 1.93 -15.39 24.57
N THR B 216 0.61 -15.30 24.68
CA THR B 216 -0.04 -14.99 25.96
C THR B 216 0.46 -13.67 26.53
N GLY B 217 0.65 -12.68 25.65
CA GLY B 217 1.11 -11.36 26.01
C GLY B 217 -0.04 -10.38 26.18
N TYR B 218 0.28 -9.10 25.97
CA TYR B 218 -0.73 -8.05 26.12
C TYR B 218 -1.73 -8.04 24.97
N GLY B 219 -1.30 -8.41 23.77
CA GLY B 219 -2.17 -8.36 22.61
C GLY B 219 -2.58 -9.71 22.08
N TYR B 220 -2.81 -10.66 22.97
CA TYR B 220 -3.28 -11.99 22.60
C TYR B 220 -4.40 -12.43 23.53
N THR B 221 -5.41 -13.08 22.96
CA THR B 221 -6.56 -13.56 23.71
C THR B 221 -6.77 -15.03 23.43
N TRP B 222 -7.08 -15.79 24.48
CA TRP B 222 -7.29 -17.23 24.38
C TRP B 222 -8.70 -17.57 24.83
N ILE B 223 -9.43 -18.29 23.99
CA ILE B 223 -10.78 -18.75 24.29
C ILE B 223 -10.79 -20.27 24.22
N VAL B 224 -11.31 -20.91 25.26
CA VAL B 224 -11.30 -22.37 25.36
C VAL B 224 -12.69 -22.87 25.73
N PRO B 225 -13.03 -24.10 25.39
CA PRO B 225 -14.35 -24.65 25.75
C PRO B 225 -14.38 -25.05 27.21
N SER B 226 -15.51 -25.64 27.62
CA SER B 226 -15.67 -26.05 29.01
C SER B 226 -14.73 -27.19 29.37
N LEU B 227 -14.32 -28.00 28.40
CA LEU B 227 -13.44 -29.13 28.70
C LEU B 227 -12.10 -28.66 29.25
N VAL B 228 -11.52 -27.63 28.64
CA VAL B 228 -10.22 -27.13 29.10
C VAL B 228 -10.32 -26.58 30.51
N ALA B 229 -11.36 -25.80 30.79
CA ALA B 229 -11.52 -25.20 32.11
C ALA B 229 -11.65 -26.27 33.19
N GLY B 230 -12.43 -27.32 32.93
CA GLY B 230 -12.60 -28.37 33.91
C GLY B 230 -13.18 -27.83 35.20
N ASP B 231 -12.55 -28.19 36.32
CA ASP B 231 -13.00 -27.74 37.62
C ASP B 231 -12.63 -26.27 37.80
N THR B 232 -13.63 -25.44 38.10
CA THR B 232 -13.39 -24.01 38.28
C THR B 232 -12.49 -23.74 39.48
N ASP B 233 -12.70 -24.48 40.58
CA ASP B 233 -11.92 -24.23 41.79
C ASP B 233 -10.43 -24.46 41.55
N THR B 234 -10.08 -25.54 40.85
CA THR B 234 -8.68 -25.87 40.59
C THR B 234 -8.22 -25.15 39.34
N VAL B 235 -7.40 -24.12 39.52
CA VAL B 235 -6.89 -23.31 38.41
C VAL B 235 -5.38 -23.51 38.35
N PRO B 236 -4.85 -24.24 37.37
CA PRO B 236 -3.41 -24.40 37.26
C PRO B 236 -2.71 -23.07 37.04
N ALA B 237 -1.49 -22.97 37.55
CA ALA B 237 -0.72 -21.73 37.45
C ALA B 237 -0.30 -21.40 36.02
N GLU B 238 -0.37 -22.37 35.10
CA GLU B 238 0.03 -22.13 33.72
C GLU B 238 -1.03 -21.42 32.90
N PHE B 239 -2.25 -21.31 33.41
CA PHE B 239 -3.32 -20.66 32.66
C PHE B 239 -3.08 -19.16 32.59
N PRO B 240 -2.99 -18.56 31.41
CA PRO B 240 -2.76 -17.11 31.34
C PRO B 240 -3.96 -16.33 31.85
N THR B 241 -3.67 -15.15 32.39
CA THR B 241 -4.73 -14.26 32.85
C THR B 241 -5.51 -13.72 31.67
N GLY B 242 -6.83 -13.62 31.83
CA GLY B 242 -7.68 -13.13 30.77
C GLY B 242 -8.18 -14.19 29.82
N LEU B 243 -8.16 -15.46 30.23
CA LEU B 243 -8.62 -16.56 29.39
C LEU B 243 -10.13 -16.65 29.45
N ILE B 244 -10.78 -16.72 28.28
CA ILE B 244 -12.23 -16.79 28.19
C ILE B 244 -12.64 -18.25 28.05
N SER B 245 -13.77 -18.60 28.67
CA SER B 245 -14.31 -19.95 28.55
C SER B 245 -15.82 -19.89 28.58
N VAL B 246 -16.44 -20.93 28.03
CA VAL B 246 -17.89 -21.06 28.00
C VAL B 246 -18.27 -22.27 28.86
N SER B 247 -19.14 -22.06 29.84
CA SER B 247 -19.50 -23.10 30.78
C SER B 247 -21.01 -23.15 30.95
N TYR B 248 -21.47 -24.19 31.64
CA TYR B 248 -22.87 -24.32 32.00
C TYR B 248 -23.19 -23.43 33.21
N ASP B 249 -24.47 -23.22 33.44
CA ASP B 249 -24.93 -22.39 34.55
C ASP B 249 -24.99 -23.24 35.81
N GLU B 250 -24.02 -23.04 36.71
CA GLU B 250 -23.96 -23.77 37.96
C GLU B 250 -24.16 -22.89 39.19
N TRP B 251 -24.22 -21.56 39.02
CA TRP B 251 -24.41 -20.64 40.13
C TRP B 251 -25.86 -20.25 40.32
N ASP B 252 -26.56 -19.87 39.24
CA ASP B 252 -27.96 -19.50 39.29
C ASP B 252 -28.89 -20.66 39.02
N TYR B 253 -28.36 -21.86 38.81
CA TYR B 253 -29.15 -23.07 38.56
C TYR B 253 -28.81 -24.06 39.67
N GLY B 254 -29.52 -23.96 40.79
CA GLY B 254 -29.24 -24.80 41.93
C GLY B 254 -29.79 -26.21 41.80
N LEU B 255 -29.31 -27.08 42.68
CA LEU B 255 -29.79 -28.46 42.68
C LEU B 255 -31.28 -28.57 42.91
N PRO B 256 -31.90 -27.84 43.85
CA PRO B 256 -33.36 -27.92 43.98
C PRO B 256 -34.09 -27.53 42.72
N ALA B 257 -33.57 -26.55 41.97
CA ALA B 257 -34.19 -26.17 40.71
C ALA B 257 -33.88 -27.18 39.61
N ARG B 258 -32.65 -27.72 39.60
CA ARG B 258 -32.29 -28.69 38.58
C ARG B 258 -33.13 -29.96 38.70
N VAL B 259 -33.35 -30.43 39.93
CA VAL B 259 -34.20 -31.61 40.12
C VAL B 259 -35.59 -31.34 39.59
N ARG B 260 -36.12 -30.14 39.87
CA ARG B 260 -37.35 -29.71 39.22
C ARG B 260 -37.08 -29.42 37.74
N ASP B 261 -38.15 -29.29 36.97
CA ASP B 261 -38.11 -29.12 35.52
C ASP B 261 -37.68 -30.38 34.81
N GLY B 262 -37.32 -31.44 35.54
CA GLY B 262 -37.00 -32.72 34.94
C GLY B 262 -38.12 -33.72 35.18
N ILE B 263 -38.70 -33.69 36.38
CA ILE B 263 -39.88 -34.50 36.66
C ILE B 263 -41.04 -34.04 35.80
N ALA B 264 -41.15 -32.72 35.58
CA ALA B 264 -42.19 -32.20 34.70
C ALA B 264 -42.03 -32.74 33.28
N ILE B 265 -40.79 -32.88 32.82
CA ILE B 265 -40.55 -33.42 31.48
C ILE B 265 -41.10 -34.84 31.39
N ILE B 266 -40.79 -35.67 32.37
CA ILE B 266 -41.26 -37.05 32.37
C ILE B 266 -42.78 -37.11 32.44
N THR B 267 -43.38 -36.27 33.30
CA THR B 267 -44.83 -36.27 33.43
C THR B 267 -45.50 -35.86 32.12
N THR B 268 -44.97 -34.82 31.49
CA THR B 268 -45.52 -34.40 30.20
C THR B 268 -45.35 -35.53 29.21
N ALA B 269 -44.11 -35.93 28.97
CA ALA B 269 -43.84 -37.00 28.02
C ALA B 269 -44.80 -38.17 28.25
N ALA B 270 -44.89 -38.62 29.49
CA ALA B 270 -45.80 -39.72 29.82
C ALA B 270 -47.19 -39.39 29.34
N SER B 271 -47.74 -38.28 29.79
CA SER B 271 -49.08 -37.88 29.39
C SER B 271 -49.22 -37.99 27.89
N ASP B 272 -48.34 -37.33 27.16
CA ASP B 272 -48.42 -37.35 25.69
C ASP B 272 -48.51 -38.78 25.18
N MET B 273 -47.70 -39.67 25.74
CA MET B 273 -47.74 -41.08 25.34
C MET B 273 -49.11 -41.67 25.60
N LEU B 274 -49.67 -41.41 26.78
CA LEU B 274 -50.99 -41.92 27.13
C LEU B 274 -52.08 -41.21 26.34
N SER B 275 -52.09 -39.88 26.37
CA SER B 275 -53.14 -39.11 25.72
C SER B 275 -53.18 -39.36 24.22
N GLU B 276 -52.03 -39.29 23.56
CA GLU B 276 -51.96 -39.47 22.11
C GLU B 276 -52.39 -40.87 21.71
N HIS B 277 -51.84 -41.88 22.37
CA HIS B 277 -52.13 -43.26 21.99
C HIS B 277 -53.16 -43.93 22.89
N SER B 278 -53.89 -43.12 23.67
CA SER B 278 -54.91 -43.67 24.57
C SER B 278 -54.32 -44.61 25.63
N PHE B 279 -52.99 -44.65 25.75
CA PHE B 279 -52.35 -45.51 26.75
C PHE B 279 -50.85 -45.28 26.90
N ILE B 280 -50.31 -45.65 28.05
CA ILE B 280 -48.87 -45.48 28.28
C ILE B 280 -48.33 -46.60 29.15
N PRO B 281 -48.14 -47.79 28.58
CA PRO B 281 -47.64 -48.95 29.33
C PRO B 281 -46.29 -48.66 29.99
N GLU B 282 -46.10 -49.22 31.18
CA GLU B 282 -44.82 -49.16 31.89
C GLU B 282 -44.47 -50.53 32.46
N PRO B 283 -44.21 -51.52 31.57
CA PRO B 283 -43.97 -52.85 32.13
C PRO B 283 -42.50 -53.20 32.34
N LYS B 284 -41.96 -52.86 33.51
CA LYS B 284 -40.58 -53.24 33.83
C LYS B 284 -40.65 -54.03 35.13
N SER B 285 -39.91 -55.12 35.25
CA SER B 285 -40.08 -55.92 36.45
C SER B 285 -38.97 -55.73 37.48
N SER B 286 -37.74 -56.17 37.21
CA SER B 286 -36.64 -55.65 38.02
C SER B 286 -35.43 -55.19 37.21
N CYS B 287 -34.70 -56.14 36.64
CA CYS B 287 -33.56 -55.84 35.77
C CYS B 287 -33.34 -56.91 34.71
N TYR B 288 -34.09 -58.00 34.79
CA TYR B 288 -33.67 -59.25 34.18
C TYR B 288 -34.71 -59.75 33.19
N ASN B 289 -34.51 -60.97 32.70
CA ASN B 289 -35.35 -61.59 31.67
C ASN B 289 -35.67 -60.57 30.58
N THR B 290 -34.61 -60.13 29.91
CA THR B 290 -34.74 -59.09 28.89
C THR B 290 -35.84 -59.44 27.89
N HIS B 291 -35.85 -60.69 27.44
CA HIS B 291 -36.95 -61.14 26.57
C HIS B 291 -38.28 -61.09 27.31
N GLU B 292 -38.29 -61.57 28.56
CA GLU B 292 -39.53 -61.54 29.34
C GLU B 292 -39.84 -60.13 29.84
N LYS B 293 -38.83 -59.42 30.32
CA LYS B 293 -39.06 -58.08 30.87
C LYS B 293 -39.35 -57.07 29.77
N ARG B 294 -38.40 -56.90 28.85
CA ARG B 294 -38.52 -55.94 27.75
C ARG B 294 -38.77 -56.73 26.47
N ILE B 295 -40.05 -57.02 26.19
CA ILE B 295 -40.46 -57.73 24.99
C ILE B 295 -41.09 -56.79 23.97
N TYR B 296 -41.90 -55.84 24.44
CA TYR B 296 -42.52 -54.86 23.56
C TYR B 296 -41.57 -53.68 23.31
N GLN B 297 -41.89 -52.89 22.30
CA GLN B 297 -41.09 -51.73 21.94
C GLN B 297 -41.47 -50.54 22.81
N SER B 298 -40.46 -49.88 23.38
CA SER B 298 -40.66 -48.69 24.19
C SER B 298 -40.28 -47.41 23.47
N ASN B 299 -40.02 -47.48 22.16
CA ASN B 299 -39.62 -46.31 21.39
C ASN B 299 -40.74 -45.28 21.28
N MET B 300 -42.00 -45.61 21.58
CA MET B 300 -43.08 -44.65 21.49
C MET B 300 -42.85 -43.45 22.40
N LEU B 301 -42.38 -43.69 23.62
CA LEU B 301 -42.11 -42.61 24.54
C LEU B 301 -40.92 -41.76 24.13
N ASN B 302 -40.04 -42.28 23.26
CA ASN B 302 -38.88 -41.52 22.83
C ASN B 302 -39.29 -40.27 22.07
N ARG B 303 -40.27 -40.39 21.17
CA ARG B 303 -40.69 -39.24 20.39
C ARG B 303 -41.31 -38.14 21.26
N TYR B 304 -41.83 -38.50 22.44
CA TYR B 304 -42.42 -37.51 23.33
C TYR B 304 -41.42 -36.98 24.35
N LEU B 305 -40.39 -37.75 24.69
CA LEU B 305 -39.41 -37.30 25.65
C LEU B 305 -38.50 -36.21 25.10
N ILE B 306 -38.45 -36.04 23.79
CA ILE B 306 -37.57 -35.05 23.17
C ILE B 306 -38.28 -33.75 22.84
N ASN B 307 -39.55 -33.62 23.20
CA ASN B 307 -40.33 -32.40 22.94
C ASN B 307 -41.20 -32.11 24.15
N VAL B 308 -40.71 -31.26 25.05
CA VAL B 308 -41.44 -30.86 26.25
C VAL B 308 -41.24 -29.36 26.42
N THR B 309 -42.27 -28.58 26.10
CA THR B 309 -42.20 -27.12 26.14
C THR B 309 -42.83 -26.55 27.40
N PHE B 310 -42.66 -27.23 28.54
CA PHE B 310 -43.29 -26.79 29.78
C PHE B 310 -42.79 -25.40 30.17
N GLU B 311 -41.50 -25.28 30.50
CA GLU B 311 -40.94 -23.99 30.86
C GLU B 311 -39.57 -23.69 30.26
N GLY B 312 -38.80 -24.69 29.85
CA GLY B 312 -37.44 -24.46 29.40
C GLY B 312 -37.28 -24.22 27.91
N ARG B 313 -37.96 -23.20 27.39
CA ARG B 313 -37.85 -22.80 25.99
C ARG B 313 -37.98 -24.01 25.08
N ASN B 314 -39.07 -24.75 25.26
CA ASN B 314 -39.41 -25.98 24.56
C ASN B 314 -38.61 -27.17 25.06
N LEU B 315 -37.62 -26.97 25.94
CA LEU B 315 -36.83 -28.04 26.54
C LEU B 315 -36.55 -29.16 25.54
N SER B 316 -36.13 -28.76 24.34
CA SER B 316 -35.89 -29.73 23.27
C SER B 316 -34.67 -30.58 23.61
N PHE B 317 -34.82 -31.89 23.47
CA PHE B 317 -33.74 -32.84 23.70
C PHE B 317 -33.32 -33.42 22.36
N SER B 318 -32.05 -33.24 22.00
CA SER B 318 -31.53 -33.80 20.77
C SER B 318 -31.49 -35.32 20.85
N GLU B 319 -31.59 -35.96 19.68
CA GLU B 319 -31.52 -37.42 19.64
C GLU B 319 -30.21 -37.94 20.22
N ASP B 320 -29.15 -37.14 20.13
CA ASP B 320 -27.87 -37.54 20.71
C ASP B 320 -27.94 -37.63 22.23
N GLY B 321 -28.68 -36.73 22.86
CA GLY B 321 -28.82 -36.74 24.31
C GLY B 321 -28.78 -35.37 24.94
N TYR B 322 -28.10 -34.42 24.30
CA TYR B 322 -28.00 -33.07 24.84
C TYR B 322 -29.27 -32.28 24.52
N GLN B 323 -29.40 -31.13 25.19
CA GLN B 323 -30.55 -30.26 25.02
C GLN B 323 -30.21 -29.13 24.07
N MET B 324 -31.19 -28.78 23.21
CA MET B 324 -30.96 -27.78 22.17
C MET B 324 -31.10 -26.35 22.67
N HIS B 325 -31.62 -26.13 23.87
CA HIS B 325 -31.80 -24.79 24.43
C HIS B 325 -31.25 -24.75 25.84
N PRO B 326 -29.92 -24.82 25.98
CA PRO B 326 -29.30 -24.77 27.30
C PRO B 326 -29.10 -23.31 27.74
N LYS B 327 -28.60 -23.15 28.96
CA LYS B 327 -28.30 -21.84 29.53
C LYS B 327 -26.81 -21.80 29.82
N LEU B 328 -26.05 -21.13 28.95
CA LEU B 328 -24.59 -21.07 29.07
C LEU B 328 -24.16 -19.70 29.59
N VAL B 329 -22.96 -19.68 30.16
CA VAL B 329 -22.36 -18.46 30.68
C VAL B 329 -20.91 -18.38 30.21
N ILE B 330 -20.37 -17.17 30.27
CA ILE B 330 -18.99 -16.89 29.88
C ILE B 330 -18.20 -16.54 31.13
N ILE B 331 -17.05 -17.20 31.30
CA ILE B 331 -16.21 -17.00 32.48
C ILE B 331 -14.85 -16.50 32.02
N LEU B 332 -14.32 -15.52 32.77
CA LEU B 332 -13.03 -14.92 32.47
C LEU B 332 -12.14 -14.99 33.70
N LEU B 333 -10.86 -15.27 33.49
CA LEU B 333 -9.89 -15.36 34.57
C LEU B 333 -9.43 -13.95 34.95
N ASN B 334 -9.75 -13.53 36.16
CA ASN B 334 -9.37 -12.20 36.64
C ASN B 334 -7.97 -12.26 37.27
N LYS B 335 -7.54 -11.14 37.87
CA LYS B 335 -6.24 -11.12 38.50
C LYS B 335 -6.17 -12.05 39.71
N GLU B 336 -7.28 -12.21 40.42
CA GLU B 336 -7.32 -13.08 41.59
C GLU B 336 -7.50 -14.54 41.24
N ARG B 337 -7.71 -14.87 39.96
CA ARG B 337 -7.87 -16.25 39.51
C ARG B 337 -9.06 -16.93 40.20
N LYS B 338 -10.24 -16.39 39.94
CA LYS B 338 -11.47 -16.90 40.54
C LYS B 338 -12.53 -17.30 39.51
N TRP B 339 -12.27 -17.13 38.22
CA TRP B 339 -13.21 -17.50 37.16
C TRP B 339 -14.53 -16.75 37.34
N GLU B 340 -14.45 -15.42 37.28
CA GLU B 340 -15.62 -14.58 37.45
C GLU B 340 -16.49 -14.60 36.20
N ARG B 341 -17.80 -14.61 36.41
CA ARG B 341 -18.73 -14.60 35.28
C ARG B 341 -18.72 -13.23 34.61
N VAL B 342 -19.00 -13.23 33.30
CA VAL B 342 -18.98 -12.01 32.52
C VAL B 342 -20.33 -11.77 31.86
N GLY B 343 -20.76 -12.71 31.01
CA GLY B 343 -22.00 -12.57 30.29
C GLY B 343 -22.82 -13.84 30.31
N LYS B 344 -23.98 -13.78 29.67
CA LYS B 344 -24.89 -14.91 29.56
C LYS B 344 -25.36 -15.06 28.13
N TRP B 345 -25.59 -16.30 27.72
CA TRP B 345 -26.03 -16.62 26.37
C TRP B 345 -27.26 -17.53 26.46
N LYS B 346 -28.31 -17.18 25.72
CA LYS B 346 -29.53 -17.96 25.71
C LYS B 346 -30.34 -17.62 24.47
N ASP B 347 -30.79 -18.65 23.75
CA ASP B 347 -31.60 -18.47 22.55
C ASP B 347 -30.92 -17.56 21.55
N LYS B 348 -29.63 -17.82 21.31
CA LYS B 348 -28.82 -17.04 20.37
C LYS B 348 -28.77 -15.57 20.75
N SER B 349 -28.80 -15.28 22.04
CA SER B 349 -28.75 -13.92 22.55
C SER B 349 -27.59 -13.78 23.52
N LEU B 350 -26.78 -12.75 23.33
CA LEU B 350 -25.61 -12.50 24.17
C LEU B 350 -25.82 -11.21 24.96
N GLN B 351 -25.68 -11.31 26.28
CA GLN B 351 -25.85 -10.17 27.19
C GLN B 351 -24.55 -10.03 27.99
N MET B 352 -23.59 -9.28 27.44
CA MET B 352 -22.31 -9.09 28.08
C MET B 352 -22.35 -7.87 28.99
N LYS B 353 -21.47 -7.88 30.00
CA LYS B 353 -21.37 -6.77 30.95
C LYS B 353 -20.32 -5.75 30.54
N TYR B 354 -19.36 -6.12 29.71
CA TYR B 354 -18.32 -5.21 29.25
C TYR B 354 -18.64 -4.78 27.81
N TYR B 355 -18.71 -3.47 27.59
CA TYR B 355 -18.96 -2.93 26.26
C TYR B 355 -17.68 -2.59 25.51
N VAL B 356 -16.52 -2.68 26.15
CA VAL B 356 -15.25 -2.37 25.50
C VAL B 356 -14.24 -3.47 25.79
N TRP B 357 -14.59 -4.39 26.69
CA TRP B 357 -13.70 -5.48 27.07
C TRP B 357 -12.40 -4.90 27.63
N PRO B 358 -12.42 -4.31 28.82
CA PRO B 358 -11.21 -3.72 29.37
C PRO B 358 -10.09 -4.77 29.51
N ARG B 359 -8.87 -4.33 29.26
CA ARG B 359 -7.70 -5.21 29.34
C ARG B 359 -6.95 -5.00 30.65
N ASP B 369 -0.31 0.47 28.06
CA ASP B 369 0.55 0.11 26.94
C ASP B 369 0.23 0.96 25.71
N ASP B 370 0.18 0.31 24.55
CA ASP B 370 -0.12 1.00 23.30
C ASP B 370 -1.62 0.99 23.00
N HIS B 371 -2.40 1.44 23.98
CA HIS B 371 -3.85 1.54 23.82
C HIS B 371 -4.32 2.82 24.48
N LEU B 372 -5.14 3.59 23.76
CA LEU B 372 -5.63 4.86 24.27
C LEU B 372 -6.97 5.17 23.64
N SER B 373 -7.72 6.04 24.29
CA SER B 373 -9.05 6.44 23.85
C SER B 373 -8.97 7.72 23.03
N ILE B 374 -9.87 7.84 22.05
CA ILE B 374 -9.92 8.97 21.15
C ILE B 374 -11.35 9.50 21.09
N VAL B 375 -11.51 10.82 21.09
CA VAL B 375 -12.81 11.47 21.08
C VAL B 375 -13.02 12.10 19.72
N THR B 376 -14.22 11.94 19.17
CA THR B 376 -14.59 12.53 17.89
C THR B 376 -15.99 13.13 18.00
N LEU B 377 -16.41 13.79 16.92
CA LEU B 377 -17.72 14.42 16.87
C LEU B 377 -18.15 14.53 15.42
N GLU B 378 -19.42 14.21 15.16
CA GLU B 378 -19.94 14.30 13.80
C GLU B 378 -19.84 15.73 13.28
N GLU B 379 -19.35 15.88 12.06
CA GLU B 379 -19.10 17.19 11.49
C GLU B 379 -19.03 17.05 9.97
N ALA B 380 -18.46 18.06 9.31
CA ALA B 380 -18.25 18.09 7.88
C ALA B 380 -17.41 16.88 7.46
N PRO B 381 -17.18 16.66 6.16
CA PRO B 381 -16.58 15.40 5.71
C PRO B 381 -15.33 14.99 6.48
N PHE B 382 -14.78 15.88 7.30
CA PHE B 382 -13.66 15.50 8.16
C PHE B 382 -14.00 14.26 8.98
N VAL B 383 -15.23 14.19 9.48
CA VAL B 383 -15.69 13.01 10.23
C VAL B 383 -17.19 12.84 10.00
N ILE B 384 -17.57 11.68 9.48
CA ILE B 384 -18.97 11.37 9.17
C ILE B 384 -19.39 10.14 9.95
N VAL B 385 -20.51 10.24 10.66
CA VAL B 385 -21.04 9.14 11.45
C VAL B 385 -22.37 8.63 10.92
N GLU B 386 -22.82 9.13 9.77
CA GLU B 386 -24.12 8.74 9.23
C GLU B 386 -24.05 7.34 8.62
N SER B 387 -23.78 6.34 9.45
CA SER B 387 -23.77 4.95 9.01
C SER B 387 -23.95 4.07 10.23
N VAL B 388 -25.09 3.39 10.32
CA VAL B 388 -25.40 2.58 11.49
C VAL B 388 -24.95 1.14 11.26
N ASP B 389 -25.56 0.46 10.29
CA ASP B 389 -25.20 -0.92 10.01
C ASP B 389 -25.79 -1.38 8.69
N PRO B 390 -24.98 -1.98 7.81
CA PRO B 390 -25.51 -2.53 6.56
C PRO B 390 -26.20 -3.87 6.78
N LEU B 391 -26.61 -4.53 5.69
CA LEU B 391 -27.27 -5.82 5.80
C LEU B 391 -26.42 -6.83 6.56
N SER B 392 -25.10 -6.72 6.45
CA SER B 392 -24.21 -7.64 7.15
C SER B 392 -24.27 -7.47 8.66
N GLY B 393 -24.74 -6.32 9.14
CA GLY B 393 -24.83 -6.07 10.56
C GLY B 393 -23.55 -5.55 11.20
N THR B 394 -22.49 -5.35 10.44
CA THR B 394 -21.23 -4.86 10.96
C THR B 394 -20.76 -3.67 10.11
N CYS B 395 -19.73 -3.00 10.59
CA CYS B 395 -19.25 -1.80 9.92
C CYS B 395 -18.71 -2.14 8.53
N MET B 396 -18.62 -1.11 7.69
CA MET B 396 -18.18 -1.28 6.30
C MET B 396 -16.66 -1.40 6.26
N ARG B 397 -16.10 -1.35 5.05
CA ARG B 397 -14.66 -1.53 4.89
C ARG B 397 -13.89 -0.31 5.34
N ASN B 398 -14.37 0.89 5.00
CA ASN B 398 -13.66 2.13 5.26
C ASN B 398 -14.17 2.85 6.51
N THR B 399 -15.02 2.20 7.29
CA THR B 399 -15.56 2.78 8.52
C THR B 399 -14.93 2.12 9.74
N VAL B 400 -15.04 2.79 10.87
CA VAL B 400 -14.50 2.28 12.13
C VAL B 400 -15.60 2.33 13.20
N PRO B 401 -15.56 1.44 14.18
CA PRO B 401 -16.58 1.48 15.24
C PRO B 401 -16.51 2.77 16.04
N CYS B 402 -17.69 3.24 16.47
CA CYS B 402 -17.79 4.42 17.31
C CYS B 402 -18.90 4.17 18.33
N GLN B 403 -18.56 4.18 19.62
CA GLN B 403 -19.52 3.91 20.67
C GLN B 403 -20.10 5.24 21.14
N LYS B 404 -21.33 5.53 20.72
CA LYS B 404 -22.01 6.77 21.11
C LYS B 404 -22.53 6.61 22.52
N ARG B 405 -21.79 7.17 23.48
CA ARG B 405 -22.17 7.04 24.89
C ARG B 405 -23.50 7.73 25.15
N ILE B 406 -24.25 7.18 26.11
CA ILE B 406 -25.54 7.73 26.48
C ILE B 406 -26.52 7.62 25.33
N GLY B 417 -27.03 4.94 26.90
CA GLY B 417 -26.78 3.91 25.91
C GLY B 417 -25.38 3.96 25.33
N TYR B 418 -24.95 2.86 24.72
CA TYR B 418 -23.64 2.74 24.11
C TYR B 418 -23.75 2.10 22.73
N ILE B 419 -24.69 2.60 21.92
CA ILE B 419 -24.88 2.05 20.59
C ILE B 419 -23.63 2.29 19.74
N LYS B 420 -23.28 1.28 18.96
CA LYS B 420 -22.08 1.34 18.10
C LYS B 420 -22.50 1.66 16.68
N LYS B 421 -21.87 2.68 16.10
CA LYS B 421 -22.10 3.11 14.73
C LYS B 421 -20.78 3.07 13.97
N CYS B 422 -20.84 3.47 12.69
CA CYS B 422 -19.67 3.48 11.82
C CYS B 422 -19.25 4.91 11.52
N CYS B 423 -17.94 5.16 11.61
CA CYS B 423 -17.38 6.48 11.36
C CYS B 423 -16.46 6.44 10.15
N LYS B 424 -16.47 7.52 9.38
CA LYS B 424 -15.60 7.65 8.21
C LYS B 424 -15.43 9.13 7.89
N GLY B 425 -14.40 9.44 7.14
CA GLY B 425 -14.15 10.79 6.71
C GLY B 425 -12.66 11.08 6.64
N PHE B 426 -12.35 12.37 6.43
CA PHE B 426 -10.96 12.79 6.32
C PHE B 426 -10.19 12.50 7.60
N CYS B 427 -10.73 12.92 8.74
CA CYS B 427 -10.07 12.70 10.01
C CYS B 427 -9.93 11.22 10.32
N ILE B 428 -10.94 10.42 9.96
CA ILE B 428 -10.88 8.98 10.21
C ILE B 428 -9.75 8.35 9.41
N ASP B 429 -9.61 8.72 8.14
CA ASP B 429 -8.52 8.18 7.33
C ASP B 429 -7.16 8.62 7.87
N ILE B 430 -7.06 9.89 8.30
CA ILE B 430 -5.81 10.36 8.88
C ILE B 430 -5.46 9.55 10.12
N LEU B 431 -6.46 9.30 10.98
CA LEU B 431 -6.22 8.52 12.19
C LEU B 431 -5.81 7.10 11.86
N LYS B 432 -6.44 6.49 10.85
CA LYS B 432 -6.08 5.14 10.45
C LYS B 432 -4.63 5.09 10.00
N LYS B 433 -4.23 6.02 9.14
CA LYS B 433 -2.84 6.04 8.66
C LYS B 433 -1.87 6.27 9.81
N ILE B 434 -2.20 7.19 10.72
CA ILE B 434 -1.31 7.47 11.83
C ILE B 434 -1.16 6.25 12.74
N SER B 435 -2.26 5.57 13.02
CA SER B 435 -2.19 4.38 13.86
C SER B 435 -1.38 3.28 13.19
N LYS B 436 -1.57 3.10 11.88
CA LYS B 436 -0.78 2.09 11.17
C LYS B 436 0.71 2.42 11.21
N SER B 437 1.06 3.70 11.02
CA SER B 437 2.47 4.08 10.97
C SER B 437 3.11 3.98 12.35
N VAL B 438 2.45 4.51 13.38
CA VAL B 438 3.02 4.51 14.72
C VAL B 438 2.73 3.24 15.51
N LYS B 439 1.83 2.39 15.01
CA LYS B 439 1.54 1.10 15.64
C LYS B 439 1.04 1.27 17.08
N PHE B 440 -0.12 1.92 17.20
CA PHE B 440 -0.82 2.06 18.46
C PHE B 440 -2.29 1.72 18.27
N THR B 441 -2.88 1.15 19.31
CA THR B 441 -4.29 0.76 19.29
C THR B 441 -5.14 1.84 19.94
N TYR B 442 -6.38 1.98 19.44
CA TYR B 442 -7.27 3.02 19.90
C TYR B 442 -8.70 2.51 19.91
N ASP B 443 -9.53 3.15 20.73
CA ASP B 443 -10.97 2.92 20.76
C ASP B 443 -11.66 4.26 20.56
N LEU B 444 -12.60 4.31 19.61
CA LEU B 444 -13.23 5.55 19.19
C LEU B 444 -14.61 5.67 19.80
N TYR B 445 -14.90 6.85 20.36
CA TYR B 445 -16.22 7.15 20.90
C TYR B 445 -16.51 8.63 20.70
N LEU B 446 -17.79 8.96 20.60
CA LEU B 446 -18.22 10.33 20.35
C LEU B 446 -18.38 11.08 21.67
N VAL B 447 -18.42 12.41 21.55
CA VAL B 447 -18.57 13.29 22.71
C VAL B 447 -20.04 13.52 22.98
N THR B 448 -20.39 13.59 24.27
CA THR B 448 -21.79 13.76 24.67
C THR B 448 -22.14 15.23 24.87
N ASN B 449 -21.41 15.92 25.75
CA ASN B 449 -21.69 17.32 26.08
C ASN B 449 -20.67 18.22 25.40
N GLY B 450 -21.16 19.24 24.70
CA GLY B 450 -20.31 20.17 24.00
C GLY B 450 -19.92 19.68 22.61
N LYS B 451 -19.60 20.64 21.75
CA LYS B 451 -19.20 20.34 20.37
C LYS B 451 -17.68 20.24 20.23
N HIS B 452 -16.96 21.32 20.52
CA HIS B 452 -15.51 21.33 20.39
C HIS B 452 -14.82 21.65 21.72
N GLY B 453 -15.28 22.69 22.43
CA GLY B 453 -14.68 23.04 23.70
C GLY B 453 -14.65 24.54 23.95
N LYS B 454 -15.05 24.94 25.15
CA LYS B 454 -15.04 26.35 25.54
C LYS B 454 -14.88 26.44 27.05
N LYS B 455 -14.11 27.43 27.49
CA LYS B 455 -13.85 27.63 28.92
C LYS B 455 -15.01 28.41 29.52
N ILE B 456 -15.94 27.69 30.13
CA ILE B 456 -17.11 28.28 30.78
C ILE B 456 -16.90 28.23 32.29
N ASN B 457 -16.99 29.39 32.94
CA ASN B 457 -16.79 29.51 34.38
C ASN B 457 -15.57 28.73 34.85
N GLY B 458 -14.50 28.74 34.05
CA GLY B 458 -13.27 28.08 34.42
C GLY B 458 -13.21 26.60 34.13
N THR B 459 -14.26 26.01 33.58
CA THR B 459 -14.31 24.58 33.28
C THR B 459 -14.46 24.38 31.78
N TRP B 460 -13.66 23.50 31.22
CA TRP B 460 -13.73 23.18 29.80
C TRP B 460 -14.81 22.14 29.55
N ASN B 461 -15.04 21.85 28.27
CA ASN B 461 -16.03 20.85 27.87
C ASN B 461 -15.70 20.39 26.46
N GLY B 462 -16.49 19.45 25.96
CA GLY B 462 -16.26 18.92 24.63
C GLY B 462 -14.98 18.10 24.56
N MET B 463 -14.36 18.08 23.38
CA MET B 463 -13.15 17.31 23.18
C MET B 463 -12.03 17.81 24.10
N ILE B 464 -11.85 19.13 24.17
CA ILE B 464 -10.80 19.69 25.01
C ILE B 464 -11.07 19.38 26.48
N GLY B 465 -12.33 19.50 26.90
CA GLY B 465 -12.67 19.17 28.27
C GLY B 465 -12.38 17.73 28.62
N GLU B 466 -12.74 16.81 27.72
CA GLU B 466 -12.47 15.40 27.96
C GLU B 466 -10.98 15.11 28.00
N VAL B 467 -10.21 15.74 27.11
CA VAL B 467 -8.76 15.54 27.11
C VAL B 467 -8.15 16.06 28.39
N VAL B 468 -8.59 17.23 28.85
CA VAL B 468 -8.04 17.81 30.08
C VAL B 468 -8.36 16.93 31.27
N MET B 469 -9.59 16.41 31.33
CA MET B 469 -10.00 15.56 32.44
C MET B 469 -9.28 14.22 32.46
N LYS B 470 -8.38 13.96 31.52
CA LYS B 470 -7.60 12.73 31.43
C LYS B 470 -8.47 11.52 31.07
N ARG B 471 -9.71 11.74 30.67
CA ARG B 471 -10.56 10.63 30.24
C ARG B 471 -10.29 10.21 28.81
N ALA B 472 -9.47 10.96 28.07
CA ALA B 472 -9.08 10.60 26.73
C ALA B 472 -7.64 11.07 26.50
N TYR B 473 -6.95 10.38 25.60
CA TYR B 473 -5.56 10.69 25.30
C TYR B 473 -5.38 11.54 24.05
N MET B 474 -6.31 11.47 23.11
CA MET B 474 -6.24 12.24 21.88
C MET B 474 -7.63 12.68 21.46
N ALA B 475 -7.68 13.77 20.69
CA ALA B 475 -8.93 14.32 20.19
C ALA B 475 -8.76 14.54 18.69
N VAL B 476 -9.37 13.68 17.88
CA VAL B 476 -9.27 13.75 16.43
C VAL B 476 -10.57 14.32 15.87
N GLY B 477 -10.43 15.34 15.04
CA GLY B 477 -11.60 15.97 14.44
C GLY B 477 -11.23 17.34 13.88
N SER B 478 -12.26 18.13 13.60
CA SER B 478 -12.07 19.49 13.09
C SER B 478 -11.89 20.45 14.26
N LEU B 479 -10.69 20.38 14.85
CA LEU B 479 -10.34 21.19 16.01
C LEU B 479 -9.39 22.30 15.57
N THR B 480 -9.73 23.55 15.91
CA THR B 480 -8.92 24.69 15.55
C THR B 480 -7.82 24.91 16.57
N ILE B 481 -6.66 25.34 16.10
CA ILE B 481 -5.50 25.60 16.93
C ILE B 481 -5.47 27.09 17.26
N ASN B 482 -5.34 27.42 18.54
CA ASN B 482 -5.27 28.80 18.97
C ASN B 482 -4.49 28.88 20.27
N GLU B 483 -4.03 30.08 20.60
CA GLU B 483 -3.24 30.28 21.82
C GLU B 483 -4.08 29.99 23.06
N GLU B 484 -5.39 30.17 22.98
CA GLU B 484 -6.24 29.94 24.15
C GLU B 484 -6.19 28.48 24.59
N ARG B 485 -6.26 27.55 23.63
CA ARG B 485 -6.26 26.14 23.95
C ARG B 485 -4.87 25.52 23.96
N SER B 486 -3.84 26.27 23.57
CA SER B 486 -2.48 25.76 23.57
C SER B 486 -1.84 25.76 24.95
N GLU B 487 -2.44 26.45 25.92
CA GLU B 487 -1.90 26.51 27.26
C GLU B 487 -2.43 25.40 28.17
N VAL B 488 -3.40 24.62 27.71
CA VAL B 488 -3.97 23.53 28.49
C VAL B 488 -3.62 22.17 27.90
N VAL B 489 -3.57 22.07 26.57
CA VAL B 489 -3.23 20.83 25.88
C VAL B 489 -2.13 21.11 24.88
N ASP B 490 -1.64 20.04 24.25
CA ASP B 490 -0.59 20.12 23.25
C ASP B 490 -1.15 19.71 21.89
N PHE B 491 -0.86 20.52 20.87
CA PHE B 491 -1.31 20.25 19.51
C PHE B 491 -0.17 19.66 18.68
N SER B 492 -0.51 19.23 17.47
CA SER B 492 0.45 18.69 16.52
C SER B 492 0.46 19.57 15.27
N VAL B 493 1.26 19.16 14.29
CA VAL B 493 1.32 19.93 13.05
C VAL B 493 -0.03 19.87 12.35
N PRO B 494 -0.61 21.01 11.97
CA PRO B 494 -1.92 20.97 11.32
C PRO B 494 -1.86 20.21 10.00
N PHE B 495 -2.94 19.46 9.73
CA PHE B 495 -3.07 18.74 8.48
C PHE B 495 -3.97 19.44 7.46
N ILE B 496 -4.53 20.59 7.83
CA ILE B 496 -5.35 21.38 6.92
C ILE B 496 -5.40 22.82 7.40
N GLU B 497 -5.20 23.76 6.48
CA GLU B 497 -5.18 25.18 6.82
C GLU B 497 -6.57 25.77 6.76
N THR B 498 -6.79 26.82 7.54
CA THR B 498 -8.08 27.50 7.62
C THR B 498 -7.84 28.91 8.13
N GLY B 499 -8.94 29.64 8.32
CA GLY B 499 -8.86 31.00 8.81
C GLY B 499 -10.16 31.76 8.61
N ILE B 500 -10.06 33.02 8.18
CA ILE B 500 -11.22 33.84 7.87
C ILE B 500 -11.25 34.06 6.36
N SER B 501 -12.31 33.58 5.73
CA SER B 501 -12.46 33.63 4.28
C SER B 501 -13.76 34.33 3.91
N VAL B 502 -13.75 34.88 2.70
CA VAL B 502 -14.88 35.65 2.17
C VAL B 502 -15.43 34.92 0.96
N MET B 503 -16.73 34.63 1.00
CA MET B 503 -17.44 34.00 -0.10
C MET B 503 -18.26 35.06 -0.84
N VAL B 504 -18.14 35.09 -2.16
CA VAL B 504 -18.79 36.08 -3.00
C VAL B 504 -19.51 35.36 -4.14
N SER B 505 -20.24 36.13 -4.94
CA SER B 505 -20.98 35.62 -6.08
C SER B 505 -20.29 36.02 -7.37
N ARG B 506 -20.05 35.05 -8.25
CA ARG B 506 -19.37 35.32 -9.50
C ARG B 506 -20.22 36.17 -10.43
N SER B 507 -19.56 37.03 -11.19
CA SER B 507 -20.22 37.92 -12.13
C SER B 507 -20.13 37.33 -13.54
N ASN B 508 -20.60 38.09 -14.53
CA ASN B 508 -20.61 37.66 -15.92
C ASN B 508 -19.64 38.46 -16.78
N GLY B 509 -19.76 39.78 -16.79
CA GLY B 509 -18.89 40.62 -17.59
C GLY B 509 -19.42 40.89 -18.98
N THR B 510 -19.50 42.17 -19.35
CA THR B 510 -20.01 42.58 -20.65
C THR B 510 -18.84 42.99 -21.55
N VAL B 511 -19.15 43.49 -22.74
CA VAL B 511 -18.15 43.93 -23.70
C VAL B 511 -17.81 45.39 -23.44
N SER B 512 -16.55 45.75 -23.72
CA SER B 512 -16.11 47.12 -23.48
C SER B 512 -16.79 48.08 -24.46
N PRO B 513 -17.06 49.31 -24.02
CA PRO B 513 -17.69 50.29 -24.94
C PRO B 513 -16.85 50.58 -26.17
N SER B 514 -15.53 50.49 -26.06
CA SER B 514 -14.63 50.78 -27.18
C SER B 514 -14.32 49.56 -28.02
N ALA B 515 -14.97 48.42 -27.76
CA ALA B 515 -14.67 47.20 -28.49
C ALA B 515 -14.89 47.36 -29.99
N PHE B 516 -15.72 48.32 -30.40
CA PHE B 516 -15.96 48.53 -31.82
C PHE B 516 -14.72 49.03 -32.55
N LEU B 517 -13.70 49.49 -31.84
CA LEU B 517 -12.44 49.90 -32.44
C LEU B 517 -11.33 48.89 -32.21
N GLU B 518 -11.60 47.81 -31.48
CA GLU B 518 -10.56 46.81 -31.21
C GLU B 518 -10.00 46.16 -32.47
N PRO B 519 -10.80 45.79 -33.47
CA PRO B 519 -10.25 45.00 -34.59
C PRO B 519 -9.06 45.63 -35.28
N PHE B 520 -9.05 46.95 -35.44
CA PHE B 520 -7.98 47.65 -36.15
C PHE B 520 -7.25 48.60 -35.21
N SER B 521 -5.93 48.63 -35.33
CA SER B 521 -5.13 49.57 -34.55
C SER B 521 -5.21 50.96 -35.16
N ALA B 522 -4.88 51.97 -34.36
CA ALA B 522 -4.99 53.35 -34.82
C ALA B 522 -4.12 53.61 -36.03
N ASP B 523 -2.93 53.01 -36.08
CA ASP B 523 -2.06 53.16 -37.24
C ASP B 523 -2.76 52.66 -38.50
N VAL B 524 -3.53 51.58 -38.41
CA VAL B 524 -4.25 51.07 -39.57
C VAL B 524 -5.26 52.11 -40.05
N TRP B 525 -6.00 52.72 -39.12
CA TRP B 525 -6.99 53.72 -39.50
C TRP B 525 -6.33 54.92 -40.17
N VAL B 526 -5.23 55.41 -39.60
CA VAL B 526 -4.56 56.56 -40.17
C VAL B 526 -4.00 56.23 -41.55
N MET B 527 -3.42 55.05 -41.70
CA MET B 527 -2.90 54.64 -43.01
C MET B 527 -4.03 54.54 -44.03
N MET B 528 -5.19 54.01 -43.62
CA MET B 528 -6.32 53.93 -44.53
C MET B 528 -6.78 55.32 -44.95
N PHE B 529 -6.84 56.25 -44.00
CA PHE B 529 -7.26 57.61 -44.34
C PHE B 529 -6.28 58.27 -45.31
N VAL B 530 -4.98 58.12 -45.06
CA VAL B 530 -3.99 58.72 -45.96
C VAL B 530 -4.06 58.08 -47.34
N MET B 531 -4.25 56.75 -47.40
CA MET B 531 -4.38 56.09 -48.68
C MET B 531 -5.61 56.57 -49.43
N LEU B 532 -6.73 56.75 -48.72
CA LEU B 532 -7.93 57.27 -49.37
C LEU B 532 -7.70 58.66 -49.93
N LEU B 533 -7.04 59.53 -49.16
CA LEU B 533 -6.76 60.87 -49.64
C LEU B 533 -5.86 60.84 -50.87
N ILE B 534 -4.83 60.00 -50.84
CA ILE B 534 -3.91 59.90 -51.98
C ILE B 534 -4.65 59.39 -53.21
N VAL B 535 -5.51 58.38 -53.03
CA VAL B 535 -6.25 57.83 -54.16
C VAL B 535 -7.20 58.88 -54.74
N SER B 536 -7.87 59.65 -53.87
CA SER B 536 -8.76 60.69 -54.35
C SER B 536 -7.99 61.75 -55.14
N ALA B 537 -6.83 62.16 -54.63
CA ALA B 537 -6.02 63.15 -55.35
C ALA B 537 -5.56 62.61 -56.70
N VAL B 538 -5.13 61.35 -56.73
CA VAL B 538 -4.68 60.76 -57.99
C VAL B 538 -5.82 60.68 -58.99
N ALA B 539 -7.01 60.29 -58.53
CA ALA B 539 -8.17 60.22 -59.42
C ALA B 539 -8.53 61.60 -59.94
N VAL B 540 -8.48 62.63 -59.09
CA VAL B 540 -8.78 63.98 -59.53
C VAL B 540 -7.79 64.42 -60.59
N PHE B 541 -6.50 64.15 -60.37
CA PHE B 541 -5.49 64.52 -61.36
C PHE B 541 -5.71 63.77 -62.68
N VAL B 542 -6.03 62.48 -62.60
CA VAL B 542 -6.20 61.68 -63.81
C VAL B 542 -7.45 62.11 -64.58
N PHE B 543 -8.47 62.59 -63.88
CA PHE B 543 -9.71 62.99 -64.55
C PHE B 543 -9.48 64.12 -65.55
N GLU B 544 -8.38 64.86 -65.42
CA GLU B 544 -8.10 65.94 -66.36
C GLU B 544 -7.93 65.40 -67.78
N TYR B 545 -7.23 64.28 -67.94
CA TYR B 545 -7.01 63.69 -69.25
C TYR B 545 -8.04 62.61 -69.54
N GLY B 563 -21.91 69.43 -67.85
CA GLY B 563 -22.86 69.63 -66.77
C GLY B 563 -22.31 69.27 -65.41
N PRO B 564 -22.17 67.96 -65.15
CA PRO B 564 -21.62 67.49 -63.86
C PRO B 564 -20.11 67.65 -63.77
N SER B 565 -19.68 68.86 -63.45
CA SER B 565 -18.25 69.14 -63.33
C SER B 565 -17.64 68.31 -62.20
N PHE B 566 -16.51 67.70 -62.48
CA PHE B 566 -15.81 66.89 -61.48
C PHE B 566 -15.10 67.78 -60.47
N THR B 567 -15.12 67.36 -59.21
CA THR B 567 -14.48 68.10 -58.14
C THR B 567 -13.81 67.13 -57.18
N ILE B 568 -12.77 67.60 -56.50
CA ILE B 568 -12.07 66.77 -55.53
C ILE B 568 -13.00 66.39 -54.39
N GLY B 569 -13.81 67.33 -53.92
CA GLY B 569 -14.75 67.02 -52.85
C GLY B 569 -15.73 65.93 -53.24
N LYS B 570 -16.24 65.98 -54.48
CA LYS B 570 -17.16 64.95 -54.94
C LYS B 570 -16.49 63.58 -54.94
N ALA B 571 -15.25 63.50 -55.41
CA ALA B 571 -14.53 62.22 -55.41
C ALA B 571 -14.30 61.72 -53.99
N ILE B 572 -13.94 62.62 -53.08
CA ILE B 572 -13.72 62.21 -51.69
C ILE B 572 -15.02 61.69 -51.09
N TRP B 573 -16.13 62.39 -51.32
CA TRP B 573 -17.41 61.92 -50.81
C TRP B 573 -17.78 60.57 -51.39
N LEU B 574 -17.55 60.37 -52.70
CA LEU B 574 -17.86 59.09 -53.33
C LEU B 574 -17.03 57.97 -52.70
N LEU B 575 -15.73 58.21 -52.51
CA LEU B 575 -14.88 57.18 -51.92
C LEU B 575 -15.31 56.87 -50.50
N TRP B 576 -15.60 57.90 -49.71
CA TRP B 576 -16.02 57.66 -48.33
C TRP B 576 -17.32 56.87 -48.27
N GLY B 577 -18.29 57.22 -49.13
CA GLY B 577 -19.54 56.49 -49.15
C GLY B 577 -19.36 55.05 -49.58
N LEU B 578 -18.55 54.82 -50.62
CA LEU B 578 -18.33 53.47 -51.14
C LEU B 578 -17.45 52.63 -50.22
N VAL B 579 -16.74 53.26 -49.28
CA VAL B 579 -15.86 52.49 -48.39
C VAL B 579 -16.68 51.57 -47.51
N PHE B 580 -17.54 52.13 -46.66
CA PHE B 580 -18.29 51.32 -45.72
C PHE B 580 -19.24 50.36 -46.43
N ASN B 581 -20.28 50.90 -47.06
CA ASN B 581 -21.21 50.05 -47.81
C ASN B 581 -21.74 50.72 -49.07
N ASN B 582 -21.06 51.74 -49.59
CA ASN B 582 -21.52 52.54 -50.73
C ASN B 582 -23.04 52.73 -50.69
N SER B 583 -23.54 53.05 -49.49
CA SER B 583 -24.97 53.27 -49.31
C SER B 583 -25.40 54.62 -49.86
N VAL B 584 -24.62 55.66 -49.61
CA VAL B 584 -24.97 57.03 -50.00
C VAL B 584 -24.96 57.14 -51.52
N PRO B 585 -25.80 58.00 -52.11
CA PRO B 585 -25.77 58.16 -53.56
C PRO B 585 -24.55 58.95 -54.01
N VAL B 586 -23.93 58.48 -55.08
CA VAL B 586 -22.74 59.10 -55.63
C VAL B 586 -22.85 59.15 -57.15
N GLN B 587 -22.02 60.00 -57.77
CA GLN B 587 -21.95 60.13 -59.21
C GLN B 587 -20.59 59.62 -59.68
N ASN B 588 -20.60 58.59 -60.52
CA ASN B 588 -19.35 57.98 -60.97
C ASN B 588 -18.63 58.90 -61.95
N PRO B 589 -17.30 58.85 -61.95
CA PRO B 589 -16.53 59.67 -62.90
C PRO B 589 -16.72 59.18 -64.33
N LYS B 590 -16.50 60.11 -65.27
CA LYS B 590 -16.62 59.80 -66.69
C LYS B 590 -15.30 59.34 -67.31
N GLY B 591 -14.20 59.35 -66.56
CA GLY B 591 -12.92 58.94 -67.09
C GLY B 591 -12.80 57.44 -67.23
N THR B 592 -11.78 57.03 -67.98
CA THR B 592 -11.53 55.60 -68.19
C THR B 592 -10.73 55.01 -67.03
N THR B 593 -9.52 55.52 -66.79
CA THR B 593 -8.72 55.02 -65.67
C THR B 593 -9.39 55.28 -64.34
N SER B 594 -10.27 56.28 -64.25
CA SER B 594 -11.02 56.52 -63.02
C SER B 594 -11.88 55.32 -62.67
N LYS B 595 -12.46 54.67 -63.67
CA LYS B 595 -13.27 53.48 -63.41
C LYS B 595 -12.42 52.35 -62.82
N ILE B 596 -11.22 52.14 -63.36
CA ILE B 596 -10.34 51.10 -62.82
C ILE B 596 -9.93 51.45 -61.40
N MET B 597 -9.61 52.72 -61.14
CA MET B 597 -9.25 53.12 -59.79
C MET B 597 -10.41 52.90 -58.82
N VAL B 598 -11.63 53.23 -59.24
CA VAL B 598 -12.80 53.02 -58.39
C VAL B 598 -13.02 51.55 -58.13
N SER B 599 -12.81 50.71 -59.15
CA SER B 599 -12.98 49.26 -58.96
C SER B 599 -11.96 48.72 -57.97
N VAL B 600 -10.70 49.16 -58.08
CA VAL B 600 -9.68 48.69 -57.14
C VAL B 600 -10.01 49.17 -55.73
N TRP B 601 -10.47 50.41 -55.60
CA TRP B 601 -10.86 50.91 -54.28
C TRP B 601 -12.03 50.13 -53.71
N ALA B 602 -12.98 49.75 -54.56
CA ALA B 602 -14.11 48.96 -54.10
C ALA B 602 -13.66 47.57 -53.63
N PHE B 603 -12.74 46.95 -54.36
CA PHE B 603 -12.20 45.68 -53.90
C PHE B 603 -11.51 45.82 -52.56
N PHE B 604 -10.70 46.86 -52.39
CA PHE B 604 -10.04 47.09 -51.10
C PHE B 604 -11.07 47.31 -50.00
N ALA B 605 -12.13 48.06 -50.30
CA ALA B 605 -13.16 48.34 -49.30
C ALA B 605 -13.90 47.07 -48.89
N VAL B 606 -14.20 46.20 -49.85
CA VAL B 606 -14.89 44.94 -49.52
C VAL B 606 -13.98 44.07 -48.66
N ILE B 607 -12.69 43.99 -49.01
CA ILE B 607 -11.77 43.21 -48.20
C ILE B 607 -11.68 43.78 -46.78
N PHE B 608 -11.59 45.10 -46.66
CA PHE B 608 -11.50 45.74 -45.36
C PHE B 608 -12.75 45.49 -44.53
N LEU B 609 -13.93 45.59 -45.15
CA LEU B 609 -15.17 45.35 -44.42
C LEU B 609 -15.27 43.91 -43.95
N ALA B 610 -14.89 42.95 -44.81
CA ALA B 610 -14.92 41.55 -44.40
C ALA B 610 -13.98 41.30 -43.24
N SER B 611 -12.76 41.85 -43.31
CA SER B 611 -11.80 41.66 -42.23
C SER B 611 -12.32 42.29 -40.93
N TYR B 612 -12.90 43.48 -41.02
CA TYR B 612 -13.41 44.14 -39.82
C TYR B 612 -14.55 43.33 -39.20
N THR B 613 -15.47 42.82 -40.03
CA THR B 613 -16.57 42.02 -39.50
C THR B 613 -16.05 40.75 -38.84
N ALA B 614 -15.08 40.08 -39.48
CA ALA B 614 -14.54 38.86 -38.89
C ALA B 614 -13.87 39.15 -37.56
N ASN B 615 -13.08 40.22 -37.48
CA ASN B 615 -12.40 40.56 -36.23
C ASN B 615 -13.41 40.92 -35.15
N LEU B 616 -14.46 41.67 -35.50
CA LEU B 616 -15.48 42.02 -34.52
C LEU B 616 -16.19 40.78 -34.01
N ALA B 617 -16.49 39.83 -34.90
CA ALA B 617 -17.10 38.58 -34.46
C ALA B 617 -16.17 37.82 -33.52
N ALA B 618 -14.88 37.79 -33.83
CA ALA B 618 -13.92 37.12 -32.96
C ALA B 618 -13.76 37.82 -31.62
N PHE B 619 -14.05 39.12 -31.56
CA PHE B 619 -13.88 39.89 -30.34
C PHE B 619 -15.06 39.78 -29.38
N MET B 620 -16.16 39.17 -29.82
CA MET B 620 -17.37 39.09 -29.01
C MET B 620 -17.40 37.89 -28.06
N ILE B 621 -16.37 37.04 -28.09
CA ILE B 621 -16.31 35.87 -27.22
C ILE B 621 -15.64 36.30 -25.91
N GLN B 622 -16.44 36.44 -24.86
CA GLN B 622 -15.95 36.88 -23.56
C GLN B 622 -16.37 35.89 -22.49
N GLU B 623 -15.50 35.69 -21.51
CA GLU B 623 -15.71 34.74 -20.42
C GLU B 623 -16.06 35.48 -19.13
N GLU B 624 -16.26 34.71 -18.07
CA GLU B 624 -16.57 35.27 -16.76
C GLU B 624 -15.30 35.72 -16.06
N TYR B 625 -15.49 36.42 -14.93
CA TYR B 625 -14.37 36.94 -14.17
C TYR B 625 -14.79 37.11 -12.72
N VAL B 626 -13.80 37.27 -11.85
CA VAL B 626 -14.01 37.44 -10.42
C VAL B 626 -13.43 38.79 -10.01
N ASP B 627 -14.13 39.47 -9.10
CA ASP B 627 -13.70 40.79 -8.67
C ASP B 627 -12.30 40.78 -8.06
N GLN B 628 -11.86 39.63 -7.54
CA GLN B 628 -10.53 39.51 -6.95
C GLN B 628 -10.34 40.49 -5.80
N VAL B 629 -11.15 40.32 -4.76
CA VAL B 629 -11.06 41.18 -3.58
C VAL B 629 -9.77 40.90 -2.85
N SER B 630 -9.10 41.98 -2.40
CA SER B 630 -7.86 41.82 -1.66
C SER B 630 -8.09 41.03 -0.38
N GLY B 631 -9.18 41.30 0.32
CA GLY B 631 -9.53 40.56 1.52
C GLY B 631 -9.24 41.29 2.81
N LEU B 632 -10.28 41.88 3.40
CA LEU B 632 -10.18 42.57 4.69
C LEU B 632 -9.06 43.61 4.70
N SER B 633 -8.67 44.10 3.53
CA SER B 633 -7.61 45.10 3.44
C SER B 633 -7.89 46.20 2.42
N ASP B 634 -9.06 46.21 1.79
CA ASP B 634 -9.40 47.20 0.79
C ASP B 634 -10.52 48.10 1.30
N LYS B 635 -10.78 49.17 0.54
CA LYS B 635 -11.80 50.13 0.94
C LYS B 635 -13.19 49.52 0.96
N LYS B 636 -13.40 48.39 0.29
CA LYS B 636 -14.72 47.78 0.26
C LYS B 636 -15.16 47.38 1.67
N PHE B 637 -14.26 46.78 2.45
CA PHE B 637 -14.56 46.36 3.81
C PHE B 637 -14.15 47.40 4.85
N GLN B 638 -13.58 48.52 4.43
CA GLN B 638 -13.13 49.57 5.35
C GLN B 638 -13.87 50.88 5.17
N ARG B 639 -14.06 51.33 3.93
CA ARG B 639 -14.73 52.60 3.64
C ARG B 639 -15.82 52.34 2.60
N PRO B 640 -16.93 51.71 3.01
CA PRO B 640 -18.01 51.46 2.04
C PRO B 640 -18.86 52.68 1.74
N ASN B 641 -18.91 53.68 2.62
CA ASN B 641 -19.75 54.84 2.39
C ASN B 641 -19.30 55.60 1.14
N ASP B 642 -17.99 55.82 1.01
CA ASP B 642 -17.44 56.53 -0.15
C ASP B 642 -17.25 55.55 -1.30
N PHE B 643 -18.38 55.13 -1.85
CA PHE B 643 -18.43 54.11 -2.90
C PHE B 643 -19.85 54.09 -3.44
N SER B 644 -20.13 53.13 -4.33
CA SER B 644 -21.49 52.86 -4.79
C SER B 644 -22.30 52.40 -3.60
N PRO B 645 -23.60 52.11 -3.77
CA PRO B 645 -24.41 51.66 -2.63
C PRO B 645 -23.63 50.73 -1.74
N PRO B 646 -23.74 50.89 -0.42
CA PRO B 646 -22.76 50.28 0.48
C PRO B 646 -22.71 48.76 0.33
N PHE B 647 -21.49 48.22 0.39
CA PHE B 647 -21.30 46.79 0.30
C PHE B 647 -22.00 46.09 1.45
N ARG B 648 -22.73 45.03 1.15
CA ARG B 648 -23.49 44.28 2.14
C ARG B 648 -22.76 42.97 2.41
N PHE B 649 -21.83 43.01 3.36
CA PHE B 649 -21.06 41.85 3.78
C PHE B 649 -21.44 41.50 5.22
N GLY B 650 -21.68 40.21 5.47
CA GLY B 650 -22.12 39.78 6.78
C GLY B 650 -21.48 38.47 7.18
N THR B 651 -21.75 38.08 8.43
CA THR B 651 -21.23 36.84 8.99
C THR B 651 -22.20 36.36 10.06
N VAL B 652 -22.06 35.08 10.41
CA VAL B 652 -22.91 34.47 11.44
C VAL B 652 -22.50 35.02 12.80
N PRO B 653 -23.42 35.59 13.57
CA PRO B 653 -23.05 36.16 14.87
C PRO B 653 -22.83 35.07 15.91
N ASN B 654 -22.35 35.49 17.08
CA ASN B 654 -22.11 34.61 18.22
C ASN B 654 -21.10 33.51 17.85
N GLY B 655 -19.89 33.95 17.51
CA GLY B 655 -18.84 33.02 17.13
C GLY B 655 -17.47 33.64 17.34
N SER B 656 -16.45 32.82 17.10
CA SER B 656 -15.08 33.29 17.26
C SER B 656 -14.71 34.34 16.21
N THR B 657 -15.25 34.22 14.99
CA THR B 657 -14.94 35.19 13.96
C THR B 657 -15.42 36.58 14.35
N GLU B 658 -16.62 36.67 14.92
CA GLU B 658 -17.14 37.96 15.36
C GLU B 658 -16.24 38.59 16.41
N ARG B 659 -15.80 37.80 17.39
CA ARG B 659 -14.92 38.34 18.42
C ARG B 659 -13.57 38.77 17.84
N ASN B 660 -13.03 37.99 16.91
CA ASN B 660 -11.79 38.38 16.26
C ASN B 660 -11.94 39.69 15.52
N ILE B 661 -13.03 39.85 14.78
CA ILE B 661 -13.27 41.09 14.04
C ILE B 661 -13.41 42.26 15.01
N ARG B 662 -14.16 42.06 16.09
CA ARG B 662 -14.34 43.14 17.05
C ARG B 662 -13.03 43.55 17.70
N ASN B 663 -12.20 42.57 18.08
CA ASN B 663 -10.92 42.89 18.70
C ASN B 663 -9.99 43.59 17.72
N ASN B 664 -9.97 43.15 16.47
CA ASN B 664 -9.05 43.70 15.48
C ASN B 664 -9.61 44.94 14.78
N TYR B 665 -10.92 45.05 14.64
CA TYR B 665 -11.54 46.19 13.98
C TYR B 665 -12.78 46.61 14.74
N ALA B 666 -13.14 47.88 14.60
CA ALA B 666 -14.32 48.44 15.25
C ALA B 666 -15.35 48.95 14.25
N GLU B 667 -14.92 49.74 13.26
CA GLU B 667 -15.87 50.24 12.27
C GLU B 667 -16.50 49.11 11.47
N MET B 668 -15.68 48.14 11.07
CA MET B 668 -16.22 47.01 10.30
C MET B 668 -17.23 46.22 11.12
N HIS B 669 -16.94 46.00 12.41
CA HIS B 669 -17.87 45.27 13.26
C HIS B 669 -19.19 46.03 13.40
N ALA B 670 -19.12 47.35 13.61
CA ALA B 670 -20.34 48.14 13.73
C ALA B 670 -21.15 48.08 12.43
N TYR B 671 -20.47 48.20 11.29
CA TYR B 671 -21.17 48.12 10.01
C TYR B 671 -21.83 46.76 9.80
N MET B 672 -21.11 45.68 10.15
CA MET B 672 -21.64 44.34 9.95
C MET B 672 -22.72 43.98 10.96
N GLY B 673 -22.81 44.72 12.07
CA GLY B 673 -23.85 44.42 13.05
C GLY B 673 -25.25 44.47 12.49
N LYS B 674 -25.46 45.16 11.37
CA LYS B 674 -26.76 45.26 10.74
C LYS B 674 -26.98 44.20 9.67
N PHE B 675 -26.04 43.28 9.48
CA PHE B 675 -26.13 42.23 8.46
C PHE B 675 -25.89 40.87 9.09
N ASN B 676 -26.47 40.62 10.26
CA ASN B 676 -26.29 39.37 10.97
C ASN B 676 -27.10 38.27 10.27
N GLN B 677 -26.44 37.50 9.42
CA GLN B 677 -27.08 36.39 8.72
C GLN B 677 -26.93 35.13 9.58
N ARG B 678 -28.03 34.73 10.21
CA ARG B 678 -28.01 33.56 11.08
C ARG B 678 -28.14 32.29 10.25
N GLY B 679 -27.16 31.39 10.39
CA GLY B 679 -27.18 30.14 9.67
C GLY B 679 -26.35 30.16 8.39
N VAL B 680 -25.51 29.16 8.21
CA VAL B 680 -24.68 29.09 7.01
C VAL B 680 -25.56 28.95 5.77
N ASP B 681 -26.56 28.06 5.84
CA ASP B 681 -27.47 27.89 4.71
C ASP B 681 -28.25 29.17 4.44
N ASP B 682 -28.71 29.84 5.50
CA ASP B 682 -29.42 31.10 5.31
C ASP B 682 -28.52 32.14 4.67
N ALA B 683 -27.27 32.22 5.10
CA ALA B 683 -26.34 33.17 4.49
C ALA B 683 -26.11 32.85 3.02
N LEU B 684 -25.97 31.57 2.68
CA LEU B 684 -25.79 31.20 1.28
C LEU B 684 -27.01 31.57 0.46
N LEU B 685 -28.21 31.31 0.99
CA LEU B 685 -29.44 31.67 0.27
C LEU B 685 -29.52 33.17 0.06
N SER B 686 -29.20 33.96 1.09
CA SER B 686 -29.23 35.40 0.96
C SER B 686 -28.22 35.88 -0.08
N LEU B 687 -27.02 35.30 -0.08
CA LEU B 687 -26.01 35.67 -1.07
C LEU B 687 -26.47 35.35 -2.48
N LYS B 688 -27.11 34.19 -2.67
CA LYS B 688 -27.58 33.82 -4.00
C LYS B 688 -28.65 34.78 -4.50
N THR B 689 -29.56 35.20 -3.61
CA THR B 689 -30.65 36.08 -4.01
C THR B 689 -30.25 37.55 -4.05
N GLY B 690 -29.01 37.89 -3.71
CA GLY B 690 -28.55 39.26 -3.74
C GLY B 690 -28.76 40.03 -2.46
N LYS B 691 -29.40 39.44 -1.45
CA LYS B 691 -29.61 40.14 -0.19
C LYS B 691 -28.29 40.45 0.52
N LEU B 692 -27.21 39.76 0.15
CA LEU B 692 -25.90 39.99 0.75
C LEU B 692 -24.86 40.02 -0.35
N ASP B 693 -23.76 40.73 -0.09
CA ASP B 693 -22.68 40.87 -1.05
C ASP B 693 -21.48 39.97 -0.75
N ALA B 694 -21.26 39.64 0.53
CA ALA B 694 -20.13 38.79 0.89
C ALA B 694 -20.45 38.10 2.21
N PHE B 695 -19.93 36.89 2.37
CA PHE B 695 -20.10 36.11 3.59
C PHE B 695 -18.73 35.84 4.19
N ILE B 696 -18.51 36.29 5.42
CA ILE B 696 -17.25 36.09 6.12
C ILE B 696 -17.42 34.92 7.08
N TYR B 697 -16.59 33.89 6.92
CA TYR B 697 -16.74 32.69 7.74
C TYR B 697 -15.41 31.94 7.76
N ASP B 698 -15.45 30.68 8.20
CA ASP B 698 -14.26 29.84 8.22
C ASP B 698 -13.86 29.46 6.81
N ALA B 699 -12.55 29.36 6.57
CA ALA B 699 -12.05 29.09 5.23
C ALA B 699 -12.44 27.68 4.77
N ALA B 700 -12.22 26.68 5.62
CA ALA B 700 -12.49 25.30 5.22
C ALA B 700 -13.97 25.08 4.93
N VAL B 701 -14.84 25.58 5.82
CA VAL B 701 -16.27 25.41 5.61
C VAL B 701 -16.72 26.12 4.35
N LEU B 702 -16.23 27.34 4.13
CA LEU B 702 -16.60 28.08 2.94
C LEU B 702 -16.16 27.35 1.67
N ASN B 703 -14.93 26.81 1.67
CA ASN B 703 -14.46 26.07 0.51
C ASN B 703 -15.31 24.83 0.28
N TYR B 704 -15.64 24.09 1.34
CA TYR B 704 -16.44 22.89 1.17
C TYR B 704 -17.82 23.23 0.61
N MET B 705 -18.45 24.29 1.13
CA MET B 705 -19.75 24.69 0.60
C MET B 705 -19.65 25.15 -0.85
N ALA B 706 -18.60 25.91 -1.20
CA ALA B 706 -18.43 26.33 -2.59
C ALA B 706 -18.21 25.14 -3.50
N GLY B 707 -17.67 24.05 -2.98
CA GLY B 707 -17.48 22.86 -3.79
C GLY B 707 -18.70 22.02 -4.04
N ARG B 708 -19.85 22.39 -3.46
CA ARG B 708 -21.08 21.62 -3.62
C ARG B 708 -22.30 22.47 -3.96
N ASP B 709 -22.15 23.77 -4.13
CA ASP B 709 -23.30 24.62 -4.41
C ASP B 709 -23.83 24.36 -5.81
N GLU B 710 -25.12 24.64 -6.00
CA GLU B 710 -25.74 24.49 -7.31
C GLU B 710 -25.06 25.42 -8.31
N GLY B 711 -24.73 24.89 -9.49
CA GLY B 711 -24.02 25.68 -10.46
C GLY B 711 -22.65 26.08 -9.96
N CYS B 712 -22.22 27.28 -10.34
CA CYS B 712 -20.94 27.81 -9.90
C CYS B 712 -21.04 29.29 -9.55
N LYS B 713 -22.21 29.73 -9.08
CA LYS B 713 -22.41 31.14 -8.79
C LYS B 713 -21.49 31.61 -7.66
N LEU B 714 -21.33 30.79 -6.62
CA LEU B 714 -20.56 31.17 -5.45
C LEU B 714 -19.09 30.78 -5.61
N VAL B 715 -18.21 31.70 -5.23
CA VAL B 715 -16.77 31.48 -5.26
C VAL B 715 -16.18 31.96 -3.95
N THR B 716 -14.96 31.51 -3.67
CA THR B 716 -14.22 31.87 -2.48
C THR B 716 -12.94 32.59 -2.85
N ILE B 717 -12.49 33.47 -1.95
CA ILE B 717 -11.26 34.22 -2.21
C ILE B 717 -10.07 33.28 -2.23
N GLY B 718 -8.96 33.78 -2.76
CA GLY B 718 -7.76 32.97 -2.87
C GLY B 718 -7.20 32.61 -1.50
N SER B 719 -6.51 31.46 -1.47
CA SER B 719 -5.95 30.96 -0.21
C SER B 719 -4.85 31.86 0.32
N GLY B 720 -4.23 32.67 -0.53
CA GLY B 720 -3.16 33.54 -0.10
C GLY B 720 -3.60 34.84 0.53
N LYS B 721 -4.91 35.07 0.65
CA LYS B 721 -5.46 36.30 1.21
C LYS B 721 -6.44 35.97 2.33
N VAL B 722 -6.01 35.11 3.25
CA VAL B 722 -6.83 34.68 4.38
C VAL B 722 -6.36 35.41 5.62
N PHE B 723 -7.31 35.95 6.39
CA PHE B 723 -7.01 36.70 7.59
C PHE B 723 -7.00 35.76 8.80
N ALA B 724 -5.99 35.91 9.65
CA ALA B 724 -5.85 35.10 10.87
C ALA B 724 -5.79 33.61 10.51
N SER B 725 -4.76 33.25 9.76
CA SER B 725 -4.60 31.87 9.31
C SER B 725 -4.23 30.96 10.47
N THR B 726 -4.75 29.74 10.45
CA THR B 726 -4.44 28.72 11.44
C THR B 726 -4.64 27.36 10.80
N GLY B 727 -4.66 26.31 11.62
CA GLY B 727 -4.80 24.97 11.08
C GLY B 727 -5.57 24.05 12.01
N TYR B 728 -5.91 22.89 11.48
CA TYR B 728 -6.57 21.83 12.22
C TYR B 728 -5.53 20.83 12.69
N GLY B 729 -5.55 20.51 13.99
CA GLY B 729 -4.58 19.59 14.53
C GLY B 729 -5.18 18.51 15.43
N ILE B 730 -4.32 17.73 16.07
CA ILE B 730 -4.73 16.67 16.98
C ILE B 730 -4.36 17.09 18.39
N ALA B 731 -5.33 17.02 19.29
CA ALA B 731 -5.11 17.39 20.69
C ALA B 731 -4.59 16.19 21.46
N ILE B 732 -3.44 16.37 22.12
CA ILE B 732 -2.80 15.30 22.88
C ILE B 732 -2.63 15.76 24.33
N GLN B 733 -2.07 14.90 25.16
CA GLN B 733 -1.84 15.24 26.55
C GLN B 733 -0.87 16.41 26.66
N LYS B 734 -0.79 16.99 27.86
CA LYS B 734 0.03 18.18 28.05
C LYS B 734 1.50 17.89 27.78
N ASP B 735 2.01 16.75 28.24
CA ASP B 735 3.41 16.39 28.06
C ASP B 735 3.56 14.95 27.58
N SER B 736 2.61 14.48 26.78
CA SER B 736 2.68 13.12 26.27
C SER B 736 3.86 12.95 25.32
N GLY B 737 4.44 11.75 25.32
CA GLY B 737 5.55 11.44 24.45
C GLY B 737 5.19 11.09 23.03
N TRP B 738 3.89 10.99 22.71
CA TRP B 738 3.45 10.66 21.37
C TRP B 738 3.40 11.88 20.44
N LYS B 739 3.60 13.08 20.97
CA LYS B 739 3.48 14.28 20.15
C LYS B 739 4.50 14.27 19.01
N ARG B 740 5.76 13.93 19.32
CA ARG B 740 6.79 13.94 18.28
C ARG B 740 6.49 12.88 17.22
N GLN B 741 6.09 11.69 17.64
CA GLN B 741 5.77 10.64 16.67
C GLN B 741 4.61 11.05 15.78
N VAL B 742 3.57 11.63 16.36
CA VAL B 742 2.40 12.04 15.58
C VAL B 742 2.79 13.13 14.59
N ASP B 743 3.57 14.11 15.03
CA ASP B 743 4.00 15.18 14.13
C ASP B 743 4.85 14.62 12.99
N LEU B 744 5.77 13.71 13.30
CA LEU B 744 6.60 13.12 12.26
C LEU B 744 5.76 12.32 11.27
N ALA B 745 4.77 11.58 11.77
CA ALA B 745 3.91 10.82 10.87
C ALA B 745 3.10 11.74 9.96
N ILE B 746 2.59 12.84 10.51
CA ILE B 746 1.83 13.78 9.70
C ILE B 746 2.73 14.40 8.63
N LEU B 747 3.95 14.77 9.01
CA LEU B 747 4.88 15.34 8.04
C LEU B 747 5.23 14.33 6.96
N GLN B 748 5.39 13.06 7.32
CA GLN B 748 5.65 12.02 6.33
C GLN B 748 4.47 11.86 5.38
N LEU B 749 3.25 11.92 5.91
CA LEU B 749 2.07 11.85 5.05
C LEU B 749 2.05 13.02 4.08
N PHE B 750 2.36 14.23 4.58
CA PHE B 750 2.41 15.39 3.70
C PHE B 750 3.46 15.22 2.61
N GLY B 751 4.64 14.74 2.97
CA GLY B 751 5.71 14.61 1.99
C GLY B 751 5.43 13.54 0.95
N ASP B 752 4.85 12.42 1.37
CA ASP B 752 4.59 11.33 0.44
C ASP B 752 3.63 11.75 -0.66
N GLY B 753 2.60 12.51 -0.31
CA GLY B 753 1.60 12.94 -1.27
C GLY B 753 0.21 12.41 -1.02
N GLU B 754 -0.02 11.62 0.03
CA GLU B 754 -1.36 11.12 0.31
C GLU B 754 -2.32 12.23 0.73
N MET B 755 -1.79 13.38 1.17
CA MET B 755 -2.67 14.47 1.57
C MET B 755 -3.51 14.97 0.39
N GLU B 756 -2.89 15.12 -0.78
CA GLU B 756 -3.63 15.56 -1.96
C GLU B 756 -4.70 14.55 -2.34
N GLU B 757 -4.36 13.25 -2.29
CA GLU B 757 -5.34 12.22 -2.61
C GLU B 757 -6.52 12.28 -1.63
N LEU B 758 -6.25 12.42 -0.34
CA LEU B 758 -7.32 12.49 0.64
C LEU B 758 -8.18 13.73 0.41
N GLU B 759 -7.55 14.87 0.12
CA GLU B 759 -8.30 16.09 -0.12
C GLU B 759 -9.20 15.95 -1.33
N ALA B 760 -8.68 15.35 -2.42
CA ALA B 760 -9.50 15.13 -3.60
C ALA B 760 -10.66 14.18 -3.31
N LEU B 761 -10.38 13.12 -2.55
CA LEU B 761 -11.43 12.15 -2.24
C LEU B 761 -12.54 12.75 -1.40
N TRP B 762 -12.19 13.56 -0.41
CA TRP B 762 -13.16 14.11 0.54
C TRP B 762 -13.36 15.60 0.36
N LEU B 763 -12.29 16.40 0.41
CA LEU B 763 -12.45 17.85 0.45
C LEU B 763 -12.89 18.39 -0.90
N THR B 764 -12.27 17.92 -1.98
CA THR B 764 -12.58 18.47 -3.30
C THR B 764 -14.01 18.15 -3.70
N GLY B 765 -14.74 19.15 -4.17
CA GLY B 765 -16.10 18.99 -4.61
C GLY B 765 -16.20 18.75 -6.10
N ILE B 766 -17.38 19.03 -6.64
CA ILE B 766 -17.61 18.83 -8.07
C ILE B 766 -17.11 20.03 -8.87
N CYS B 767 -17.50 21.23 -8.46
CA CYS B 767 -17.09 22.46 -9.15
C CYS B 767 -15.88 23.08 -8.48
N HIS B 768 -14.76 22.36 -8.55
CA HIS B 768 -13.51 22.81 -7.93
C HIS B 768 -12.65 23.59 -8.93
N ASN B 769 -12.28 22.96 -10.04
CA ASN B 769 -11.47 23.60 -11.08
C ASN B 769 -12.20 23.44 -12.40
N GLU B 770 -12.91 24.48 -12.84
CA GLU B 770 -13.67 24.45 -14.07
C GLU B 770 -13.48 25.77 -14.82
N LYS B 771 -13.66 25.71 -16.13
CA LYS B 771 -13.54 26.89 -16.97
C LYS B 771 -14.62 27.91 -16.63
N ASN B 772 -14.32 29.18 -16.88
CA ASN B 772 -15.24 30.27 -16.58
C ASN B 772 -16.53 30.22 -17.38
N GLU B 773 -16.68 29.24 -18.29
CA GLU B 773 -17.91 29.09 -19.08
C GLU B 773 -18.18 30.34 -19.91
N VAL B 774 -17.28 30.60 -20.85
CA VAL B 774 -17.43 31.74 -21.75
C VAL B 774 -18.77 31.67 -22.45
N MET B 775 -19.48 32.80 -22.47
CA MET B 775 -20.79 32.88 -23.11
C MET B 775 -20.84 34.06 -24.07
N SER B 776 -22.02 34.33 -24.62
CA SER B 776 -22.26 35.51 -25.45
C SER B 776 -23.40 36.32 -24.85
N SER B 777 -23.23 37.63 -24.84
CA SER B 777 -24.18 38.53 -24.20
C SER B 777 -24.81 39.45 -25.26
N GLN B 778 -25.62 40.40 -24.79
CA GLN B 778 -26.28 41.36 -25.64
C GLN B 778 -25.68 42.74 -25.43
N LEU B 779 -26.06 43.67 -26.31
CA LEU B 779 -25.63 45.06 -26.24
C LEU B 779 -26.87 45.94 -26.22
N ASP B 780 -27.06 46.68 -25.13
CA ASP B 780 -28.25 47.52 -25.00
C ASP B 780 -27.90 49.00 -24.95
N ILE B 781 -27.10 49.44 -23.98
CA ILE B 781 -26.77 50.86 -23.87
C ILE B 781 -25.25 51.05 -23.73
N ASP B 782 -24.67 50.42 -22.70
CA ASP B 782 -23.26 50.65 -22.41
C ASP B 782 -22.36 50.09 -23.49
N ASN B 783 -22.72 48.94 -24.06
CA ASN B 783 -21.87 48.32 -25.08
C ASN B 783 -21.73 49.20 -26.30
N MET B 784 -22.82 49.85 -26.71
CA MET B 784 -22.81 50.75 -27.85
C MET B 784 -22.72 52.21 -27.44
N ALA B 785 -22.38 52.49 -26.18
CA ALA B 785 -22.30 53.87 -25.71
C ALA B 785 -21.21 54.64 -26.45
N GLY B 786 -20.09 53.98 -26.77
CA GLY B 786 -19.02 54.66 -27.47
C GLY B 786 -19.44 55.12 -28.85
N VAL B 787 -20.21 54.31 -29.57
CA VAL B 787 -20.67 54.70 -30.89
C VAL B 787 -21.55 55.95 -30.81
N PHE B 788 -22.47 55.97 -29.84
CA PHE B 788 -23.33 57.14 -29.67
C PHE B 788 -22.52 58.37 -29.26
N TYR B 789 -21.51 58.18 -28.42
CA TYR B 789 -20.66 59.31 -28.05
C TYR B 789 -19.93 59.86 -29.27
N MET B 790 -19.41 58.98 -30.13
CA MET B 790 -18.74 59.43 -31.35
C MET B 790 -19.71 60.15 -32.26
N LEU B 791 -20.93 59.64 -32.38
CA LEU B 791 -21.94 60.32 -33.22
C LEU B 791 -22.24 61.71 -32.67
N GLY B 792 -22.38 61.82 -31.34
CA GLY B 792 -22.62 63.13 -30.74
C GLY B 792 -21.47 64.08 -30.95
N ALA B 793 -20.25 63.60 -30.95
CA ALA B 793 -19.09 64.43 -31.24
C ALA B 793 -19.10 64.88 -32.69
N ALA B 794 -19.45 63.97 -33.61
CA ALA B 794 -19.53 64.34 -35.01
C ALA B 794 -20.61 65.39 -35.24
N MET B 795 -21.75 65.26 -34.56
CA MET B 795 -22.81 66.26 -34.69
C MET B 795 -22.33 67.61 -34.18
N ALA B 796 -21.62 67.62 -33.05
CA ALA B 796 -21.10 68.88 -32.52
C ALA B 796 -20.11 69.51 -33.48
N LEU B 797 -19.23 68.70 -34.08
CA LEU B 797 -18.27 69.21 -35.05
C LEU B 797 -19.00 69.78 -36.26
N SER B 798 -20.04 69.10 -36.73
CA SER B 798 -20.81 69.60 -37.87
C SER B 798 -21.47 70.92 -37.54
N LEU B 799 -22.04 71.04 -36.34
CA LEU B 799 -22.63 72.31 -35.92
C LEU B 799 -21.59 73.42 -35.88
N ILE B 800 -20.41 73.12 -35.34
CA ILE B 800 -19.35 74.13 -35.25
C ILE B 800 -18.94 74.58 -36.64
N THR B 801 -18.73 73.63 -37.56
CA THR B 801 -18.32 73.98 -38.91
C THR B 801 -19.41 74.78 -39.63
N PHE B 802 -20.67 74.41 -39.43
CA PHE B 802 -21.76 75.18 -40.04
C PHE B 802 -21.79 76.60 -39.50
N ILE B 803 -21.57 76.77 -38.18
CA ILE B 803 -21.50 78.10 -37.60
C ILE B 803 -20.33 78.89 -38.19
N CYS B 804 -19.18 78.23 -38.33
CA CYS B 804 -18.00 78.91 -38.88
C CYS B 804 -18.27 79.37 -40.31
N GLU B 805 -18.90 78.53 -41.11
CA GLU B 805 -19.18 78.89 -42.50
C GLU B 805 -20.10 80.11 -42.57
N HIS B 806 -21.13 80.14 -41.72
CA HIS B 806 -22.05 81.27 -41.71
C HIS B 806 -21.34 82.56 -41.34
N LEU B 807 -20.45 82.50 -40.34
CA LEU B 807 -19.72 83.67 -39.91
C LEU B 807 -18.83 84.20 -41.04
N PHE B 808 -18.16 83.31 -41.74
CA PHE B 808 -17.29 83.70 -42.84
C PHE B 808 -18.08 84.21 -44.03
N VAL C 1 48.96 -25.64 52.12
CA VAL C 1 48.41 -24.68 51.17
C VAL C 1 49.27 -23.42 51.14
N ASN C 2 50.32 -23.45 50.34
CA ASN C 2 51.21 -22.29 50.22
C ASN C 2 50.48 -21.12 49.57
N ILE C 3 50.70 -19.92 50.11
CA ILE C 3 50.11 -18.71 49.59
C ILE C 3 51.23 -17.71 49.34
N GLY C 4 51.38 -17.29 48.08
CA GLY C 4 52.41 -16.32 47.73
C GLY C 4 52.01 -14.90 48.07
N ALA C 5 52.99 -14.01 48.01
CA ALA C 5 52.75 -12.60 48.28
C ALA C 5 54.00 -11.82 47.92
N VAL C 6 53.80 -10.59 47.44
CA VAL C 6 54.89 -9.69 47.08
C VAL C 6 54.72 -8.41 47.90
N LEU C 7 55.77 -8.02 48.61
CA LEU C 7 55.75 -6.83 49.46
C LEU C 7 56.99 -5.99 49.21
N SER C 8 56.86 -4.68 49.42
CA SER C 8 57.95 -3.76 49.12
C SER C 8 59.04 -3.81 50.18
N THR C 9 58.69 -4.01 51.44
CA THR C 9 59.66 -4.00 52.52
C THR C 9 59.48 -5.24 53.39
N ARG C 10 60.50 -5.51 54.21
CA ARG C 10 60.47 -6.69 55.07
C ARG C 10 59.37 -6.60 56.12
N LYS C 11 59.04 -5.39 56.57
CA LYS C 11 57.99 -5.24 57.57
C LYS C 11 56.65 -5.72 57.03
N HIS C 12 56.36 -5.40 55.76
CA HIS C 12 55.11 -5.85 55.16
C HIS C 12 55.05 -7.37 55.13
N GLU C 13 56.14 -8.02 54.74
CA GLU C 13 56.18 -9.48 54.72
C GLU C 13 56.01 -10.06 56.12
N GLN C 14 56.64 -9.42 57.11
CA GLN C 14 56.51 -9.90 58.49
C GLN C 14 55.07 -9.83 58.97
N MET C 15 54.38 -8.71 58.69
CA MET C 15 52.99 -8.62 59.12
C MET C 15 52.10 -9.56 58.31
N PHE C 16 52.44 -9.82 57.05
CA PHE C 16 51.70 -10.82 56.28
C PHE C 16 51.85 -12.20 56.90
N ARG C 17 53.06 -12.55 57.33
CA ARG C 17 53.27 -13.84 58.01
C ARG C 17 52.49 -13.89 59.32
N GLU C 18 52.49 -12.78 60.06
CA GLU C 18 51.71 -12.74 61.31
C GLU C 18 50.23 -12.92 61.04
N ALA C 19 49.72 -12.28 59.99
CA ALA C 19 48.31 -12.44 59.64
C ALA C 19 47.99 -13.87 59.23
N VAL C 20 48.89 -14.51 58.48
CA VAL C 20 48.66 -15.89 58.09
C VAL C 20 48.66 -16.79 59.32
N ASN C 21 49.57 -16.54 60.27
CA ASN C 21 49.57 -17.32 61.50
C ASN C 21 48.28 -17.12 62.29
N GLN C 22 47.80 -15.88 62.35
CA GLN C 22 46.54 -15.61 63.05
C GLN C 22 45.38 -16.32 62.38
N ALA C 23 45.34 -16.31 61.05
CA ALA C 23 44.29 -17.02 60.33
C ALA C 23 44.36 -18.52 60.60
N ASN C 24 45.56 -19.09 60.60
CA ASN C 24 45.70 -20.51 60.92
C ASN C 24 45.22 -20.81 62.32
N LYS C 25 45.56 -19.95 63.28
CA LYS C 25 45.09 -20.15 64.65
C LYS C 25 43.57 -20.07 64.73
N ARG C 26 42.96 -19.15 63.99
CA ARG C 26 41.51 -19.02 64.01
C ARG C 26 40.83 -20.25 63.42
N HIS C 27 41.48 -20.91 62.46
CA HIS C 27 40.95 -22.11 61.83
C HIS C 27 41.81 -23.34 62.18
N GLY C 28 42.28 -23.41 63.42
CA GLY C 28 43.13 -24.51 63.83
C GLY C 28 42.42 -25.85 63.92
N SER C 29 41.09 -25.85 64.00
CA SER C 29 40.35 -27.10 64.09
C SER C 29 40.50 -27.94 62.84
N TRP C 30 40.82 -27.33 61.70
CA TRP C 30 40.97 -28.06 60.46
C TRP C 30 42.34 -28.73 60.39
N LYS C 31 42.46 -29.70 59.48
CA LYS C 31 43.70 -30.42 59.26
C LYS C 31 44.50 -29.86 58.09
N ILE C 32 44.29 -28.59 57.75
CA ILE C 32 44.98 -27.94 56.64
C ILE C 32 45.78 -26.77 57.20
N GLN C 33 47.06 -26.72 56.84
CA GLN C 33 47.97 -25.67 57.31
C GLN C 33 48.34 -24.76 56.15
N LEU C 34 48.53 -23.47 56.47
CA LEU C 34 48.87 -22.46 55.48
C LEU C 34 50.29 -21.96 55.74
N ASN C 35 51.09 -21.92 54.68
CA ASN C 35 52.46 -21.43 54.74
C ASN C 35 52.56 -20.10 54.01
N ALA C 36 53.32 -19.17 54.57
CA ALA C 36 53.47 -17.83 54.03
C ALA C 36 54.77 -17.73 53.26
N THR C 37 54.69 -17.34 52.00
CA THR C 37 55.86 -17.12 51.15
C THR C 37 55.77 -15.72 50.56
N SER C 38 56.82 -14.92 50.77
CA SER C 38 56.83 -13.54 50.31
C SER C 38 58.16 -13.25 49.63
N VAL C 39 58.12 -12.30 48.69
CA VAL C 39 59.30 -11.86 47.96
C VAL C 39 59.31 -10.34 47.92
N THR C 40 60.49 -9.78 47.68
CA THR C 40 60.66 -8.34 47.62
C THR C 40 60.54 -7.85 46.18
N HIS C 41 60.04 -6.63 46.03
CA HIS C 41 59.89 -6.03 44.71
C HIS C 41 61.26 -5.78 44.08
N LYS C 42 61.30 -5.89 42.75
CA LYS C 42 62.54 -5.68 42.01
C LYS C 42 62.36 -4.55 41.01
N PRO C 43 63.39 -3.72 40.81
CA PRO C 43 63.25 -2.61 39.86
C PRO C 43 62.97 -3.07 38.44
N ASN C 44 63.50 -4.22 38.03
CA ASN C 44 63.32 -4.71 36.67
C ASN C 44 62.07 -5.58 36.60
N ALA C 45 61.17 -5.24 35.67
CA ALA C 45 59.94 -6.02 35.52
C ALA C 45 60.25 -7.45 35.11
N ILE C 46 61.17 -7.63 34.16
CA ILE C 46 61.53 -8.97 33.72
C ILE C 46 62.15 -9.76 34.87
N GLN C 47 63.04 -9.12 35.62
CA GLN C 47 63.64 -9.79 36.78
C GLN C 47 62.60 -10.14 37.81
N MET C 48 61.64 -9.24 38.05
CA MET C 48 60.57 -9.53 39.00
C MET C 48 59.74 -10.72 38.56
N ALA C 49 59.39 -10.77 37.27
CA ALA C 49 58.61 -11.90 36.76
C ALA C 49 59.38 -13.21 36.88
N LEU C 50 60.68 -13.18 36.54
CA LEU C 50 61.48 -14.39 36.65
C LEU C 50 61.57 -14.86 38.10
N SER C 51 61.78 -13.92 39.03
CA SER C 51 61.84 -14.29 40.44
C SER C 51 60.51 -14.86 40.92
N VAL C 52 59.40 -14.24 40.49
CA VAL C 52 58.08 -14.76 40.86
C VAL C 52 57.92 -16.19 40.38
N CYS C 53 58.21 -16.44 39.11
CA CYS C 53 58.06 -17.78 38.56
C CYS C 53 58.96 -18.78 39.28
N GLU C 54 60.19 -18.36 39.61
CA GLU C 54 61.13 -19.28 40.25
C GLU C 54 60.74 -19.60 41.69
N ASP C 55 60.17 -18.63 42.41
CA ASP C 55 59.93 -18.79 43.84
C ASP C 55 58.49 -19.19 44.15
N LEU C 56 57.51 -18.37 43.76
CA LEU C 56 56.14 -18.63 44.15
C LEU C 56 55.55 -19.79 43.35
N ILE C 57 55.83 -19.83 42.04
CA ILE C 57 55.29 -20.89 41.21
C ILE C 57 55.81 -22.25 41.65
N SER C 58 57.11 -22.32 41.98
CA SER C 58 57.72 -23.57 42.42
C SER C 58 56.92 -24.18 43.56
N SER C 59 56.51 -23.35 44.52
CA SER C 59 55.63 -23.80 45.58
C SER C 59 54.18 -23.79 45.12
N GLN C 60 53.34 -24.53 45.85
CA GLN C 60 51.91 -24.62 45.52
C GLN C 60 51.17 -23.39 46.05
N VAL C 61 51.43 -22.25 45.41
CA VAL C 61 50.79 -20.99 45.79
C VAL C 61 49.42 -20.91 45.12
N TYR C 62 48.37 -21.14 45.90
CA TYR C 62 47.01 -21.11 45.37
C TYR C 62 46.67 -19.71 44.88
N ALA C 63 47.15 -18.68 45.58
CA ALA C 63 46.92 -17.30 45.17
C ALA C 63 48.16 -16.48 45.49
N ILE C 64 48.30 -15.37 44.77
CA ILE C 64 49.45 -14.47 44.92
C ILE C 64 48.93 -13.09 45.30
N LEU C 65 49.53 -12.50 46.33
CA LEU C 65 49.18 -11.16 46.78
C LEU C 65 50.27 -10.19 46.34
N VAL C 66 49.88 -9.13 45.66
CA VAL C 66 50.81 -8.13 45.15
C VAL C 66 50.36 -6.76 45.63
N SER C 67 51.31 -5.98 46.15
CA SER C 67 51.03 -4.63 46.63
C SER C 67 51.99 -3.66 45.96
N HIS C 68 51.46 -2.56 45.46
CA HIS C 68 52.29 -1.56 44.80
C HIS C 68 53.25 -0.95 45.81
N PRO C 69 54.52 -0.80 45.49
CA PRO C 69 55.46 -0.20 46.43
C PRO C 69 55.09 1.24 46.71
N PRO C 70 55.39 1.75 47.91
CA PRO C 70 55.06 3.15 48.21
C PRO C 70 55.72 4.13 47.26
N THR C 71 56.93 3.84 46.81
CA THR C 71 57.61 4.71 45.85
C THR C 71 56.94 4.60 44.49
N PRO C 72 56.46 5.69 43.90
CA PRO C 72 55.78 5.62 42.60
C PRO C 72 56.76 5.53 41.43
N ASN C 73 57.58 4.48 41.44
CA ASN C 73 58.52 4.26 40.34
C ASN C 73 57.77 4.02 39.03
N ASP C 74 56.71 3.22 39.08
CA ASP C 74 55.88 2.96 37.91
C ASP C 74 54.44 2.79 38.35
N HIS C 75 53.51 3.10 37.45
CA HIS C 75 52.09 3.00 37.74
C HIS C 75 51.51 1.63 37.40
N PHE C 76 52.31 0.72 36.84
CA PHE C 76 51.86 -0.62 36.47
C PHE C 76 52.82 -1.66 37.03
N THR C 77 53.20 -1.51 38.29
CA THR C 77 54.11 -2.46 38.92
C THR C 77 53.59 -3.90 38.89
N PRO C 78 52.31 -4.18 39.14
CA PRO C 78 51.85 -5.57 39.17
C PRO C 78 51.68 -6.20 37.80
N THR C 79 51.93 -5.46 36.72
CA THR C 79 51.73 -6.02 35.38
C THR C 79 52.58 -7.26 35.13
N PRO C 80 53.88 -7.27 35.41
CA PRO C 80 54.66 -8.50 35.20
C PRO C 80 54.13 -9.69 35.99
N VAL C 81 53.72 -9.47 37.23
CA VAL C 81 53.19 -10.58 38.04
C VAL C 81 51.90 -11.10 37.43
N SER C 82 51.01 -10.19 37.03
CA SER C 82 49.74 -10.61 36.44
C SER C 82 49.97 -11.39 35.14
N TYR C 83 50.88 -10.92 34.30
CA TYR C 83 51.17 -11.62 33.06
C TYR C 83 51.78 -12.99 33.32
N THR C 84 52.70 -13.08 34.28
CA THR C 84 53.33 -14.36 34.59
C THR C 84 52.32 -15.36 35.13
N ALA C 85 51.41 -14.90 36.00
CA ALA C 85 50.40 -15.80 36.56
C ALA C 85 49.23 -16.02 35.62
N GLY C 86 49.13 -15.25 34.53
CA GLY C 86 48.03 -15.43 33.61
C GLY C 86 48.14 -16.66 32.73
N PHE C 87 49.36 -17.17 32.54
CA PHE C 87 49.52 -18.42 31.79
C PHE C 87 48.70 -19.54 32.41
N TYR C 88 48.54 -19.51 33.73
CA TYR C 88 47.65 -20.40 34.45
C TYR C 88 46.48 -19.59 35.00
N ARG C 89 45.58 -20.28 35.71
CA ARG C 89 44.36 -19.67 36.23
C ARG C 89 44.43 -19.42 37.74
N ILE C 90 45.63 -19.20 38.27
CA ILE C 90 45.80 -18.92 39.68
C ILE C 90 45.32 -17.49 39.96
N PRO C 91 44.37 -17.31 40.88
CA PRO C 91 43.88 -15.95 41.16
C PRO C 91 44.99 -15.07 41.70
N VAL C 92 44.92 -13.78 41.35
CA VAL C 92 45.88 -12.78 41.80
C VAL C 92 45.11 -11.67 42.51
N LEU C 93 45.55 -11.33 43.71
CA LEU C 93 44.94 -10.27 44.51
C LEU C 93 45.88 -9.07 44.55
N GLY C 94 45.38 -7.92 44.12
CA GLY C 94 46.15 -6.69 44.08
C GLY C 94 45.72 -5.74 45.18
N LEU C 95 46.69 -5.00 45.74
CA LEU C 95 46.44 -4.05 46.81
C LEU C 95 47.00 -2.70 46.40
N THR C 96 46.15 -1.66 46.44
CA THR C 96 46.55 -0.30 46.14
C THR C 96 47.13 -0.19 44.72
N THR C 97 46.27 -0.49 43.74
CA THR C 97 46.62 -0.36 42.34
C THR C 97 45.86 0.77 41.66
N ARG C 98 44.52 0.74 41.74
CA ARG C 98 43.68 1.82 41.24
C ARG C 98 44.01 2.16 39.78
N MET C 99 43.81 1.17 38.92
CA MET C 99 44.02 1.35 37.49
C MET C 99 42.85 0.72 36.73
N SER C 100 42.39 1.41 35.69
CA SER C 100 41.25 0.93 34.93
C SER C 100 41.61 -0.24 34.02
N ILE C 101 42.84 -0.29 33.53
CA ILE C 101 43.23 -1.35 32.61
C ILE C 101 43.09 -2.72 33.25
N TYR C 102 43.40 -2.84 34.54
CA TYR C 102 43.34 -4.11 35.23
C TYR C 102 41.92 -4.63 35.38
N SER C 103 40.91 -3.82 35.12
CA SER C 103 39.53 -4.27 35.17
C SER C 103 39.08 -4.97 33.90
N ASP C 104 39.93 -5.00 32.87
CA ASP C 104 39.59 -5.67 31.62
C ASP C 104 39.85 -7.16 31.75
N LYS C 105 38.78 -7.96 31.64
CA LYS C 105 38.89 -9.40 31.76
C LYS C 105 39.45 -10.08 30.52
N SER C 106 39.55 -9.36 29.40
CA SER C 106 40.07 -9.94 28.16
C SER C 106 41.59 -9.87 28.11
N ILE C 107 42.14 -8.65 28.16
CA ILE C 107 43.59 -8.50 28.15
C ILE C 107 44.19 -9.01 29.46
N HIS C 108 43.51 -8.78 30.57
CA HIS C 108 43.95 -9.24 31.88
C HIS C 108 43.15 -10.46 32.29
N LEU C 109 43.85 -11.54 32.60
CA LEU C 109 43.21 -12.78 33.04
C LEU C 109 42.81 -12.63 34.49
N SER C 110 42.48 -13.76 35.14
CA SER C 110 42.04 -13.76 36.53
C SER C 110 42.86 -12.82 37.38
N PHE C 111 42.20 -11.83 37.98
CA PHE C 111 42.88 -10.81 38.77
C PHE C 111 41.86 -10.03 39.60
N LEU C 112 42.13 -9.87 40.90
CA LEU C 112 41.22 -9.19 41.80
C LEU C 112 41.98 -8.14 42.60
N ARG C 113 41.28 -7.06 42.96
CA ARG C 113 41.85 -6.00 43.77
C ARG C 113 40.84 -5.58 44.83
N THR C 114 41.35 -5.08 45.94
CA THR C 114 40.53 -4.72 47.09
C THR C 114 40.28 -3.21 47.18
N VAL C 115 40.59 -2.45 46.13
CA VAL C 115 40.35 -1.02 46.13
C VAL C 115 39.63 -0.64 44.83
N PRO C 116 38.76 0.36 44.85
CA PRO C 116 38.09 0.76 43.61
C PRO C 116 39.08 1.35 42.62
N PRO C 117 38.87 1.16 41.33
CA PRO C 117 39.78 1.73 40.32
C PRO C 117 39.51 3.22 40.12
N TYR C 118 40.46 3.87 39.45
CA TYR C 118 40.31 5.28 39.14
C TYR C 118 39.11 5.53 38.23
N SER C 119 38.67 4.53 37.48
CA SER C 119 37.48 4.68 36.64
C SER C 119 36.24 4.99 37.46
N HIS C 120 36.25 4.70 38.75
CA HIS C 120 35.15 5.05 39.64
C HIS C 120 35.25 6.54 39.97
N GLN C 121 34.50 6.97 40.97
CA GLN C 121 34.28 8.35 41.34
C GLN C 121 33.32 9.04 40.38
N SER C 122 32.92 8.39 39.29
CA SER C 122 31.84 8.92 38.46
C SER C 122 30.50 8.79 39.17
N SER C 123 30.32 7.73 39.95
CA SER C 123 29.12 7.62 40.78
C SER C 123 29.06 8.73 41.81
N VAL C 124 30.20 9.08 42.41
CA VAL C 124 30.25 10.17 43.37
C VAL C 124 29.85 11.48 42.70
N TRP C 125 30.38 11.74 41.50
CA TRP C 125 30.03 12.95 40.79
C TRP C 125 28.55 12.97 40.43
N PHE C 126 28.02 11.82 40.00
CA PHE C 126 26.59 11.74 39.68
C PHE C 126 25.74 12.04 40.90
N GLU C 127 26.09 11.47 42.05
CA GLU C 127 25.35 11.72 43.28
C GLU C 127 25.43 13.19 43.68
N MET C 128 26.63 13.79 43.57
CA MET C 128 26.78 15.19 43.91
C MET C 128 25.94 16.07 43.00
N MET C 129 25.93 15.78 41.70
CA MET C 129 25.12 16.55 40.77
C MET C 129 23.64 16.41 41.10
N ARG C 130 23.20 15.19 41.42
CA ARG C 130 21.80 14.98 41.78
C ARG C 130 21.43 15.76 43.03
N VAL C 131 22.31 15.76 44.03
CA VAL C 131 22.01 16.44 45.28
C VAL C 131 22.00 17.95 45.09
N TYR C 132 22.91 18.48 44.29
CA TYR C 132 23.04 19.92 44.10
C TYR C 132 22.30 20.43 42.87
N SER C 133 21.58 19.56 42.15
CA SER C 133 20.79 19.96 40.99
C SER C 133 21.66 20.64 39.94
N TRP C 134 22.61 19.86 39.41
CA TRP C 134 23.52 20.31 38.36
C TRP C 134 23.25 19.47 37.12
N ASN C 135 22.58 20.06 36.13
CA ASN C 135 22.20 19.34 34.91
C ASN C 135 23.01 19.78 33.69
N HIS C 136 24.02 20.64 33.89
CA HIS C 136 24.87 21.10 32.79
C HIS C 136 26.31 21.07 33.27
N ILE C 137 27.12 20.18 32.68
CA ILE C 137 28.51 20.01 33.08
C ILE C 137 29.39 19.92 31.84
N ILE C 138 30.68 20.17 32.06
CA ILE C 138 31.70 20.06 31.02
C ILE C 138 32.74 19.05 31.48
N LEU C 139 33.06 18.10 30.61
CA LEU C 139 33.97 17.00 30.95
C LEU C 139 35.30 17.19 30.22
N LEU C 140 36.39 17.21 30.97
CA LEU C 140 37.74 17.27 30.42
C LEU C 140 38.44 15.96 30.73
N VAL C 141 38.75 15.19 29.68
CA VAL C 141 39.33 13.86 29.83
C VAL C 141 40.52 13.74 28.88
N SER C 142 41.56 13.06 29.35
CA SER C 142 42.73 12.81 28.53
C SER C 142 42.45 11.66 27.54
N ASP C 143 43.44 11.38 26.69
CA ASP C 143 43.31 10.32 25.70
C ASP C 143 43.76 8.97 26.22
N ASP C 144 44.18 8.88 27.48
CA ASP C 144 44.61 7.61 28.04
C ASP C 144 43.42 6.70 28.28
N HIS C 145 43.71 5.43 28.59
CA HIS C 145 42.65 4.46 28.82
C HIS C 145 41.81 4.85 30.03
N GLU C 146 42.44 5.34 31.10
CA GLU C 146 41.70 5.68 32.31
C GLU C 146 40.70 6.80 32.05
N GLY C 147 41.12 7.83 31.32
CA GLY C 147 40.20 8.93 31.03
C GLY C 147 39.02 8.49 30.19
N ARG C 148 39.26 7.67 29.17
CA ARG C 148 38.17 7.17 28.35
C ARG C 148 37.22 6.31 29.17
N ALA C 149 37.75 5.46 30.05
CA ALA C 149 36.91 4.63 30.89
C ALA C 149 36.06 5.49 31.82
N ALA C 150 36.66 6.51 32.43
CA ALA C 150 35.90 7.39 33.31
C ALA C 150 34.79 8.11 32.56
N GLN C 151 35.11 8.64 31.37
CA GLN C 151 34.09 9.32 30.58
C GLN C 151 32.97 8.36 30.18
N LYS C 152 33.31 7.13 29.80
CA LYS C 152 32.29 6.16 29.43
C LYS C 152 31.38 5.84 30.60
N ARG C 153 31.97 5.63 31.78
CA ARG C 153 31.15 5.34 32.96
C ARG C 153 30.25 6.51 33.30
N LEU C 154 30.78 7.74 33.24
CA LEU C 154 29.96 8.90 33.53
C LEU C 154 28.81 9.04 32.54
N GLU C 155 29.08 8.82 31.25
CA GLU C 155 28.02 8.90 30.24
C GLU C 155 26.97 7.82 30.47
N THR C 156 27.40 6.60 30.79
CA THR C 156 26.44 5.53 31.05
C THR C 156 25.56 5.87 32.25
N LEU C 157 26.16 6.40 33.31
CA LEU C 157 25.37 6.78 34.48
C LEU C 157 24.40 7.91 34.14
N LEU C 158 24.85 8.89 33.36
CA LEU C 158 24.00 10.03 33.04
C LEU C 158 22.87 9.66 32.10
N GLU C 159 23.06 8.63 31.27
CA GLU C 159 22.03 8.26 30.32
C GLU C 159 20.74 7.86 31.02
N GLU C 160 20.84 7.07 32.08
CA GLU C 160 19.64 6.62 32.78
C GLU C 160 18.84 7.78 33.35
N ARG C 161 19.53 8.84 33.78
CA ARG C 161 18.87 10.02 34.30
C ARG C 161 18.18 10.83 33.21
N GLU C 162 18.40 10.48 31.94
CA GLU C 162 17.86 11.25 30.81
C GLU C 162 18.52 12.62 30.73
N SER C 163 19.86 12.63 30.76
CA SER C 163 20.64 13.85 30.63
C SER C 163 21.77 13.60 29.65
N LYS C 164 22.53 14.65 29.36
CA LYS C 164 23.64 14.55 28.42
C LYS C 164 24.64 15.66 28.71
N ALA C 165 25.92 15.31 28.69
CA ALA C 165 26.96 16.31 28.90
C ALA C 165 26.97 17.31 27.76
N GLU C 166 27.16 18.59 28.10
CA GLU C 166 27.17 19.64 27.09
C GLU C 166 28.29 19.42 26.07
N LYS C 167 29.48 19.06 26.55
CA LYS C 167 30.60 18.80 25.66
C LYS C 167 31.60 17.91 26.39
N VAL C 168 32.46 17.27 25.60
CA VAL C 168 33.49 16.37 26.12
C VAL C 168 34.79 16.74 25.41
N LEU C 169 35.61 17.56 26.05
CA LEU C 169 36.89 17.95 25.46
C LEU C 169 37.91 16.83 25.60
N GLN C 170 38.86 16.84 24.70
CA GLN C 170 39.90 15.82 24.67
C GLN C 170 41.26 16.47 24.52
N PHE C 171 42.27 15.85 25.10
CA PHE C 171 43.64 16.35 24.98
C PHE C 171 44.60 15.18 25.13
N ASP C 172 45.57 15.09 24.22
CA ASP C 172 46.54 14.00 24.28
C ASP C 172 47.42 14.17 25.52
N PRO C 173 47.82 13.07 26.16
CA PRO C 173 48.70 13.18 27.33
C PRO C 173 50.01 13.88 26.95
N GLY C 174 50.51 14.69 27.87
CA GLY C 174 51.72 15.45 27.62
C GLY C 174 51.55 16.63 26.68
N THR C 175 50.32 17.13 26.52
CA THR C 175 50.10 18.28 25.65
C THR C 175 50.88 19.49 26.13
N LYS C 176 51.12 20.42 25.22
CA LYS C 176 51.92 21.61 25.53
C LYS C 176 51.07 22.76 26.04
N ASN C 177 50.15 23.27 25.24
CA ASN C 177 49.25 24.34 25.67
C ASN C 177 47.81 23.94 25.38
N VAL C 178 47.00 23.89 26.44
CA VAL C 178 45.58 23.58 26.31
C VAL C 178 44.73 24.85 26.22
N THR C 179 45.34 25.99 25.94
CA THR C 179 44.58 27.23 25.85
C THR C 179 43.50 27.14 24.77
N ALA C 180 43.75 26.38 23.72
CA ALA C 180 42.74 26.20 22.69
C ALA C 180 41.49 25.53 23.25
N LEU C 181 41.68 24.44 24.00
CA LEU C 181 40.55 23.76 24.62
C LEU C 181 39.87 24.66 25.64
N LEU C 182 40.61 25.42 26.48
CA LEU C 182 39.98 26.33 27.45
C LEU C 182 39.16 27.39 26.73
N MET C 183 39.70 27.97 25.67
CA MET C 183 38.95 28.97 24.90
C MET C 183 37.70 28.36 24.29
N GLU C 184 37.82 27.14 23.74
CA GLU C 184 36.66 26.50 23.14
C GLU C 184 35.57 26.23 24.16
N ALA C 185 35.95 25.79 25.36
CA ALA C 185 34.97 25.47 26.40
C ALA C 185 34.49 26.69 27.15
N LYS C 186 35.15 27.84 27.02
CA LYS C 186 34.73 29.03 27.75
C LYS C 186 33.33 29.47 27.36
N GLU C 187 33.03 29.46 26.05
CA GLU C 187 31.74 29.91 25.55
C GLU C 187 30.85 28.68 25.35
N LEU C 188 30.32 28.17 26.47
CA LEU C 188 29.45 27.02 26.44
C LEU C 188 28.25 27.13 27.37
N GLU C 189 28.06 28.26 28.06
CA GLU C 189 26.93 28.45 28.96
C GLU C 189 26.89 27.36 30.03
N ALA C 190 28.08 26.94 30.49
CA ALA C 190 28.20 25.93 31.52
C ALA C 190 29.23 26.38 32.55
N ARG C 191 29.04 25.94 33.79
CA ARG C 191 29.91 26.29 34.90
C ARG C 191 30.57 25.10 35.57
N VAL C 192 29.88 23.97 35.67
CA VAL C 192 30.45 22.78 36.29
C VAL C 192 31.49 22.17 35.36
N ILE C 193 32.69 21.92 35.89
CA ILE C 193 33.79 21.36 35.12
C ILE C 193 34.28 20.11 35.83
N ILE C 194 34.42 19.02 35.08
CA ILE C 194 34.93 17.75 35.60
C ILE C 194 36.27 17.47 34.94
N LEU C 195 37.28 17.18 35.76
CA LEU C 195 38.64 16.92 35.28
C LEU C 195 39.04 15.51 35.66
N SER C 196 39.57 14.77 34.68
CA SER C 196 39.99 13.39 34.89
C SER C 196 41.36 13.17 34.24
N ALA C 197 42.29 14.10 34.48
CA ALA C 197 43.62 14.01 33.92
C ALA C 197 44.60 13.51 34.98
N SER C 198 45.88 13.47 34.61
CA SER C 198 46.93 13.04 35.51
C SER C 198 47.44 14.21 36.34
N GLU C 199 48.45 13.95 37.18
CA GLU C 199 48.99 14.99 38.03
C GLU C 199 49.61 16.13 37.21
N ASP C 200 50.50 15.78 36.29
CA ASP C 200 51.11 16.81 35.44
C ASP C 200 50.06 17.45 34.54
N ASP C 201 49.18 16.65 33.96
CA ASP C 201 48.11 17.21 33.13
C ASP C 201 47.19 18.10 33.94
N ALA C 202 46.86 17.68 35.17
CA ALA C 202 46.02 18.51 36.03
C ALA C 202 46.70 19.83 36.35
N ALA C 203 48.00 19.80 36.66
CA ALA C 203 48.72 21.03 36.94
C ALA C 203 48.74 21.96 35.73
N THR C 204 48.98 21.39 34.54
CA THR C 204 48.98 22.21 33.32
C THR C 204 47.61 22.83 33.07
N VAL C 205 46.55 22.05 33.26
CA VAL C 205 45.20 22.57 33.05
C VAL C 205 44.89 23.67 34.05
N TYR C 206 45.29 23.48 35.32
CA TYR C 206 45.06 24.50 36.32
C TYR C 206 45.80 25.79 35.98
N ARG C 207 47.06 25.67 35.53
CA ARG C 207 47.82 26.85 35.15
C ARG C 207 47.17 27.57 33.98
N ALA C 208 46.73 26.81 32.97
CA ALA C 208 46.07 27.42 31.82
C ALA C 208 44.79 28.13 32.23
N ALA C 209 43.99 27.49 33.08
CA ALA C 209 42.75 28.11 33.54
C ALA C 209 43.02 29.39 34.32
N ALA C 210 44.03 29.36 35.20
CA ALA C 210 44.38 30.57 35.94
C ALA C 210 44.83 31.68 35.01
N MET C 211 45.63 31.34 34.00
CA MET C 211 46.06 32.35 33.04
C MET C 211 44.90 32.88 32.21
N LEU C 212 43.89 32.04 31.97
CA LEU C 212 42.73 32.42 31.18
C LEU C 212 41.59 32.98 32.02
N ASN C 213 41.79 33.14 33.32
CA ASN C 213 40.77 33.69 34.21
C ASN C 213 39.50 32.84 34.19
N MET C 214 39.67 31.51 34.21
CA MET C 214 38.54 30.60 34.23
C MET C 214 38.04 30.33 35.65
N THR C 215 38.92 30.37 36.64
CA THR C 215 38.53 30.13 38.04
C THR C 215 38.02 31.44 38.63
N GLY C 216 36.75 31.71 38.40
CA GLY C 216 36.10 32.93 38.86
C GLY C 216 35.27 32.69 40.11
N SER C 217 34.07 33.28 40.12
CA SER C 217 33.16 33.17 41.25
C SER C 217 32.05 32.16 41.03
N GLY C 218 31.46 32.14 39.84
CA GLY C 218 30.38 31.24 39.51
C GLY C 218 30.79 29.93 38.89
N TYR C 219 32.07 29.59 38.92
CA TYR C 219 32.59 28.36 38.32
C TYR C 219 32.72 27.28 39.39
N VAL C 220 32.27 26.08 39.08
CA VAL C 220 32.36 24.93 39.98
C VAL C 220 33.35 23.94 39.38
N TRP C 221 34.34 23.53 40.17
CA TRP C 221 35.39 22.63 39.72
C TRP C 221 35.30 21.32 40.49
N LEU C 222 35.33 20.21 39.75
CA LEU C 222 35.32 18.87 40.34
C LEU C 222 36.54 18.11 39.84
N VAL C 223 37.27 17.49 40.76
CA VAL C 223 38.50 16.78 40.44
C VAL C 223 38.51 15.44 41.19
N GLY C 224 39.41 14.56 40.76
CA GLY C 224 39.57 13.27 41.38
C GLY C 224 40.68 13.26 42.42
N GLU C 225 41.08 12.04 42.81
CA GLU C 225 42.11 11.89 43.82
C GLU C 225 43.50 12.19 43.27
N ARG C 226 43.67 12.18 41.95
CA ARG C 226 44.98 12.45 41.35
C ARG C 226 45.23 13.93 41.11
N GLU C 227 44.17 14.72 40.92
CA GLU C 227 44.34 16.14 40.64
C GLU C 227 44.60 16.98 41.88
N ILE C 228 44.47 16.39 43.07
CA ILE C 228 44.71 17.13 44.31
C ILE C 228 45.85 16.48 45.08
N SER C 229 46.79 15.87 44.34
CA SER C 229 47.93 15.21 44.94
C SER C 229 49.20 15.60 44.18
N GLY C 230 50.32 15.57 44.88
CA GLY C 230 51.58 15.91 44.26
C GLY C 230 51.64 17.38 43.86
N ASN C 231 52.34 17.64 42.76
CA ASN C 231 52.49 19.01 42.27
C ASN C 231 51.15 19.63 41.87
N ALA C 232 50.14 18.82 41.57
CA ALA C 232 48.84 19.36 41.18
C ALA C 232 48.23 20.18 42.32
N LEU C 233 48.34 19.69 43.56
CA LEU C 233 47.75 20.40 44.68
C LEU C 233 48.39 21.77 44.88
N ARG C 234 49.69 21.89 44.63
CA ARG C 234 50.37 23.16 44.81
C ARG C 234 49.81 24.23 43.89
N TYR C 235 49.55 23.89 42.63
CA TYR C 235 49.06 24.83 41.64
C TYR C 235 47.54 24.83 41.51
N ALA C 236 46.85 24.02 42.30
CA ALA C 236 45.40 23.93 42.17
C ALA C 236 44.75 25.24 42.62
N PRO C 237 43.68 25.68 41.95
CA PRO C 237 42.99 26.90 42.39
C PRO C 237 42.32 26.71 43.74
N ASP C 238 42.19 27.82 44.47
CA ASP C 238 41.55 27.79 45.78
C ASP C 238 40.05 27.67 45.61
N GLY C 239 39.47 26.63 46.20
CA GLY C 239 38.04 26.38 46.12
C GLY C 239 37.66 25.10 45.40
N ILE C 240 38.61 24.30 44.91
CA ILE C 240 38.26 23.08 44.21
C ILE C 240 37.62 22.08 45.18
N LEU C 241 36.88 21.13 44.61
CA LEU C 241 36.19 20.10 45.39
C LEU C 241 36.59 18.74 44.83
N GLY C 242 37.51 18.06 45.52
CA GLY C 242 38.01 16.78 45.10
C GLY C 242 37.57 15.64 46.00
N LEU C 243 38.10 14.46 45.70
CA LEU C 243 37.81 13.25 46.47
C LEU C 243 39.11 12.60 46.91
N GLN C 244 39.00 11.76 47.94
CA GLN C 244 40.16 11.08 48.48
C GLN C 244 39.72 9.80 49.18
N LEU C 245 40.24 8.66 48.73
CA LEU C 245 39.94 7.39 49.37
C LEU C 245 40.57 7.33 50.76
N ILE C 246 39.90 6.66 51.69
CA ILE C 246 40.33 6.62 53.07
C ILE C 246 40.81 5.23 53.45
N ASN C 247 41.20 4.43 52.44
CA ASN C 247 41.70 3.09 52.69
C ASN C 247 43.04 2.85 52.02
N GLY C 248 43.24 3.44 50.85
CA GLY C 248 44.41 3.20 50.03
C GLY C 248 45.74 3.16 50.75
N LYS C 249 46.04 4.21 51.51
CA LYS C 249 47.34 4.33 52.16
C LYS C 249 47.62 3.15 53.09
N ASN C 250 46.66 2.82 53.95
CA ASN C 250 46.83 1.74 54.92
C ASN C 250 47.06 0.41 54.22
N GLU C 251 48.25 -0.16 54.38
CA GLU C 251 48.58 -1.43 53.74
C GLU C 251 48.29 -2.63 54.64
N SER C 252 48.55 -2.49 55.94
CA SER C 252 48.29 -3.61 56.85
C SER C 252 46.83 -4.04 56.80
N ALA C 253 45.91 -3.08 56.78
CA ALA C 253 44.50 -3.41 56.73
C ALA C 253 44.16 -4.18 55.46
N HIS C 254 44.68 -3.73 54.32
CA HIS C 254 44.44 -4.42 53.06
C HIS C 254 45.02 -5.83 53.10
N ILE C 255 46.22 -5.99 53.67
CA ILE C 255 46.84 -7.31 53.76
C ILE C 255 45.98 -8.24 54.61
N SER C 256 45.50 -7.75 55.75
CA SER C 256 44.66 -8.57 56.61
C SER C 256 43.36 -8.96 55.92
N ASP C 257 42.72 -8.00 55.25
CA ASP C 257 41.49 -8.33 54.53
C ASP C 257 41.74 -9.36 53.44
N ALA C 258 42.83 -9.20 52.69
CA ALA C 258 43.14 -10.14 51.63
C ALA C 258 43.40 -11.54 52.18
N VAL C 259 44.14 -11.63 53.29
CA VAL C 259 44.41 -12.95 53.87
C VAL C 259 43.11 -13.58 54.37
N GLY C 260 42.24 -12.78 54.99
CA GLY C 260 40.97 -13.32 55.45
C GLY C 260 40.13 -13.86 54.32
N VAL C 261 40.00 -13.09 53.24
CA VAL C 261 39.21 -13.54 52.10
C VAL C 261 39.83 -14.77 51.46
N VAL C 262 41.16 -14.81 51.37
CA VAL C 262 41.83 -15.97 50.79
C VAL C 262 41.57 -17.21 51.64
N ALA C 263 41.65 -17.07 52.96
CA ALA C 263 41.38 -18.20 53.84
C ALA C 263 39.95 -18.68 53.68
N GLN C 264 38.99 -17.75 53.63
CA GLN C 264 37.60 -18.15 53.45
C GLN C 264 37.40 -18.89 52.13
N ALA C 265 38.00 -18.37 51.04
CA ALA C 265 37.86 -19.01 49.74
C ALA C 265 38.49 -20.39 49.73
N VAL C 266 39.67 -20.53 50.35
CA VAL C 266 40.34 -21.82 50.38
C VAL C 266 39.53 -22.82 51.18
N HIS C 267 38.96 -22.39 52.30
CA HIS C 267 38.12 -23.29 53.08
C HIS C 267 36.89 -23.72 52.29
N GLU C 268 36.26 -22.78 51.59
CA GLU C 268 35.09 -23.13 50.78
C GLU C 268 35.46 -24.11 49.68
N LEU C 269 36.59 -23.89 49.01
CA LEU C 269 37.03 -24.80 47.96
C LEU C 269 37.32 -26.18 48.53
N LEU C 270 37.99 -26.25 49.68
CA LEU C 270 38.28 -27.54 50.30
C LEU C 270 37.01 -28.28 50.68
N GLU C 271 36.01 -27.54 51.17
CA GLU C 271 34.74 -28.18 51.53
C GLU C 271 34.14 -28.93 50.34
N LYS C 272 34.37 -28.44 49.13
CA LYS C 272 33.87 -29.10 47.94
C LYS C 272 34.85 -30.19 47.50
N GLU C 273 34.60 -30.79 46.34
CA GLU C 273 35.44 -31.85 45.80
C GLU C 273 35.97 -31.43 44.43
N ASN C 274 36.65 -32.36 43.75
CA ASN C 274 37.21 -32.12 42.43
C ASN C 274 38.20 -30.96 42.46
N ILE C 275 39.27 -31.16 43.23
CA ILE C 275 40.33 -30.17 43.38
C ILE C 275 41.62 -30.75 42.81
N THR C 276 42.25 -29.99 41.92
CA THR C 276 43.50 -30.41 41.28
C THR C 276 44.67 -29.63 41.87
N ASP C 277 45.80 -30.30 42.02
CA ASP C 277 46.97 -29.66 42.58
C ASP C 277 47.45 -28.54 41.65
N PRO C 278 47.74 -27.35 42.17
CA PRO C 278 48.23 -26.29 41.31
C PRO C 278 49.56 -26.66 40.71
N PRO C 279 49.87 -26.15 39.52
CA PRO C 279 51.15 -26.49 38.87
C PRO C 279 52.33 -26.14 39.76
N ARG C 280 53.18 -27.13 40.02
CA ARG C 280 54.36 -26.91 40.84
C ARG C 280 55.50 -26.31 40.03
N GLY C 281 55.95 -27.02 39.00
CA GLY C 281 57.00 -26.52 38.14
C GLY C 281 56.49 -25.57 37.08
N CYS C 282 57.43 -24.96 36.37
CA CYS C 282 57.11 -24.03 35.29
C CYS C 282 57.64 -24.52 33.94
N VAL C 283 58.91 -24.91 33.86
CA VAL C 283 59.46 -25.37 32.60
C VAL C 283 58.80 -26.67 32.16
N GLY C 284 58.63 -27.62 33.09
CA GLY C 284 58.04 -28.90 32.73
C GLY C 284 56.55 -28.85 32.51
N ASN C 285 55.89 -27.84 33.07
CA ASN C 285 54.43 -27.72 32.97
C ASN C 285 54.10 -26.62 31.95
N THR C 286 53.35 -26.98 30.92
CA THR C 286 52.94 -26.03 29.89
C THR C 286 51.43 -25.84 29.81
N ASN C 287 50.64 -26.74 30.38
CA ASN C 287 49.19 -26.62 30.34
C ASN C 287 48.69 -25.78 31.52
N ILE C 288 47.61 -25.04 31.28
CA ILE C 288 47.05 -24.20 32.33
C ILE C 288 46.44 -25.07 33.42
N TRP C 289 46.33 -24.49 34.61
CA TRP C 289 45.75 -25.20 35.73
C TRP C 289 44.26 -25.44 35.49
N LYS C 290 43.84 -26.70 35.63
CA LYS C 290 42.43 -27.01 35.44
C LYS C 290 41.56 -26.27 36.44
N THR C 291 41.99 -26.22 37.70
CA THR C 291 41.29 -25.47 38.72
C THR C 291 41.74 -24.00 38.69
N GLY C 292 40.88 -23.13 39.22
CA GLY C 292 41.17 -21.72 39.28
C GLY C 292 40.02 -20.88 38.77
N PRO C 293 39.36 -21.32 37.70
CA PRO C 293 38.09 -20.68 37.33
C PRO C 293 37.03 -20.85 38.40
N LEU C 294 36.85 -22.07 38.90
CA LEU C 294 35.95 -22.28 40.03
C LEU C 294 36.45 -21.55 41.27
N PHE C 295 37.77 -21.58 41.51
CA PHE C 295 38.33 -20.85 42.64
C PHE C 295 38.11 -19.35 42.48
N LYS C 296 38.30 -18.82 41.27
CA LYS C 296 38.07 -17.40 41.04
C LYS C 296 36.61 -17.05 41.27
N ARG C 297 35.69 -17.88 40.80
CA ARG C 297 34.27 -17.63 41.01
C ARG C 297 33.93 -17.65 42.50
N VAL C 298 34.49 -18.61 43.24
CA VAL C 298 34.25 -18.67 44.68
C VAL C 298 34.78 -17.43 45.36
N LEU C 299 35.97 -16.98 44.99
CA LEU C 299 36.53 -15.77 45.58
C LEU C 299 35.66 -14.56 45.29
N MET C 300 35.16 -14.45 44.05
CA MET C 300 34.28 -13.34 43.71
C MET C 300 32.99 -13.40 44.53
N SER C 301 32.41 -14.58 44.69
CA SER C 301 31.17 -14.72 45.45
C SER C 301 31.39 -14.60 46.95
N SER C 302 32.63 -14.73 47.42
CA SER C 302 32.90 -14.66 48.85
C SER C 302 32.62 -13.25 49.37
N LYS C 303 31.96 -13.17 50.52
CA LYS C 303 31.64 -11.90 51.16
C LYS C 303 32.17 -11.95 52.59
N TYR C 304 33.14 -11.08 52.89
CA TYR C 304 33.70 -11.04 54.23
C TYR C 304 32.66 -10.55 55.24
N ALA C 305 32.63 -11.19 56.40
CA ALA C 305 31.66 -10.82 57.43
C ALA C 305 31.96 -9.44 57.99
N ASP C 306 33.15 -9.28 58.56
CA ASP C 306 33.54 -8.00 59.14
C ASP C 306 35.06 -7.91 59.16
N GLY C 307 35.61 -7.05 58.29
CA GLY C 307 37.05 -6.85 58.22
C GLY C 307 37.49 -5.60 58.96
N VAL C 308 38.80 -5.31 58.84
CA VAL C 308 39.37 -4.13 59.46
C VAL C 308 39.09 -2.85 58.69
N THR C 309 38.43 -2.95 57.53
CA THR C 309 38.07 -1.79 56.74
C THR C 309 36.59 -1.72 56.39
N GLY C 310 35.93 -2.85 56.25
CA GLY C 310 34.52 -2.87 55.93
C GLY C 310 34.13 -4.20 55.32
N ARG C 311 32.87 -4.27 54.89
CA ARG C 311 32.36 -5.47 54.25
C ARG C 311 33.03 -5.65 52.89
N VAL C 312 33.77 -6.73 52.73
CA VAL C 312 34.52 -6.98 51.50
C VAL C 312 33.60 -7.65 50.49
N GLU C 313 33.45 -7.04 49.32
CA GLU C 313 32.66 -7.60 48.24
C GLU C 313 33.32 -7.28 46.92
N PHE C 314 33.03 -8.12 45.91
CA PHE C 314 33.60 -7.96 44.59
C PHE C 314 32.47 -7.96 43.55
N ASN C 315 32.59 -7.08 42.57
CA ASN C 315 31.61 -6.98 41.50
C ASN C 315 31.98 -7.91 40.36
N GLU C 316 31.30 -7.77 39.22
CA GLU C 316 31.57 -8.65 38.08
C GLU C 316 33.00 -8.48 37.58
N ASP C 317 33.48 -7.23 37.52
CA ASP C 317 34.82 -6.98 37.00
C ASP C 317 35.90 -7.38 38.01
N GLY C 318 35.55 -7.55 39.27
CA GLY C 318 36.50 -7.94 40.29
C GLY C 318 37.07 -6.80 41.12
N ASP C 319 36.30 -5.74 41.35
CA ASP C 319 36.76 -4.61 42.14
C ASP C 319 35.91 -4.49 43.41
N ARG C 320 36.50 -3.91 44.45
CA ARG C 320 35.80 -3.75 45.71
C ARG C 320 34.55 -2.91 45.53
N LYS C 321 33.48 -3.29 46.22
CA LYS C 321 32.18 -2.65 46.10
C LYS C 321 31.84 -1.91 47.38
N PHE C 322 31.12 -0.80 47.21
CA PHE C 322 30.65 0.01 48.34
C PHE C 322 31.82 0.52 49.18
N ALA C 323 32.66 1.33 48.54
CA ALA C 323 33.76 1.98 49.23
C ALA C 323 33.31 3.31 49.82
N ASN C 324 34.19 3.93 50.59
CA ASN C 324 33.92 5.20 51.24
C ASN C 324 34.93 6.25 50.78
N TYR C 325 34.42 7.40 50.34
CA TYR C 325 35.25 8.51 49.91
C TYR C 325 35.01 9.72 50.80
N SER C 326 36.00 10.60 50.86
CA SER C 326 35.93 11.81 51.67
C SER C 326 35.99 13.02 50.74
N ILE C 327 34.96 13.86 50.81
CA ILE C 327 34.92 15.08 50.02
C ILE C 327 35.74 16.16 50.73
N MET C 328 36.70 16.73 50.02
CA MET C 328 37.63 17.69 50.59
C MET C 328 37.63 18.97 49.75
N ASN C 329 37.75 20.10 50.44
CA ASN C 329 37.82 21.41 49.80
C ASN C 329 39.26 21.91 49.81
N LEU C 330 39.46 23.13 49.31
CA LEU C 330 40.77 23.75 49.22
C LEU C 330 40.75 25.14 49.84
N GLN C 331 40.17 25.25 51.03
CA GLN C 331 40.07 26.53 51.72
C GLN C 331 41.45 26.97 52.18
N ASN C 332 41.89 28.14 51.69
CA ASN C 332 43.19 28.71 52.06
C ASN C 332 44.32 27.72 51.79
N ARG C 333 44.24 27.02 50.66
CA ARG C 333 45.26 26.05 50.27
C ARG C 333 45.43 24.95 51.30
N LYS C 334 44.34 24.61 52.01
CA LYS C 334 44.35 23.56 53.01
C LYS C 334 43.20 22.62 52.75
N LEU C 335 43.49 21.32 52.71
CA LEU C 335 42.46 20.30 52.47
C LEU C 335 41.67 20.06 53.74
N VAL C 336 40.36 20.28 53.67
CA VAL C 336 39.47 20.09 54.80
C VAL C 336 38.30 19.21 54.38
N GLN C 337 37.74 18.48 55.34
CA GLN C 337 36.63 17.59 55.07
C GLN C 337 35.32 18.36 55.10
N VAL C 338 34.53 18.24 54.04
CA VAL C 338 33.23 18.89 53.94
C VAL C 338 32.11 17.90 53.69
N GLY C 339 32.39 16.61 53.78
CA GLY C 339 31.37 15.60 53.57
C GLY C 339 32.00 14.23 53.45
N ILE C 340 31.13 13.22 53.51
CA ILE C 340 31.55 11.83 53.40
C ILE C 340 30.59 11.10 52.47
N TYR C 341 31.15 10.30 51.57
CA TYR C 341 30.37 9.49 50.64
C TYR C 341 30.40 8.05 51.12
N ASN C 342 29.29 7.58 51.67
CA ASN C 342 29.17 6.21 52.18
C ASN C 342 28.21 5.43 51.31
N GLY C 343 28.64 4.26 50.86
CA GLY C 343 27.81 3.41 50.03
C GLY C 343 27.40 4.10 48.74
N THR C 344 26.11 4.45 48.63
CA THR C 344 25.57 5.08 47.43
C THR C 344 25.01 6.47 47.72
N HIS C 345 25.37 7.08 48.85
CA HIS C 345 24.86 8.39 49.22
C HIS C 345 26.00 9.25 49.75
N VAL C 346 25.82 10.56 49.64
CA VAL C 346 26.79 11.54 50.12
C VAL C 346 26.12 12.39 51.19
N ILE C 347 26.76 12.51 52.33
CA ILE C 347 26.23 13.24 53.47
C ILE C 347 27.24 14.33 53.85
N PRO C 348 26.86 15.60 53.87
CA PRO C 348 27.80 16.65 54.26
C PRO C 348 28.03 16.68 55.76
N ASN C 349 28.85 17.62 56.23
CA ASN C 349 29.13 17.73 57.65
C ASN C 349 28.82 19.14 58.17
N ASP C 350 29.18 19.42 59.41
CA ASP C 350 28.88 20.73 59.98
C ASP C 350 29.66 21.84 59.29
N ARG C 351 30.90 21.56 58.87
CA ARG C 351 31.72 22.57 58.23
C ARG C 351 31.07 23.06 56.95
N LYS C 352 31.21 24.36 56.69
CA LYS C 352 30.65 24.96 55.49
C LYS C 352 31.59 24.74 54.29
N ILE C 353 31.09 25.08 53.11
CA ILE C 353 31.82 24.92 51.87
C ILE C 353 32.08 26.30 51.28
N ILE C 354 33.33 26.59 50.96
CA ILE C 354 33.74 27.86 50.41
C ILE C 354 34.06 27.64 48.93
N TRP C 355 33.15 28.05 48.05
CA TRP C 355 33.35 27.88 46.63
C TRP C 355 34.40 28.87 46.12
N PRO C 356 34.95 28.64 44.94
CA PRO C 356 35.99 29.53 44.42
C PRO C 356 35.46 30.96 44.31
N GLY C 357 36.34 31.92 44.61
CA GLY C 357 35.96 33.32 44.66
C GLY C 357 35.42 33.78 45.99
N GLY C 358 35.33 32.91 46.99
CA GLY C 358 34.86 33.27 48.30
C GLY C 358 33.35 33.28 48.47
N GLU C 359 32.60 32.94 47.44
CA GLU C 359 31.15 32.95 47.55
C GLU C 359 30.68 31.91 48.56
N THR C 360 29.73 32.30 49.40
CA THR C 360 29.16 31.42 50.41
C THR C 360 27.88 30.72 49.94
N GLU C 361 27.44 30.97 48.72
CA GLU C 361 26.23 30.38 48.17
C GLU C 361 26.60 29.47 47.00
N LYS C 362 25.90 28.35 46.89
CA LYS C 362 26.18 27.39 45.83
C LYS C 362 25.75 27.97 44.48
N PRO C 363 26.66 28.10 43.52
CA PRO C 363 26.26 28.61 42.20
C PRO C 363 25.29 27.65 41.51
N ARG C 364 24.40 28.23 40.71
CA ARG C 364 23.45 27.41 39.97
C ARG C 364 24.13 26.53 38.93
N GLY C 365 25.27 26.98 38.41
CA GLY C 365 26.02 26.23 37.44
C GLY C 365 25.60 26.41 36.00
N TYR C 366 24.53 27.16 35.75
CA TYR C 366 24.04 27.40 34.39
C TYR C 366 23.85 28.90 34.20
N GLN C 367 24.40 29.43 33.11
CA GLN C 367 24.27 30.84 32.77
C GLN C 367 23.62 30.94 31.40
N MET C 368 22.37 31.38 31.35
CA MET C 368 21.67 31.51 30.09
C MET C 368 22.32 32.57 29.22
N SER C 369 22.30 32.33 27.91
CA SER C 369 22.87 33.26 26.93
C SER C 369 21.75 34.09 26.33
N THR C 370 21.87 35.41 26.42
CA THR C 370 20.87 36.31 25.87
C THR C 370 21.20 36.80 24.47
N ARG C 371 22.44 36.61 24.02
CA ARG C 371 22.85 37.02 22.68
C ARG C 371 22.75 35.82 21.75
N LEU C 372 22.03 35.99 20.64
CA LEU C 372 21.79 34.92 19.69
C LEU C 372 22.39 35.28 18.35
N LYS C 373 22.82 34.24 17.62
CA LYS C 373 23.34 34.39 16.27
C LYS C 373 22.31 33.85 15.27
N ILE C 374 21.97 34.67 14.28
CA ILE C 374 20.94 34.34 13.31
C ILE C 374 21.58 34.20 11.94
N VAL C 375 21.16 33.18 11.19
CA VAL C 375 21.64 32.93 9.84
C VAL C 375 20.47 33.11 8.88
N THR C 376 20.67 33.90 7.84
CA THR C 376 19.61 34.23 6.90
C THR C 376 20.11 34.08 5.47
N ILE C 377 19.18 33.82 4.57
CA ILE C 377 19.48 33.70 3.15
C ILE C 377 18.85 34.88 2.41
N HIS C 378 19.24 35.05 1.15
CA HIS C 378 18.79 36.17 0.34
C HIS C 378 17.53 35.76 -0.42
N GLN C 379 16.41 36.39 -0.08
CA GLN C 379 15.15 36.20 -0.79
C GLN C 379 14.50 37.56 -0.96
N GLU C 380 14.27 37.96 -2.21
CA GLU C 380 13.81 39.32 -2.48
C GLU C 380 12.49 39.63 -1.80
N PRO C 381 11.43 38.83 -1.94
CA PRO C 381 10.15 39.20 -1.31
C PRO C 381 10.20 39.22 0.20
N PHE C 382 11.17 38.55 0.83
CA PHE C 382 11.21 38.40 2.28
C PHE C 382 12.38 39.13 2.91
N VAL C 383 13.58 39.00 2.36
CA VAL C 383 14.79 39.59 2.94
C VAL C 383 15.57 40.27 1.82
N TYR C 384 15.35 41.58 1.65
CA TYR C 384 16.18 42.37 0.76
C TYR C 384 17.53 42.62 1.41
N VAL C 385 18.61 42.37 0.66
CA VAL C 385 19.97 42.63 1.10
C VAL C 385 20.62 43.55 0.07
N LYS C 386 21.18 44.65 0.55
CA LYS C 386 21.74 45.69 -0.31
C LYS C 386 23.09 46.12 0.23
N PRO C 387 23.94 46.69 -0.63
CA PRO C 387 25.22 47.21 -0.17
C PRO C 387 25.04 48.41 0.75
N THR C 388 25.96 48.57 1.68
CA THR C 388 25.92 49.69 2.60
C THR C 388 26.52 50.94 1.95
N LEU C 389 26.35 52.08 2.62
CA LEU C 389 26.85 53.34 2.12
C LEU C 389 28.36 53.43 2.34
N SER C 390 28.95 54.55 1.88
CA SER C 390 30.39 54.75 2.08
C SER C 390 30.74 54.83 3.55
N ASP C 391 29.91 55.52 4.34
CA ASP C 391 30.17 55.62 5.77
C ASP C 391 30.10 54.25 6.44
N GLY C 392 29.13 53.43 6.04
CA GLY C 392 28.98 52.11 6.62
C GLY C 392 27.57 51.84 7.09
N THR C 393 26.82 52.89 7.39
CA THR C 393 25.45 52.76 7.85
C THR C 393 24.51 52.55 6.68
N CYS C 394 23.21 52.49 6.98
CA CYS C 394 22.18 52.28 5.98
C CYS C 394 21.42 53.58 5.71
N LYS C 395 20.71 53.60 4.58
CA LYS C 395 19.92 54.77 4.23
C LYS C 395 18.72 54.90 5.17
N GLU C 396 17.91 55.93 4.94
CA GLU C 396 16.74 56.21 5.76
C GLU C 396 15.50 56.34 4.90
N GLU C 397 15.35 55.46 3.91
CA GLU C 397 14.19 55.51 3.03
C GLU C 397 12.92 55.15 3.80
N PHE C 398 11.82 55.77 3.40
CA PHE C 398 10.51 55.56 4.01
C PHE C 398 9.60 54.82 3.04
N THR C 399 8.35 54.64 3.46
CA THR C 399 7.36 53.95 2.62
C THR C 399 6.12 54.82 2.45
N VAL C 400 5.07 54.25 1.85
CA VAL C 400 3.84 55.01 1.65
C VAL C 400 3.22 55.34 3.00
N ASN C 401 2.83 56.59 3.17
CA ASN C 401 2.25 57.07 4.43
C ASN C 401 3.22 56.89 5.59
N GLY C 402 4.41 57.49 5.43
CA GLY C 402 5.44 57.39 6.43
C GLY C 402 5.94 55.98 6.63
N ASP C 403 5.68 55.40 7.80
CA ASP C 403 6.07 54.03 8.10
C ASP C 403 7.57 53.84 7.86
N PRO C 404 8.43 54.41 8.69
CA PRO C 404 9.87 54.22 8.49
C PRO C 404 10.24 52.74 8.54
N VAL C 405 11.16 52.36 7.67
CA VAL C 405 11.59 50.97 7.57
C VAL C 405 12.68 50.71 8.60
N LYS C 406 12.82 49.44 8.96
CA LYS C 406 13.83 48.99 9.91
C LYS C 406 14.83 48.10 9.18
N LYS C 407 16.12 48.36 9.40
CA LYS C 407 17.18 47.63 8.74
C LYS C 407 18.20 47.14 9.76
N VAL C 408 18.92 46.08 9.40
CA VAL C 408 19.95 45.50 10.25
C VAL C 408 21.21 45.30 9.41
N ILE C 409 22.32 45.08 10.10
CA ILE C 409 23.62 44.89 9.46
C ILE C 409 23.90 43.40 9.37
N CYS C 410 24.21 42.93 8.16
CA CYS C 410 24.53 41.53 7.91
C CYS C 410 25.97 41.41 7.45
N THR C 411 26.73 40.56 8.15
CA THR C 411 28.13 40.32 7.79
C THR C 411 28.25 39.18 6.77
N GLY C 412 27.51 39.29 5.68
CA GLY C 412 27.53 38.28 4.64
C GLY C 412 28.60 38.54 3.61
N PRO C 413 28.97 37.50 2.87
CA PRO C 413 30.02 37.65 1.85
C PRO C 413 29.47 38.08 0.50
N ASN C 414 30.16 39.02 -0.11
CA ASN C 414 29.83 39.47 -1.46
C ASN C 414 30.43 38.47 -2.46
N ASP C 415 30.38 38.80 -3.75
CA ASP C 415 30.91 37.94 -4.80
C ASP C 415 30.23 36.57 -4.75
N THR C 416 28.92 36.60 -5.06
CA THR C 416 28.11 35.39 -4.95
C THR C 416 28.69 34.25 -5.76
N SER C 417 29.38 34.55 -6.85
CA SER C 417 30.03 33.50 -7.62
C SER C 417 31.10 32.82 -6.76
N PRO C 418 31.07 31.50 -6.62
CA PRO C 418 32.06 30.84 -5.76
C PRO C 418 33.50 30.97 -6.25
N GLY C 419 33.70 31.32 -7.52
CA GLY C 419 35.05 31.40 -8.05
C GLY C 419 35.91 32.41 -7.32
N SER C 420 35.35 33.59 -7.02
CA SER C 420 36.10 34.64 -6.37
C SER C 420 35.89 34.56 -4.87
N PRO C 421 36.92 34.26 -4.08
CA PRO C 421 36.75 34.22 -2.63
C PRO C 421 36.36 35.60 -2.08
N ARG C 422 35.50 35.60 -1.06
CA ARG C 422 35.06 36.81 -0.41
C ARG C 422 35.16 36.63 1.10
N HIS C 423 35.72 37.61 1.79
CA HIS C 423 35.89 37.51 3.23
C HIS C 423 34.61 37.88 3.97
N THR C 424 34.20 39.15 3.84
CA THR C 424 32.98 39.61 4.49
C THR C 424 32.65 41.04 4.07
N VAL C 425 31.37 41.37 4.00
CA VAL C 425 30.93 42.72 3.65
C VAL C 425 29.72 43.09 4.50
N PRO C 426 29.80 44.14 5.32
CA PRO C 426 28.65 44.53 6.17
C PRO C 426 27.53 45.22 5.39
N GLN C 427 26.67 44.41 4.79
CA GLN C 427 25.56 44.90 4.00
C GLN C 427 24.35 45.18 4.90
N CYS C 428 23.27 45.66 4.29
CA CYS C 428 22.04 46.00 5.01
C CYS C 428 20.92 45.06 4.60
N CYS C 429 20.19 44.55 5.59
CA CYS C 429 19.10 43.61 5.37
C CYS C 429 17.81 44.18 5.95
N TYR C 430 16.71 43.93 5.25
CA TYR C 430 15.41 44.39 5.72
C TYR C 430 14.30 43.63 4.99
N GLY C 431 13.16 43.50 5.64
CA GLY C 431 12.01 42.89 5.00
C GLY C 431 11.12 42.21 6.02
N PHE C 432 10.33 41.26 5.51
CA PHE C 432 9.39 40.54 6.37
C PHE C 432 10.10 39.80 7.49
N CYS C 433 11.12 39.01 7.14
CA CYS C 433 11.83 38.22 8.14
C CYS C 433 12.53 39.12 9.15
N ILE C 434 13.12 40.23 8.69
CA ILE C 434 13.80 41.14 9.60
C ILE C 434 12.81 41.76 10.58
N ASP C 435 11.65 42.17 10.09
CA ASP C 435 10.63 42.74 10.98
C ASP C 435 10.15 41.71 11.99
N LEU C 436 9.93 40.47 11.54
CA LEU C 436 9.53 39.42 12.46
C LEU C 436 10.59 39.17 13.52
N LEU C 437 11.86 39.15 13.11
CA LEU C 437 12.95 38.94 14.07
C LEU C 437 13.01 40.07 15.08
N ILE C 438 12.83 41.32 14.62
CA ILE C 438 12.83 42.45 15.53
C ILE C 438 11.69 42.34 16.53
N LYS C 439 10.50 41.97 16.05
CA LYS C 439 9.37 41.81 16.96
C LYS C 439 9.65 40.72 17.99
N LEU C 440 10.19 39.59 17.54
CA LEU C 440 10.50 38.50 18.46
C LEU C 440 11.54 38.92 19.50
N ALA C 441 12.58 39.63 19.07
CA ALA C 441 13.59 40.09 20.00
C ALA C 441 13.01 41.05 21.02
N ARG C 442 12.16 41.98 20.58
CA ARG C 442 11.52 42.89 21.52
C ARG C 442 10.64 42.15 22.51
N THR C 443 9.89 41.16 22.03
CA THR C 443 9.00 40.41 22.92
C THR C 443 9.78 39.61 23.95
N MET C 444 10.84 38.92 23.51
CA MET C 444 11.61 38.05 24.39
C MET C 444 12.79 38.73 25.05
N ASN C 445 13.11 39.96 24.67
CA ASN C 445 14.19 40.73 25.29
C ASN C 445 15.53 39.98 25.18
N PHE C 446 15.96 39.78 23.93
CA PHE C 446 17.26 39.18 23.65
C PHE C 446 17.89 39.87 22.45
N THR C 447 19.22 39.92 22.46
CA THR C 447 19.96 40.52 21.36
C THR C 447 20.14 39.52 20.23
N TYR C 448 20.62 40.01 19.09
CA TYR C 448 20.78 39.17 17.91
C TYR C 448 21.95 39.67 17.08
N GLU C 449 22.42 38.81 16.18
CA GLU C 449 23.51 39.16 15.27
C GLU C 449 23.27 38.39 13.97
N VAL C 450 22.70 39.07 12.99
CA VAL C 450 22.29 38.45 11.73
C VAL C 450 23.49 38.35 10.80
N HIS C 451 23.60 37.23 10.11
CA HIS C 451 24.62 37.06 9.08
C HIS C 451 24.08 36.14 7.99
N LEU C 452 24.67 36.25 6.81
CA LEU C 452 24.23 35.47 5.66
C LEU C 452 24.90 34.09 5.65
N VAL C 453 24.37 33.22 4.81
CA VAL C 453 24.90 31.86 4.69
C VAL C 453 26.13 31.90 3.78
N ALA C 454 27.22 31.29 4.23
CA ALA C 454 28.45 31.27 3.46
C ALA C 454 28.29 30.47 2.16
N ASP C 455 27.30 29.59 2.07
CA ASP C 455 27.09 28.78 0.88
C ASP C 455 25.95 29.28 0.00
N GLY C 456 24.98 29.99 0.57
CA GLY C 456 23.86 30.48 -0.20
C GLY C 456 22.76 29.47 -0.46
N LYS C 457 22.84 28.28 0.13
CA LYS C 457 21.84 27.24 -0.06
C LYS C 457 20.98 27.11 1.19
N PHE C 458 19.81 26.48 1.01
CA PHE C 458 18.88 26.31 2.13
C PHE C 458 19.33 25.15 3.03
N GLY C 459 19.44 23.95 2.47
CA GLY C 459 19.88 22.81 3.23
C GLY C 459 19.43 21.48 2.63
N THR C 460 20.33 20.49 2.65
CA THR C 460 20.05 19.19 2.08
C THR C 460 21.16 18.23 2.49
N GLN C 461 20.79 16.97 2.73
CA GLN C 461 21.76 15.96 3.11
C GLN C 461 22.42 15.38 1.87
N GLU C 462 23.75 15.38 1.86
CA GLU C 462 24.50 14.86 0.71
C GLU C 462 25.84 14.33 1.20
N ARG C 463 26.43 13.46 0.39
CA ARG C 463 27.74 12.90 0.70
C ARG C 463 28.84 13.92 0.40
N VAL C 464 29.91 13.88 1.21
CA VAL C 464 31.01 14.82 1.05
C VAL C 464 31.91 14.48 -0.13
N ASN C 465 31.76 13.30 -0.72
CA ASN C 465 32.56 12.82 -1.84
C ASN C 465 33.97 12.46 -1.41
N ASN C 466 34.35 12.69 -0.15
CA ASN C 466 35.66 12.34 0.38
C ASN C 466 35.62 11.25 1.42
N SER C 467 34.58 11.22 2.25
CA SER C 467 34.41 10.19 3.28
C SER C 467 33.04 9.56 3.11
N ASN C 468 32.72 8.64 4.01
CA ASN C 468 31.44 7.94 4.01
C ASN C 468 30.41 8.58 4.92
N LYS C 469 30.74 9.73 5.52
CA LYS C 469 29.85 10.42 6.44
C LYS C 469 29.09 11.51 5.70
N LYS C 470 27.76 11.50 5.83
CA LYS C 470 26.91 12.49 5.21
C LYS C 470 26.49 13.53 6.25
N GLU C 471 26.41 14.79 5.82
CA GLU C 471 26.06 15.88 6.71
C GLU C 471 25.31 16.95 5.93
N TRP C 472 24.59 17.79 6.68
CA TRP C 472 23.81 18.86 6.08
C TRP C 472 24.71 19.96 5.56
N ASN C 473 24.16 20.77 4.65
CA ASN C 473 24.87 21.91 4.08
C ASN C 473 23.95 23.12 4.08
N GLY C 474 24.56 24.30 4.10
CA GLY C 474 23.80 25.53 4.08
C GLY C 474 23.31 25.96 5.46
N MET C 475 22.09 26.49 5.51
CA MET C 475 21.55 26.97 6.78
C MET C 475 21.41 25.83 7.78
N MET C 476 20.93 24.67 7.33
CA MET C 476 20.78 23.54 8.23
C MET C 476 22.13 23.11 8.79
N GLY C 477 23.14 23.02 7.93
CA GLY C 477 24.47 22.65 8.41
C GLY C 477 25.03 23.66 9.39
N GLU C 478 24.85 24.95 9.10
CA GLU C 478 25.34 25.98 10.00
C GLU C 478 24.64 25.92 11.35
N LEU C 479 23.33 25.71 11.35
CA LEU C 479 22.59 25.59 12.61
C LEU C 479 23.05 24.37 13.40
N LEU C 480 23.23 23.24 12.72
CA LEU C 480 23.69 22.03 13.41
C LEU C 480 25.14 22.16 13.87
N SER C 481 25.97 22.85 13.09
CA SER C 481 27.38 23.02 13.46
C SER C 481 27.58 23.96 14.64
N GLY C 482 26.53 24.65 15.08
CA GLY C 482 26.64 25.56 16.20
C GLY C 482 26.98 26.99 15.84
N GLN C 483 27.22 27.29 14.56
CA GLN C 483 27.54 28.65 14.16
C GLN C 483 26.35 29.59 14.26
N ALA C 484 25.15 29.08 14.46
CA ALA C 484 23.96 29.91 14.59
C ALA C 484 23.01 29.29 15.59
N ASP C 485 22.20 30.13 16.23
CA ASP C 485 21.23 29.68 17.21
C ASP C 485 19.80 29.70 16.70
N MET C 486 19.56 30.27 15.52
CA MET C 486 18.21 30.35 14.97
C MET C 486 18.32 30.52 13.46
N ILE C 487 17.22 30.26 12.78
CA ILE C 487 17.11 30.42 11.33
C ILE C 487 15.86 31.25 11.06
N VAL C 488 16.04 32.56 10.90
CA VAL C 488 14.93 33.47 10.60
C VAL C 488 14.96 33.72 9.11
N ALA C 489 14.24 32.89 8.36
CA ALA C 489 14.18 33.00 6.91
C ALA C 489 13.17 31.99 6.37
N PRO C 490 12.80 32.10 5.09
CA PRO C 490 11.87 31.11 4.51
C PRO C 490 12.46 29.71 4.56
N LEU C 491 11.84 28.83 5.34
CA LEU C 491 12.32 27.46 5.51
C LEU C 491 11.12 26.55 5.64
N THR C 492 10.82 25.79 4.59
CA THR C 492 9.67 24.90 4.62
C THR C 492 9.86 23.79 5.64
N ILE C 493 8.76 23.34 6.22
CA ILE C 493 8.78 22.26 7.22
C ILE C 493 8.52 20.95 6.50
N ASN C 494 9.48 20.03 6.59
CA ASN C 494 9.37 18.72 5.96
C ASN C 494 9.85 17.66 6.92
N ASN C 495 9.54 16.41 6.60
CA ASN C 495 9.90 15.30 7.48
C ASN C 495 11.41 15.15 7.61
N GLU C 496 12.15 15.31 6.51
CA GLU C 496 13.58 15.09 6.52
C GLU C 496 14.28 16.03 7.49
N ARG C 497 13.92 17.31 7.45
CA ARG C 497 14.56 18.31 8.31
C ARG C 497 13.97 18.35 9.71
N ALA C 498 12.80 17.75 9.94
CA ALA C 498 12.18 17.76 11.25
C ALA C 498 12.78 16.73 12.19
N GLN C 499 13.55 15.78 11.68
CA GLN C 499 14.15 14.75 12.52
C GLN C 499 15.43 15.22 13.23
N TYR C 500 15.96 16.38 12.86
CA TYR C 500 17.19 16.90 13.45
C TYR C 500 16.99 18.20 14.21
N ILE C 501 16.14 19.10 13.70
CA ILE C 501 15.90 20.38 14.35
C ILE C 501 14.44 20.50 14.75
N GLU C 502 14.09 21.60 15.42
CA GLU C 502 12.74 21.85 15.87
C GLU C 502 12.16 23.05 15.14
N PHE C 503 10.95 22.90 14.63
CA PHE C 503 10.26 23.94 13.90
C PHE C 503 9.13 24.51 14.75
N SER C 504 9.02 25.83 14.80
CA SER C 504 7.93 26.48 15.49
C SER C 504 6.66 26.42 14.63
N LYS C 505 5.56 26.92 15.19
CA LYS C 505 4.32 26.94 14.43
C LYS C 505 4.48 27.81 13.19
N PRO C 506 3.92 27.41 12.06
CA PRO C 506 4.14 28.17 10.81
C PRO C 506 3.65 29.60 10.94
N PHE C 507 4.41 30.53 10.36
CA PHE C 507 4.02 31.92 10.28
C PHE C 507 3.59 32.32 8.87
N LYS C 508 3.64 31.41 7.91
CA LYS C 508 3.23 31.71 6.54
C LYS C 508 2.92 30.39 5.85
N TYR C 509 1.65 30.18 5.52
CA TYR C 509 1.22 28.98 4.80
C TYR C 509 1.31 29.22 3.30
N GLN C 510 1.85 28.25 2.57
CA GLN C 510 2.04 28.39 1.13
C GLN C 510 2.17 26.99 0.52
N GLY C 511 2.33 26.97 -0.79
CA GLY C 511 2.51 25.72 -1.51
C GLY C 511 3.55 25.83 -2.61
N LEU C 512 3.31 25.16 -3.74
CA LEU C 512 4.22 25.19 -4.87
C LEU C 512 3.44 25.59 -6.12
N THR C 513 4.04 26.46 -6.93
CA THR C 513 3.43 26.95 -8.16
C THR C 513 4.47 26.89 -9.29
N ILE C 514 4.05 27.33 -10.48
CA ILE C 514 4.89 27.30 -11.66
C ILE C 514 4.82 28.66 -12.35
N LEU C 515 5.98 29.14 -12.80
CA LEU C 515 6.07 30.41 -13.50
C LEU C 515 5.93 30.20 -15.00
N VAL C 516 5.35 31.18 -15.67
CA VAL C 516 5.09 31.13 -17.11
C VAL C 516 5.38 32.49 -17.71
N LYS C 517 5.92 32.50 -18.93
CA LYS C 517 6.29 33.75 -19.58
C LYS C 517 5.06 34.50 -20.09
N LYS C 518 3.99 33.80 -20.43
CA LYS C 518 2.75 34.41 -20.92
C LYS C 518 3.03 35.37 -22.08
N GLU C 519 3.53 34.80 -23.17
CA GLU C 519 3.84 35.60 -24.36
C GLU C 519 2.57 36.26 -24.89
N ILE C 520 2.71 37.50 -25.33
CA ILE C 520 1.56 38.26 -25.84
C ILE C 520 1.05 37.60 -27.12
N PRO C 521 -0.26 37.52 -27.32
CA PRO C 521 -0.79 36.88 -28.53
C PRO C 521 -0.51 37.72 -29.77
N ARG C 522 -0.44 37.03 -30.91
CA ARG C 522 -0.25 37.68 -32.19
C ARG C 522 -1.17 37.03 -33.23
N SER C 523 -1.48 37.79 -34.27
CA SER C 523 -2.37 37.30 -35.32
C SER C 523 -1.60 36.45 -36.32
N THR C 524 -2.09 35.23 -36.57
CA THR C 524 -1.44 34.33 -37.51
C THR C 524 -1.69 34.72 -38.96
N LEU C 525 -2.74 35.49 -39.24
CA LEU C 525 -3.04 35.89 -40.61
C LEU C 525 -1.86 36.65 -41.21
N ASP C 526 -1.54 36.34 -42.46
CA ASP C 526 -0.43 36.95 -43.17
C ASP C 526 -0.87 37.81 -44.35
N SER C 527 -1.77 37.30 -45.18
CA SER C 527 -2.23 38.01 -46.36
C SER C 527 -3.73 37.81 -46.52
N PHE C 528 -4.35 38.70 -47.29
CA PHE C 528 -5.78 38.63 -47.54
C PHE C 528 -6.17 37.46 -48.43
N MET C 529 -5.20 36.78 -49.04
CA MET C 529 -5.46 35.63 -49.90
C MET C 529 -5.47 34.31 -49.13
N GLN C 530 -5.32 34.35 -47.80
CA GLN C 530 -5.31 33.12 -47.03
C GLN C 530 -6.57 32.29 -47.21
N PRO C 531 -7.78 32.85 -47.10
CA PRO C 531 -8.99 32.01 -47.20
C PRO C 531 -9.12 31.28 -48.51
N PHE C 532 -8.69 31.87 -49.63
CA PHE C 532 -8.88 31.30 -50.96
C PHE C 532 -7.53 31.00 -51.59
N GLN C 533 -7.38 29.79 -52.12
CA GLN C 533 -6.17 29.44 -52.85
C GLN C 533 -6.14 30.15 -54.20
N SER C 534 -4.94 30.24 -54.77
CA SER C 534 -4.78 30.94 -56.05
C SER C 534 -5.65 30.32 -57.14
N THR C 535 -5.92 29.02 -57.05
CA THR C 535 -6.76 28.37 -58.04
C THR C 535 -8.16 28.97 -58.05
N LEU C 536 -8.74 29.21 -56.87
CA LEU C 536 -10.06 29.81 -56.79
C LEU C 536 -10.05 31.24 -57.34
N TRP C 537 -9.00 32.00 -57.04
CA TRP C 537 -8.90 33.36 -57.58
C TRP C 537 -8.87 33.34 -59.09
N LEU C 538 -8.05 32.47 -59.68
CA LEU C 538 -8.00 32.37 -61.13
C LEU C 538 -9.34 31.93 -61.71
N LEU C 539 -10.00 30.97 -61.04
CA LEU C 539 -11.29 30.49 -61.52
C LEU C 539 -12.32 31.61 -61.54
N VAL C 540 -12.38 32.41 -60.48
CA VAL C 540 -13.34 33.51 -60.44
C VAL C 540 -12.98 34.57 -61.47
N GLY C 541 -11.68 34.86 -61.63
CA GLY C 541 -11.27 35.84 -62.64
C GLY C 541 -11.67 35.42 -64.03
N LEU C 542 -11.55 34.13 -64.35
CA LEU C 542 -11.96 33.67 -65.67
C LEU C 542 -13.48 33.61 -65.79
N SER C 543 -14.17 33.25 -64.70
CA SER C 543 -15.62 33.13 -64.73
C SER C 543 -16.29 34.47 -64.96
N VAL C 544 -15.74 35.54 -64.36
CA VAL C 544 -16.34 36.86 -64.56
C VAL C 544 -16.27 37.24 -66.04
N HIS C 545 -15.11 37.03 -66.67
CA HIS C 545 -14.97 37.32 -68.09
C HIS C 545 -15.89 36.45 -68.93
N VAL C 546 -16.02 35.17 -68.59
CA VAL C 546 -16.90 34.29 -69.34
C VAL C 546 -18.34 34.77 -69.26
N VAL C 547 -18.78 35.15 -68.06
CA VAL C 547 -20.15 35.64 -67.89
C VAL C 547 -20.36 36.92 -68.67
N ALA C 548 -19.38 37.82 -68.64
CA ALA C 548 -19.50 39.07 -69.39
C ALA C 548 -19.62 38.79 -70.88
N VAL C 549 -18.80 37.88 -71.41
CA VAL C 549 -18.85 37.55 -72.83
C VAL C 549 -20.20 36.93 -73.18
N MET C 550 -20.69 36.03 -72.34
CA MET C 550 -21.99 35.41 -72.60
C MET C 550 -23.11 36.45 -72.61
N LEU C 551 -23.08 37.39 -71.65
CA LEU C 551 -24.10 38.43 -71.60
C LEU C 551 -24.02 39.31 -72.85
N TYR C 552 -22.81 39.67 -73.27
CA TYR C 552 -22.68 40.49 -74.47
C TYR C 552 -23.21 39.76 -75.69
N LEU C 553 -22.89 38.47 -75.82
CA LEU C 553 -23.39 37.70 -76.96
C LEU C 553 -24.90 37.61 -76.94
N LEU C 554 -25.49 37.37 -75.77
CA LEU C 554 -26.95 37.28 -75.67
C LEU C 554 -27.59 38.61 -76.04
N ASP C 555 -27.02 39.72 -75.57
CA ASP C 555 -27.57 41.04 -75.91
C ASP C 555 -27.47 41.30 -77.41
N ARG C 556 -26.34 40.96 -78.01
CA ARG C 556 -26.15 41.22 -79.44
C ARG C 556 -27.10 40.38 -80.28
N PHE C 557 -27.16 39.08 -80.02
CA PHE C 557 -28.02 38.20 -80.82
C PHE C 557 -29.49 38.56 -80.65
N SER C 558 -29.91 38.85 -79.41
CA SER C 558 -31.30 39.19 -79.14
C SER C 558 -31.40 40.53 -78.43
N LEU C 577 -19.46 43.75 -75.86
CA LEU C 577 -19.17 45.16 -75.62
C LEU C 577 -18.62 45.37 -74.21
N SER C 578 -18.02 46.54 -73.98
CA SER C 578 -17.48 46.86 -72.66
C SER C 578 -18.57 46.98 -71.61
N SER C 579 -19.82 47.23 -72.02
CA SER C 579 -20.90 47.36 -71.05
C SER C 579 -21.09 46.06 -70.27
N ALA C 580 -21.03 44.92 -70.95
CA ALA C 580 -21.18 43.65 -70.26
C ALA C 580 -20.07 43.43 -69.24
N MET C 581 -18.83 43.74 -69.62
CA MET C 581 -17.72 43.59 -68.68
C MET C 581 -17.88 44.52 -67.48
N TRP C 582 -18.30 45.77 -67.73
CA TRP C 582 -18.51 46.69 -66.63
C TRP C 582 -19.61 46.19 -65.69
N PHE C 583 -20.70 45.67 -66.25
CA PHE C 583 -21.78 45.15 -65.43
C PHE C 583 -21.31 43.97 -64.60
N SER C 584 -20.55 43.05 -65.21
CA SER C 584 -20.06 41.89 -64.48
C SER C 584 -19.14 42.32 -63.34
N TRP C 585 -18.23 43.25 -63.62
CA TRP C 585 -17.32 43.72 -62.58
C TRP C 585 -18.05 44.42 -61.45
N GLY C 586 -19.05 45.24 -61.79
CA GLY C 586 -19.79 45.95 -60.77
C GLY C 586 -20.72 45.07 -59.97
N VAL C 587 -21.12 43.93 -60.54
CA VAL C 587 -21.96 43.00 -59.80
C VAL C 587 -21.12 42.12 -58.90
N LEU C 588 -19.98 41.63 -59.39
CA LEU C 588 -19.11 40.80 -58.57
C LEU C 588 -18.69 41.54 -57.31
N LEU C 589 -17.89 42.60 -57.47
CA LEU C 589 -17.55 43.48 -56.36
C LEU C 589 -18.55 44.62 -56.29
N ASN C 590 -18.31 45.59 -55.40
CA ASN C 590 -19.26 46.69 -55.22
C ASN C 590 -18.74 47.99 -55.82
N SER C 591 -18.29 47.92 -57.07
CA SER C 591 -17.77 49.10 -57.75
C SER C 591 -18.84 50.18 -57.89
N GLY C 592 -20.05 49.79 -58.28
CA GLY C 592 -21.11 50.75 -58.48
C GLY C 592 -21.02 51.53 -59.78
N ILE C 593 -20.11 51.16 -60.68
CA ILE C 593 -19.95 51.85 -61.96
C ILE C 593 -20.45 51.02 -63.13
N GLY C 594 -20.80 49.76 -62.93
CA GLY C 594 -21.29 48.93 -64.01
C GLY C 594 -22.72 49.26 -64.40
N GLU C 595 -22.93 50.44 -64.96
CA GLU C 595 -24.25 50.87 -65.38
C GLU C 595 -24.69 50.12 -66.63
N GLY C 596 -25.99 50.10 -66.87
CA GLY C 596 -26.54 49.38 -68.01
C GLY C 596 -26.94 47.97 -67.64
N ALA C 597 -28.24 47.66 -67.77
CA ALA C 597 -28.72 46.35 -67.40
C ALA C 597 -29.25 45.60 -68.62
N PRO C 598 -29.11 44.28 -68.67
CA PRO C 598 -29.63 43.51 -69.80
C PRO C 598 -31.15 43.58 -69.87
N ARG C 599 -31.67 43.49 -71.09
CA ARG C 599 -33.10 43.55 -71.32
C ARG C 599 -33.73 42.22 -71.72
N SER C 600 -32.93 41.27 -72.20
CA SER C 600 -33.46 39.96 -72.56
C SER C 600 -33.74 39.13 -71.33
N PHE C 601 -34.72 38.23 -71.44
CA PHE C 601 -35.08 37.37 -70.32
C PHE C 601 -33.90 36.49 -69.91
N SER C 602 -33.24 35.88 -70.90
CA SER C 602 -32.08 35.05 -70.60
C SER C 602 -30.96 35.87 -69.97
N ALA C 603 -30.71 37.06 -70.50
CA ALA C 603 -29.69 37.93 -69.92
C ALA C 603 -30.07 38.34 -68.49
N ARG C 604 -31.36 38.63 -68.27
CA ARG C 604 -31.82 38.99 -66.94
C ARG C 604 -31.57 37.85 -65.94
N ILE C 605 -31.93 36.62 -66.33
CA ILE C 605 -31.73 35.49 -65.43
C ILE C 605 -30.24 35.25 -65.19
N LEU C 606 -29.43 35.40 -66.24
CA LEU C 606 -27.99 35.23 -66.08
C LEU C 606 -27.42 36.26 -65.11
N GLY C 607 -27.86 37.51 -65.23
CA GLY C 607 -27.40 38.54 -64.30
C GLY C 607 -27.83 38.26 -62.88
N MET C 608 -29.07 37.80 -62.70
CA MET C 608 -29.53 37.46 -61.35
C MET C 608 -28.68 36.33 -60.76
N VAL C 609 -28.40 35.30 -61.54
CA VAL C 609 -27.60 34.18 -61.05
C VAL C 609 -26.18 34.65 -60.74
N TRP C 610 -25.62 35.52 -61.57
CA TRP C 610 -24.28 36.05 -61.31
C TRP C 610 -24.25 36.84 -60.01
N ALA C 611 -25.26 37.68 -59.78
CA ALA C 611 -25.32 38.43 -58.52
C ALA C 611 -25.42 37.49 -57.33
N GLY C 612 -26.27 36.46 -57.43
CA GLY C 612 -26.36 35.50 -56.34
C GLY C 612 -25.04 34.79 -56.09
N PHE C 613 -24.35 34.39 -57.15
CA PHE C 613 -23.06 33.73 -56.99
C PHE C 613 -22.04 34.65 -56.33
N ALA C 614 -22.01 35.92 -56.74
CA ALA C 614 -21.09 36.86 -56.11
C ALA C 614 -21.39 37.05 -54.64
N MET C 615 -22.69 37.17 -54.29
CA MET C 615 -23.06 37.30 -52.89
C MET C 615 -22.64 36.08 -52.09
N ILE C 616 -22.86 34.88 -52.65
CA ILE C 616 -22.48 33.66 -51.95
C ILE C 616 -20.97 33.61 -51.76
N ILE C 617 -20.20 34.00 -52.77
CA ILE C 617 -18.75 33.98 -52.67
C ILE C 617 -18.28 34.92 -51.56
N VAL C 618 -18.83 36.13 -51.53
CA VAL C 618 -18.44 37.10 -50.51
C VAL C 618 -18.79 36.59 -49.13
N ALA C 619 -20.00 36.03 -48.97
CA ALA C 619 -20.41 35.51 -47.67
C ALA C 619 -19.50 34.38 -47.23
N SER C 620 -19.15 33.46 -48.14
CA SER C 620 -18.27 32.37 -47.78
C SER C 620 -16.89 32.88 -47.38
N TYR C 621 -16.36 33.85 -48.11
CA TYR C 621 -15.06 34.41 -47.74
C TYR C 621 -15.10 35.01 -46.34
N THR C 622 -16.13 35.81 -46.06
CA THR C 622 -16.24 36.43 -44.74
C THR C 622 -16.38 35.38 -43.65
N ALA C 623 -17.20 34.36 -43.88
CA ALA C 623 -17.41 33.33 -42.87
C ALA C 623 -16.12 32.56 -42.60
N ASN C 624 -15.38 32.22 -43.66
CA ASN C 624 -14.11 31.51 -43.46
C ASN C 624 -13.11 32.37 -42.71
N LEU C 625 -13.03 33.66 -43.06
CA LEU C 625 -12.12 34.54 -42.33
C LEU C 625 -12.49 34.63 -40.86
N ALA C 626 -13.79 34.76 -40.57
CA ALA C 626 -14.22 34.84 -39.17
C ALA C 626 -13.90 33.55 -38.43
N ALA C 627 -14.14 32.40 -39.06
CA ALA C 627 -13.84 31.12 -38.42
C ALA C 627 -12.35 30.99 -38.14
N PHE C 628 -11.51 31.38 -39.10
CA PHE C 628 -10.06 31.32 -38.89
C PHE C 628 -9.63 32.23 -37.75
N LEU C 629 -10.17 33.46 -37.71
CA LEU C 629 -9.79 34.39 -36.66
C LEU C 629 -10.22 33.89 -35.29
N VAL C 630 -11.43 33.33 -35.18
CA VAL C 630 -11.92 32.86 -33.89
C VAL C 630 -11.06 31.71 -33.38
N LEU C 631 -10.72 30.76 -34.24
CA LEU C 631 -9.96 29.59 -33.85
C LEU C 631 -8.46 29.84 -33.82
N ASP C 632 -8.02 31.10 -33.84
CA ASP C 632 -6.60 31.45 -33.79
C ASP C 632 -6.28 31.93 -32.38
N ARG C 633 -5.79 31.02 -31.56
CA ARG C 633 -5.45 31.29 -30.16
C ARG C 633 -4.08 30.71 -29.86
N PRO C 634 -3.39 31.26 -28.86
CA PRO C 634 -2.07 30.73 -28.50
C PRO C 634 -2.16 29.36 -27.84
N GLU C 635 -1.04 28.66 -27.86
CA GLU C 635 -0.98 27.32 -27.26
C GLU C 635 -1.30 27.39 -25.77
N GLU C 636 -2.02 26.38 -25.29
CA GLU C 636 -2.40 26.34 -23.89
C GLU C 636 -1.17 26.21 -23.00
N ARG C 637 -1.18 26.92 -21.88
CA ARG C 637 -0.07 26.88 -20.93
C ARG C 637 -0.22 25.70 -19.97
N ILE C 638 0.82 25.49 -19.17
CA ILE C 638 0.82 24.38 -18.22
C ILE C 638 -0.27 24.56 -17.19
N THR C 639 -0.94 23.47 -16.83
CA THR C 639 -2.01 23.49 -15.84
C THR C 639 -1.70 22.45 -14.76
N GLY C 640 -1.15 22.92 -13.64
CA GLY C 640 -0.82 22.03 -12.54
C GLY C 640 0.41 21.18 -12.82
N ILE C 641 0.58 20.18 -11.95
CA ILE C 641 1.70 19.25 -12.07
C ILE C 641 1.32 17.95 -12.75
N ASN C 642 0.03 17.71 -13.02
CA ASN C 642 -0.42 16.51 -13.70
C ASN C 642 -0.45 16.64 -15.21
N ASP C 643 0.02 17.77 -15.75
CA ASP C 643 0.00 17.97 -17.19
C ASP C 643 0.85 16.91 -17.87
N PRO C 644 0.35 16.24 -18.91
CA PRO C 644 1.16 15.22 -19.58
C PRO C 644 2.47 15.77 -20.14
N ARG C 645 2.49 17.03 -20.57
CA ARG C 645 3.72 17.61 -21.08
C ARG C 645 4.82 17.61 -20.02
N LEU C 646 4.44 17.72 -18.74
CA LEU C 646 5.43 17.67 -17.67
C LEU C 646 5.82 16.24 -17.33
N ARG C 647 4.85 15.32 -17.36
CA ARG C 647 5.12 13.93 -17.02
C ARG C 647 6.00 13.24 -18.06
N ASN C 648 6.10 13.80 -19.27
CA ASN C 648 6.92 13.24 -20.34
C ASN C 648 7.96 14.29 -20.74
N PRO C 649 9.13 14.26 -20.12
CA PRO C 649 10.14 15.28 -20.44
C PRO C 649 10.61 15.18 -21.88
N SER C 650 11.00 16.33 -22.43
CA SER C 650 11.52 16.42 -23.79
C SER C 650 12.73 17.34 -23.76
N ASP C 651 13.21 17.71 -24.95
CA ASP C 651 14.35 18.59 -25.08
C ASP C 651 13.96 20.06 -25.16
N LYS C 652 12.67 20.38 -25.06
CA LYS C 652 12.20 21.76 -25.12
C LYS C 652 11.84 22.30 -23.73
N PHE C 653 10.95 21.62 -23.02
CA PHE C 653 10.61 22.04 -21.67
C PHE C 653 11.78 21.80 -20.72
N ILE C 654 12.01 22.75 -19.82
CA ILE C 654 13.11 22.69 -18.86
C ILE C 654 12.58 22.52 -17.43
N TYR C 655 11.83 23.50 -16.95
CA TYR C 655 11.27 23.51 -15.59
C TYR C 655 12.32 23.07 -14.57
N ALA C 656 13.38 23.86 -14.46
CA ALA C 656 14.45 23.60 -13.52
C ALA C 656 14.03 24.03 -12.12
N THR C 657 14.97 24.00 -11.17
CA THR C 657 14.71 24.38 -9.80
C THR C 657 15.98 24.98 -9.20
N VAL C 658 16.04 25.09 -7.87
CA VAL C 658 17.18 25.70 -7.20
C VAL C 658 18.33 24.73 -6.99
N LYS C 659 18.10 23.42 -7.14
CA LYS C 659 19.07 22.34 -7.06
C LYS C 659 19.46 22.01 -5.62
N GLN C 660 19.03 22.79 -4.62
CA GLN C 660 19.22 22.40 -3.22
C GLN C 660 18.16 23.13 -2.39
N SER C 661 17.06 22.46 -2.10
CA SER C 661 15.95 23.06 -1.38
C SER C 661 14.95 21.95 -1.06
N SER C 662 13.82 22.35 -0.48
CA SER C 662 12.76 21.38 -0.19
C SER C 662 12.16 20.82 -1.48
N VAL C 663 12.17 21.60 -2.56
CA VAL C 663 11.61 21.11 -3.83
C VAL C 663 12.41 19.92 -4.35
N ASP C 664 13.74 20.01 -4.28
CA ASP C 664 14.58 18.92 -4.75
C ASP C 664 14.33 17.65 -3.94
N ILE C 665 14.24 17.78 -2.61
CA ILE C 665 13.98 16.62 -1.77
C ILE C 665 12.61 16.04 -2.09
N TYR C 666 11.61 16.89 -2.25
CA TYR C 666 10.26 16.40 -2.55
C TYR C 666 10.23 15.64 -3.86
N PHE C 667 10.91 16.16 -4.88
CA PHE C 667 10.89 15.50 -6.19
C PHE C 667 11.74 14.23 -6.20
N ARG C 668 12.79 14.19 -5.39
CA ARG C 668 13.62 12.99 -5.33
C ARG C 668 12.92 11.87 -4.56
N ARG C 669 12.21 12.22 -3.50
CA ARG C 669 11.57 11.21 -2.67
C ARG C 669 10.34 10.61 -3.33
N GLN C 670 9.75 11.29 -4.31
CA GLN C 670 8.53 10.80 -4.94
C GLN C 670 8.80 9.47 -5.64
N VAL C 671 7.83 8.56 -5.57
CA VAL C 671 7.97 7.24 -6.16
C VAL C 671 7.80 7.30 -7.67
N GLU C 672 6.64 7.76 -8.12
CA GLU C 672 6.32 7.80 -9.55
C GLU C 672 6.70 9.15 -10.16
N LEU C 673 7.91 9.63 -9.86
CA LEU C 673 8.38 10.89 -10.42
C LEU C 673 9.85 10.81 -10.83
N SER C 674 10.36 9.61 -11.12
CA SER C 674 11.77 9.46 -11.44
C SER C 674 12.15 10.22 -12.71
N THR C 675 11.28 10.17 -13.72
CA THR C 675 11.59 10.84 -14.99
C THR C 675 11.73 12.34 -14.79
N MET C 676 10.79 12.95 -14.06
CA MET C 676 10.86 14.39 -13.85
C MET C 676 12.11 14.78 -13.06
N TYR C 677 12.44 14.01 -12.02
CA TYR C 677 13.63 14.30 -11.23
C TYR C 677 14.89 14.18 -12.09
N ARG C 678 14.97 13.14 -12.91
CA ARG C 678 16.13 12.97 -13.78
C ARG C 678 16.25 14.11 -14.77
N HIS C 679 15.12 14.54 -15.35
CA HIS C 679 15.15 15.64 -16.30
C HIS C 679 15.58 16.94 -15.64
N MET C 680 15.07 17.20 -14.43
CA MET C 680 15.39 18.45 -13.74
C MET C 680 16.81 18.44 -13.17
N GLU C 681 17.39 17.27 -12.93
CA GLU C 681 18.71 17.22 -12.32
C GLU C 681 19.77 17.86 -13.20
N LYS C 682 19.55 17.90 -14.51
CA LYS C 682 20.53 18.41 -15.46
C LYS C 682 20.33 19.88 -15.80
N HIS C 683 19.35 20.55 -15.19
CA HIS C 683 19.08 21.95 -15.48
C HIS C 683 18.85 22.80 -14.25
N ASN C 684 19.00 22.24 -13.04
CA ASN C 684 18.74 23.01 -11.83
C ASN C 684 19.69 24.19 -11.74
N TYR C 685 19.16 25.32 -11.27
CA TYR C 685 19.94 26.55 -11.14
C TYR C 685 20.57 26.62 -9.75
N GLU C 686 21.17 27.76 -9.42
CA GLU C 686 21.84 27.94 -8.14
C GLU C 686 21.09 28.85 -7.18
N SER C 687 20.21 29.73 -7.68
CA SER C 687 19.44 30.61 -6.82
C SER C 687 18.13 30.95 -7.51
N ALA C 688 17.17 31.41 -6.71
CA ALA C 688 15.85 31.75 -7.24
C ALA C 688 15.94 32.91 -8.22
N ALA C 689 16.78 33.90 -7.93
CA ALA C 689 16.87 35.06 -8.81
C ALA C 689 17.35 34.67 -10.21
N GLU C 690 18.36 33.82 -10.29
CA GLU C 690 18.86 33.39 -11.59
C GLU C 690 17.79 32.64 -12.37
N ALA C 691 17.05 31.75 -11.69
CA ALA C 691 15.99 31.01 -12.37
C ALA C 691 14.90 31.95 -12.87
N ILE C 692 14.52 32.94 -12.05
CA ILE C 692 13.50 33.89 -12.48
C ILE C 692 13.98 34.70 -13.68
N GLN C 693 15.24 35.13 -13.65
CA GLN C 693 15.78 35.87 -14.79
C GLN C 693 15.80 35.02 -16.05
N ALA C 694 16.19 33.75 -15.92
CA ALA C 694 16.19 32.85 -17.07
C ALA C 694 14.77 32.66 -17.61
N VAL C 695 13.79 32.51 -16.72
CA VAL C 695 12.40 32.38 -17.17
C VAL C 695 11.96 33.63 -17.91
N ARG C 696 12.31 34.80 -17.38
CA ARG C 696 11.98 36.04 -18.08
C ARG C 696 12.55 36.05 -19.49
N ASP C 697 13.69 35.42 -19.70
CA ASP C 697 14.26 35.25 -21.03
C ASP C 697 13.71 33.96 -21.64
N ASN C 698 14.32 33.52 -22.74
CA ASN C 698 13.88 32.32 -23.45
C ASN C 698 14.69 31.09 -23.09
N LYS C 699 15.55 31.20 -22.08
CA LYS C 699 16.40 30.07 -21.68
C LYS C 699 15.68 29.06 -20.81
N LEU C 700 14.68 29.49 -20.06
CA LEU C 700 13.94 28.61 -19.16
C LEU C 700 12.45 28.65 -19.51
N HIS C 701 11.78 27.52 -19.32
CA HIS C 701 10.37 27.39 -19.67
C HIS C 701 9.45 27.44 -18.46
N ALA C 702 9.85 26.88 -17.32
CA ALA C 702 9.00 26.86 -16.14
C ALA C 702 9.87 26.89 -14.89
N PHE C 703 9.26 27.36 -13.80
CA PHE C 703 9.91 27.42 -12.50
C PHE C 703 8.95 26.92 -11.44
N ILE C 704 9.43 26.05 -10.56
CA ILE C 704 8.58 25.41 -9.56
C ILE C 704 9.05 25.76 -8.16
N TRP C 705 9.56 26.98 -7.99
CA TRP C 705 10.20 27.36 -6.73
C TRP C 705 9.26 27.29 -5.54
N ASP C 706 8.24 28.13 -5.52
CA ASP C 706 7.34 28.23 -4.37
C ASP C 706 6.12 29.04 -4.80
N SER C 707 5.27 29.39 -3.83
CA SER C 707 4.07 30.17 -4.07
C SER C 707 4.14 31.57 -3.50
N ALA C 708 4.66 31.73 -2.29
CA ALA C 708 4.74 33.06 -1.68
C ALA C 708 5.71 33.96 -2.43
N VAL C 709 6.70 33.39 -3.09
CA VAL C 709 7.67 34.18 -3.85
C VAL C 709 7.24 34.35 -5.30
N LEU C 710 6.74 33.28 -5.92
CA LEU C 710 6.32 33.35 -7.32
C LEU C 710 5.16 34.32 -7.48
N GLU C 711 4.19 34.30 -6.56
CA GLU C 711 3.06 35.21 -6.65
C GLU C 711 3.51 36.66 -6.53
N PHE C 712 4.42 36.94 -5.60
CA PHE C 712 4.94 38.29 -5.47
C PHE C 712 5.69 38.72 -6.72
N GLU C 713 6.49 37.83 -7.29
CA GLU C 713 7.21 38.18 -8.51
C GLU C 713 6.25 38.48 -9.65
N ALA C 714 5.19 37.66 -9.79
CA ALA C 714 4.21 37.90 -10.83
C ALA C 714 3.50 39.23 -10.62
N SER C 715 3.12 39.54 -9.38
CA SER C 715 2.42 40.79 -9.12
C SER C 715 3.32 41.99 -9.42
N GLN C 716 4.57 41.93 -8.98
CA GLN C 716 5.49 43.05 -9.21
C GLN C 716 5.76 43.24 -10.70
N LYS C 717 5.98 42.16 -11.43
CA LYS C 717 6.27 42.20 -12.87
C LYS C 717 5.20 41.39 -13.59
N CYS C 718 4.28 42.08 -14.26
CA CYS C 718 3.23 41.41 -15.02
C CYS C 718 3.73 40.77 -16.30
N ASP C 719 5.04 40.76 -16.53
CA ASP C 719 5.61 40.04 -17.66
C ASP C 719 5.53 38.53 -17.47
N LEU C 720 5.36 38.07 -16.24
CA LEU C 720 5.26 36.65 -15.93
C LEU C 720 3.98 36.38 -15.16
N VAL C 721 3.53 35.12 -15.22
CA VAL C 721 2.30 34.71 -14.56
C VAL C 721 2.57 33.41 -13.80
N THR C 722 1.65 33.07 -12.90
CA THR C 722 1.69 31.83 -12.14
C THR C 722 0.57 30.92 -12.62
N THR C 723 0.94 29.70 -13.02
CA THR C 723 -0.01 28.75 -13.57
C THR C 723 -0.18 27.56 -12.63
N GLY C 724 -1.24 26.80 -12.88
CA GLY C 724 -1.51 25.62 -12.09
C GLY C 724 -2.06 25.92 -10.71
N GLU C 725 -2.06 24.89 -9.88
CA GLU C 725 -2.54 24.99 -8.51
C GLU C 725 -1.51 24.37 -7.57
N LEU C 726 -1.55 24.82 -6.31
CA LEU C 726 -0.61 24.32 -5.32
C LEU C 726 -0.72 22.81 -5.19
N PHE C 727 0.41 22.12 -5.18
CA PHE C 727 0.44 20.68 -5.09
C PHE C 727 1.28 20.16 -3.93
N PHE C 728 1.84 21.04 -3.10
CA PHE C 728 2.58 20.62 -1.92
C PHE C 728 2.38 21.69 -0.85
N ARG C 729 1.39 21.48 0.00
CA ARG C 729 1.05 22.45 1.04
C ARG C 729 2.02 22.34 2.20
N SER C 730 2.55 23.49 2.63
CA SER C 730 3.49 23.53 3.73
C SER C 730 3.50 24.95 4.30
N GLY C 731 4.43 25.23 5.19
CA GLY C 731 4.52 26.54 5.80
C GLY C 731 5.94 26.84 6.23
N PHE C 732 6.19 28.12 6.46
CA PHE C 732 7.49 28.59 6.93
C PHE C 732 7.53 28.62 8.44
N GLY C 733 8.65 28.18 9.01
CA GLY C 733 8.82 28.17 10.45
C GLY C 733 10.19 28.64 10.85
N ILE C 734 10.39 28.76 12.16
CA ILE C 734 11.66 29.19 12.73
C ILE C 734 12.44 27.95 13.14
N GLY C 735 13.65 27.81 12.61
CA GLY C 735 14.48 26.65 12.90
C GLY C 735 15.31 26.86 14.16
N MET C 736 15.35 25.82 14.99
CA MET C 736 16.11 25.85 16.22
C MET C 736 16.58 24.44 16.55
N ARG C 737 17.60 24.36 17.40
CA ARG C 737 18.14 23.07 17.79
C ARG C 737 17.14 22.32 18.68
N LYS C 738 17.37 21.02 18.83
CA LYS C 738 16.46 20.20 19.61
C LYS C 738 16.39 20.67 21.06
N ASP C 739 17.54 20.99 21.65
CA ASP C 739 17.61 21.45 23.04
C ASP C 739 17.80 22.96 23.05
N SER C 740 16.68 23.68 22.93
CA SER C 740 16.69 25.13 22.93
C SER C 740 15.53 25.62 23.78
N PRO C 741 15.77 26.47 24.79
CA PRO C 741 14.72 27.01 25.65
C PRO C 741 13.98 28.19 25.03
N TRP C 742 13.59 28.04 23.76
CA TRP C 742 12.84 29.08 23.06
C TRP C 742 11.68 28.56 22.24
N LYS C 743 11.55 27.24 22.06
CA LYS C 743 10.54 26.72 21.15
C LYS C 743 9.14 27.12 21.59
N GLN C 744 8.80 26.86 22.85
CA GLN C 744 7.46 27.14 23.33
C GLN C 744 7.15 28.64 23.28
N ASN C 745 8.09 29.47 23.74
CA ASN C 745 7.87 30.91 23.72
C ASN C 745 7.71 31.42 22.31
N VAL C 746 8.54 30.94 21.39
CA VAL C 746 8.45 31.37 20.00
C VAL C 746 7.12 30.96 19.39
N SER C 747 6.68 29.73 19.67
CA SER C 747 5.39 29.29 19.13
C SER C 747 4.24 30.13 19.67
N LEU C 748 4.25 30.42 20.98
CA LEU C 748 3.20 31.26 21.55
C LEU C 748 3.24 32.66 20.94
N SER C 749 4.43 33.22 20.75
CA SER C 749 4.53 34.53 20.14
C SER C 749 3.98 34.53 18.72
N ILE C 750 4.30 33.49 17.95
CA ILE C 750 3.78 33.40 16.58
C ILE C 750 2.27 33.31 16.58
N LEU C 751 1.71 32.48 17.48
CA LEU C 751 0.25 32.35 17.55
C LEU C 751 -0.40 33.67 17.94
N LYS C 752 0.18 34.39 18.91
CA LYS C 752 -0.38 35.67 19.31
C LYS C 752 -0.31 36.68 18.18
N SER C 753 0.81 36.70 17.44
CA SER C 753 0.92 37.62 16.31
C SER C 753 -0.11 37.29 15.24
N HIS C 754 -0.34 36.00 14.98
CA HIS C 754 -1.36 35.62 14.01
C HIS C 754 -2.74 36.07 14.48
N GLU C 755 -3.03 35.90 15.77
CA GLU C 755 -4.37 36.21 16.26
C GLU C 755 -4.63 37.70 16.27
N ASN C 756 -3.69 38.50 16.80
CA ASN C 756 -3.96 39.92 16.97
C ASN C 756 -4.06 40.64 15.63
N GLY C 757 -3.16 40.33 14.69
CA GLY C 757 -3.21 40.96 13.38
C GLY C 757 -1.87 41.51 12.92
N PHE C 758 -0.81 41.25 13.68
CA PHE C 758 0.51 41.71 13.29
C PHE C 758 0.95 41.10 11.96
N MET C 759 0.67 39.80 11.78
CA MET C 759 1.05 39.14 10.53
C MET C 759 0.31 39.75 9.35
N GLU C 760 -0.96 40.11 9.53
CA GLU C 760 -1.71 40.77 8.47
C GLU C 760 -1.07 42.10 8.10
N ASP C 761 -0.65 42.88 9.10
CA ASP C 761 0.01 44.15 8.81
C ASP C 761 1.31 43.93 8.06
N LEU C 762 2.10 42.94 8.47
CA LEU C 762 3.36 42.65 7.77
C LEU C 762 3.09 42.25 6.33
N ASP C 763 2.09 41.40 6.10
CA ASP C 763 1.77 40.98 4.74
C ASP C 763 1.33 42.16 3.89
N LYS C 764 0.48 43.03 4.45
CA LYS C 764 0.04 44.20 3.70
C LYS C 764 1.20 45.14 3.38
N THR C 765 2.14 45.28 4.32
CA THR C 765 3.24 46.20 4.10
C THR C 765 4.26 45.66 3.10
N TRP C 766 4.47 44.35 3.09
CA TRP C 766 5.55 43.76 2.29
C TRP C 766 5.08 42.90 1.14
N VAL C 767 3.86 42.35 1.18
CA VAL C 767 3.37 41.41 0.18
C VAL C 767 2.08 41.91 -0.47
N ARG C 768 1.11 42.33 0.34
CA ARG C 768 -0.22 42.68 -0.17
C ARG C 768 -0.18 44.04 -0.86
N TYR C 769 0.47 44.06 -2.02
CA TYR C 769 0.49 45.23 -2.88
C TYR C 769 1.07 44.84 -4.22
N GLN C 770 0.47 45.36 -5.29
CA GLN C 770 0.86 45.01 -6.65
C GLN C 770 1.04 46.27 -7.48
N GLU C 771 1.57 46.09 -8.69
CA GLU C 771 1.78 47.18 -9.62
C GLU C 771 0.86 47.08 -10.84
N CYS C 772 0.88 45.96 -11.55
CA CYS C 772 -0.02 45.73 -12.67
C CYS C 772 -0.71 44.39 -12.48
N ASP C 773 -2.04 44.39 -12.57
CA ASP C 773 -2.80 43.16 -12.41
C ASP C 773 -2.72 42.30 -13.66
N SER C 774 -3.59 41.30 -13.76
CA SER C 774 -3.59 40.42 -14.92
C SER C 774 -4.88 40.56 -15.71
N ARG C 775 -4.84 40.19 -16.98
CA ARG C 775 -6.03 40.28 -17.82
C ARG C 775 -6.17 39.06 -18.72
N SER C 776 -7.37 38.44 -18.62
CA SER C 776 -7.54 37.23 -19.42
C SER C 776 -7.16 37.50 -20.87
N ASN C 777 -6.49 36.53 -21.49
CA ASN C 777 -6.04 36.66 -22.87
C ASN C 777 -7.21 37.04 -23.78
N ALA C 778 -7.11 38.20 -24.41
CA ALA C 778 -8.13 38.72 -25.30
C ALA C 778 -7.75 38.52 -26.76
N PRO C 779 -8.72 38.62 -27.67
CA PRO C 779 -8.41 38.42 -29.09
C PRO C 779 -7.37 39.43 -29.58
N ALA C 780 -6.52 38.98 -30.49
CA ALA C 780 -5.48 39.84 -31.03
C ALA C 780 -6.07 40.89 -31.97
N THR C 781 -5.26 41.88 -32.31
CA THR C 781 -5.65 42.96 -33.20
C THR C 781 -4.84 42.89 -34.48
N LEU C 782 -5.50 43.15 -35.60
CA LEU C 782 -4.85 43.06 -36.91
C LEU C 782 -3.79 44.15 -37.01
N THR C 783 -2.52 43.74 -37.01
CA THR C 783 -1.41 44.66 -37.12
C THR C 783 -1.10 44.91 -38.60
N PHE C 784 0.05 45.55 -38.88
CA PHE C 784 0.40 45.87 -40.26
C PHE C 784 0.54 44.64 -41.14
N GLU C 785 0.45 43.42 -40.57
CA GLU C 785 0.40 42.21 -41.40
C GLU C 785 -0.80 42.25 -42.33
N ASN C 786 -1.93 42.76 -41.84
CA ASN C 786 -3.10 42.93 -42.70
C ASN C 786 -2.83 43.99 -43.77
N MET C 787 -2.10 45.06 -43.41
CA MET C 787 -1.76 46.09 -44.39
C MET C 787 -0.91 45.51 -45.52
N ALA C 788 0.06 44.68 -45.18
CA ALA C 788 0.88 44.02 -46.18
C ALA C 788 -0.01 43.22 -47.12
N GLY C 789 0.24 43.35 -48.42
CA GLY C 789 -0.61 42.74 -49.41
C GLY C 789 -1.69 43.69 -49.91
N VAL C 790 -2.57 44.13 -49.03
CA VAL C 790 -3.69 44.98 -49.46
C VAL C 790 -3.16 46.34 -49.95
N PHE C 791 -2.38 47.03 -49.11
CA PHE C 791 -1.86 48.32 -49.58
C PHE C 791 -0.79 48.16 -50.64
N MET C 792 -0.07 47.03 -50.63
CA MET C 792 0.84 46.76 -51.74
C MET C 792 0.09 46.68 -53.05
N LEU C 793 -1.05 45.99 -53.07
CA LEU C 793 -1.87 45.90 -54.27
C LEU C 793 -2.44 47.25 -54.65
N VAL C 794 -2.86 48.05 -53.66
CA VAL C 794 -3.37 49.38 -53.95
C VAL C 794 -2.29 50.23 -54.62
N ALA C 795 -1.08 50.19 -54.10
CA ALA C 795 0.03 50.93 -54.70
C ALA C 795 0.33 50.43 -56.11
N GLY C 796 0.31 49.10 -56.30
CA GLY C 796 0.52 48.57 -57.64
C GLY C 796 -0.53 49.02 -58.63
N GLY C 797 -1.80 49.05 -58.20
CA GLY C 797 -2.85 49.54 -59.06
C GLY C 797 -2.69 51.01 -59.40
N ILE C 798 -2.29 51.82 -58.42
CA ILE C 798 -2.06 53.24 -58.68
C ILE C 798 -0.93 53.41 -59.69
N VAL C 799 0.14 52.63 -59.54
CA VAL C 799 1.27 52.71 -60.47
C VAL C 799 0.81 52.30 -61.87
N ALA C 800 0.03 51.22 -61.97
CA ALA C 800 -0.45 50.79 -63.27
C ALA C 800 -1.32 51.85 -63.92
N GLY C 801 -2.19 52.50 -63.13
CA GLY C 801 -3.01 53.57 -63.68
C GLY C 801 -2.19 54.75 -64.16
N ILE C 802 -1.17 55.13 -63.38
CA ILE C 802 -0.32 56.25 -63.77
C ILE C 802 0.45 55.91 -65.04
N PHE C 803 0.84 54.64 -65.20
CA PHE C 803 1.56 54.25 -66.41
C PHE C 803 0.64 54.18 -67.61
N LEU C 804 -0.61 53.73 -67.42
CA LEU C 804 -1.53 53.53 -68.53
C LEU C 804 -2.32 54.77 -68.91
N ILE C 805 -2.31 55.82 -68.10
CA ILE C 805 -3.01 57.04 -68.48
C ILE C 805 -2.44 57.62 -69.77
N PHE C 806 -1.11 57.64 -69.87
CA PHE C 806 -0.47 58.16 -71.09
C PHE C 806 -0.83 57.31 -72.31
N ILE C 807 -0.82 55.99 -72.16
CA ILE C 807 -1.16 55.12 -73.28
C ILE C 807 -2.61 55.32 -73.70
N GLU C 808 -3.51 55.46 -72.72
CA GLU C 808 -4.91 55.69 -73.04
C GLU C 808 -5.11 57.01 -73.77
N ILE C 809 -4.43 58.06 -73.30
CA ILE C 809 -4.57 59.37 -73.95
C ILE C 809 -4.01 59.31 -75.37
N ALA C 810 -2.87 58.63 -75.55
CA ALA C 810 -2.31 58.50 -76.89
C ALA C 810 -3.24 57.73 -77.81
N TYR C 811 -3.83 56.64 -77.32
CA TYR C 811 -4.78 55.88 -78.14
C TYR C 811 -5.99 56.72 -78.50
N LYS C 812 -6.51 57.49 -77.54
CA LYS C 812 -7.65 58.35 -77.83
C LYS C 812 -7.30 59.39 -78.88
N ARG C 813 -6.11 60.00 -78.77
CA ARG C 813 -5.69 60.97 -79.76
C ARG C 813 -5.53 60.34 -81.14
N HIS C 814 -4.97 59.14 -81.21
CA HIS C 814 -4.79 58.45 -82.48
C HIS C 814 -6.12 57.97 -83.04
N ILE D 1 71.08 -6.46 9.74
CA ILE D 1 70.05 -6.45 10.78
C ILE D 1 69.83 -7.86 11.32
N GLY D 2 69.87 -7.99 12.64
CA GLY D 2 69.65 -9.28 13.28
C GLY D 2 68.19 -9.63 13.45
N ILE D 3 67.79 -10.77 12.90
CA ILE D 3 66.41 -11.24 12.99
C ILE D 3 66.43 -12.64 13.57
N ALA D 4 65.56 -12.89 14.54
CA ALA D 4 65.42 -14.20 15.17
C ALA D 4 64.00 -14.70 14.92
N VAL D 5 63.89 -15.80 14.17
CA VAL D 5 62.60 -16.42 13.88
C VAL D 5 62.41 -17.56 14.88
N ILE D 6 61.53 -17.36 15.84
CA ILE D 6 61.27 -18.32 16.90
C ILE D 6 60.06 -19.17 16.52
N LEU D 7 60.22 -20.49 16.56
CA LEU D 7 59.15 -21.43 16.24
C LEU D 7 58.91 -22.29 17.47
N VAL D 8 57.74 -22.14 18.08
CA VAL D 8 57.37 -22.87 19.29
C VAL D 8 56.29 -23.89 18.93
N GLY D 9 56.53 -25.14 19.29
CA GLY D 9 55.60 -26.22 19.02
C GLY D 9 56.11 -27.13 17.91
N THR D 10 55.32 -28.16 17.65
CA THR D 10 55.65 -29.15 16.62
C THR D 10 55.17 -28.63 15.27
N SER D 11 56.05 -27.88 14.60
CA SER D 11 55.75 -27.30 13.30
C SER D 11 56.94 -27.51 12.37
N ASP D 12 56.65 -27.49 11.06
CA ASP D 12 57.71 -27.68 10.08
C ASP D 12 58.72 -26.55 10.17
N GLU D 13 59.99 -26.89 9.93
CA GLU D 13 61.08 -25.94 9.99
C GLU D 13 61.91 -25.85 8.72
N VAL D 14 61.98 -26.94 7.95
CA VAL D 14 62.78 -26.92 6.71
C VAL D 14 62.23 -25.89 5.73
N ALA D 15 60.90 -25.84 5.59
CA ALA D 15 60.29 -24.90 4.66
C ALA D 15 60.57 -23.47 5.07
N ILE D 16 60.50 -23.17 6.38
CA ILE D 16 60.78 -21.81 6.85
C ILE D 16 62.22 -21.43 6.55
N LYS D 17 63.15 -22.34 6.81
CA LYS D 17 64.56 -22.05 6.52
C LYS D 17 64.79 -21.83 5.03
N ASP D 18 64.16 -22.65 4.19
CA ASP D 18 64.30 -22.48 2.75
C ASP D 18 63.75 -21.13 2.30
N ALA D 19 62.58 -20.74 2.83
CA ALA D 19 62.00 -19.45 2.48
C ALA D 19 62.91 -18.31 2.93
N HIS D 20 63.47 -18.42 4.14
CA HIS D 20 64.36 -17.37 4.63
C HIS D 20 65.61 -17.25 3.78
N GLU D 21 66.16 -18.40 3.35
CA GLU D 21 67.38 -18.37 2.55
C GLU D 21 67.17 -17.63 1.24
N LYS D 22 66.04 -17.86 0.57
CA LYS D 22 65.77 -17.22 -0.71
C LYS D 22 65.58 -15.72 -0.50
N ASP D 23 66.44 -14.93 -1.14
CA ASP D 23 66.38 -13.47 -1.02
C ASP D 23 66.82 -12.87 -2.35
N ASP D 24 65.85 -12.39 -3.13
CA ASP D 24 66.14 -11.77 -4.42
C ASP D 24 65.50 -10.40 -4.60
N PHE D 25 64.60 -9.97 -3.72
CA PHE D 25 63.94 -8.69 -3.82
C PHE D 25 64.41 -7.70 -2.78
N HIS D 26 65.61 -7.89 -2.22
CA HIS D 26 66.13 -6.98 -1.21
C HIS D 26 66.24 -5.56 -1.76
N HIS D 27 66.91 -5.40 -2.90
CA HIS D 27 67.04 -4.11 -3.59
C HIS D 27 67.40 -2.99 -2.62
N LEU D 28 68.13 -3.31 -1.56
CA LEU D 28 68.52 -2.32 -0.56
C LEU D 28 69.66 -2.90 0.27
N SER D 29 70.09 -2.14 1.27
CA SER D 29 71.16 -2.55 2.17
C SER D 29 70.64 -3.09 3.50
N VAL D 30 69.50 -3.78 3.46
CA VAL D 30 68.92 -4.31 4.69
C VAL D 30 69.86 -5.32 5.33
N VAL D 31 70.43 -6.21 4.53
CA VAL D 31 71.30 -7.27 5.04
C VAL D 31 70.50 -8.11 6.03
N PRO D 32 69.50 -8.86 5.57
CA PRO D 32 68.65 -9.61 6.51
C PRO D 32 69.35 -10.83 7.10
N ARG D 33 70.20 -10.61 8.10
CA ARG D 33 70.84 -11.71 8.82
C ARG D 33 69.80 -12.33 9.75
N VAL D 34 69.20 -13.44 9.31
CA VAL D 34 68.10 -14.07 10.02
C VAL D 34 68.54 -15.46 10.47
N GLU D 35 68.20 -15.81 11.70
CA GLU D 35 68.49 -17.12 12.27
C GLU D 35 67.22 -17.73 12.83
N LEU D 36 67.04 -19.02 12.60
CA LEU D 36 65.85 -19.74 13.04
C LEU D 36 66.15 -20.52 14.32
N VAL D 37 65.30 -20.34 15.33
CA VAL D 37 65.43 -21.04 16.60
C VAL D 37 64.11 -21.75 16.89
N ALA D 38 64.19 -23.04 17.19
CA ALA D 38 63.02 -23.86 17.49
C ALA D 38 63.01 -24.25 18.95
N MET D 39 61.83 -24.21 19.56
CA MET D 39 61.66 -24.57 20.97
C MET D 39 60.44 -25.48 21.11
N ASN D 40 60.47 -26.32 22.14
CA ASN D 40 59.39 -27.26 22.41
C ASN D 40 58.55 -26.91 23.63
N GLU D 41 59.14 -26.26 24.63
CA GLU D 41 58.44 -25.88 25.84
C GLU D 41 57.98 -24.43 25.74
N THR D 42 56.72 -24.19 26.09
CA THR D 42 56.12 -22.86 26.03
C THR D 42 55.99 -22.23 27.42
N ASP D 43 56.84 -22.64 28.36
CA ASP D 43 56.79 -22.08 29.70
C ASP D 43 57.13 -20.59 29.65
N PRO D 44 56.39 -19.74 30.37
CA PRO D 44 56.70 -18.30 30.33
C PRO D 44 58.12 -17.97 30.75
N LYS D 45 58.59 -18.53 31.86
CA LYS D 45 59.95 -18.26 32.30
C LYS D 45 60.97 -18.72 31.27
N SER D 46 60.78 -19.93 30.73
CA SER D 46 61.71 -20.44 29.74
C SER D 46 61.73 -19.57 28.49
N ILE D 47 60.55 -19.18 28.01
CA ILE D 47 60.48 -18.36 26.79
C ILE D 47 61.15 -17.01 27.02
N ILE D 48 60.87 -16.38 28.16
CA ILE D 48 61.48 -15.08 28.45
C ILE D 48 63.00 -15.21 28.52
N THR D 49 63.49 -16.21 29.25
CA THR D 49 64.93 -16.38 29.37
C THR D 49 65.58 -16.64 28.03
N ARG D 50 64.99 -17.52 27.21
CA ARG D 50 65.56 -17.83 25.92
C ARG D 50 65.59 -16.60 25.02
N ILE D 51 64.49 -15.84 25.00
CA ILE D 51 64.43 -14.66 24.15
C ILE D 51 65.49 -13.65 24.59
N CYS D 52 65.58 -13.41 25.89
CA CYS D 52 66.54 -12.41 26.37
C CYS D 52 67.97 -12.82 26.06
N ASP D 53 68.31 -14.09 26.32
CA ASP D 53 69.67 -14.54 26.07
C ASP D 53 70.00 -14.51 24.59
N LEU D 54 69.06 -14.93 23.74
CA LEU D 54 69.31 -14.92 22.30
C LEU D 54 69.49 -13.50 21.79
N MET D 55 68.66 -12.57 22.27
CA MET D 55 68.79 -11.18 21.84
C MET D 55 70.11 -10.58 22.31
N SER D 56 70.52 -10.87 23.54
CA SER D 56 71.75 -10.27 24.07
C SER D 56 72.99 -10.85 23.39
N ASP D 57 73.02 -12.17 23.19
CA ASP D 57 74.21 -12.80 22.65
C ASP D 57 74.48 -12.37 21.21
N ARG D 58 73.47 -12.46 20.34
CA ARG D 58 73.64 -12.16 18.93
C ARG D 58 73.32 -10.71 18.58
N LYS D 59 72.88 -9.91 19.53
CA LYS D 59 72.54 -8.51 19.28
C LYS D 59 71.49 -8.41 18.16
N ILE D 60 70.32 -8.98 18.44
CA ILE D 60 69.23 -9.06 17.46
C ILE D 60 68.27 -7.90 17.72
N GLN D 61 67.96 -7.16 16.65
CA GLN D 61 67.01 -6.05 16.73
C GLN D 61 65.63 -6.41 16.18
N GLY D 62 65.42 -7.67 15.81
CA GLY D 62 64.13 -8.10 15.29
C GLY D 62 63.75 -9.50 15.70
N VAL D 63 62.49 -9.69 16.10
CA VAL D 63 61.99 -10.98 16.54
C VAL D 63 60.70 -11.29 15.78
N VAL D 64 60.60 -12.51 15.24
CA VAL D 64 59.41 -12.99 14.57
C VAL D 64 58.99 -14.28 15.26
N PHE D 65 57.94 -14.23 16.07
CA PHE D 65 57.51 -15.35 16.87
C PHE D 65 56.35 -16.07 16.19
N ALA D 66 56.35 -17.40 16.30
CA ALA D 66 55.26 -18.20 15.75
C ALA D 66 55.07 -19.44 16.62
N ASP D 67 53.89 -19.57 17.21
CA ASP D 67 53.54 -20.68 18.08
C ASP D 67 52.54 -21.59 17.38
N ASP D 68 52.08 -22.61 18.12
CA ASP D 68 51.13 -23.57 17.60
C ASP D 68 50.00 -23.88 18.57
N THR D 69 49.97 -23.25 19.74
CA THR D 69 48.95 -23.49 20.74
C THR D 69 47.84 -22.46 20.59
N ASP D 70 46.86 -22.53 21.51
CA ASP D 70 45.73 -21.61 21.54
C ASP D 70 45.66 -20.88 22.88
N GLN D 71 46.81 -20.42 23.35
CA GLN D 71 46.90 -19.70 24.62
C GLN D 71 47.08 -18.22 24.35
N GLU D 72 46.19 -17.39 24.90
CA GLU D 72 46.23 -15.96 24.67
C GLU D 72 47.25 -15.24 25.56
N ALA D 73 47.76 -15.91 26.60
CA ALA D 73 48.77 -15.27 27.45
C ALA D 73 50.09 -15.05 26.73
N ILE D 74 50.35 -15.82 25.68
CA ILE D 74 51.60 -15.66 24.94
C ILE D 74 51.68 -14.27 24.32
N ALA D 75 50.57 -13.79 23.74
CA ALA D 75 50.57 -12.47 23.15
C ALA D 75 50.83 -11.39 24.20
N GLN D 76 50.20 -11.51 25.37
CA GLN D 76 50.40 -10.53 26.42
C GLN D 76 51.86 -10.55 26.91
N ILE D 77 52.44 -11.74 27.05
CA ILE D 77 53.83 -11.83 27.48
C ILE D 77 54.75 -11.19 26.45
N LEU D 78 54.49 -11.45 25.16
CA LEU D 78 55.30 -10.85 24.12
C LEU D 78 55.16 -9.33 24.12
N ASP D 79 53.95 -8.83 24.32
CA ASP D 79 53.76 -7.37 24.37
C ASP D 79 54.51 -6.76 25.56
N PHE D 80 54.46 -7.43 26.72
CA PHE D 80 55.19 -6.93 27.88
C PHE D 80 56.69 -6.93 27.63
N ILE D 81 57.20 -8.00 27.00
CA ILE D 81 58.63 -8.07 26.69
C ILE D 81 59.02 -6.93 25.74
N SER D 82 58.20 -6.70 24.71
CA SER D 82 58.50 -5.62 23.77
C SER D 82 58.47 -4.27 24.47
N ALA D 83 57.51 -4.08 25.38
CA ALA D 83 57.45 -2.82 26.13
C ALA D 83 58.71 -2.62 26.97
N GLN D 84 59.18 -3.70 27.62
CA GLN D 84 60.39 -3.59 28.42
C GLN D 84 61.61 -3.31 27.57
N THR D 85 61.91 -4.21 26.64
CA THR D 85 63.03 -4.05 25.72
C THR D 85 62.50 -3.54 24.39
N LEU D 86 63.03 -2.39 23.94
CA LEU D 86 62.51 -1.75 22.74
C LEU D 86 62.93 -2.50 21.48
N THR D 87 62.37 -3.69 21.29
CA THR D 87 62.65 -4.51 20.12
C THR D 87 61.33 -4.97 19.52
N PRO D 88 61.12 -4.78 18.22
CA PRO D 88 59.85 -5.18 17.61
C PRO D 88 59.61 -6.67 17.71
N ILE D 89 58.34 -7.04 17.83
CA ILE D 89 57.91 -8.44 17.89
C ILE D 89 56.74 -8.62 16.94
N LEU D 90 56.71 -9.76 16.25
CA LEU D 90 55.68 -10.06 15.25
C LEU D 90 54.98 -11.36 15.63
N GLY D 91 53.70 -11.27 15.96
CA GLY D 91 52.90 -12.45 16.25
C GLY D 91 52.24 -13.02 15.01
N ILE D 92 53.03 -13.66 14.16
CA ILE D 92 52.53 -14.10 12.85
C ILE D 92 51.53 -15.25 13.01
N HIS D 93 51.85 -16.23 13.85
CA HIS D 93 51.07 -17.46 13.93
C HIS D 93 50.92 -17.89 15.38
N GLY D 94 49.93 -18.74 15.61
CA GLY D 94 49.73 -19.32 16.93
C GLY D 94 48.97 -18.40 17.88
N GLY D 95 49.17 -18.65 19.17
CA GLY D 95 48.51 -17.84 20.18
C GLY D 95 48.87 -16.37 20.09
N SER D 96 50.12 -16.08 19.73
CA SER D 96 50.53 -14.69 19.55
C SER D 96 49.76 -14.00 18.45
N SER D 97 49.20 -14.76 17.50
CA SER D 97 48.42 -14.17 16.43
C SER D 97 47.11 -13.58 16.93
N MET D 98 46.62 -14.03 18.08
CA MET D 98 45.38 -13.49 18.62
C MET D 98 45.53 -12.00 18.88
N ILE D 99 44.53 -11.24 18.45
CA ILE D 99 44.58 -9.78 18.56
C ILE D 99 44.24 -9.37 19.97
N MET D 100 45.10 -8.57 20.59
CA MET D 100 44.89 -8.03 21.92
C MET D 100 44.79 -6.51 21.82
N ALA D 101 43.74 -5.96 22.41
CA ALA D 101 43.50 -4.52 22.40
C ALA D 101 44.06 -3.88 23.66
N ASP D 102 44.22 -2.56 23.60
CA ASP D 102 44.75 -1.77 24.71
C ASP D 102 46.16 -2.22 25.08
N LYS D 103 47.05 -2.12 24.11
CA LYS D 103 48.46 -2.46 24.33
C LYS D 103 49.17 -1.34 25.08
N ASP D 104 50.38 -1.64 25.53
CA ASP D 104 51.18 -0.66 26.24
C ASP D 104 51.57 0.48 25.30
N GLU D 105 51.70 1.68 25.87
CA GLU D 105 52.05 2.85 25.06
C GLU D 105 53.40 2.67 24.39
N SER D 106 54.40 2.23 25.15
CA SER D 106 55.73 1.99 24.60
C SER D 106 55.91 0.52 24.24
N SER D 107 55.07 0.06 23.31
CA SER D 107 55.06 -1.33 22.88
C SER D 107 55.40 -1.39 21.39
N MET D 108 56.30 -2.31 21.04
CA MET D 108 56.70 -2.53 19.65
C MET D 108 56.16 -3.85 19.10
N PHE D 109 55.09 -4.37 19.71
CA PHE D 109 54.53 -5.67 19.33
C PHE D 109 53.40 -5.47 18.35
N PHE D 110 53.44 -6.22 17.24
CA PHE D 110 52.41 -6.17 16.21
C PHE D 110 51.96 -7.59 15.88
N GLN D 111 50.69 -7.71 15.50
CA GLN D 111 50.08 -9.01 15.26
C GLN D 111 49.46 -9.05 13.87
N PHE D 112 49.29 -10.27 13.37
CA PHE D 112 48.70 -10.53 12.05
C PHE D 112 47.25 -10.95 12.25
N GLY D 113 46.35 -9.98 12.29
CA GLY D 113 44.94 -10.25 12.45
C GLY D 113 44.08 -9.01 12.37
N PRO D 114 42.77 -9.20 12.24
CA PRO D 114 41.86 -8.05 12.16
C PRO D 114 41.40 -7.58 13.53
N SER D 115 40.55 -6.56 13.54
CA SER D 115 39.97 -6.03 14.77
C SER D 115 38.46 -6.24 14.75
N ILE D 116 37.79 -5.79 15.81
CA ILE D 116 36.34 -5.95 15.90
C ILE D 116 35.65 -5.08 14.86
N GLU D 117 36.16 -3.86 14.65
CA GLU D 117 35.54 -2.97 13.69
C GLU D 117 35.57 -3.55 12.28
N GLN D 118 36.71 -4.14 11.89
CA GLN D 118 36.81 -4.73 10.56
C GLN D 118 35.85 -5.90 10.40
N GLN D 119 35.72 -6.73 11.45
CA GLN D 119 34.78 -7.84 11.39
C GLN D 119 33.34 -7.34 11.27
N ALA D 120 33.00 -6.28 12.01
CA ALA D 120 31.66 -5.72 11.90
C ALA D 120 31.41 -5.17 10.50
N SER D 121 32.41 -4.51 9.91
CA SER D 121 32.27 -4.01 8.55
C SER D 121 32.08 -5.15 7.56
N VAL D 122 32.81 -6.24 7.75
CA VAL D 122 32.65 -7.41 6.87
C VAL D 122 31.24 -7.99 7.02
N MET D 123 30.75 -8.06 8.26
CA MET D 123 29.39 -8.57 8.48
C MET D 123 28.36 -7.68 7.78
N LEU D 124 28.52 -6.37 7.88
CA LEU D 124 27.60 -5.45 7.21
C LEU D 124 27.68 -5.61 5.70
N ASN D 125 28.88 -5.79 5.16
CA ASN D 125 29.03 -6.00 3.72
C ASN D 125 28.33 -7.30 3.29
N ILE D 126 28.47 -8.36 4.08
CA ILE D 126 27.80 -9.61 3.76
C ILE D 126 26.30 -9.43 3.79
N MET D 127 25.79 -8.71 4.79
CA MET D 127 24.35 -8.47 4.86
C MET D 127 23.88 -7.66 3.65
N GLU D 128 24.66 -6.67 3.23
CA GLU D 128 24.31 -5.85 2.08
C GLU D 128 24.75 -6.55 0.80
N GLU D 129 24.36 -7.81 0.64
CA GLU D 129 24.60 -8.56 -0.58
C GLU D 129 23.40 -9.39 -1.03
N TYR D 130 22.48 -9.72 -0.12
CA TYR D 130 21.26 -10.44 -0.45
C TYR D 130 20.03 -9.69 0.01
N ASP D 131 20.16 -8.38 0.25
CA ASP D 131 19.05 -7.54 0.68
C ASP D 131 18.50 -7.99 2.04
N TRP D 132 19.38 -7.97 3.03
CA TRP D 132 19.03 -8.26 4.42
C TRP D 132 19.16 -6.95 5.20
N TYR D 133 18.09 -6.16 5.20
CA TYR D 133 18.11 -4.83 5.79
C TYR D 133 17.47 -4.78 7.17
N ILE D 134 17.13 -5.93 7.76
CA ILE D 134 16.56 -6.00 9.10
C ILE D 134 17.40 -6.94 9.93
N PHE D 135 17.78 -6.51 11.13
CA PHE D 135 18.65 -7.29 12.00
C PHE D 135 18.54 -6.78 13.42
N SER D 136 19.30 -7.39 14.31
CA SER D 136 19.31 -7.02 15.72
C SER D 136 20.66 -7.39 16.32
N ILE D 137 20.94 -6.83 17.50
CA ILE D 137 22.20 -7.05 18.20
C ILE D 137 21.90 -7.71 19.54
N VAL D 138 22.65 -8.76 19.87
CA VAL D 138 22.41 -9.53 21.09
C VAL D 138 23.69 -9.61 21.90
N THR D 139 24.53 -8.59 21.81
CA THR D 139 25.83 -8.62 22.50
C THR D 139 25.64 -8.78 24.00
N THR D 140 26.63 -9.41 24.63
CA THR D 140 26.66 -9.61 26.07
C THR D 140 27.61 -8.59 26.71
N TYR D 141 27.90 -8.79 28.00
CA TYR D 141 28.75 -7.87 28.76
C TYR D 141 30.23 -8.13 28.55
N PHE D 142 30.61 -9.07 27.69
CA PHE D 142 32.02 -9.33 27.46
C PHE D 142 32.70 -8.08 26.91
N PRO D 143 33.93 -7.80 27.32
CA PRO D 143 34.59 -6.57 26.85
C PRO D 143 34.72 -6.55 25.33
N GLY D 144 34.55 -5.36 24.77
CA GLY D 144 34.57 -5.18 23.32
C GLY D 144 33.21 -5.01 22.69
N TYR D 145 32.13 -5.31 23.42
CA TYR D 145 30.79 -5.15 22.86
C TYR D 145 30.48 -3.69 22.56
N GLN D 146 31.03 -2.76 23.36
CA GLN D 146 30.79 -1.35 23.12
C GLN D 146 31.31 -0.95 21.75
N ASP D 147 32.52 -1.37 21.40
CA ASP D 147 33.08 -1.04 20.09
C ASP D 147 32.26 -1.65 18.97
N PHE D 148 31.82 -2.90 19.15
CA PHE D 148 30.99 -3.55 18.14
C PHE D 148 29.73 -2.76 17.87
N VAL D 149 28.99 -2.43 18.94
CA VAL D 149 27.72 -1.72 18.79
C VAL D 149 27.97 -0.33 18.20
N ASN D 150 28.99 0.36 18.68
CA ASN D 150 29.27 1.71 18.19
C ASN D 150 29.61 1.69 16.70
N LYS D 151 30.43 0.73 16.27
CA LYS D 151 30.77 0.63 14.86
C LYS D 151 29.54 0.32 14.02
N ILE D 152 28.70 -0.59 14.48
CA ILE D 152 27.48 -0.92 13.73
C ILE D 152 26.60 0.32 13.59
N ARG D 153 26.40 1.04 14.70
CA ARG D 153 25.54 2.22 14.66
C ARG D 153 26.12 3.30 13.76
N SER D 154 27.43 3.54 13.85
CA SER D 154 28.05 4.57 13.02
C SER D 154 27.94 4.23 11.54
N THR D 155 28.18 2.96 11.19
CA THR D 155 28.03 2.55 9.80
C THR D 155 26.59 2.71 9.32
N ILE D 156 25.63 2.35 10.18
CA ILE D 156 24.22 2.45 9.79
C ILE D 156 23.83 3.91 9.55
N GLU D 157 24.24 4.80 10.46
CA GLU D 157 23.81 6.19 10.38
C GLU D 157 24.32 6.87 9.13
N ASN D 158 25.59 6.66 8.77
CA ASN D 158 26.21 7.33 7.64
C ASN D 158 26.05 6.50 6.36
N SER D 159 24.79 6.23 6.01
CA SER D 159 24.48 5.47 4.81
C SER D 159 23.12 5.90 4.29
N PHE D 160 22.91 5.66 2.99
CA PHE D 160 21.67 6.02 2.32
C PHE D 160 20.76 4.81 2.11
N VAL D 161 21.09 3.66 2.70
CA VAL D 161 20.27 2.46 2.63
C VAL D 161 19.69 2.20 4.01
N GLY D 162 18.40 1.88 4.06
CA GLY D 162 17.72 1.73 5.34
C GLY D 162 17.95 0.36 5.96
N TRP D 163 18.12 0.35 7.28
CA TRP D 163 18.26 -0.87 8.06
C TRP D 163 17.28 -0.95 9.22
N GLU D 164 16.98 0.17 9.86
CA GLU D 164 15.98 0.35 10.91
C GLU D 164 16.43 -0.20 12.26
N LEU D 165 17.53 -0.95 12.34
CA LEU D 165 18.12 -1.39 13.62
C LEU D 165 17.03 -1.79 14.61
N GLU D 166 16.31 -2.86 14.26
CA GLU D 166 15.07 -3.18 14.96
C GLU D 166 15.25 -3.22 16.48
N GLU D 167 16.27 -3.92 16.96
CA GLU D 167 16.45 -4.05 18.39
C GLU D 167 17.93 -4.22 18.72
N VAL D 168 18.27 -3.93 19.98
CA VAL D 168 19.62 -4.07 20.50
C VAL D 168 19.50 -4.54 21.95
N LEU D 169 19.89 -5.78 22.21
CA LEU D 169 19.79 -6.38 23.53
C LEU D 169 21.15 -6.39 24.22
N LEU D 170 21.12 -6.52 25.55
CA LEU D 170 22.33 -6.59 26.37
C LEU D 170 22.08 -7.61 27.46
N LEU D 171 22.47 -8.87 27.19
CA LEU D 171 22.24 -9.95 28.13
C LEU D 171 23.24 -9.90 29.27
N ASP D 172 22.78 -10.23 30.47
CA ASP D 172 23.62 -10.30 31.66
C ASP D 172 23.70 -11.75 32.13
N MET D 173 24.92 -12.26 32.26
CA MET D 173 25.13 -13.65 32.64
C MET D 173 25.88 -13.80 33.96
N SER D 174 26.40 -12.70 34.53
CA SER D 174 27.15 -12.81 35.78
C SER D 174 26.26 -13.29 36.93
N LEU D 175 25.04 -12.75 37.02
CA LEU D 175 24.16 -13.11 38.11
C LEU D 175 23.59 -14.51 37.92
N ASP D 176 23.50 -15.26 39.01
CA ASP D 176 22.93 -16.59 38.97
C ASP D 176 21.40 -16.54 38.95
N ASP D 177 20.80 -17.65 38.55
CA ASP D 177 19.35 -17.77 38.46
C ASP D 177 18.75 -16.74 37.50
N GLY D 178 19.53 -16.34 36.50
CA GLY D 178 19.10 -15.38 35.52
C GLY D 178 18.55 -15.97 34.24
N ASP D 179 18.25 -17.27 34.22
CA ASP D 179 17.73 -17.88 33.00
C ASP D 179 16.38 -17.28 32.61
N SER D 180 15.53 -17.01 33.59
CA SER D 180 14.23 -16.43 33.28
C SER D 180 14.37 -15.06 32.63
N LYS D 181 15.28 -14.23 33.14
CA LYS D 181 15.49 -12.91 32.56
C LYS D 181 15.98 -13.02 31.11
N ILE D 182 16.92 -13.94 30.86
CA ILE D 182 17.42 -14.11 29.50
C ILE D 182 16.31 -14.59 28.58
N GLN D 183 15.50 -15.53 29.04
CA GLN D 183 14.40 -16.02 28.22
C GLN D 183 13.40 -14.90 27.92
N ASN D 184 13.08 -14.08 28.92
CA ASN D 184 12.15 -12.98 28.70
C ASN D 184 12.72 -11.98 27.70
N GLN D 185 14.01 -11.66 27.82
CA GLN D 185 14.61 -10.72 26.89
C GLN D 185 14.63 -11.28 25.47
N LEU D 186 14.94 -12.57 25.32
CA LEU D 186 15.02 -13.16 24.00
C LEU D 186 13.67 -13.23 23.29
N LYS D 187 12.57 -13.10 24.03
CA LYS D 187 11.25 -13.17 23.40
C LYS D 187 11.06 -12.03 22.41
N LYS D 188 11.51 -10.83 22.77
CA LYS D 188 11.31 -9.63 21.94
C LYS D 188 12.32 -9.59 20.80
N LEU D 189 12.31 -10.66 19.98
CA LEU D 189 13.17 -10.77 18.82
C LEU D 189 12.33 -11.27 17.64
N GLN D 190 12.28 -10.49 16.57
CA GLN D 190 11.52 -10.85 15.38
C GLN D 190 12.27 -10.63 14.08
N SER D 191 13.44 -10.02 14.10
CA SER D 191 14.18 -9.76 12.87
C SER D 191 14.67 -11.08 12.28
N PRO D 192 14.59 -11.25 10.97
CA PRO D 192 15.12 -12.49 10.36
C PRO D 192 16.62 -12.64 10.50
N ILE D 193 17.35 -11.55 10.74
CA ILE D 193 18.81 -11.58 10.87
C ILE D 193 19.17 -11.13 12.28
N ILE D 194 20.04 -11.88 12.93
CA ILE D 194 20.47 -11.60 14.29
C ILE D 194 21.99 -11.66 14.35
N LEU D 195 22.60 -10.64 14.95
CA LEU D 195 24.04 -10.57 15.16
C LEU D 195 24.34 -10.81 16.62
N LEU D 196 25.33 -11.67 16.89
CA LEU D 196 25.68 -12.06 18.26
C LEU D 196 27.16 -11.78 18.52
N TYR D 197 27.46 -11.38 19.75
CA TYR D 197 28.84 -11.12 20.17
C TYR D 197 28.99 -11.60 21.62
N CYS D 198 29.72 -12.68 21.80
CA CYS D 198 29.96 -13.25 23.13
C CYS D 198 31.09 -14.27 23.00
N THR D 199 31.33 -15.02 24.07
CA THR D 199 32.34 -16.07 24.07
C THR D 199 31.74 -17.39 23.63
N LYS D 200 32.61 -18.39 23.44
CA LYS D 200 32.15 -19.69 22.97
C LYS D 200 31.21 -20.33 23.98
N GLU D 201 31.60 -20.36 25.25
CA GLU D 201 30.74 -20.95 26.27
C GLU D 201 29.45 -20.15 26.43
N GLU D 202 29.55 -18.83 26.45
CA GLU D 202 28.36 -17.99 26.54
C GLU D 202 27.47 -18.19 25.32
N ALA D 203 28.07 -18.31 24.14
CA ALA D 203 27.28 -18.56 22.93
C ALA D 203 26.55 -19.89 23.02
N THR D 204 27.23 -20.93 23.50
CA THR D 204 26.58 -22.23 23.64
C THR D 204 25.42 -22.16 24.63
N TYR D 205 25.63 -21.47 25.75
CA TYR D 205 24.55 -21.33 26.73
C TYR D 205 23.38 -20.57 26.16
N ILE D 206 23.65 -19.50 25.40
CA ILE D 206 22.57 -18.72 24.80
C ILE D 206 21.81 -19.55 23.79
N PHE D 207 22.51 -20.33 22.96
CA PHE D 207 21.84 -21.18 22.01
C PHE D 207 20.99 -22.23 22.72
N GLU D 208 21.49 -22.77 23.82
CA GLU D 208 20.67 -23.70 24.61
C GLU D 208 19.42 -23.01 25.13
N VAL D 209 19.56 -21.78 25.62
CA VAL D 209 18.39 -20.98 25.99
C VAL D 209 17.50 -20.76 24.78
N ALA D 210 18.11 -20.52 23.62
CA ALA D 210 17.37 -20.50 22.38
C ALA D 210 16.90 -21.91 22.04
N ASN D 211 16.22 -22.04 20.90
CA ASN D 211 15.55 -23.26 20.48
C ASN D 211 14.30 -23.52 21.31
N SER D 212 14.03 -22.72 22.33
CA SER D 212 12.78 -22.78 23.09
C SER D 212 11.83 -21.66 22.71
N VAL D 213 12.33 -20.45 22.55
CA VAL D 213 11.52 -19.36 22.02
C VAL D 213 11.16 -19.62 20.57
N GLY D 214 12.08 -20.23 19.83
CA GLY D 214 11.86 -20.54 18.43
C GLY D 214 12.66 -19.65 17.49
N LEU D 215 13.87 -19.29 17.92
CA LEU D 215 14.74 -18.43 17.15
C LEU D 215 15.83 -19.19 16.39
N THR D 216 15.78 -20.52 16.40
CA THR D 216 16.78 -21.34 15.73
C THR D 216 16.22 -22.11 14.54
N GLY D 217 14.91 -22.01 14.29
CA GLY D 217 14.30 -22.74 13.19
C GLY D 217 14.48 -22.04 11.86
N TYR D 218 13.80 -22.58 10.85
CA TYR D 218 13.85 -22.00 9.52
C TYR D 218 13.33 -20.58 9.54
N GLY D 219 14.00 -19.69 8.80
CA GLY D 219 13.63 -18.30 8.74
C GLY D 219 14.44 -17.38 9.62
N TYR D 220 15.47 -17.89 10.29
CA TYR D 220 16.33 -17.08 11.14
C TYR D 220 17.78 -17.34 10.77
N THR D 221 18.57 -16.26 10.71
CA THR D 221 19.99 -16.34 10.37
C THR D 221 20.81 -15.75 11.49
N TRP D 222 21.91 -16.43 11.83
CA TRP D 222 22.82 -15.99 12.88
C TRP D 222 24.21 -15.78 12.29
N ILE D 223 24.77 -14.60 12.51
CA ILE D 223 26.11 -14.25 12.07
C ILE D 223 26.92 -13.89 13.31
N VAL D 224 28.09 -14.51 13.47
CA VAL D 224 28.91 -14.28 14.65
C VAL D 224 30.35 -14.00 14.22
N PRO D 225 31.11 -13.26 15.01
CA PRO D 225 32.52 -13.00 14.67
C PRO D 225 33.37 -14.23 14.99
N SER D 226 34.67 -14.11 14.70
CA SER D 226 35.59 -15.21 14.93
C SER D 226 35.72 -15.56 16.42
N LEU D 227 35.40 -14.62 17.31
CA LEU D 227 35.49 -14.90 18.74
C LEU D 227 34.52 -15.99 19.16
N VAL D 228 33.28 -15.94 18.67
CA VAL D 228 32.28 -16.93 19.07
C VAL D 228 32.70 -18.32 18.62
N ALA D 229 33.15 -18.45 17.37
CA ALA D 229 33.60 -19.72 16.82
C ALA D 229 35.12 -19.78 16.96
N GLY D 230 35.59 -20.57 17.92
CA GLY D 230 37.02 -20.69 18.17
C GLY D 230 37.66 -21.76 17.31
N ASP D 231 38.19 -22.81 17.94
CA ASP D 231 38.75 -23.92 17.19
C ASP D 231 37.68 -24.50 16.28
N THR D 232 37.87 -24.36 14.96
CA THR D 232 36.86 -24.83 14.03
C THR D 232 36.69 -26.35 14.09
N ASP D 233 37.73 -27.06 14.51
CA ASP D 233 37.63 -28.52 14.61
C ASP D 233 36.58 -28.92 15.65
N THR D 234 36.54 -28.23 16.78
CA THR D 234 35.58 -28.54 17.84
C THR D 234 34.32 -27.71 17.62
N VAL D 235 33.22 -28.37 17.25
CA VAL D 235 31.95 -27.69 17.00
C VAL D 235 30.92 -28.16 18.01
N PRO D 236 30.55 -27.34 18.99
CA PRO D 236 29.54 -27.77 19.98
C PRO D 236 28.21 -28.03 19.30
N ALA D 237 27.46 -28.99 19.87
CA ALA D 237 26.18 -29.39 19.29
C ALA D 237 25.12 -28.31 19.40
N GLU D 238 25.32 -27.31 20.27
CA GLU D 238 24.32 -26.27 20.44
C GLU D 238 24.29 -25.28 19.28
N PHE D 239 25.33 -25.26 18.45
CA PHE D 239 25.39 -24.31 17.34
C PHE D 239 24.37 -24.69 16.28
N PRO D 240 23.44 -23.82 15.90
CA PRO D 240 22.48 -24.16 14.86
C PRO D 240 23.14 -24.28 13.49
N THR D 241 22.55 -25.12 12.65
CA THR D 241 23.04 -25.27 11.29
C THR D 241 22.76 -24.01 10.49
N GLY D 242 23.67 -23.69 9.58
CA GLY D 242 23.56 -22.49 8.78
C GLY D 242 24.15 -21.24 9.40
N LEU D 243 24.80 -21.35 10.57
CA LEU D 243 25.43 -20.21 11.19
C LEU D 243 26.57 -19.69 10.31
N ILE D 244 26.72 -18.36 10.27
CA ILE D 244 27.75 -17.71 9.48
C ILE D 244 28.78 -17.09 10.41
N SER D 245 30.04 -17.11 9.97
CA SER D 245 31.11 -16.52 10.77
C SER D 245 32.19 -15.98 9.85
N VAL D 246 32.98 -15.06 10.39
CA VAL D 246 34.10 -14.43 9.68
C VAL D 246 35.38 -14.82 10.39
N SER D 247 36.35 -15.33 9.62
CA SER D 247 37.61 -15.81 10.19
C SER D 247 38.77 -15.26 9.40
N TYR D 248 39.96 -15.34 10.00
CA TYR D 248 41.18 -14.95 9.33
C TYR D 248 41.61 -16.02 8.33
N ASP D 249 42.32 -15.60 7.29
CA ASP D 249 42.80 -16.53 6.27
C ASP D 249 43.93 -17.37 6.84
N GLU D 250 43.61 -18.59 7.27
CA GLU D 250 44.58 -19.48 7.85
C GLU D 250 44.73 -20.80 7.09
N TRP D 251 43.95 -21.01 6.03
CA TRP D 251 44.05 -22.21 5.22
C TRP D 251 44.78 -21.99 3.91
N ASP D 252 44.68 -20.79 3.34
CA ASP D 252 45.42 -20.42 2.13
C ASP D 252 46.66 -19.59 2.43
N TYR D 253 46.95 -19.35 3.70
CA TYR D 253 48.12 -18.57 4.12
C TYR D 253 49.05 -19.50 4.89
N GLY D 254 50.12 -19.95 4.23
CA GLY D 254 51.04 -20.86 4.87
C GLY D 254 52.03 -20.17 5.79
N LEU D 255 52.58 -20.95 6.71
CA LEU D 255 53.58 -20.42 7.63
C LEU D 255 54.80 -19.84 6.91
N PRO D 256 55.38 -20.50 5.90
CA PRO D 256 56.51 -19.88 5.18
C PRO D 256 56.16 -18.53 4.60
N ALA D 257 54.94 -18.38 4.06
CA ALA D 257 54.54 -17.08 3.53
C ALA D 257 54.50 -16.03 4.64
N ARG D 258 53.98 -16.39 5.82
CA ARG D 258 53.93 -15.44 6.93
C ARG D 258 55.34 -15.04 7.36
N VAL D 259 56.24 -16.02 7.46
CA VAL D 259 57.61 -15.71 7.89
C VAL D 259 58.29 -14.80 6.87
N ARG D 260 58.11 -15.10 5.58
CA ARG D 260 58.69 -14.26 4.54
C ARG D 260 58.13 -12.84 4.60
N ASP D 261 56.82 -12.71 4.81
CA ASP D 261 56.21 -11.39 4.90
C ASP D 261 56.76 -10.62 6.08
N GLY D 262 56.89 -11.28 7.23
CA GLY D 262 57.44 -10.59 8.40
C GLY D 262 58.88 -10.15 8.19
N ILE D 263 59.70 -11.03 7.62
CA ILE D 263 61.09 -10.68 7.35
C ILE D 263 61.16 -9.50 6.38
N ALA D 264 60.34 -9.53 5.33
CA ALA D 264 60.33 -8.44 4.36
C ALA D 264 59.91 -7.14 5.02
N ILE D 265 58.89 -7.18 5.89
CA ILE D 265 58.44 -5.97 6.57
C ILE D 265 59.57 -5.40 7.42
N ILE D 266 60.23 -6.26 8.19
CA ILE D 266 61.31 -5.78 9.07
C ILE D 266 62.44 -5.18 8.23
N THR D 267 62.83 -5.87 7.16
CA THR D 267 63.92 -5.37 6.32
C THR D 267 63.56 -4.03 5.67
N THR D 268 62.32 -3.91 5.17
CA THR D 268 61.91 -2.66 4.54
C THR D 268 61.89 -1.53 5.56
N ALA D 269 61.40 -1.79 6.77
CA ALA D 269 61.39 -0.74 7.79
C ALA D 269 62.82 -0.32 8.13
N ALA D 270 63.73 -1.29 8.30
CA ALA D 270 65.11 -0.94 8.62
C ALA D 270 65.75 -0.14 7.50
N SER D 271 65.52 -0.54 6.25
CA SER D 271 66.09 0.18 5.12
C SER D 271 65.55 1.61 5.04
N ASP D 272 64.24 1.77 5.25
CA ASP D 272 63.67 3.11 5.22
C ASP D 272 64.24 3.97 6.34
N MET D 273 64.38 3.41 7.54
CA MET D 273 64.96 4.17 8.64
C MET D 273 66.40 4.57 8.33
N LEU D 274 67.19 3.64 7.77
CA LEU D 274 68.58 3.95 7.45
C LEU D 274 68.68 5.03 6.38
N SER D 275 67.83 4.96 5.34
CA SER D 275 67.90 5.91 4.25
C SER D 275 67.29 7.26 4.60
N GLU D 276 66.42 7.33 5.62
CA GLU D 276 65.79 8.59 5.98
C GLU D 276 66.73 9.45 6.84
N HIS D 277 67.13 8.94 7.99
CA HIS D 277 67.98 9.67 8.91
C HIS D 277 69.46 9.32 8.74
N SER D 278 69.81 8.49 7.76
CA SER D 278 71.18 8.10 7.48
C SER D 278 71.80 7.28 8.61
N PHE D 279 70.98 6.71 9.49
CA PHE D 279 71.46 5.85 10.55
C PHE D 279 70.39 4.84 10.90
N ILE D 280 70.81 3.75 11.52
CA ILE D 280 69.93 2.64 11.88
C ILE D 280 70.03 2.43 13.39
N PRO D 281 68.94 2.54 14.14
CA PRO D 281 68.97 2.30 15.60
C PRO D 281 69.02 0.82 15.95
N GLU D 282 70.22 0.26 15.90
CA GLU D 282 70.46 -1.16 16.19
C GLU D 282 71.57 -1.28 17.22
N PRO D 283 71.30 -0.89 18.46
CA PRO D 283 72.32 -0.99 19.51
C PRO D 283 72.33 -2.40 20.12
N LYS D 284 73.16 -2.56 21.15
CA LYS D 284 73.27 -3.83 21.84
C LYS D 284 72.04 -4.04 22.74
N SER D 285 72.06 -5.14 23.48
CA SER D 285 70.95 -5.47 24.36
C SER D 285 71.45 -6.40 25.46
N SER D 286 70.65 -6.50 26.52
CA SER D 286 70.97 -7.39 27.63
C SER D 286 69.67 -7.84 28.29
N CYS D 287 69.73 -8.97 28.98
CA CYS D 287 68.54 -9.49 29.64
C CYS D 287 68.06 -8.53 30.72
N TYR D 288 68.98 -7.97 31.50
CA TYR D 288 68.62 -7.07 32.58
C TYR D 288 69.48 -5.81 32.55
N ASN D 289 69.37 -4.98 33.60
CA ASN D 289 70.16 -3.75 33.70
C ASN D 289 69.85 -2.81 32.54
N THR D 290 68.57 -2.48 32.39
CA THR D 290 68.12 -1.55 31.36
C THR D 290 68.00 -0.15 31.94
N HIS D 291 69.16 0.39 32.34
CA HIS D 291 69.25 1.70 32.94
C HIS D 291 70.25 2.55 32.15
N GLU D 292 69.91 3.82 31.97
CA GLU D 292 70.70 4.79 31.22
C GLU D 292 70.69 4.53 29.72
N LYS D 293 70.05 3.46 29.25
CA LYS D 293 69.97 3.15 27.84
C LYS D 293 68.62 3.47 27.22
N ARG D 294 67.62 3.84 28.02
CA ARG D 294 66.32 4.20 27.50
C ARG D 294 66.25 5.63 26.98
N ILE D 295 67.30 6.42 27.18
CA ILE D 295 67.31 7.79 26.69
C ILE D 295 67.23 7.82 25.18
N TYR D 296 67.87 6.85 24.52
CA TYR D 296 67.89 6.78 23.06
C TYR D 296 66.56 6.23 22.53
N GLN D 297 65.49 6.96 22.83
CA GLN D 297 64.16 6.59 22.36
C GLN D 297 64.06 6.90 20.87
N SER D 298 64.03 5.86 20.04
CA SER D 298 63.96 6.05 18.60
C SER D 298 62.70 6.79 18.20
N ASN D 299 61.54 6.17 18.45
CA ASN D 299 60.25 6.76 18.08
C ASN D 299 60.13 6.93 16.58
N MET D 300 61.13 6.47 15.82
CA MET D 300 61.11 6.52 14.38
C MET D 300 60.99 5.15 13.72
N LEU D 301 61.41 4.09 14.40
CA LEU D 301 61.24 2.75 13.85
C LEU D 301 59.76 2.41 13.68
N ASN D 302 58.94 2.78 14.67
CA ASN D 302 57.50 2.57 14.54
C ASN D 302 56.90 3.39 13.41
N ARG D 303 57.41 4.61 13.18
CA ARG D 303 56.87 5.45 12.13
C ARG D 303 57.01 4.79 10.76
N TYR D 304 58.02 3.94 10.58
CA TYR D 304 58.20 3.24 9.31
C TYR D 304 57.70 1.81 9.33
N LEU D 305 57.53 1.21 10.52
CA LEU D 305 57.02 -0.15 10.60
C LEU D 305 55.53 -0.23 10.35
N ILE D 306 54.82 0.90 10.41
CA ILE D 306 53.37 0.90 10.22
C ILE D 306 53.05 1.27 8.77
N ASN D 307 54.08 1.34 7.92
CA ASN D 307 53.88 1.66 6.52
C ASN D 307 54.94 0.89 5.71
N VAL D 308 54.55 -0.27 5.21
CA VAL D 308 55.42 -1.13 4.41
C VAL D 308 54.64 -1.62 3.21
N THR D 309 55.19 -1.42 2.02
CA THR D 309 54.60 -1.87 0.77
C THR D 309 55.54 -2.89 0.14
N PHE D 310 55.14 -4.16 0.16
CA PHE D 310 55.96 -5.26 -0.36
C PHE D 310 55.24 -5.92 -1.52
N GLU D 311 55.88 -5.91 -2.69
CA GLU D 311 55.35 -6.56 -3.89
C GLU D 311 53.92 -6.11 -4.17
N GLY D 312 53.69 -4.80 -4.09
CA GLY D 312 52.39 -4.24 -4.40
C GLY D 312 51.41 -4.30 -3.24
N ARG D 313 51.38 -5.43 -2.54
CA ARG D 313 50.46 -5.58 -1.42
C ARG D 313 50.80 -4.59 -0.31
N ASN D 314 49.77 -4.01 0.28
CA ASN D 314 49.93 -3.05 1.37
C ASN D 314 49.93 -3.80 2.69
N LEU D 315 51.12 -3.94 3.29
CA LEU D 315 51.29 -4.63 4.57
C LEU D 315 51.38 -3.65 5.73
N SER D 316 50.76 -2.49 5.61
CA SER D 316 50.84 -1.49 6.66
C SER D 316 50.08 -1.94 7.91
N PHE D 317 50.50 -1.40 9.05
CA PHE D 317 49.87 -1.68 10.34
C PHE D 317 49.21 -0.42 10.87
N SER D 318 48.12 -0.60 11.61
CA SER D 318 47.42 0.51 12.22
C SER D 318 48.21 0.99 13.44
N GLU D 319 47.64 1.95 14.17
CA GLU D 319 48.30 2.45 15.37
C GLU D 319 48.50 1.33 16.38
N ASP D 320 47.49 0.48 16.55
CA ASP D 320 47.61 -0.70 17.39
C ASP D 320 48.29 -1.82 16.59
N GLY D 321 48.38 -3.01 17.19
CA GLY D 321 49.08 -4.11 16.55
C GLY D 321 48.19 -5.01 15.70
N TYR D 322 47.40 -4.44 14.81
CA TYR D 322 46.57 -5.21 13.89
C TYR D 322 46.72 -4.66 12.48
N GLN D 323 46.60 -5.56 11.51
CA GLN D 323 46.78 -5.17 10.12
C GLN D 323 45.67 -4.24 9.65
N MET D 324 45.98 -3.40 8.67
CA MET D 324 45.01 -2.49 8.10
C MET D 324 44.31 -3.06 6.87
N HIS D 325 44.95 -3.95 6.13
CA HIS D 325 44.39 -4.57 4.93
C HIS D 325 44.56 -6.07 5.02
N PRO D 326 43.86 -6.74 5.93
CA PRO D 326 43.94 -8.19 6.03
C PRO D 326 43.00 -8.88 5.04
N LYS D 327 43.17 -10.20 4.95
CA LYS D 327 42.33 -11.04 4.10
C LYS D 327 41.47 -11.92 5.00
N LEU D 328 40.16 -11.87 4.79
CA LEU D 328 39.21 -12.59 5.63
C LEU D 328 38.44 -13.61 4.81
N VAL D 329 37.88 -14.59 5.50
CA VAL D 329 37.10 -15.65 4.87
C VAL D 329 35.77 -15.78 5.60
N ILE D 330 34.75 -16.25 4.88
CA ILE D 330 33.42 -16.46 5.42
C ILE D 330 33.18 -17.96 5.52
N ILE D 331 32.74 -18.41 6.68
CA ILE D 331 32.50 -19.83 6.94
C ILE D 331 31.04 -20.03 7.30
N LEU D 332 30.45 -21.08 6.73
CA LEU D 332 29.05 -21.41 6.95
C LEU D 332 28.93 -22.83 7.50
N LEU D 333 28.04 -23.02 8.47
CA LEU D 333 27.83 -24.32 9.08
C LEU D 333 26.77 -25.07 8.27
N ASN D 334 27.19 -26.17 7.63
CA ASN D 334 26.31 -26.95 6.77
C ASN D 334 25.57 -28.01 7.61
N LYS D 335 24.91 -28.95 6.93
CA LYS D 335 24.15 -29.97 7.64
C LYS D 335 25.04 -30.74 8.60
N GLU D 336 26.18 -31.22 8.12
CA GLU D 336 27.16 -31.84 8.99
C GLU D 336 27.89 -30.77 9.79
N ARG D 337 28.39 -31.17 10.96
CA ARG D 337 29.07 -30.24 11.87
C ARG D 337 30.47 -29.95 11.33
N LYS D 338 30.51 -29.21 10.22
CA LYS D 338 31.76 -28.83 9.59
C LYS D 338 31.65 -27.39 9.10
N TRP D 339 32.80 -26.73 8.98
CA TRP D 339 32.89 -25.36 8.50
C TRP D 339 33.44 -25.36 7.08
N GLU D 340 32.74 -24.70 6.17
CA GLU D 340 33.12 -24.64 4.77
C GLU D 340 33.21 -23.18 4.32
N ARG D 341 34.24 -22.87 3.54
CA ARG D 341 34.40 -21.51 3.03
C ARG D 341 33.30 -21.19 2.02
N VAL D 342 32.79 -19.96 2.07
CA VAL D 342 31.72 -19.54 1.19
C VAL D 342 32.17 -18.33 0.37
N GLY D 343 33.13 -17.57 0.89
CA GLY D 343 33.62 -16.41 0.18
C GLY D 343 34.83 -15.82 0.87
N LYS D 344 35.50 -14.93 0.14
CA LYS D 344 36.69 -14.25 0.63
C LYS D 344 36.49 -12.74 0.55
N TRP D 345 36.91 -12.04 1.59
CA TRP D 345 36.79 -10.59 1.68
C TRP D 345 38.19 -9.98 1.70
N LYS D 346 38.44 -9.07 0.76
CA LYS D 346 39.67 -8.31 0.66
C LYS D 346 39.33 -6.81 0.80
N ASP D 347 40.31 -5.97 0.52
CA ASP D 347 40.08 -4.53 0.63
C ASP D 347 39.03 -4.08 -0.38
N LYS D 348 37.84 -3.75 0.11
CA LYS D 348 36.74 -3.33 -0.74
C LYS D 348 36.40 -4.41 -1.77
N SER D 349 36.23 -5.64 -1.28
CA SER D 349 35.89 -6.77 -2.14
C SER D 349 35.21 -7.84 -1.31
N LEU D 350 34.07 -8.33 -1.79
CA LEU D 350 33.29 -9.35 -1.09
C LEU D 350 32.85 -10.43 -2.06
N GLN D 351 33.77 -10.94 -2.87
CA GLN D 351 33.44 -12.00 -3.81
C GLN D 351 32.96 -13.23 -3.07
N MET D 352 31.86 -13.80 -3.54
CA MET D 352 31.25 -14.97 -2.92
C MET D 352 30.97 -16.03 -3.98
N LYS D 353 31.09 -17.30 -3.58
CA LYS D 353 30.88 -18.41 -4.50
C LYS D 353 29.41 -18.72 -4.75
N TYR D 354 28.50 -18.12 -3.98
CA TYR D 354 27.07 -18.35 -4.12
C TYR D 354 26.41 -17.09 -4.66
N TYR D 355 25.71 -17.21 -5.80
CA TYR D 355 24.95 -16.08 -6.32
C TYR D 355 23.66 -15.88 -5.53
N VAL D 356 23.04 -16.97 -5.08
CA VAL D 356 21.84 -16.93 -4.27
C VAL D 356 22.09 -17.75 -3.01
N TRP D 357 21.74 -17.19 -1.86
CA TRP D 357 22.01 -17.87 -0.60
C TRP D 357 21.25 -19.19 -0.54
N PRO D 358 21.91 -20.31 -0.30
CA PRO D 358 21.20 -21.59 -0.21
C PRO D 358 20.24 -21.62 0.97
N ARG D 359 19.15 -22.35 0.80
CA ARG D 359 18.15 -22.48 1.86
C ARG D 359 18.13 -23.90 2.42
N ASP D 369 8.30 -25.83 -1.44
CA ASP D 369 8.28 -24.70 -0.52
C ASP D 369 7.77 -23.44 -1.20
N ASP D 370 7.71 -22.35 -0.46
CA ASP D 370 7.25 -21.06 -1.00
C ASP D 370 8.41 -20.23 -1.52
N HIS D 371 9.23 -20.85 -2.39
CA HIS D 371 10.36 -20.16 -3.00
C HIS D 371 10.60 -20.75 -4.37
N LEU D 372 10.71 -19.88 -5.38
CA LEU D 372 10.88 -20.35 -6.76
C LEU D 372 11.57 -19.27 -7.56
N SER D 373 12.13 -19.68 -8.70
CA SER D 373 12.84 -18.79 -9.59
C SER D 373 11.95 -18.39 -10.76
N ILE D 374 12.00 -17.11 -11.13
CA ILE D 374 11.15 -16.55 -12.17
C ILE D 374 12.04 -15.94 -13.24
N VAL D 375 11.76 -16.27 -14.49
CA VAL D 375 12.53 -15.75 -15.62
C VAL D 375 11.84 -14.49 -16.14
N THR D 376 12.61 -13.62 -16.79
CA THR D 376 12.07 -12.39 -17.35
C THR D 376 12.90 -11.99 -18.56
N LEU D 377 12.29 -11.15 -19.40
CA LEU D 377 12.96 -10.60 -20.57
C LEU D 377 12.65 -9.11 -20.64
N GLU D 378 13.62 -8.35 -21.16
CA GLU D 378 13.49 -6.90 -21.20
C GLU D 378 12.52 -6.47 -22.30
N GLU D 379 11.56 -5.63 -21.95
CA GLU D 379 10.63 -5.05 -22.90
C GLU D 379 10.44 -3.58 -22.56
N ALA D 380 10.17 -2.78 -23.58
CA ALA D 380 10.15 -1.32 -23.39
C ALA D 380 9.13 -0.88 -22.35
N PRO D 381 7.85 -1.24 -22.45
CA PRO D 381 6.89 -0.75 -21.46
C PRO D 381 6.62 -1.74 -20.34
N PHE D 382 7.12 -2.97 -20.46
CA PHE D 382 6.81 -4.05 -19.55
C PHE D 382 7.96 -4.38 -18.60
N VAL D 383 9.15 -4.64 -19.12
CA VAL D 383 10.30 -5.01 -18.31
C VAL D 383 11.44 -4.06 -18.65
N ILE D 384 11.65 -3.06 -17.81
CA ILE D 384 12.75 -2.10 -17.96
C ILE D 384 13.84 -2.46 -16.97
N VAL D 385 15.05 -2.62 -17.47
CA VAL D 385 16.22 -3.03 -16.68
C VAL D 385 17.22 -1.89 -16.66
N GLU D 386 17.67 -1.51 -15.47
CA GLU D 386 18.64 -0.43 -15.31
C GLU D 386 19.68 -0.85 -14.30
N SER D 387 20.62 0.05 -14.02
CA SER D 387 21.70 -0.22 -13.07
C SER D 387 21.31 0.27 -11.68
N VAL D 388 22.15 -0.09 -10.70
CA VAL D 388 21.91 0.27 -9.31
C VAL D 388 22.10 1.77 -9.14
N ASP D 389 21.63 2.31 -8.02
CA ASP D 389 21.73 3.74 -7.77
C ASP D 389 23.10 4.08 -7.18
N PRO D 390 23.92 4.88 -7.85
CA PRO D 390 25.23 5.21 -7.29
C PRO D 390 25.15 5.92 -5.95
N LEU D 391 24.12 6.73 -5.74
CA LEU D 391 24.03 7.49 -4.49
C LEU D 391 23.90 6.56 -3.29
N SER D 392 23.09 5.51 -3.40
CA SER D 392 22.87 4.57 -2.32
C SER D 392 23.43 3.19 -2.60
N GLY D 393 23.93 2.93 -3.80
CA GLY D 393 24.46 1.63 -4.15
C GLY D 393 23.38 0.65 -4.57
N THR D 394 22.17 0.81 -4.02
CA THR D 394 21.03 -0.03 -4.34
C THR D 394 19.91 0.82 -4.89
N CYS D 395 19.16 0.27 -5.84
CA CYS D 395 18.12 1.03 -6.51
C CYS D 395 16.99 1.37 -5.55
N MET D 396 16.21 2.38 -5.93
CA MET D 396 15.14 2.90 -5.09
C MET D 396 13.93 1.96 -5.16
N ARG D 397 12.79 2.44 -4.66
CA ARG D 397 11.58 1.63 -4.61
C ARG D 397 11.12 1.25 -6.02
N ASN D 398 10.10 0.39 -6.07
CA ASN D 398 9.50 -0.09 -7.31
C ASN D 398 10.55 -0.54 -8.33
N THR D 399 11.69 -1.05 -7.83
CA THR D 399 12.76 -1.56 -8.69
C THR D 399 13.35 -2.79 -7.99
N VAL D 400 12.84 -3.96 -8.34
CA VAL D 400 13.25 -5.21 -7.69
C VAL D 400 14.59 -5.66 -8.25
N PRO D 401 15.47 -6.25 -7.45
CA PRO D 401 16.74 -6.76 -7.99
C PRO D 401 16.48 -7.90 -8.96
N CYS D 402 17.36 -8.00 -9.96
CA CYS D 402 17.26 -9.07 -10.96
C CYS D 402 18.66 -9.42 -11.43
N GLN D 403 18.99 -10.71 -11.37
CA GLN D 403 20.33 -11.19 -11.65
C GLN D 403 20.52 -11.32 -13.16
N LYS D 404 21.45 -10.55 -13.72
CA LYS D 404 21.81 -10.66 -15.13
C LYS D 404 22.96 -11.65 -15.26
N ARG D 405 22.61 -12.93 -15.40
CA ARG D 405 23.60 -13.98 -15.46
C ARG D 405 24.22 -14.07 -16.86
N ILE D 406 25.23 -14.92 -16.98
CA ILE D 406 25.91 -15.12 -18.25
C ILE D 406 25.69 -16.54 -18.74
N GLY D 417 25.37 -16.24 -12.46
CA GLY D 417 26.44 -15.67 -11.68
C GLY D 417 27.16 -14.54 -12.38
N TYR D 418 26.57 -13.35 -12.33
CA TYR D 418 27.14 -12.17 -12.97
C TYR D 418 26.58 -10.93 -12.28
N ILE D 419 26.75 -9.78 -12.93
CA ILE D 419 26.29 -8.53 -12.35
C ILE D 419 24.77 -8.59 -12.12
N LYS D 420 24.30 -7.77 -11.20
CA LYS D 420 22.89 -7.70 -10.83
C LYS D 420 22.34 -6.32 -11.17
N LYS D 421 21.25 -6.28 -11.92
CA LYS D 421 20.60 -5.05 -12.31
C LYS D 421 19.31 -4.88 -11.52
N CYS D 422 18.57 -3.83 -11.81
CA CYS D 422 17.29 -3.56 -11.17
C CYS D 422 16.20 -3.49 -12.24
N CYS D 423 15.16 -4.28 -12.05
CA CYS D 423 14.08 -4.42 -13.01
C CYS D 423 12.80 -3.80 -12.47
N LYS D 424 12.03 -3.17 -13.34
CA LYS D 424 10.78 -2.53 -12.96
C LYS D 424 9.89 -2.40 -14.19
N GLY D 425 8.60 -2.27 -13.94
CA GLY D 425 7.65 -2.06 -15.02
C GLY D 425 6.30 -2.65 -14.69
N PHE D 426 5.46 -2.72 -15.73
CA PHE D 426 4.10 -3.25 -15.57
C PHE D 426 4.12 -4.67 -15.03
N CYS D 427 4.87 -5.55 -15.69
CA CYS D 427 4.96 -6.94 -15.23
C CYS D 427 5.61 -7.04 -13.86
N ILE D 428 6.58 -6.17 -13.58
CA ILE D 428 7.23 -6.20 -12.27
C ILE D 428 6.23 -5.84 -11.18
N ASP D 429 5.41 -4.81 -11.40
CA ASP D 429 4.41 -4.44 -10.42
C ASP D 429 3.37 -5.55 -10.26
N ILE D 430 2.95 -6.17 -11.37
CA ILE D 430 2.00 -7.27 -11.28
C ILE D 430 2.59 -8.42 -10.46
N LEU D 431 3.86 -8.74 -10.69
CA LEU D 431 4.51 -9.82 -9.93
C LEU D 431 4.61 -9.46 -8.46
N LYS D 432 4.92 -8.20 -8.15
CA LYS D 432 5.00 -7.77 -6.76
C LYS D 432 3.65 -7.96 -6.06
N LYS D 433 2.57 -7.51 -6.71
CA LYS D 433 1.26 -7.67 -6.11
C LYS D 433 0.88 -9.13 -5.95
N ILE D 434 1.20 -9.96 -6.96
CA ILE D 434 0.88 -11.38 -6.89
C ILE D 434 1.64 -12.04 -5.75
N SER D 435 2.92 -11.71 -5.59
CA SER D 435 3.71 -12.27 -4.50
C SER D 435 3.17 -11.83 -3.15
N LYS D 436 2.77 -10.56 -3.03
CA LYS D 436 2.20 -10.10 -1.77
C LYS D 436 0.91 -10.83 -1.45
N SER D 437 0.07 -11.06 -2.45
CA SER D 437 -1.21 -11.72 -2.21
C SER D 437 -1.01 -13.20 -1.88
N VAL D 438 -0.40 -13.96 -2.80
CA VAL D 438 -0.20 -15.39 -2.60
C VAL D 438 0.83 -15.70 -1.53
N LYS D 439 1.61 -14.70 -1.10
CA LYS D 439 2.60 -14.88 -0.04
C LYS D 439 3.64 -15.94 -0.41
N PHE D 440 4.42 -15.63 -1.46
CA PHE D 440 5.54 -16.45 -1.86
C PHE D 440 6.72 -15.57 -2.22
N THR D 441 7.92 -16.13 -2.09
CA THR D 441 9.15 -15.43 -2.41
C THR D 441 9.72 -15.95 -3.72
N TYR D 442 10.49 -15.09 -4.41
CA TYR D 442 11.01 -15.41 -5.73
C TYR D 442 12.41 -14.84 -5.86
N ASP D 443 13.03 -15.11 -7.02
CA ASP D 443 14.36 -14.58 -7.32
C ASP D 443 14.44 -14.43 -8.84
N LEU D 444 14.35 -13.20 -9.32
CA LEU D 444 14.34 -12.94 -10.75
C LEU D 444 15.72 -13.12 -11.36
N TYR D 445 15.74 -13.48 -12.64
CA TYR D 445 16.99 -13.57 -13.39
C TYR D 445 16.66 -13.54 -14.88
N LEU D 446 17.47 -12.81 -15.63
CA LEU D 446 17.23 -12.65 -17.07
C LEU D 446 17.66 -13.91 -17.83
N VAL D 447 17.14 -14.03 -19.04
CA VAL D 447 17.42 -15.18 -19.90
C VAL D 447 18.59 -14.84 -20.81
N THR D 448 19.43 -15.84 -21.09
CA THR D 448 20.63 -15.64 -21.89
C THR D 448 20.38 -15.92 -23.37
N ASN D 449 19.96 -17.13 -23.70
CA ASN D 449 19.72 -17.53 -25.07
C ASN D 449 18.23 -17.46 -25.39
N GLY D 450 17.90 -16.81 -26.50
CA GLY D 450 16.52 -16.64 -26.91
C GLY D 450 15.87 -15.42 -26.27
N LYS D 451 14.71 -15.06 -26.80
CA LYS D 451 13.95 -13.91 -26.32
C LYS D 451 12.62 -14.33 -25.70
N HIS D 452 11.79 -15.05 -26.43
CA HIS D 452 10.48 -15.48 -25.94
C HIS D 452 10.27 -16.98 -26.01
N GLY D 453 10.76 -17.63 -27.05
CA GLY D 453 10.61 -19.06 -27.18
C GLY D 453 10.25 -19.52 -28.58
N LYS D 454 11.03 -20.46 -29.11
CA LYS D 454 10.79 -21.02 -30.44
C LYS D 454 11.21 -22.47 -30.44
N LYS D 455 10.38 -23.32 -31.05
CA LYS D 455 10.68 -24.75 -31.16
C LYS D 455 11.56 -24.96 -32.39
N ILE D 456 12.87 -25.07 -32.16
CA ILE D 456 13.84 -25.28 -33.23
C ILE D 456 14.52 -26.62 -33.01
N ASN D 457 14.51 -27.47 -34.03
CA ASN D 457 15.12 -28.79 -33.94
C ASN D 457 14.52 -29.60 -32.79
N GLY D 458 13.24 -29.44 -32.57
CA GLY D 458 12.53 -30.14 -31.50
C GLY D 458 12.56 -29.48 -30.14
N THR D 459 13.76 -29.12 -29.67
CA THR D 459 13.89 -28.49 -28.37
C THR D 459 13.37 -27.05 -28.41
N TRP D 460 12.96 -26.56 -27.25
CA TRP D 460 12.43 -25.22 -27.13
C TRP D 460 13.58 -24.23 -26.86
N ASN D 461 13.24 -22.97 -26.63
CA ASN D 461 14.24 -21.93 -26.45
C ASN D 461 13.63 -20.78 -25.67
N GLY D 462 14.50 -19.94 -25.10
CA GLY D 462 14.03 -18.77 -24.39
C GLY D 462 13.35 -19.10 -23.08
N MET D 463 12.41 -18.23 -22.69
CA MET D 463 11.71 -18.41 -21.42
C MET D 463 10.89 -19.70 -21.43
N ILE D 464 10.23 -20.00 -22.53
CA ILE D 464 9.45 -21.23 -22.62
C ILE D 464 10.36 -22.44 -22.44
N GLY D 465 11.51 -22.44 -23.11
CA GLY D 465 12.43 -23.55 -22.96
C GLY D 465 12.95 -23.69 -21.55
N GLU D 466 13.28 -22.56 -20.91
CA GLU D 466 13.77 -22.62 -19.53
C GLU D 466 12.71 -23.17 -18.59
N VAL D 467 11.46 -22.74 -18.76
CA VAL D 467 10.39 -23.25 -17.93
C VAL D 467 10.19 -24.74 -18.16
N VAL D 468 10.24 -25.17 -19.43
CA VAL D 468 10.07 -26.58 -19.74
C VAL D 468 11.24 -27.40 -19.18
N MET D 469 12.45 -26.84 -19.22
CA MET D 469 13.63 -27.56 -18.78
C MET D 469 13.70 -27.72 -17.26
N LYS D 470 12.77 -27.11 -16.52
CA LYS D 470 12.62 -27.22 -15.08
C LYS D 470 13.58 -26.31 -14.30
N ARG D 471 14.36 -25.47 -14.96
CA ARG D 471 15.24 -24.56 -14.24
C ARG D 471 14.50 -23.33 -13.73
N ALA D 472 13.24 -23.13 -14.12
CA ALA D 472 12.44 -22.02 -13.64
C ALA D 472 11.01 -22.49 -13.44
N TYR D 473 10.30 -21.79 -12.56
CA TYR D 473 8.91 -22.14 -12.25
C TYR D 473 7.90 -21.29 -13.01
N MET D 474 8.17 -20.00 -13.19
CA MET D 474 7.28 -19.10 -13.90
C MET D 474 8.10 -18.18 -14.77
N ALA D 475 7.45 -17.64 -15.81
CA ALA D 475 8.08 -16.70 -16.73
C ALA D 475 7.20 -15.45 -16.80
N VAL D 476 7.54 -14.45 -16.02
CA VAL D 476 6.77 -13.20 -15.95
C VAL D 476 7.31 -12.25 -17.01
N GLY D 477 6.42 -11.77 -17.88
CA GLY D 477 6.83 -10.87 -18.93
C GLY D 477 5.74 -10.73 -19.98
N SER D 478 6.13 -10.21 -21.15
CA SER D 478 5.20 -10.04 -22.26
C SER D 478 5.22 -11.31 -23.10
N LEU D 479 4.55 -12.34 -22.59
CA LEU D 479 4.46 -13.64 -23.24
C LEU D 479 3.08 -13.81 -23.86
N THR D 480 3.04 -14.15 -25.14
CA THR D 480 1.79 -14.35 -25.86
C THR D 480 1.29 -15.78 -25.66
N ILE D 481 -0.03 -15.91 -25.53
CA ILE D 481 -0.67 -17.21 -25.34
C ILE D 481 -1.13 -17.73 -26.69
N ASN D 482 -0.68 -18.94 -27.03
CA ASN D 482 -1.07 -19.59 -28.28
C ASN D 482 -1.31 -21.07 -28.01
N GLU D 483 -1.93 -21.74 -28.98
CA GLU D 483 -2.26 -23.16 -28.81
C GLU D 483 -1.01 -24.02 -28.75
N GLU D 484 -0.04 -23.78 -29.64
CA GLU D 484 1.15 -24.61 -29.66
C GLU D 484 1.99 -24.42 -28.40
N ARG D 485 2.03 -23.20 -27.86
CA ARG D 485 2.82 -22.93 -26.67
C ARG D 485 2.17 -23.46 -25.40
N SER D 486 0.88 -23.77 -25.44
CA SER D 486 0.16 -24.24 -24.26
C SER D 486 0.25 -25.76 -24.08
N GLU D 487 0.91 -26.46 -25.00
CA GLU D 487 1.04 -27.91 -24.91
C GLU D 487 2.25 -28.35 -24.10
N VAL D 488 3.07 -27.41 -23.63
CA VAL D 488 4.26 -27.74 -22.86
C VAL D 488 4.18 -27.08 -21.49
N VAL D 489 3.44 -25.97 -21.40
CA VAL D 489 3.31 -25.20 -20.17
C VAL D 489 1.85 -24.84 -19.97
N ASP D 490 1.56 -24.26 -18.81
CA ASP D 490 0.22 -23.81 -18.46
C ASP D 490 0.21 -22.29 -18.33
N PHE D 491 -0.77 -21.66 -18.97
CA PHE D 491 -0.89 -20.21 -18.97
C PHE D 491 -2.02 -19.76 -18.05
N SER D 492 -1.76 -18.72 -17.27
CA SER D 492 -2.77 -18.16 -16.38
C SER D 492 -3.70 -17.24 -17.18
N VAL D 493 -4.67 -16.65 -16.49
CA VAL D 493 -5.58 -15.73 -17.17
C VAL D 493 -4.80 -14.53 -17.66
N PRO D 494 -4.96 -14.10 -18.91
CA PRO D 494 -4.18 -12.96 -19.40
C PRO D 494 -4.52 -11.69 -18.62
N PHE D 495 -3.48 -10.91 -18.34
CA PHE D 495 -3.66 -9.62 -17.67
C PHE D 495 -3.73 -8.46 -18.64
N ILE D 496 -3.58 -8.71 -19.94
CA ILE D 496 -3.70 -7.68 -20.96
C ILE D 496 -4.04 -8.36 -22.28
N GLU D 497 -4.90 -7.71 -23.06
CA GLU D 497 -5.33 -8.24 -24.34
C GLU D 497 -4.45 -7.73 -25.47
N THR D 498 -4.40 -8.49 -26.55
CA THR D 498 -3.57 -8.15 -27.70
C THR D 498 -4.10 -8.92 -28.91
N GLY D 499 -3.49 -8.64 -30.06
CA GLY D 499 -3.89 -9.31 -31.30
C GLY D 499 -3.15 -8.73 -32.48
N ILE D 500 -3.83 -8.72 -33.62
CA ILE D 500 -3.30 -8.14 -34.86
C ILE D 500 -4.06 -6.86 -35.14
N SER D 501 -3.37 -5.73 -35.08
CA SER D 501 -3.97 -4.42 -35.26
C SER D 501 -3.30 -3.68 -36.40
N VAL D 502 -3.99 -2.63 -36.88
CA VAL D 502 -3.53 -1.83 -38.00
C VAL D 502 -3.44 -0.38 -37.54
N MET D 503 -2.30 0.25 -37.82
CA MET D 503 -2.05 1.64 -37.51
C MET D 503 -2.07 2.46 -38.80
N VAL D 504 -2.80 3.58 -38.77
CA VAL D 504 -2.95 4.46 -39.92
C VAL D 504 -2.64 5.89 -39.47
N SER D 505 -2.81 6.82 -40.40
CA SER D 505 -2.55 8.23 -40.15
C SER D 505 -3.85 9.03 -40.20
N ARG D 506 -3.92 10.06 -39.35
CA ARG D 506 -5.11 10.89 -39.29
C ARG D 506 -5.25 11.72 -40.57
N SER D 507 -6.50 11.97 -40.95
CA SER D 507 -6.82 12.77 -42.12
C SER D 507 -7.60 14.01 -41.69
N ASN D 508 -7.32 15.14 -42.36
CA ASN D 508 -7.98 16.39 -42.02
C ASN D 508 -9.50 16.28 -42.23
N GLY D 509 -9.92 16.07 -43.48
CA GLY D 509 -11.33 15.90 -43.78
C GLY D 509 -12.18 17.09 -43.39
N THR D 510 -12.00 18.22 -44.07
CA THR D 510 -12.74 19.44 -43.78
C THR D 510 -13.55 19.92 -44.99
N VAL D 511 -13.82 19.05 -45.94
CA VAL D 511 -14.53 19.41 -47.16
C VAL D 511 -16.04 19.33 -46.91
N SER D 512 -16.78 20.24 -47.53
CA SER D 512 -18.24 20.27 -47.42
C SER D 512 -18.85 20.94 -48.64
N PRO D 513 -19.02 20.21 -49.75
CA PRO D 513 -19.55 20.86 -50.96
C PRO D 513 -20.92 21.48 -50.78
N SER D 514 -21.78 20.89 -49.95
CA SER D 514 -23.14 21.39 -49.74
C SER D 514 -23.24 22.34 -48.56
N ALA D 515 -22.12 22.69 -47.92
CA ALA D 515 -22.17 23.54 -46.74
C ALA D 515 -22.87 24.86 -47.03
N PHE D 516 -22.75 25.38 -48.26
CA PHE D 516 -23.36 26.66 -48.57
C PHE D 516 -24.88 26.62 -48.48
N LEU D 517 -25.49 25.44 -48.58
CA LEU D 517 -26.93 25.31 -48.40
C LEU D 517 -27.34 24.96 -46.98
N GLU D 518 -26.37 24.64 -46.12
CA GLU D 518 -26.70 24.28 -44.73
C GLU D 518 -27.41 25.39 -43.97
N PRO D 519 -27.01 26.66 -44.06
CA PRO D 519 -27.57 27.67 -43.15
C PRO D 519 -29.10 27.75 -43.20
N PHE D 520 -29.70 27.59 -44.37
CA PHE D 520 -31.14 27.71 -44.53
C PHE D 520 -31.68 26.45 -45.20
N SER D 521 -32.76 25.90 -44.66
CA SER D 521 -33.38 24.72 -45.23
C SER D 521 -34.15 25.08 -46.50
N ALA D 522 -34.49 24.05 -47.28
CA ALA D 522 -35.17 24.28 -48.55
C ALA D 522 -36.53 24.92 -48.33
N ASP D 523 -37.23 24.54 -47.27
CA ASP D 523 -38.54 25.12 -46.99
C ASP D 523 -38.42 26.63 -46.75
N VAL D 524 -37.39 27.05 -46.02
CA VAL D 524 -37.20 28.48 -45.78
C VAL D 524 -36.95 29.21 -47.09
N TRP D 525 -36.12 28.63 -47.97
CA TRP D 525 -35.86 29.27 -49.26
C TRP D 525 -37.12 29.39 -50.10
N VAL D 526 -37.93 28.33 -50.13
CA VAL D 526 -39.17 28.38 -50.92
C VAL D 526 -40.13 29.40 -50.34
N MET D 527 -40.24 29.47 -49.01
CA MET D 527 -41.11 30.45 -48.38
C MET D 527 -40.64 31.87 -48.69
N MET D 528 -39.32 32.09 -48.67
CA MET D 528 -38.78 33.40 -49.02
C MET D 528 -39.11 33.76 -50.45
N PHE D 529 -38.98 32.80 -51.37
CA PHE D 529 -39.29 33.06 -52.77
C PHE D 529 -40.76 33.42 -52.95
N VAL D 530 -41.65 32.67 -52.31
CA VAL D 530 -43.08 32.95 -52.44
C VAL D 530 -43.40 34.31 -51.82
N MET D 531 -42.81 34.64 -50.68
CA MET D 531 -43.05 35.93 -50.06
C MET D 531 -42.55 37.06 -50.96
N LEU D 532 -41.39 36.88 -51.60
CA LEU D 532 -40.89 37.89 -52.51
C LEU D 532 -41.83 38.07 -53.69
N LEU D 533 -42.32 36.97 -54.26
CA LEU D 533 -43.25 37.08 -55.38
C LEU D 533 -44.52 37.82 -54.97
N ILE D 534 -45.08 37.47 -53.80
CA ILE D 534 -46.29 38.13 -53.33
C ILE D 534 -46.05 39.61 -53.10
N VAL D 535 -44.92 39.95 -52.50
CA VAL D 535 -44.60 41.35 -52.24
C VAL D 535 -44.47 42.12 -53.54
N SER D 536 -43.80 41.52 -54.53
CA SER D 536 -43.65 42.19 -55.82
C SER D 536 -45.00 42.41 -56.49
N ALA D 537 -45.87 41.40 -56.45
CA ALA D 537 -47.19 41.55 -57.06
C ALA D 537 -47.99 42.64 -56.35
N VAL D 538 -47.97 42.66 -55.01
CA VAL D 538 -48.72 43.66 -54.28
C VAL D 538 -48.17 45.05 -54.57
N ALA D 539 -46.84 45.19 -54.63
CA ALA D 539 -46.24 46.48 -54.91
C ALA D 539 -46.62 46.98 -56.31
N VAL D 540 -46.59 46.08 -57.30
CA VAL D 540 -46.96 46.49 -58.66
C VAL D 540 -48.43 46.90 -58.71
N PHE D 541 -49.30 46.15 -58.03
CA PHE D 541 -50.70 46.51 -58.01
C PHE D 541 -50.92 47.86 -57.34
N VAL D 542 -50.22 48.12 -56.22
CA VAL D 542 -50.36 49.39 -55.54
C VAL D 542 -49.87 50.53 -56.41
N PHE D 543 -48.73 50.34 -57.08
CA PHE D 543 -48.21 51.37 -57.97
C PHE D 543 -49.18 51.66 -59.10
N GLU D 544 -49.76 50.62 -59.69
CA GLU D 544 -50.74 50.83 -60.76
C GLU D 544 -51.97 51.55 -60.24
N TYR D 545 -52.42 51.20 -59.03
CA TYR D 545 -53.63 51.82 -58.49
C TYR D 545 -53.44 53.31 -58.24
N PHE D 546 -52.21 53.75 -58.00
CA PHE D 546 -51.94 55.16 -57.75
C PHE D 546 -51.30 55.82 -58.97
N PHE D 566 -41.76 49.59 -64.54
CA PHE D 566 -43.10 49.71 -63.98
C PHE D 566 -43.85 48.38 -64.03
N THR D 567 -43.35 47.46 -64.85
CA THR D 567 -43.97 46.15 -64.99
C THR D 567 -43.59 45.26 -63.83
N ILE D 568 -44.20 44.07 -63.80
CA ILE D 568 -43.91 43.10 -62.74
C ILE D 568 -42.46 42.64 -62.82
N GLY D 569 -41.94 42.50 -64.03
CA GLY D 569 -40.55 42.10 -64.19
C GLY D 569 -39.58 43.08 -63.55
N LYS D 570 -39.84 44.39 -63.72
CA LYS D 570 -38.99 45.39 -63.09
C LYS D 570 -39.03 45.26 -61.58
N ALA D 571 -40.22 45.06 -61.01
CA ALA D 571 -40.34 44.94 -59.56
C ALA D 571 -39.59 43.70 -59.06
N ILE D 572 -39.73 42.57 -59.75
CA ILE D 572 -39.06 41.36 -59.31
C ILE D 572 -37.54 41.52 -59.42
N TRP D 573 -37.08 42.17 -60.49
CA TRP D 573 -35.65 42.42 -60.64
C TRP D 573 -35.14 43.32 -59.52
N LEU D 574 -35.90 44.37 -59.18
CA LEU D 574 -35.49 45.25 -58.10
C LEU D 574 -35.43 44.50 -56.77
N LEU D 575 -36.42 43.65 -56.49
CA LEU D 575 -36.40 42.89 -55.25
C LEU D 575 -35.22 41.94 -55.21
N TRP D 576 -34.93 41.26 -56.32
CA TRP D 576 -33.79 40.35 -56.38
C TRP D 576 -32.48 41.11 -56.14
N GLY D 577 -32.33 42.28 -56.76
CA GLY D 577 -31.14 43.07 -56.53
C GLY D 577 -31.01 43.53 -55.09
N LEU D 578 -32.14 43.91 -54.48
CA LEU D 578 -32.12 44.34 -53.09
C LEU D 578 -31.70 43.19 -52.18
N VAL D 579 -32.19 41.97 -52.47
CA VAL D 579 -31.84 40.83 -51.62
C VAL D 579 -30.35 40.57 -51.64
N PHE D 580 -29.69 40.81 -52.76
CA PHE D 580 -28.27 40.52 -52.93
C PHE D 580 -27.40 41.76 -52.75
N ASN D 581 -27.79 42.67 -51.87
CA ASN D 581 -26.98 43.84 -51.53
C ASN D 581 -26.92 44.86 -52.66
N ASN D 582 -27.98 44.95 -53.46
CA ASN D 582 -28.09 45.97 -54.50
C ASN D 582 -26.85 45.98 -55.40
N SER D 583 -26.48 44.80 -55.89
CA SER D 583 -25.30 44.67 -56.72
C SER D 583 -25.53 45.10 -58.16
N VAL D 584 -26.77 45.43 -58.53
CA VAL D 584 -27.10 45.81 -59.90
C VAL D 584 -27.82 47.15 -59.90
N PRO D 585 -27.62 48.00 -60.91
CA PRO D 585 -28.30 49.31 -60.97
C PRO D 585 -29.77 49.21 -61.40
N VAL D 586 -30.63 48.90 -60.43
CA VAL D 586 -32.06 48.76 -60.67
C VAL D 586 -32.68 50.15 -60.81
N GLN D 587 -33.91 50.21 -61.31
CA GLN D 587 -34.65 51.45 -61.47
C GLN D 587 -35.68 51.56 -60.36
N ASN D 588 -35.53 52.56 -59.50
CA ASN D 588 -36.44 52.73 -58.38
C ASN D 588 -37.81 53.22 -58.85
N PRO D 589 -38.88 52.81 -58.18
CA PRO D 589 -40.22 53.28 -58.55
C PRO D 589 -40.49 54.66 -57.95
N LYS D 590 -41.69 55.17 -58.22
CA LYS D 590 -42.13 56.47 -57.73
C LYS D 590 -43.42 56.32 -56.95
N GLY D 591 -43.47 56.91 -55.77
CA GLY D 591 -44.64 56.83 -54.93
C GLY D 591 -44.23 56.87 -53.46
N THR D 592 -45.20 56.57 -52.60
CA THR D 592 -44.98 56.51 -51.16
C THR D 592 -45.17 55.11 -50.60
N THR D 593 -46.30 54.47 -50.91
CA THR D 593 -46.50 53.09 -50.46
C THR D 593 -45.46 52.16 -51.06
N SER D 594 -45.11 52.38 -52.33
CA SER D 594 -44.06 51.58 -52.95
C SER D 594 -42.73 51.78 -52.23
N LYS D 595 -42.41 53.03 -51.88
CA LYS D 595 -41.17 53.29 -51.14
C LYS D 595 -41.18 52.61 -49.78
N ILE D 596 -42.31 52.65 -49.09
CA ILE D 596 -42.40 51.99 -47.78
C ILE D 596 -42.20 50.50 -47.92
N MET D 597 -42.84 49.88 -48.91
CA MET D 597 -42.67 48.45 -49.14
C MET D 597 -41.23 48.12 -49.49
N VAL D 598 -40.58 48.95 -50.30
CA VAL D 598 -39.19 48.73 -50.65
C VAL D 598 -38.31 48.80 -49.42
N SER D 599 -38.57 49.78 -48.54
CA SER D 599 -37.79 49.89 -47.32
C SER D 599 -37.98 48.67 -46.42
N VAL D 600 -39.21 48.19 -46.29
CA VAL D 600 -39.46 47.00 -45.48
C VAL D 600 -38.72 45.79 -46.06
N TRP D 601 -38.78 45.63 -47.38
CA TRP D 601 -38.09 44.53 -48.02
C TRP D 601 -36.57 44.65 -47.85
N ALA D 602 -36.06 45.88 -47.89
CA ALA D 602 -34.63 46.08 -47.68
C ALA D 602 -34.22 45.69 -46.26
N PHE D 603 -35.02 46.06 -45.27
CA PHE D 603 -34.73 45.64 -43.89
C PHE D 603 -34.76 44.12 -43.77
N PHE D 604 -35.77 43.49 -44.38
CA PHE D 604 -35.85 42.04 -44.33
C PHE D 604 -34.62 41.40 -44.99
N ALA D 605 -34.19 41.94 -46.12
CA ALA D 605 -33.03 41.41 -46.82
C ALA D 605 -31.77 41.58 -45.98
N VAL D 606 -31.63 42.72 -45.30
CA VAL D 606 -30.48 42.92 -44.44
C VAL D 606 -30.45 41.88 -43.33
N ILE D 607 -31.60 41.66 -42.68
CA ILE D 607 -31.67 40.67 -41.61
C ILE D 607 -31.34 39.29 -42.15
N PHE D 608 -31.90 38.93 -43.31
CA PHE D 608 -31.67 37.61 -43.88
C PHE D 608 -30.19 37.41 -44.23
N LEU D 609 -29.56 38.42 -44.82
CA LEU D 609 -28.15 38.31 -45.16
C LEU D 609 -27.28 38.17 -43.91
N ALA D 610 -27.59 38.95 -42.87
CA ALA D 610 -26.83 38.84 -41.63
C ALA D 610 -26.96 37.45 -41.03
N SER D 611 -28.19 36.92 -40.99
CA SER D 611 -28.39 35.59 -40.45
C SER D 611 -27.66 34.54 -41.27
N TYR D 612 -27.73 34.64 -42.60
CA TYR D 612 -27.05 33.69 -43.46
C TYR D 612 -25.55 33.71 -43.24
N THR D 613 -24.97 34.91 -43.18
CA THR D 613 -23.53 35.01 -42.96
C THR D 613 -23.14 34.44 -41.61
N ALA D 614 -23.91 34.73 -40.56
CA ALA D 614 -23.59 34.21 -39.24
C ALA D 614 -23.66 32.68 -39.23
N ASN D 615 -24.71 32.11 -39.83
CA ASN D 615 -24.83 30.66 -39.86
C ASN D 615 -23.71 30.01 -40.67
N LEU D 616 -23.35 30.62 -41.81
CA LEU D 616 -22.25 30.09 -42.61
C LEU D 616 -20.94 30.13 -41.83
N ALA D 617 -20.70 31.22 -41.11
CA ALA D 617 -19.50 31.31 -40.29
C ALA D 617 -19.50 30.23 -39.21
N ALA D 618 -20.65 30.00 -38.58
CA ALA D 618 -20.74 28.95 -37.58
C ALA D 618 -20.46 27.58 -38.18
N PHE D 619 -20.97 27.33 -39.39
CA PHE D 619 -20.77 26.04 -40.05
C PHE D 619 -19.33 25.83 -40.51
N MET D 620 -18.55 26.91 -40.63
CA MET D 620 -17.19 26.78 -41.15
C MET D 620 -16.26 26.04 -40.20
N ILE D 621 -16.65 25.87 -38.94
CA ILE D 621 -15.82 25.14 -37.99
C ILE D 621 -15.92 23.65 -38.29
N GLN D 622 -14.77 23.01 -38.53
CA GLN D 622 -14.72 21.61 -38.89
C GLN D 622 -13.77 20.86 -37.97
N GLU D 623 -14.05 19.59 -37.76
CA GLU D 623 -13.25 18.72 -36.91
C GLU D 623 -12.45 17.75 -37.78
N GLU D 624 -11.75 16.84 -37.11
CA GLU D 624 -10.91 15.84 -37.78
C GLU D 624 -11.48 14.46 -37.51
N TYR D 625 -11.60 13.66 -38.57
CA TYR D 625 -12.15 12.32 -38.50
C TYR D 625 -11.06 11.28 -38.75
N VAL D 626 -11.42 10.02 -38.52
CA VAL D 626 -10.51 8.89 -38.69
C VAL D 626 -11.16 7.87 -39.61
N ASP D 627 -10.37 7.31 -40.52
CA ASP D 627 -10.89 6.33 -41.46
C ASP D 627 -11.53 5.16 -40.72
N GLN D 628 -12.67 4.71 -41.23
CA GLN D 628 -13.40 3.60 -40.62
C GLN D 628 -12.99 2.30 -41.31
N VAL D 629 -12.34 1.42 -40.55
CA VAL D 629 -11.89 0.12 -41.05
C VAL D 629 -12.52 -0.96 -40.18
N SER D 630 -13.15 -1.94 -40.81
CA SER D 630 -13.84 -3.01 -40.09
C SER D 630 -12.90 -4.16 -39.75
N GLY D 631 -11.79 -3.83 -39.09
CA GLY D 631 -10.87 -4.83 -38.59
C GLY D 631 -10.37 -5.82 -39.62
N LEU D 632 -9.59 -5.35 -40.58
CA LEU D 632 -8.94 -6.20 -41.57
C LEU D 632 -9.96 -6.95 -42.43
N SER D 633 -11.17 -6.42 -42.57
CA SER D 633 -12.21 -7.04 -43.37
C SER D 633 -12.87 -6.01 -44.28
N ASP D 634 -12.06 -5.12 -44.83
CA ASP D 634 -12.54 -4.06 -45.73
C ASP D 634 -12.15 -4.38 -47.17
N LYS D 635 -12.84 -3.73 -48.11
CA LYS D 635 -12.49 -3.87 -49.51
C LYS D 635 -11.09 -3.37 -49.79
N LYS D 636 -10.57 -2.45 -48.97
CA LYS D 636 -9.22 -1.93 -49.18
C LYS D 636 -8.14 -2.95 -48.84
N PHE D 637 -8.48 -3.96 -48.03
CA PHE D 637 -7.51 -4.99 -47.65
C PHE D 637 -7.66 -6.27 -48.45
N GLN D 638 -8.87 -6.59 -48.92
CA GLN D 638 -9.08 -7.80 -49.70
C GLN D 638 -8.83 -7.60 -51.18
N ARG D 639 -9.17 -6.44 -51.73
CA ARG D 639 -8.96 -6.16 -53.15
C ARG D 639 -8.53 -4.71 -53.31
N PRO D 640 -7.28 -4.39 -52.94
CA PRO D 640 -6.81 -3.00 -53.06
C PRO D 640 -6.74 -2.50 -54.49
N ASN D 641 -6.69 -3.40 -55.48
CA ASN D 641 -6.56 -2.97 -56.87
C ASN D 641 -7.76 -2.16 -57.34
N ASP D 642 -8.92 -2.30 -56.68
CA ASP D 642 -10.10 -1.57 -57.11
C ASP D 642 -9.89 -0.06 -57.02
N PHE D 643 -9.28 0.41 -55.93
CA PHE D 643 -9.04 1.83 -55.77
C PHE D 643 -7.93 2.28 -56.71
N SER D 644 -8.14 3.43 -57.38
CA SER D 644 -7.11 3.96 -58.26
C SER D 644 -5.80 4.20 -57.50
N PRO D 645 -5.79 4.86 -56.35
CA PRO D 645 -4.59 4.88 -55.52
C PRO D 645 -4.54 3.65 -54.63
N PRO D 646 -4.00 2.54 -55.12
CA PRO D 646 -4.14 1.28 -54.39
C PRO D 646 -3.60 1.38 -52.98
N PHE D 647 -4.30 0.74 -52.04
CA PHE D 647 -3.89 0.77 -50.64
C PHE D 647 -2.55 0.08 -50.47
N ARG D 648 -1.67 0.70 -49.68
CA ARG D 648 -0.33 0.18 -49.41
C ARG D 648 -0.24 -0.15 -47.92
N PHE D 649 -0.47 -1.42 -47.59
CA PHE D 649 -0.39 -1.89 -46.21
C PHE D 649 0.78 -2.85 -46.08
N GLY D 650 1.55 -2.69 -45.00
CA GLY D 650 2.75 -3.48 -44.81
C GLY D 650 2.90 -3.93 -43.37
N THR D 651 3.80 -4.91 -43.20
CA THR D 651 4.11 -5.45 -41.88
C THR D 651 5.52 -6.01 -41.90
N VAL D 652 6.09 -6.17 -40.71
CA VAL D 652 7.44 -6.69 -40.56
C VAL D 652 7.45 -8.18 -40.89
N PRO D 653 8.28 -8.63 -41.82
CA PRO D 653 8.31 -10.05 -42.18
C PRO D 653 9.10 -10.87 -41.16
N ASN D 654 9.20 -12.17 -41.44
CA ASN D 654 9.92 -13.10 -40.58
C ASN D 654 9.38 -13.07 -39.15
N GLY D 655 8.06 -12.98 -39.02
CA GLY D 655 7.44 -12.93 -37.72
C GLY D 655 6.16 -13.74 -37.62
N SER D 656 5.49 -13.67 -36.47
CA SER D 656 4.25 -14.40 -36.29
C SER D 656 3.11 -13.79 -37.10
N THR D 657 3.08 -12.46 -37.20
CA THR D 657 2.00 -11.80 -37.93
C THR D 657 2.00 -12.21 -39.40
N GLU D 658 3.18 -12.21 -40.02
CA GLU D 658 3.26 -12.61 -41.43
C GLU D 658 2.83 -14.06 -41.62
N ARG D 659 3.27 -14.95 -40.73
CA ARG D 659 2.89 -16.35 -40.82
C ARG D 659 1.38 -16.51 -40.67
N ASN D 660 0.79 -15.82 -39.70
CA ASN D 660 -0.65 -15.91 -39.50
C ASN D 660 -1.41 -15.39 -40.71
N ILE D 661 -0.97 -14.26 -41.28
CA ILE D 661 -1.64 -13.72 -42.46
C ILE D 661 -1.54 -14.69 -43.62
N ARG D 662 -0.35 -15.26 -43.84
CA ARG D 662 -0.19 -16.21 -44.94
C ARG D 662 -1.06 -17.44 -44.74
N ASN D 663 -1.12 -17.96 -43.52
CA ASN D 663 -1.94 -19.14 -43.26
C ASN D 663 -3.42 -18.84 -43.46
N ASN D 664 -3.87 -17.66 -43.04
CA ASN D 664 -5.29 -17.33 -43.15
C ASN D 664 -5.65 -16.88 -44.56
N TYR D 665 -4.93 -15.89 -45.09
CA TYR D 665 -5.21 -15.34 -46.40
C TYR D 665 -4.00 -15.53 -47.31
N ALA D 666 -4.28 -15.75 -48.60
CA ALA D 666 -3.24 -15.96 -49.60
C ALA D 666 -3.03 -14.75 -50.50
N GLU D 667 -4.10 -14.24 -51.12
CA GLU D 667 -3.96 -13.08 -52.00
C GLU D 667 -3.45 -11.86 -51.23
N MET D 668 -3.97 -11.64 -50.03
CA MET D 668 -3.53 -10.49 -49.24
C MET D 668 -2.05 -10.58 -48.92
N HIS D 669 -1.59 -11.78 -48.54
CA HIS D 669 -0.16 -11.96 -48.24
C HIS D 669 0.70 -11.69 -49.47
N ALA D 670 0.28 -12.20 -50.64
CA ALA D 670 1.04 -11.96 -51.86
C ALA D 670 1.09 -10.47 -52.19
N TYR D 671 -0.04 -9.78 -52.05
CA TYR D 671 -0.05 -8.34 -52.31
C TYR D 671 0.86 -7.58 -51.35
N MET D 672 0.82 -7.94 -50.06
CA MET D 672 1.61 -7.23 -49.07
C MET D 672 3.09 -7.58 -49.15
N GLY D 673 3.45 -8.70 -49.78
CA GLY D 673 4.85 -9.06 -49.88
C GLY D 673 5.70 -7.99 -50.51
N LYS D 674 5.12 -7.18 -51.40
CA LYS D 674 5.88 -6.11 -52.02
C LYS D 674 6.36 -5.08 -51.00
N PHE D 675 5.66 -4.96 -49.88
CA PHE D 675 6.04 -4.05 -48.80
C PHE D 675 6.51 -4.89 -47.61
N ASN D 676 7.81 -4.83 -47.33
CA ASN D 676 8.43 -5.63 -46.28
C ASN D 676 9.27 -4.76 -45.37
N GLN D 677 8.69 -3.65 -44.91
CA GLN D 677 9.41 -2.75 -44.02
C GLN D 677 9.90 -3.50 -42.79
N ARG D 678 11.18 -3.30 -42.47
CA ARG D 678 11.83 -3.98 -41.35
C ARG D 678 12.05 -2.98 -40.22
N GLY D 679 11.62 -3.35 -39.02
CA GLY D 679 11.76 -2.49 -37.87
C GLY D 679 10.54 -1.63 -37.62
N VAL D 680 10.11 -1.55 -36.36
CA VAL D 680 8.95 -0.73 -36.02
C VAL D 680 9.22 0.74 -36.31
N ASP D 681 10.43 1.21 -35.98
CA ASP D 681 10.78 2.60 -36.23
C ASP D 681 10.73 2.92 -37.72
N ASP D 682 11.24 2.01 -38.56
CA ASP D 682 11.19 2.24 -40.00
C ASP D 682 9.76 2.33 -40.50
N ALA D 683 8.89 1.43 -40.02
CA ALA D 683 7.48 1.48 -40.43
C ALA D 683 6.81 2.77 -40.00
N LEU D 684 7.09 3.21 -38.76
CA LEU D 684 6.51 4.47 -38.29
C LEU D 684 7.00 5.65 -39.13
N LEU D 685 8.29 5.68 -39.45
CA LEU D 685 8.81 6.76 -40.28
C LEU D 685 8.19 6.74 -41.66
N SER D 686 8.02 5.55 -42.26
CA SER D 686 7.38 5.46 -43.57
C SER D 686 5.94 5.95 -43.51
N LEU D 687 5.21 5.56 -42.47
CA LEU D 687 3.82 6.02 -42.34
C LEU D 687 3.76 7.53 -42.17
N LYS D 688 4.66 8.11 -41.37
CA LYS D 688 4.66 9.55 -41.18
C LYS D 688 4.99 10.28 -42.48
N THR D 689 5.99 9.79 -43.22
CA THR D 689 6.35 10.43 -44.48
C THR D 689 5.24 10.31 -45.51
N GLY D 690 4.55 9.17 -45.54
CA GLY D 690 3.49 8.92 -46.49
C GLY D 690 3.78 7.80 -47.47
N LYS D 691 4.95 7.16 -47.40
CA LYS D 691 5.26 6.06 -48.31
C LYS D 691 4.45 4.82 -48.02
N LEU D 692 3.75 4.75 -46.89
CA LEU D 692 2.92 3.61 -46.53
C LEU D 692 1.57 4.09 -46.06
N ASP D 693 0.55 3.24 -46.23
CA ASP D 693 -0.81 3.59 -45.87
C ASP D 693 -1.27 2.96 -44.57
N ALA D 694 -0.79 1.77 -44.23
CA ALA D 694 -1.19 1.11 -43.00
C ALA D 694 -0.09 0.14 -42.57
N PHE D 695 0.05 0.00 -41.25
CA PHE D 695 1.04 -0.89 -40.67
C PHE D 695 0.34 -1.93 -39.81
N ILE D 696 0.53 -3.20 -40.14
CA ILE D 696 -0.10 -4.30 -39.41
C ILE D 696 0.93 -4.88 -38.45
N TYR D 697 0.56 -4.95 -37.17
CA TYR D 697 1.50 -5.41 -36.14
C TYR D 697 0.71 -5.90 -34.93
N ASP D 698 1.40 -6.08 -33.81
CA ASP D 698 0.76 -6.48 -32.57
C ASP D 698 -0.04 -5.31 -31.98
N ALA D 699 -1.18 -5.64 -31.37
CA ALA D 699 -2.07 -4.60 -30.85
C ALA D 699 -1.40 -3.82 -29.72
N ALA D 700 -0.78 -4.52 -28.77
CA ALA D 700 -0.19 -3.84 -27.62
C ALA D 700 0.96 -2.94 -28.03
N VAL D 701 1.85 -3.43 -28.89
CA VAL D 701 2.99 -2.62 -29.33
C VAL D 701 2.50 -1.40 -30.09
N LEU D 702 1.53 -1.58 -30.97
CA LEU D 702 0.99 -0.45 -31.73
C LEU D 702 0.36 0.58 -30.80
N ASN D 703 -0.40 0.12 -29.81
CA ASN D 703 -1.02 1.05 -28.86
C ASN D 703 0.05 1.81 -28.08
N TYR D 704 1.09 1.12 -27.64
CA TYR D 704 2.15 1.79 -26.90
C TYR D 704 2.86 2.83 -27.78
N MET D 705 3.13 2.48 -29.04
CA MET D 705 3.83 3.41 -29.93
C MET D 705 2.96 4.60 -30.30
N ALA D 706 1.64 4.42 -30.38
CA ALA D 706 0.76 5.51 -30.76
C ALA D 706 0.81 6.65 -29.76
N GLY D 707 0.83 6.33 -28.47
CA GLY D 707 0.81 7.35 -27.43
C GLY D 707 2.12 8.08 -27.20
N ARG D 708 3.20 7.63 -27.82
CA ARG D 708 4.52 8.25 -27.66
C ARG D 708 5.00 8.82 -28.99
N ASP D 709 4.10 9.43 -29.75
CA ASP D 709 4.42 10.02 -31.04
C ASP D 709 4.40 11.53 -30.95
N GLU D 710 5.19 12.18 -31.81
CA GLU D 710 5.27 13.64 -31.84
C GLU D 710 4.02 14.17 -32.52
N GLY D 711 2.96 14.31 -31.72
CA GLY D 711 1.67 14.76 -32.21
C GLY D 711 0.59 13.71 -32.00
N CYS D 712 -0.36 13.67 -32.92
CA CYS D 712 -1.44 12.70 -32.87
C CYS D 712 -1.77 12.14 -34.25
N LYS D 713 -0.80 12.17 -35.16
CA LYS D 713 -1.05 11.68 -36.51
C LYS D 713 -1.36 10.19 -36.52
N LEU D 714 -0.55 9.40 -35.84
CA LEU D 714 -0.75 7.96 -35.82
C LEU D 714 -1.98 7.59 -35.00
N VAL D 715 -2.79 6.68 -35.55
CA VAL D 715 -4.03 6.26 -34.92
C VAL D 715 -4.18 4.75 -35.07
N THR D 716 -4.63 4.10 -34.01
CA THR D 716 -4.89 2.67 -34.01
C THR D 716 -6.40 2.43 -34.00
N ILE D 717 -6.84 1.40 -34.72
CA ILE D 717 -8.25 1.07 -34.81
C ILE D 717 -8.75 0.63 -33.44
N GLY D 718 -10.07 0.60 -33.27
CA GLY D 718 -10.64 0.23 -31.99
C GLY D 718 -10.29 -1.20 -31.59
N SER D 719 -10.35 -1.44 -30.28
CA SER D 719 -10.00 -2.75 -29.75
C SER D 719 -11.00 -3.84 -30.15
N GLY D 720 -12.18 -3.45 -30.62
CA GLY D 720 -13.19 -4.41 -31.01
C GLY D 720 -13.05 -4.98 -32.40
N LYS D 721 -12.04 -4.54 -33.17
CA LYS D 721 -11.85 -5.00 -34.54
C LYS D 721 -10.51 -5.71 -34.71
N VAL D 722 -9.88 -6.14 -33.63
CA VAL D 722 -8.60 -6.84 -33.74
C VAL D 722 -8.82 -8.23 -34.30
N PHE D 723 -7.78 -8.77 -34.94
CA PHE D 723 -7.83 -10.09 -35.54
C PHE D 723 -6.95 -11.05 -34.74
N ALA D 724 -7.44 -12.27 -34.54
CA ALA D 724 -6.72 -13.29 -33.77
C ALA D 724 -6.45 -12.80 -32.35
N SER D 725 -7.55 -12.55 -31.63
CA SER D 725 -7.44 -12.03 -30.27
C SER D 725 -6.73 -13.02 -29.37
N THR D 726 -5.88 -12.49 -28.48
CA THR D 726 -5.16 -13.29 -27.50
C THR D 726 -4.77 -12.37 -26.35
N GLY D 727 -3.90 -12.85 -25.47
CA GLY D 727 -3.49 -12.05 -24.34
C GLY D 727 -2.10 -12.40 -23.85
N TYR D 728 -1.60 -11.58 -22.94
CA TYR D 728 -0.34 -11.82 -22.26
C TYR D 728 -0.61 -12.52 -20.94
N GLY D 729 0.09 -13.63 -20.70
CA GLY D 729 -0.11 -14.42 -19.50
C GLY D 729 1.21 -14.74 -18.83
N ILE D 730 1.11 -15.52 -17.76
CA ILE D 730 2.26 -15.98 -16.99
C ILE D 730 2.40 -17.48 -17.21
N ALA D 731 3.58 -17.89 -17.69
CA ALA D 731 3.83 -19.30 -17.96
C ALA D 731 4.19 -20.02 -16.67
N ILE D 732 3.52 -21.14 -16.41
CA ILE D 732 3.77 -21.96 -15.24
C ILE D 732 3.92 -23.41 -15.67
N GLN D 733 4.53 -24.22 -14.81
CA GLN D 733 4.70 -25.63 -15.11
C GLN D 733 3.35 -26.31 -15.30
N LYS D 734 3.38 -27.47 -15.92
CA LYS D 734 2.14 -28.17 -16.25
C LYS D 734 1.29 -28.40 -14.99
N ASP D 735 1.83 -29.14 -14.03
CA ASP D 735 1.14 -29.41 -12.77
C ASP D 735 1.96 -28.77 -11.65
N SER D 736 1.56 -27.55 -11.27
CA SER D 736 2.26 -26.81 -10.24
C SER D 736 1.42 -26.54 -9.00
N GLY D 737 0.10 -26.41 -9.13
CA GLY D 737 -0.76 -26.10 -8.01
C GLY D 737 -0.89 -24.63 -7.71
N TRP D 738 -0.04 -23.79 -8.28
CA TRP D 738 -0.15 -22.35 -8.12
C TRP D 738 -1.00 -21.69 -9.19
N LYS D 739 -1.43 -22.43 -10.21
CA LYS D 739 -2.19 -21.84 -11.30
C LYS D 739 -3.50 -21.24 -10.79
N ARG D 740 -4.21 -21.98 -9.94
CA ARG D 740 -5.47 -21.47 -9.41
C ARG D 740 -5.24 -20.23 -8.55
N GLN D 741 -4.20 -20.25 -7.72
CA GLN D 741 -3.93 -19.10 -6.85
C GLN D 741 -3.58 -17.86 -7.68
N VAL D 742 -2.73 -18.02 -8.69
CA VAL D 742 -2.35 -16.88 -9.52
C VAL D 742 -3.53 -16.37 -10.32
N ASP D 743 -4.36 -17.28 -10.84
CA ASP D 743 -5.55 -16.86 -11.57
C ASP D 743 -6.48 -16.06 -10.67
N LEU D 744 -6.71 -16.54 -9.45
CA LEU D 744 -7.57 -15.82 -8.52
C LEU D 744 -6.99 -14.46 -8.16
N ALA D 745 -5.67 -14.39 -7.96
CA ALA D 745 -5.04 -13.12 -7.65
C ALA D 745 -5.19 -12.12 -8.79
N ILE D 746 -4.99 -12.60 -10.03
CA ILE D 746 -5.13 -11.70 -11.18
C ILE D 746 -6.59 -11.23 -11.33
N LEU D 747 -7.54 -12.14 -11.12
CA LEU D 747 -8.94 -11.75 -11.20
C LEU D 747 -9.30 -10.74 -10.11
N GLN D 748 -8.75 -10.92 -8.92
CA GLN D 748 -8.98 -9.95 -7.84
C GLN D 748 -8.39 -8.59 -8.20
N LEU D 749 -7.19 -8.58 -8.78
CA LEU D 749 -6.59 -7.33 -9.22
C LEU D 749 -7.46 -6.64 -10.26
N PHE D 750 -7.99 -7.42 -11.22
CA PHE D 750 -8.86 -6.85 -12.23
C PHE D 750 -10.12 -6.27 -11.61
N GLY D 751 -10.74 -7.00 -10.67
CA GLY D 751 -11.98 -6.53 -10.09
C GLY D 751 -11.81 -5.31 -9.21
N ASP D 752 -10.75 -5.29 -8.41
CA ASP D 752 -10.56 -4.17 -7.48
C ASP D 752 -10.38 -2.85 -8.20
N GLY D 753 -9.61 -2.85 -9.30
CA GLY D 753 -9.38 -1.66 -10.08
C GLY D 753 -7.93 -1.26 -10.22
N GLU D 754 -6.97 -2.03 -9.70
CA GLU D 754 -5.57 -1.68 -9.85
C GLU D 754 -5.09 -1.79 -11.28
N MET D 755 -5.76 -2.60 -12.11
CA MET D 755 -5.34 -2.75 -13.49
C MET D 755 -5.45 -1.43 -14.25
N GLU D 756 -6.53 -0.68 -14.03
CA GLU D 756 -6.68 0.60 -14.69
C GLU D 756 -5.59 1.57 -14.26
N GLU D 757 -5.27 1.58 -12.96
CA GLU D 757 -4.21 2.45 -12.47
C GLU D 757 -2.86 2.09 -13.09
N LEU D 758 -2.57 0.79 -13.17
CA LEU D 758 -1.32 0.35 -13.77
C LEU D 758 -1.26 0.74 -15.25
N GLU D 759 -2.36 0.55 -15.98
CA GLU D 759 -2.39 0.91 -17.39
C GLU D 759 -2.18 2.41 -17.58
N ALA D 760 -2.83 3.23 -16.75
CA ALA D 760 -2.65 4.67 -16.84
C ALA D 760 -1.21 5.06 -16.52
N LEU D 761 -0.61 4.45 -15.50
CA LEU D 761 0.74 4.81 -15.11
C LEU D 761 1.76 4.41 -16.16
N TRP D 762 1.61 3.23 -16.76
CA TRP D 762 2.60 2.69 -17.68
C TRP D 762 2.16 2.75 -19.14
N LEU D 763 1.00 2.19 -19.46
CA LEU D 763 0.55 2.12 -20.85
C LEU D 763 -0.37 3.29 -21.17
N THR D 764 0.23 4.48 -21.25
CA THR D 764 -0.50 5.68 -21.60
C THR D 764 0.46 6.81 -21.97
N GLY D 765 0.25 7.41 -23.15
CA GLY D 765 1.08 8.49 -23.62
C GLY D 765 0.37 9.84 -23.56
N ILE D 766 1.07 10.85 -24.06
CA ILE D 766 0.53 12.20 -24.07
C ILE D 766 -0.71 12.27 -24.96
N CYS D 767 -0.63 11.64 -26.14
CA CYS D 767 -1.74 11.66 -27.09
C CYS D 767 -2.67 10.46 -26.94
N HIS D 768 -2.43 9.59 -25.96
CA HIS D 768 -3.27 8.41 -25.80
C HIS D 768 -4.71 8.81 -25.49
N ASN D 769 -4.91 9.80 -24.62
CA ASN D 769 -6.23 10.27 -24.26
C ASN D 769 -6.61 11.56 -24.99
N GLU D 770 -5.82 11.96 -25.98
CA GLU D 770 -6.10 13.20 -26.70
C GLU D 770 -7.42 13.10 -27.44
N LYS D 771 -8.14 14.22 -27.50
CA LYS D 771 -9.41 14.30 -28.18
C LYS D 771 -9.23 14.91 -29.58
N ASN D 772 -10.27 14.77 -30.39
CA ASN D 772 -10.23 15.32 -31.75
C ASN D 772 -10.21 16.84 -31.69
N GLU D 773 -9.15 17.43 -32.24
CA GLU D 773 -9.01 18.88 -32.24
C GLU D 773 -9.91 19.51 -33.29
N VAL D 774 -10.07 20.83 -33.21
CA VAL D 774 -10.88 21.59 -34.14
C VAL D 774 -9.95 22.36 -35.05
N MET D 775 -10.07 22.13 -36.36
CA MET D 775 -9.22 22.75 -37.36
C MET D 775 -10.08 23.57 -38.31
N SER D 776 -9.55 24.72 -38.72
CA SER D 776 -10.24 25.63 -39.64
C SER D 776 -9.43 25.71 -40.92
N SER D 777 -9.69 24.79 -41.85
CA SER D 777 -8.98 24.77 -43.12
C SER D 777 -9.57 25.79 -44.08
N GLN D 778 -8.79 26.12 -45.11
CA GLN D 778 -9.21 27.09 -46.11
C GLN D 778 -10.07 26.38 -47.16
N LEU D 779 -10.36 27.08 -48.26
CA LEU D 779 -11.22 26.57 -49.32
C LEU D 779 -10.43 26.42 -50.61
N ASP D 780 -10.82 25.42 -51.40
CA ASP D 780 -10.19 25.15 -52.68
C ASP D 780 -11.29 24.86 -53.71
N ILE D 781 -10.88 24.39 -54.90
CA ILE D 781 -11.83 24.20 -55.99
C ILE D 781 -12.87 23.16 -55.61
N ASP D 782 -12.43 22.03 -55.07
CA ASP D 782 -13.37 20.96 -54.72
C ASP D 782 -14.32 21.40 -53.61
N ASN D 783 -13.86 22.26 -52.70
CA ASN D 783 -14.73 22.76 -51.64
C ASN D 783 -15.86 23.60 -52.23
N MET D 784 -15.56 24.38 -53.27
CA MET D 784 -16.54 25.23 -53.92
C MET D 784 -17.48 24.46 -54.84
N ALA D 785 -17.51 23.13 -54.74
CA ALA D 785 -18.40 22.34 -55.57
C ALA D 785 -19.85 22.69 -55.27
N GLY D 786 -20.69 22.57 -56.28
CA GLY D 786 -22.10 22.93 -56.15
C GLY D 786 -22.42 24.34 -56.59
N VAL D 787 -21.70 25.33 -56.04
CA VAL D 787 -21.90 26.70 -56.47
C VAL D 787 -21.55 26.85 -57.95
N PHE D 788 -20.39 26.30 -58.35
CA PHE D 788 -20.04 26.29 -59.77
C PHE D 788 -21.02 25.43 -60.56
N TYR D 789 -21.46 24.30 -59.98
CA TYR D 789 -22.47 23.48 -60.64
C TYR D 789 -23.76 24.26 -60.80
N MET D 790 -24.16 25.01 -59.78
CA MET D 790 -25.37 25.83 -59.89
C MET D 790 -25.23 26.88 -60.97
N LEU D 791 -24.05 27.53 -61.05
CA LEU D 791 -23.83 28.52 -62.09
C LEU D 791 -23.90 27.89 -63.49
N GLY D 792 -23.29 26.71 -63.64
CA GLY D 792 -23.37 26.03 -64.92
C GLY D 792 -24.79 25.64 -65.29
N ALA D 793 -25.55 25.16 -64.32
CA ALA D 793 -26.96 24.82 -64.57
C ALA D 793 -27.75 26.06 -64.97
N ALA D 794 -27.49 27.19 -64.30
CA ALA D 794 -28.17 28.42 -64.68
C ALA D 794 -27.81 28.84 -66.10
N MET D 795 -26.52 28.72 -66.46
CA MET D 795 -26.11 29.06 -67.83
C MET D 795 -26.80 28.16 -68.85
N ALA D 796 -26.87 26.86 -68.56
CA ALA D 796 -27.53 25.94 -69.47
C ALA D 796 -29.01 26.26 -69.60
N LEU D 797 -29.67 26.58 -68.49
CA LEU D 797 -31.07 26.95 -68.54
C LEU D 797 -31.28 28.23 -69.34
N SER D 798 -30.39 29.20 -69.18
CA SER D 798 -30.50 30.44 -69.96
C SER D 798 -30.33 30.15 -71.45
N LEU D 799 -29.36 29.31 -71.81
CA LEU D 799 -29.18 28.95 -73.21
C LEU D 799 -30.41 28.25 -73.76
N ILE D 800 -30.98 27.32 -72.98
CA ILE D 800 -32.17 26.60 -73.43
C ILE D 800 -33.34 27.55 -73.64
N THR D 801 -33.54 28.46 -72.70
CA THR D 801 -34.65 29.42 -72.83
C THR D 801 -34.44 30.35 -74.02
N PHE D 802 -33.19 30.78 -74.26
CA PHE D 802 -32.92 31.61 -75.42
C PHE D 802 -33.20 30.86 -76.71
N ILE D 803 -32.80 29.59 -76.78
CA ILE D 803 -33.06 28.80 -77.98
C ILE D 803 -34.55 28.60 -78.19
N CYS D 804 -35.28 28.30 -77.12
CA CYS D 804 -36.71 28.02 -77.23
C CYS D 804 -37.48 29.27 -77.64
N GLU D 805 -37.22 30.40 -76.97
CA GLU D 805 -37.95 31.62 -77.25
C GLU D 805 -37.52 32.30 -78.55
N HIS D 806 -36.42 31.85 -79.15
CA HIS D 806 -35.98 32.44 -80.42
C HIS D 806 -37.03 32.23 -81.51
N LEU D 807 -37.84 31.18 -81.39
CA LEU D 807 -38.87 30.92 -82.39
C LEU D 807 -40.01 31.92 -82.26
N PHE D 808 -40.66 31.95 -81.10
CA PHE D 808 -41.78 32.87 -80.87
C PHE D 808 -41.36 34.04 -80.00
N GLY E . -22.66 -10.13 -18.77
CA GLY E . -22.04 -11.08 -17.85
C GLY E . -22.76 -11.19 -16.53
O GLY E . -22.55 -12.13 -15.77
OXT GLY E . -23.59 -10.34 -16.18
C1 NAG F . 5.25 -55.91 1.96
C2 NAG F . 6.62 -55.94 2.61
C3 NAG F . 7.48 -54.81 2.06
C4 NAG F . 7.54 -54.87 0.55
C5 NAG F . 6.12 -54.89 -0.03
C6 NAG F . 6.09 -55.07 -1.52
C7 NAG F . 5.98 -54.81 4.69
C8 NAG F . 5.95 -54.89 6.19
N2 NAG F . 6.52 -55.85 4.05
O3 NAG F . 8.80 -54.91 2.60
O4 NAG F . 8.23 -53.73 0.03
O5 NAG F . 5.38 -55.99 0.54
O6 NAG F . 7.40 -54.98 -2.09
O7 NAG F . 5.52 -53.85 4.08
P01 7RC G . -17.14 31.41 14.03
C01 7RC G . -14.20 24.81 15.52
N01 7RC G . -15.40 26.51 14.25
O01 7RC G . -13.29 24.08 17.64
C02 7RC G . -15.39 25.77 15.49
N02 7RC G . -13.35 25.05 14.38
O02 7RC G . -18.35 32.24 14.37
C03 7RC G . -15.37 25.58 13.13
O03 7RC G . -16.81 31.59 12.56
C04 7RC G . -16.62 27.30 14.18
O04 7RC G . -15.97 31.87 14.86
C05 7RC G . -14.07 24.78 13.15
O05 7RC G . -12.90 26.14 17.05
C06 7RC G . -16.27 28.78 14.01
C07 7RC G . -17.48 29.62 14.38
C08 7RC G . -13.41 25.02 16.81
H011 7RC G . -14.53 23.89 15.48
H022 7RC G . -16.21 25.26 15.57
H023 7RC G . -15.31 26.39 16.23
H3 7RC G . -12.63 24.52 14.43
H031 7RC G . -15.43 26.08 12.30
H032 7RC G . -16.12 24.97 13.20
H042 7RC G . -17.13 27.18 14.99
H041 7RC G . -17.16 27.01 13.41
H051 7RC G . -14.27 23.84 13.10
H052 7RC G . -13.52 25.05 12.40
H062 7RC G . -15.53 29.01 14.59
H061 7RC G . -16.02 28.96 13.08
H072 7RC G . -18.25 29.34 13.85
H071 7RC G . -17.69 29.51 15.32
MG MG H . -20.49 -38.01 16.78
MG MG I . -25.18 -38.38 16.62
MG MG J . -24.68 -27.64 43.54
MG MG K . -15.05 -22.36 4.75
C1 NAG L . 49.55 28.49 24.08
C2 NAG L . 50.91 28.70 23.41
C3 NAG L . 50.72 29.35 22.04
C4 NAG L . 49.75 28.54 21.20
C5 NAG L . 48.45 28.30 21.97
C6 NAG L . 47.49 27.39 21.22
C7 NAG L . 53.10 29.34 24.32
C8 NAG L . 53.83 30.27 25.23
N2 NAG L . 51.77 29.51 24.26
O3 NAG L . 51.98 29.45 21.39
O4 NAG L . 49.46 29.24 19.99
O5 NAG L . 48.72 27.68 23.23
O6 NAG L . 47.07 27.97 20.00
O7 NAG L . 53.67 28.48 23.67
C1 NAG M . 46.45 1.47 59.53
C2 NAG M . 47.09 2.58 60.37
C3 NAG M . 47.36 2.09 61.79
C4 NAG M . 46.10 1.51 62.40
C5 NAG M . 45.51 0.45 61.49
C6 NAG M . 44.19 -0.09 61.98
C7 NAG M . 48.33 3.96 58.76
C8 NAG M . 49.69 4.34 58.24
N2 NAG M . 48.32 3.07 59.75
O3 NAG M . 47.85 3.17 62.57
O4 NAG M . 46.39 0.94 63.67
O5 NAG M . 45.27 1.00 60.19
O6 NAG M . 43.19 -0.02 60.97
O7 NAG M . 47.30 4.43 58.29
N GLY N . 11.77 27.45 0.29
CA GLY N . 12.23 26.81 1.51
C GLY N . 13.24 25.71 1.26
O GLY N . 13.34 25.19 0.15
OXT GLY N . 13.99 25.31 2.15
MG MG O . -23.44 47.46 -52.18
P01 7RC P . 5.30 -10.41 -35.32
C01 7RC P . 5.89 -12.07 -28.14
N01 7RC P . 5.73 -10.65 -30.14
O01 7RC P . 6.00 -14.23 -27.06
C02 7RC P . 6.54 -11.66 -29.48
N02 7RC P . 4.60 -11.43 -28.01
O02 7RC P . 6.16 -10.55 -36.55
C03 7RC P . 5.53 -9.53 -29.24
O03 7RC P . 4.52 -9.12 -35.38
C04 7RC P . 6.41 -10.20 -31.33
O04 7RC P . 4.34 -11.57 -35.24
C05 7RC P . 4.77 -9.99 -28.00
O05 7RC P . 5.27 -14.20 -29.12
C06 7RC P . 5.52 -10.41 -32.55
C07 7RC P . 6.39 -10.40 -33.81
C08 7RC P . 5.71 -13.58 -28.11
H011 7RC P . 6.46 -11.79 -27.42
H022 7RC P . 7.42 -11.30 -29.30
H023 7RC P . 6.60 -12.44 -30.05
H3 7RC P . 4.21 -11.68 -27.25
H031 7RC P . 5.02 -8.84 -29.69
H032 7RC P . 6.39 -9.19 -28.97
H042 7RC P . 7.24 -10.70 -31.45
H041 7RC P . 6.62 -9.26 -31.25
H051 7RC P . 5.27 -9.74 -27.21
H052 7RC P . 3.90 -9.56 -27.98
H062 7RC P . 5.07 -11.26 -32.48
H061 7RC P . 4.87 -9.70 -32.61
H072 7RC P . 6.94 -9.60 -33.82
H071 7RC P . 6.96 -11.19 -33.82
MG MG Q . 46.80 -22.84 11.91
MG MG R . 38.99 0.59 22.94
#